data_5NXA
#
_entry.id   5NXA
#
_cell.length_a   356.530
_cell.length_b   74.210
_cell.length_c   160.310
_cell.angle_alpha   90.00
_cell.angle_beta   108.99
_cell.angle_gamma   90.00
#
_symmetry.space_group_name_H-M   'C 1 2 1'
#
loop_
_entity.id
_entity.type
_entity.pdbx_description
1 polymer 'Adenylosuccinate lyase'
2 non-polymer 'N-{[5-AMINO-1-(5-O-PHOSPHONO-BETA-D-ARABINOFURANOSYL)-1H-IMIDAZOL-4-YL]CARBONYL}-L-ASPARTIC ACID'
3 non-polymer 'CHLORIDE ION'
4 non-polymer 'FUMARIC ACID'
5 non-polymer 'AMINOIMIDAZOLE 4-CARBOXAMIDE RIBONUCLEOTIDE'
6 water water
#
_entity_poly.entity_id   1
_entity_poly.type   'polypeptide(L)'
_entity_poly.pdbx_seq_one_letter_code
;GSHMAAGGDHGSPDSYRSPLASRYASPEMCFVFSDRYKFRTWRQLWLWLAEAEQTLGLPITDEQIQEMKSNLENIDFKMA
AEEEKRLRHDVMAHVHTFGHCCPKAAGIIHLGATSCYVGDNTDLIILRNALDLLLPKLARVISRLADFAKERASLPTLGF
THFQPAQLTTVGKRCCLWIQDLCMDLQNLKRVRDDLRFRGVKGTTGTQASFLQLFEGDDHKVEQLDKMVTEKAGFKRAFI
ITGQTYTRKVDIEVLSVLASLGASVHKICTDIRLLANLKEMEEPFEKQQIGSSAMPYKRNPMRSERCCSLARHLMTLVMD
PLQTASVQWFERTLDDSANRRICLAEAFLTADTILNTLQNISEGLVVYPKVIERRIRQELPFMATENIIMAMVKAGGSRQ
DCHEKIRVLSQQAASVVKQEGGDNDLIERIQADAYFSPIHSQLDHLLDPSSFTGRASQQVQRFLEEEVYPLLKPYESVMK
VKAELCL
;
_entity_poly.pdbx_strand_id   A,B,C,D,E,F,G,H
#
loop_
_chem_comp.id
_chem_comp.type
_chem_comp.name
_chem_comp.formula
AMZ non-polymer 'AMINOIMIDAZOLE 4-CARBOXAMIDE RIBONUCLEOTIDE' 'C9 H15 N4 O8 P'
CL non-polymer 'CHLORIDE ION' 'Cl -1'
FUM non-polymer 'FUMARIC ACID' 'C4 H4 O4'
SSS non-polymer 'N-{[5-AMINO-1-(5-O-PHOSPHONO-BETA-D-ARABINOFURANOSYL)-1H-IMIDAZOL-4-YL]CARBONYL}-L-ASPARTIC ACID' 'C13 H19 N4 O12 P'
#
# COMPACT_ATOMS: atom_id res chain seq x y z
N GLY A 11 -17.72 49.42 12.32
CA GLY A 11 -17.28 48.41 13.34
C GLY A 11 -16.28 48.94 14.38
N SER A 12 -15.62 48.01 15.10
CA SER A 12 -14.63 48.36 16.14
C SER A 12 -13.22 48.58 15.57
N PRO A 13 -12.50 49.60 16.07
CA PRO A 13 -11.12 49.83 15.60
C PRO A 13 -10.05 48.84 16.14
N ASP A 14 -10.43 47.90 17.00
CA ASP A 14 -9.47 46.95 17.57
C ASP A 14 -9.12 45.79 16.61
N SER A 15 -9.89 45.63 15.52
CA SER A 15 -9.56 44.67 14.44
C SER A 15 -9.60 45.35 13.07
N TYR A 16 -8.97 44.71 12.07
CA TYR A 16 -8.94 45.21 10.69
C TYR A 16 -10.34 45.40 10.15
N ARG A 17 -10.57 46.58 9.57
CA ARG A 17 -11.77 46.87 8.81
C ARG A 17 -11.35 47.36 7.43
N SER A 18 -12.14 46.99 6.41
CA SER A 18 -11.88 47.50 5.06
C SER A 18 -12.05 49.02 5.09
N PRO A 19 -11.07 49.76 4.57
CA PRO A 19 -11.30 51.19 4.39
C PRO A 19 -12.48 51.50 3.46
N LEU A 20 -12.84 50.58 2.58
CA LEU A 20 -14.03 50.75 1.75
C LEU A 20 -15.33 50.84 2.58
N ALA A 21 -15.36 50.13 3.71
CA ALA A 21 -16.49 50.20 4.67
C ALA A 21 -16.34 51.37 5.63
N SER A 22 -15.15 51.51 6.19
CA SER A 22 -14.93 52.38 7.34
C SER A 22 -14.67 53.83 6.97
N ARG A 23 -14.46 54.10 5.67
CA ARG A 23 -13.86 55.37 5.25
C ARG A 23 -14.45 55.93 3.96
N TYR A 24 -14.69 55.08 2.97
CA TYR A 24 -14.93 55.54 1.61
C TYR A 24 -16.38 55.44 1.11
N ALA A 25 -16.94 54.24 1.09
CA ALA A 25 -18.17 54.01 0.34
C ALA A 25 -19.41 54.49 1.05
N SER A 26 -20.47 54.74 0.27
CA SER A 26 -21.75 55.20 0.80
C SER A 26 -22.44 54.12 1.64
N PRO A 27 -23.24 54.54 2.65
CA PRO A 27 -24.09 53.60 3.41
C PRO A 27 -24.94 52.67 2.55
N GLU A 28 -25.46 53.17 1.42
CA GLU A 28 -26.40 52.40 0.60
C GLU A 28 -25.68 51.25 -0.09
N MET A 29 -24.48 51.51 -0.63
CA MET A 29 -23.68 50.46 -1.27
C MET A 29 -23.18 49.47 -0.23
N CYS A 30 -22.74 49.97 0.92
CA CYS A 30 -22.34 49.12 2.02
C CYS A 30 -23.46 48.19 2.45
N PHE A 31 -24.71 48.69 2.47
CA PHE A 31 -25.84 47.84 2.87
C PHE A 31 -26.10 46.71 1.84
N VAL A 32 -25.99 47.03 0.57
CA VAL A 32 -26.18 46.05 -0.51
C VAL A 32 -25.21 44.86 -0.39
N PHE A 33 -23.97 45.11 0.03
CA PHE A 33 -22.99 44.03 0.22
C PHE A 33 -22.85 43.55 1.66
N SER A 34 -23.86 43.84 2.48
CA SER A 34 -23.85 43.44 3.89
C SER A 34 -24.35 42.00 4.04
N ASP A 35 -24.01 41.39 5.17
CA ASP A 35 -24.47 40.04 5.45
C ASP A 35 -25.96 40.01 5.82
N ARG A 36 -26.48 41.09 6.39
CA ARG A 36 -27.91 41.17 6.65
C ARG A 36 -28.66 41.07 5.33
N TYR A 37 -28.30 41.91 4.37
CA TYR A 37 -28.97 41.86 3.07
C TYR A 37 -28.79 40.51 2.36
N LYS A 38 -27.61 39.91 2.51
CA LYS A 38 -27.31 38.63 1.87
C LYS A 38 -28.22 37.53 2.40
N PHE A 39 -28.20 37.33 3.72
CA PHE A 39 -28.91 36.20 4.33
C PHE A 39 -30.44 36.40 4.40
N ARG A 40 -30.85 37.66 4.44
CA ARG A 40 -32.23 38.03 4.27
C ARG A 40 -32.72 37.64 2.87
N THR A 41 -31.87 37.86 1.86
CA THR A 41 -32.23 37.53 0.50
C THR A 41 -32.21 36.03 0.23
N TRP A 42 -31.32 35.30 0.91
CA TRP A 42 -31.38 33.82 0.90
C TRP A 42 -32.78 33.39 1.33
N ARG A 43 -33.22 33.88 2.48
CA ARG A 43 -34.55 33.54 2.99
C ARG A 43 -35.67 33.98 2.04
N GLN A 44 -35.55 35.16 1.46
CA GLN A 44 -36.51 35.62 0.45
C GLN A 44 -36.59 34.63 -0.73
N LEU A 45 -35.44 34.14 -1.18
CA LEU A 45 -35.41 33.19 -2.29
C LEU A 45 -36.01 31.83 -1.92
N TRP A 46 -35.76 31.38 -0.69
CA TRP A 46 -36.37 30.15 -0.20
C TRP A 46 -37.90 30.26 -0.13
N LEU A 47 -38.39 31.43 0.28
CA LEU A 47 -39.82 31.73 0.30
C LEU A 47 -40.43 31.70 -1.10
N TRP A 48 -39.78 32.36 -2.05
CA TRP A 48 -40.27 32.38 -3.43
C TRP A 48 -40.32 30.98 -4.05
N LEU A 49 -39.33 30.16 -3.71
CA LEU A 49 -39.29 28.77 -4.17
C LEU A 49 -40.45 27.97 -3.61
N ALA A 50 -40.66 28.05 -2.30
CA ALA A 50 -41.79 27.42 -1.64
C ALA A 50 -43.15 27.89 -2.24
N GLU A 51 -43.31 29.20 -2.42
CA GLU A 51 -44.53 29.78 -3.00
C GLU A 51 -44.84 29.18 -4.36
N ALA A 52 -43.86 29.21 -5.26
CA ALA A 52 -44.04 28.72 -6.63
C ALA A 52 -44.24 27.21 -6.66
N GLU A 53 -43.51 26.49 -5.79
CA GLU A 53 -43.66 25.05 -5.67
C GLU A 53 -45.07 24.65 -5.22
N GLN A 54 -45.64 25.39 -4.26
CA GLN A 54 -47.02 25.16 -3.82
C GLN A 54 -48.02 25.42 -4.95
N THR A 55 -47.90 26.57 -5.59
CA THR A 55 -48.74 26.90 -6.74
C THR A 55 -48.71 25.79 -7.82
N LEU A 56 -47.54 25.17 -8.01
CA LEU A 56 -47.39 24.14 -9.05
C LEU A 56 -47.72 22.72 -8.59
N GLY A 57 -48.13 22.57 -7.32
CA GLY A 57 -48.77 21.34 -6.83
C GLY A 57 -48.02 20.50 -5.81
N LEU A 58 -46.90 20.99 -5.29
CA LEU A 58 -46.12 20.22 -4.31
C LEU A 58 -46.74 20.36 -2.91
N PRO A 59 -46.51 19.35 -2.03
CA PRO A 59 -47.14 19.32 -0.69
C PRO A 59 -46.58 20.36 0.31
N ILE A 60 -46.95 21.62 0.10
CA ILE A 60 -46.53 22.72 0.97
C ILE A 60 -47.77 23.46 1.43
N THR A 61 -47.92 23.62 2.75
CA THR A 61 -49.14 24.23 3.34
C THR A 61 -49.01 25.75 3.43
N ASP A 62 -50.16 26.43 3.42
CA ASP A 62 -50.20 27.90 3.61
C ASP A 62 -49.53 28.35 4.92
N GLU A 63 -49.62 27.52 5.97
CA GLU A 63 -49.03 27.84 7.27
C GLU A 63 -47.50 27.74 7.26
N GLN A 64 -46.95 26.81 6.48
CA GLN A 64 -45.49 26.71 6.29
C GLN A 64 -44.94 27.95 5.59
N ILE A 65 -45.64 28.39 4.54
CA ILE A 65 -45.27 29.60 3.79
C ILE A 65 -45.33 30.86 4.68
N GLN A 66 -46.37 30.98 5.49
CA GLN A 66 -46.53 32.13 6.39
C GLN A 66 -45.44 32.19 7.46
N GLU A 67 -45.06 31.03 7.96
CA GLU A 67 -43.98 30.89 8.94
C GLU A 67 -42.65 31.43 8.38
N MET A 68 -42.32 31.03 7.15
CA MET A 68 -41.14 31.53 6.46
C MET A 68 -41.22 33.04 6.22
N LYS A 69 -42.39 33.51 5.79
CA LYS A 69 -42.60 34.94 5.49
C LYS A 69 -42.47 35.83 6.73
N SER A 70 -42.89 35.31 7.89
CA SER A 70 -42.78 36.05 9.14
C SER A 70 -41.34 36.16 9.67
N ASN A 71 -40.45 35.27 9.24
CA ASN A 71 -39.09 35.21 9.79
C ASN A 71 -37.98 35.55 8.78
N LEU A 72 -38.32 36.28 7.72
CA LEU A 72 -37.31 36.68 6.73
C LEU A 72 -36.15 37.48 7.34
N GLU A 73 -36.47 38.42 8.23
CA GLU A 73 -35.47 39.29 8.85
C GLU A 73 -34.91 38.73 10.17
N ASN A 74 -35.56 37.69 10.71
CA ASN A 74 -35.27 37.19 12.05
C ASN A 74 -34.13 36.12 12.00
N ILE A 75 -32.91 36.61 11.84
CA ILE A 75 -31.74 35.75 11.55
C ILE A 75 -30.85 35.63 12.79
N ASP A 76 -30.77 34.42 13.32
CA ASP A 76 -29.86 34.13 14.44
C ASP A 76 -28.40 33.90 13.95
N PHE A 77 -27.62 34.98 13.90
CA PHE A 77 -26.24 34.91 13.40
C PHE A 77 -25.32 34.04 14.24
N LYS A 78 -25.51 34.10 15.55
CA LYS A 78 -24.71 33.31 16.48
C LYS A 78 -24.92 31.80 16.20
N MET A 79 -26.19 31.39 16.03
CA MET A 79 -26.52 30.00 15.78
C MET A 79 -26.05 29.52 14.39
N ALA A 80 -26.11 30.39 13.39
CA ALA A 80 -25.61 30.08 12.06
C ALA A 80 -24.10 29.86 12.08
N ALA A 81 -23.37 30.67 12.87
CA ALA A 81 -21.92 30.46 13.00
C ALA A 81 -21.60 29.12 13.67
N GLU A 82 -22.37 28.72 14.67
CA GLU A 82 -22.13 27.45 15.36
C GLU A 82 -22.43 26.27 14.43
N GLU A 83 -23.50 26.39 13.66
CA GLU A 83 -23.81 25.38 12.66
C GLU A 83 -22.74 25.29 11.58
N GLU A 84 -22.20 26.44 11.18
CA GLU A 84 -21.17 26.46 10.15
C GLU A 84 -19.86 25.85 10.65
N LYS A 85 -19.51 26.09 11.92
CA LYS A 85 -18.36 25.42 12.55
C LYS A 85 -18.53 23.89 12.61
N ARG A 86 -19.74 23.41 12.80
CA ARG A 86 -19.93 21.99 12.84
C ARG A 86 -20.08 21.35 11.46
N LEU A 87 -20.72 22.04 10.55
CA LEU A 87 -20.97 21.44 9.21
C LEU A 87 -19.96 21.80 8.15
N ARG A 88 -19.37 23.00 8.23
CA ARG A 88 -18.46 23.52 7.22
C ARG A 88 -19.15 23.78 5.88
N HIS A 89 -20.43 24.12 5.99
CA HIS A 89 -21.26 24.44 4.83
C HIS A 89 -22.16 25.62 5.20
N ASP A 90 -21.88 26.80 4.66
CA ASP A 90 -22.63 28.00 5.04
C ASP A 90 -24.12 27.93 4.67
N VAL A 91 -24.43 27.39 3.49
CA VAL A 91 -25.83 27.29 3.06
C VAL A 91 -26.62 26.31 3.94
N MET A 92 -26.03 25.16 4.26
CA MET A 92 -26.71 24.18 5.09
C MET A 92 -26.85 24.66 6.51
N ALA A 93 -25.86 25.41 6.99
CA ALA A 93 -25.96 26.06 8.29
C ALA A 93 -27.19 26.96 8.34
N HIS A 94 -27.40 27.74 7.29
CA HIS A 94 -28.52 28.68 7.27
C HIS A 94 -29.87 28.00 7.04
N VAL A 95 -29.86 26.84 6.38
CA VAL A 95 -31.09 26.03 6.23
C VAL A 95 -31.54 25.50 7.58
N HIS A 96 -30.60 24.98 8.36
CA HIS A 96 -30.88 24.50 9.71
C HIS A 96 -31.37 25.64 10.61
N THR A 97 -30.69 26.78 10.55
CA THR A 97 -31.03 27.94 11.36
C THR A 97 -32.41 28.50 11.01
N PHE A 98 -32.74 28.51 9.72
CA PHE A 98 -34.05 28.96 9.25
C PHE A 98 -35.11 27.94 9.66
N GLY A 99 -34.79 26.66 9.53
CA GLY A 99 -35.68 25.58 9.97
C GLY A 99 -35.94 25.55 11.47
N HIS A 100 -34.98 26.05 12.26
CA HIS A 100 -35.15 26.15 13.70
C HIS A 100 -36.20 27.19 14.11
N CYS A 101 -36.24 28.35 13.44
CA CYS A 101 -37.32 29.31 13.73
C CYS A 101 -38.61 29.08 12.96
N CYS A 102 -38.58 28.20 11.97
CA CYS A 102 -39.77 27.80 11.23
C CYS A 102 -39.94 26.27 11.29
N PRO A 103 -40.17 25.72 12.51
CA PRO A 103 -40.20 24.24 12.67
C PRO A 103 -41.17 23.50 11.74
N LYS A 104 -42.32 24.11 11.43
CA LYS A 104 -43.30 23.49 10.51
C LYS A 104 -42.78 23.45 9.07
N ALA A 105 -42.11 24.51 8.64
CA ALA A 105 -41.57 24.62 7.29
C ALA A 105 -40.21 23.91 7.10
N ALA A 106 -39.47 23.69 8.19
CA ALA A 106 -38.11 23.10 8.14
C ALA A 106 -37.89 22.02 7.08
N GLY A 107 -38.83 21.10 6.96
CA GLY A 107 -38.73 19.98 6.01
C GLY A 107 -38.87 20.34 4.53
N ILE A 108 -39.49 21.48 4.21
CA ILE A 108 -39.71 21.88 2.80
C ILE A 108 -38.81 23.05 2.33
N ILE A 109 -38.02 23.62 3.23
CA ILE A 109 -37.05 24.66 2.86
C ILE A 109 -35.98 24.04 1.95
N HIS A 110 -35.67 24.72 0.85
CA HIS A 110 -34.60 24.29 -0.06
C HIS A 110 -35.00 23.05 -0.88
N LEU A 111 -36.30 22.78 -0.95
CA LEU A 111 -36.79 21.53 -1.58
C LEU A 111 -36.38 21.44 -3.04
N GLY A 112 -35.48 20.50 -3.36
CA GLY A 112 -35.07 20.23 -4.73
C GLY A 112 -33.86 21.00 -5.18
N ALA A 113 -33.39 21.92 -4.34
CA ALA A 113 -32.44 22.94 -4.74
C ALA A 113 -31.02 22.55 -4.37
N THR A 114 -30.07 23.29 -4.95
CA THR A 114 -28.67 23.24 -4.58
C THR A 114 -28.27 24.60 -3.99
N SER A 115 -27.12 24.64 -3.35
CA SER A 115 -26.67 25.82 -2.64
C SER A 115 -26.70 27.08 -3.49
N CYS A 116 -26.30 26.93 -4.76
CA CYS A 116 -26.27 28.05 -5.69
C CYS A 116 -27.65 28.68 -5.95
N TYR A 117 -28.74 27.98 -5.66
CA TYR A 117 -30.07 28.58 -5.76
C TYR A 117 -30.13 29.88 -4.94
N VAL A 118 -29.66 29.83 -3.70
CA VAL A 118 -29.57 31.04 -2.88
C VAL A 118 -28.25 31.81 -3.08
N GLY A 119 -27.13 31.09 -3.23
CA GLY A 119 -25.82 31.72 -3.35
C GLY A 119 -25.71 32.62 -4.58
N ASP A 120 -25.91 32.02 -5.74
CA ASP A 120 -25.74 32.71 -7.02
C ASP A 120 -26.84 33.72 -7.32
N ASN A 121 -28.09 33.34 -7.11
CA ASN A 121 -29.21 34.25 -7.38
C ASN A 121 -29.13 35.47 -6.48
N THR A 122 -28.73 35.31 -5.24
CA THR A 122 -28.52 36.46 -4.37
C THR A 122 -27.41 37.35 -4.93
N ASP A 123 -26.31 36.74 -5.36
CA ASP A 123 -25.21 37.50 -5.94
C ASP A 123 -25.67 38.27 -7.18
N LEU A 124 -26.50 37.65 -8.02
CA LEU A 124 -27.04 38.35 -9.21
C LEU A 124 -28.00 39.49 -8.84
N ILE A 125 -28.82 39.29 -7.80
CA ILE A 125 -29.67 40.37 -7.29
C ILE A 125 -28.82 41.51 -6.74
N ILE A 126 -27.79 41.17 -5.98
CA ILE A 126 -26.85 42.17 -5.45
C ILE A 126 -26.17 42.94 -6.57
N LEU A 127 -25.65 42.25 -7.58
CA LEU A 127 -24.95 42.91 -8.67
C LEU A 127 -25.87 43.91 -9.35
N ARG A 128 -27.09 43.50 -9.63
CA ARG A 128 -28.01 44.38 -10.32
C ARG A 128 -28.40 45.59 -9.47
N ASN A 129 -28.66 45.40 -8.19
CA ASN A 129 -28.92 46.53 -7.27
C ASN A 129 -27.73 47.48 -7.23
N ALA A 130 -26.53 46.92 -7.23
CA ALA A 130 -25.31 47.72 -7.12
C ALA A 130 -25.11 48.56 -8.37
N LEU A 131 -25.37 47.97 -9.55
CA LEU A 131 -25.35 48.71 -10.80
C LEU A 131 -26.38 49.84 -10.78
N ASP A 132 -27.55 49.58 -10.23
CA ASP A 132 -28.61 50.60 -10.13
C ASP A 132 -28.23 51.75 -9.20
N LEU A 133 -27.36 51.52 -8.24
CA LEU A 133 -26.85 52.59 -7.40
C LEU A 133 -25.77 53.39 -8.09
N LEU A 134 -24.93 52.74 -8.89
CA LEU A 134 -23.85 53.43 -9.61
C LEU A 134 -24.37 54.33 -10.73
N LEU A 135 -25.35 53.85 -11.48
CA LEU A 135 -25.82 54.55 -12.68
C LEU A 135 -26.19 56.03 -12.47
N PRO A 136 -27.04 56.32 -11.45
CA PRO A 136 -27.39 57.72 -11.22
C PRO A 136 -26.20 58.60 -10.83
N LYS A 137 -25.26 58.04 -10.08
CA LYS A 137 -24.10 58.80 -9.62
C LYS A 137 -23.23 59.16 -10.80
N LEU A 138 -23.03 58.21 -11.70
CA LEU A 138 -22.31 58.45 -12.93
C LEU A 138 -23.02 59.49 -13.79
N ALA A 139 -24.33 59.35 -13.94
CA ALA A 139 -25.15 60.34 -14.67
C ALA A 139 -25.00 61.74 -14.07
N ARG A 140 -25.05 61.86 -12.75
CA ARG A 140 -24.83 63.16 -12.11
C ARG A 140 -23.44 63.71 -12.38
N VAL A 141 -22.41 62.86 -12.38
CA VAL A 141 -21.05 63.33 -12.68
C VAL A 141 -21.03 63.91 -14.10
N ILE A 142 -21.61 63.17 -15.04
CA ILE A 142 -21.67 63.59 -16.43
C ILE A 142 -22.43 64.90 -16.57
N SER A 143 -23.54 65.02 -15.85
CA SER A 143 -24.37 66.23 -15.88
C SER A 143 -23.64 67.44 -15.34
N ARG A 144 -22.98 67.30 -14.20
CA ARG A 144 -22.24 68.43 -13.62
C ARG A 144 -21.13 68.89 -14.56
N LEU A 145 -20.41 67.93 -15.15
CA LEU A 145 -19.38 68.26 -16.14
C LEU A 145 -19.98 68.88 -17.40
N ALA A 146 -21.16 68.41 -17.81
CA ALA A 146 -21.86 69.00 -18.95
C ALA A 146 -22.24 70.47 -18.72
N ASP A 147 -22.75 70.79 -17.52
CA ASP A 147 -22.99 72.19 -17.13
C ASP A 147 -21.71 73.01 -17.26
N PHE A 148 -20.63 72.50 -16.65
CA PHE A 148 -19.32 73.13 -16.71
C PHE A 148 -18.83 73.33 -18.14
N ALA A 149 -18.99 72.31 -18.97
CA ALA A 149 -18.52 72.35 -20.36
C ALA A 149 -19.24 73.41 -21.19
N LYS A 150 -20.55 73.52 -21.01
CA LYS A 150 -21.36 74.54 -21.69
C LYS A 150 -20.95 75.94 -21.24
N GLU A 151 -20.87 76.12 -19.94
CA GLU A 151 -20.48 77.38 -19.34
C GLU A 151 -19.10 77.86 -19.82
N ARG A 152 -18.18 76.93 -20.10
CA ARG A 152 -16.81 77.29 -20.50
C ARG A 152 -16.49 76.88 -21.93
N ALA A 153 -17.53 76.70 -22.75
CA ALA A 153 -17.36 76.23 -24.13
C ALA A 153 -16.43 77.11 -24.96
N SER A 154 -16.46 78.42 -24.70
CA SER A 154 -15.71 79.40 -25.49
C SER A 154 -14.46 79.95 -24.82
N LEU A 155 -14.17 79.52 -23.60
CA LEU A 155 -13.01 80.03 -22.85
C LEU A 155 -11.71 79.40 -23.39
N PRO A 156 -10.91 80.17 -24.17
CA PRO A 156 -9.71 79.55 -24.75
C PRO A 156 -8.72 79.15 -23.66
N THR A 157 -8.00 78.05 -23.90
CA THR A 157 -6.96 77.56 -23.00
C THR A 157 -5.88 76.86 -23.84
N LEU A 158 -4.66 76.87 -23.32
CA LEU A 158 -3.55 76.26 -24.02
C LEU A 158 -3.77 74.77 -24.18
N GLY A 159 -3.64 74.28 -25.41
CA GLY A 159 -3.71 72.84 -25.68
C GLY A 159 -2.41 72.17 -25.30
N PHE A 160 -2.48 70.88 -25.01
CA PHE A 160 -1.29 70.12 -24.60
C PHE A 160 -1.24 68.78 -25.31
N THR A 161 -0.18 68.56 -26.08
CA THR A 161 0.20 67.24 -26.56
C THR A 161 1.65 66.97 -26.13
N HIS A 162 1.95 65.76 -25.69
CA HIS A 162 3.20 65.43 -24.99
C HIS A 162 3.40 66.30 -23.73
N PHE A 163 2.32 66.86 -23.22
CA PHE A 163 2.33 67.95 -22.23
C PHE A 163 3.24 69.14 -22.62
N GLN A 164 3.32 69.40 -23.92
CA GLN A 164 3.96 70.59 -24.44
C GLN A 164 2.88 71.50 -25.05
N PRO A 165 3.11 72.82 -25.02
CA PRO A 165 2.14 73.78 -25.60
C PRO A 165 1.79 73.44 -27.03
N ALA A 166 0.49 73.41 -27.32
CA ALA A 166 -0.03 72.99 -28.62
C ALA A 166 -1.30 73.81 -28.95
N GLN A 167 -1.81 73.69 -30.16
CA GLN A 167 -2.95 74.48 -30.59
C GLN A 167 -3.99 74.70 -29.54
N LEU A 168 -4.53 75.90 -29.46
CA LEU A 168 -5.50 76.19 -28.41
C LEU A 168 -6.76 75.34 -28.53
N THR A 169 -7.30 74.96 -27.37
CA THR A 169 -8.59 74.33 -27.25
C THR A 169 -9.42 75.27 -26.36
N THR A 170 -10.54 74.82 -25.82
CA THR A 170 -11.24 75.57 -24.79
C THR A 170 -11.44 74.70 -23.59
N VAL A 171 -11.73 75.33 -22.45
CA VAL A 171 -11.89 74.61 -21.19
C VAL A 171 -13.04 73.63 -21.30
N GLY A 172 -14.12 74.06 -21.95
CA GLY A 172 -15.30 73.23 -22.14
C GLY A 172 -15.07 72.10 -23.12
N LYS A 173 -14.30 72.35 -24.17
CA LYS A 173 -13.98 71.28 -25.13
C LYS A 173 -13.15 70.20 -24.46
N ARG A 174 -12.15 70.59 -23.68
CA ARG A 174 -11.34 69.63 -22.92
C ARG A 174 -12.23 68.83 -21.97
N CYS A 175 -13.15 69.52 -21.31
CA CYS A 175 -14.09 68.85 -20.45
C CYS A 175 -14.89 67.77 -21.21
N CYS A 176 -15.19 68.01 -22.48
CA CYS A 176 -15.87 67.00 -23.31
C CYS A 176 -15.08 65.71 -23.54
N LEU A 177 -13.76 65.80 -23.58
CA LEU A 177 -12.92 64.57 -23.60
C LEU A 177 -13.25 63.69 -22.41
N TRP A 178 -13.35 64.29 -21.23
CA TRP A 178 -13.69 63.59 -20.00
C TRP A 178 -15.13 63.08 -20.06
N ILE A 179 -16.06 63.93 -20.48
CA ILE A 179 -17.48 63.57 -20.55
C ILE A 179 -17.69 62.40 -21.48
N GLN A 180 -17.03 62.42 -22.64
CA GLN A 180 -17.18 61.31 -23.62
C GLN A 180 -16.83 59.95 -23.02
N ASP A 181 -15.66 59.85 -22.39
CA ASP A 181 -15.24 58.60 -21.76
C ASP A 181 -16.26 58.14 -20.72
N LEU A 182 -16.73 59.06 -19.89
CA LEU A 182 -17.74 58.73 -18.88
C LEU A 182 -19.09 58.33 -19.48
N CYS A 183 -19.44 58.91 -20.62
CA CYS A 183 -20.68 58.50 -21.33
C CYS A 183 -20.56 57.09 -21.86
N MET A 184 -19.38 56.72 -22.35
CA MET A 184 -19.13 55.35 -22.79
C MET A 184 -19.30 54.38 -21.61
N ASP A 185 -18.88 54.79 -20.42
CA ASP A 185 -19.10 54.00 -19.22
C ASP A 185 -20.58 53.85 -18.87
N LEU A 186 -21.32 54.95 -18.94
CA LEU A 186 -22.75 54.91 -18.69
C LEU A 186 -23.46 53.96 -19.66
N GLN A 187 -23.09 54.00 -20.93
CA GLN A 187 -23.65 53.07 -21.92
C GLN A 187 -23.33 51.63 -21.54
N ASN A 188 -22.09 51.38 -21.10
CA ASN A 188 -21.67 50.02 -20.72
C ASN A 188 -22.36 49.51 -19.47
N LEU A 189 -22.45 50.34 -18.43
CA LEU A 189 -23.13 49.95 -17.21
C LEU A 189 -24.63 49.65 -17.45
N LYS A 190 -25.28 50.50 -18.25
CA LYS A 190 -26.69 50.28 -18.63
C LYS A 190 -26.84 48.93 -19.34
N ARG A 191 -25.99 48.69 -20.33
CA ARG A 191 -26.05 47.44 -21.12
C ARG A 191 -25.92 46.19 -20.23
N VAL A 192 -24.91 46.18 -19.38
CA VAL A 192 -24.67 45.06 -18.48
C VAL A 192 -25.83 44.86 -17.51
N ARG A 193 -26.34 45.95 -16.96
CA ARG A 193 -27.50 45.90 -16.06
C ARG A 193 -28.73 45.28 -16.75
N ASP A 194 -29.01 45.72 -17.98
CA ASP A 194 -30.19 45.27 -18.73
C ASP A 194 -30.07 43.83 -19.24
N ASP A 195 -28.85 43.41 -19.64
CA ASP A 195 -28.62 42.06 -20.21
C ASP A 195 -28.32 41.00 -19.15
N LEU A 196 -28.23 41.40 -17.88
CA LEU A 196 -27.95 40.45 -16.80
C LEU A 196 -29.08 39.45 -16.63
N ARG A 197 -28.75 38.16 -16.73
CA ARG A 197 -29.71 37.07 -16.60
C ARG A 197 -29.65 36.41 -15.24
N PHE A 198 -30.79 35.84 -14.86
CA PHE A 198 -30.97 35.15 -13.58
C PHE A 198 -30.55 33.68 -13.72
N ARG A 199 -29.98 33.11 -12.66
CA ARG A 199 -29.65 31.69 -12.68
C ARG A 199 -30.95 30.90 -12.63
N GLY A 200 -31.83 31.30 -11.73
CA GLY A 200 -33.11 30.65 -11.59
C GLY A 200 -32.96 29.34 -10.86
N VAL A 201 -33.79 28.38 -11.28
CA VAL A 201 -33.90 27.07 -10.63
C VAL A 201 -33.32 26.06 -11.60
N LYS A 202 -32.19 25.47 -11.24
CA LYS A 202 -31.40 24.66 -12.17
C LYS A 202 -30.88 23.32 -11.64
N GLY A 203 -30.90 23.10 -10.33
CA GLY A 203 -30.43 21.82 -9.75
C GLY A 203 -28.91 21.74 -9.64
N THR A 204 -28.46 20.65 -9.02
CA THR A 204 -27.06 20.47 -8.61
C THR A 204 -26.05 20.66 -9.75
N THR A 205 -26.37 20.14 -10.94
CA THR A 205 -25.47 20.22 -12.09
C THR A 205 -26.12 20.92 -13.29
N GLY A 206 -27.19 21.66 -13.03
CA GLY A 206 -27.90 22.41 -14.08
C GLY A 206 -28.89 21.64 -14.94
N THR A 207 -29.20 20.40 -14.56
CA THR A 207 -30.10 19.52 -15.32
C THR A 207 -31.54 19.58 -14.82
N GLN A 208 -31.75 20.21 -13.67
CA GLN A 208 -33.06 20.27 -13.04
C GLN A 208 -33.62 18.89 -12.71
N ALA A 209 -32.75 17.91 -12.53
CA ALA A 209 -33.18 16.52 -12.36
C ALA A 209 -34.04 16.35 -11.12
N SER A 210 -33.66 17.06 -10.06
CA SER A 210 -34.39 17.03 -8.80
C SER A 210 -35.83 17.53 -8.95
N PHE A 211 -35.97 18.65 -9.65
CA PHE A 211 -37.27 19.28 -9.86
C PHE A 211 -38.13 18.47 -10.82
N LEU A 212 -37.51 17.85 -11.81
CA LEU A 212 -38.21 16.94 -12.70
C LEU A 212 -38.82 15.77 -11.93
N GLN A 213 -38.06 15.20 -11.00
CA GLN A 213 -38.55 14.10 -10.16
C GLN A 213 -39.67 14.57 -9.21
N LEU A 214 -39.52 15.75 -8.63
CA LEU A 214 -40.57 16.30 -7.76
C LEU A 214 -41.90 16.51 -8.47
N PHE A 215 -41.86 16.90 -9.75
CA PHE A 215 -43.08 17.04 -10.56
C PHE A 215 -43.36 15.78 -11.40
N GLU A 216 -42.89 14.63 -10.92
CA GLU A 216 -43.16 13.32 -11.54
C GLU A 216 -43.06 13.33 -13.05
N GLY A 217 -41.94 13.86 -13.56
CA GLY A 217 -41.63 13.83 -14.99
C GLY A 217 -42.24 14.94 -15.84
N ASP A 218 -42.89 15.93 -15.22
CA ASP A 218 -43.56 17.01 -15.96
C ASP A 218 -42.56 18.14 -16.29
N ASP A 219 -41.98 18.07 -17.48
CA ASP A 219 -41.02 19.09 -17.98
C ASP A 219 -41.58 20.50 -17.87
N HIS A 220 -42.84 20.66 -18.29
CA HIS A 220 -43.49 21.96 -18.33
C HIS A 220 -43.56 22.63 -16.96
N LYS A 221 -43.85 21.84 -15.94
CA LYS A 221 -43.89 22.38 -14.56
C LYS A 221 -42.51 22.88 -14.12
N VAL A 222 -41.45 22.19 -14.54
CA VAL A 222 -40.09 22.60 -14.22
C VAL A 222 -39.79 23.96 -14.86
N GLU A 223 -40.11 24.12 -16.15
CA GLU A 223 -39.88 25.39 -16.85
C GLU A 223 -40.70 26.53 -16.24
N GLN A 224 -41.88 26.24 -15.73
CA GLN A 224 -42.68 27.28 -15.11
C GLN A 224 -42.08 27.68 -13.79
N LEU A 225 -41.64 26.71 -13.01
CA LEU A 225 -40.98 27.02 -11.73
C LEU A 225 -39.84 28.00 -11.94
N ASP A 226 -39.03 27.72 -12.94
CA ASP A 226 -37.88 28.55 -13.30
C ASP A 226 -38.33 29.94 -13.65
N LYS A 227 -39.27 30.03 -14.58
CA LYS A 227 -39.83 31.30 -15.01
C LYS A 227 -40.52 32.06 -13.86
N MET A 228 -41.19 31.34 -12.96
CA MET A 228 -41.92 31.98 -11.86
C MET A 228 -41.00 32.66 -10.86
N VAL A 229 -39.97 31.96 -10.37
CA VAL A 229 -39.05 32.57 -9.39
C VAL A 229 -38.23 33.68 -10.05
N THR A 230 -37.90 33.50 -11.32
CA THR A 230 -37.23 34.55 -12.11
C THR A 230 -38.04 35.86 -12.07
N GLU A 231 -39.35 35.77 -12.31
CA GLU A 231 -40.23 36.97 -12.25
C GLU A 231 -40.38 37.53 -10.84
N LYS A 232 -40.52 36.66 -9.84
CA LYS A 232 -40.59 37.13 -8.45
C LYS A 232 -39.34 37.94 -8.05
N ALA A 233 -38.19 37.56 -8.60
CA ALA A 233 -36.93 38.26 -8.34
C ALA A 233 -36.75 39.51 -9.21
N GLY A 234 -37.61 39.68 -10.20
CA GLY A 234 -37.66 40.89 -11.00
C GLY A 234 -36.73 40.89 -12.19
N PHE A 235 -36.43 39.71 -12.74
CA PHE A 235 -35.57 39.60 -13.89
C PHE A 235 -36.42 39.27 -15.11
N LYS A 236 -36.08 39.89 -16.24
CA LYS A 236 -36.78 39.63 -17.50
C LYS A 236 -36.45 38.26 -18.05
N ARG A 237 -35.25 37.78 -17.77
CA ARG A 237 -34.70 36.64 -18.48
C ARG A 237 -33.83 35.76 -17.56
N ALA A 238 -33.88 34.46 -17.82
CA ALA A 238 -33.03 33.51 -17.11
C ALA A 238 -32.22 32.70 -18.12
N PHE A 239 -31.09 32.16 -17.65
CA PHE A 239 -30.31 31.24 -18.48
C PHE A 239 -31.14 30.00 -18.84
N ILE A 240 -30.92 29.46 -20.02
CA ILE A 240 -31.33 28.10 -20.30
C ILE A 240 -30.24 27.17 -19.84
N ILE A 241 -29.01 27.49 -20.24
CA ILE A 241 -27.83 26.70 -19.93
C ILE A 241 -27.09 27.22 -18.71
N THR A 242 -26.93 26.34 -17.72
CA THR A 242 -25.99 26.52 -16.63
C THR A 242 -25.38 25.17 -16.27
N GLY A 243 -24.25 25.22 -15.58
CA GLY A 243 -23.81 24.13 -14.73
C GLY A 243 -24.51 24.30 -13.40
N GLN A 244 -23.78 24.06 -12.32
CA GLN A 244 -24.26 24.39 -11.00
C GLN A 244 -24.45 25.91 -10.84
N THR A 245 -23.56 26.67 -11.46
CA THR A 245 -23.50 28.13 -11.30
C THR A 245 -23.93 28.81 -12.59
N TYR A 246 -24.24 30.09 -12.50
CA TYR A 246 -24.16 30.95 -13.68
C TYR A 246 -22.70 31.05 -14.10
N THR A 247 -22.47 31.15 -15.39
CA THR A 247 -21.12 31.20 -15.94
C THR A 247 -20.38 32.41 -15.37
N ARG A 248 -19.17 32.16 -14.87
CA ARG A 248 -18.38 33.22 -14.21
C ARG A 248 -17.83 34.23 -15.19
N LYS A 249 -18.01 33.96 -16.48
CA LYS A 249 -17.86 34.98 -17.51
C LYS A 249 -18.70 36.23 -17.21
N VAL A 250 -19.86 36.06 -16.60
CA VAL A 250 -20.68 37.22 -16.20
C VAL A 250 -19.87 38.16 -15.31
N ASP A 251 -19.16 37.60 -14.33
CA ASP A 251 -18.31 38.39 -13.44
C ASP A 251 -17.20 39.15 -14.20
N ILE A 252 -16.66 38.57 -15.27
CA ILE A 252 -15.70 39.28 -16.13
C ILE A 252 -16.35 40.49 -16.77
N GLU A 253 -17.53 40.31 -17.31
CA GLU A 253 -18.23 41.39 -18.00
C GLU A 253 -18.49 42.56 -17.08
N VAL A 254 -18.92 42.27 -15.86
CA VAL A 254 -19.23 43.33 -14.89
C VAL A 254 -17.96 44.06 -14.44
N LEU A 255 -16.93 43.32 -14.04
CA LEU A 255 -15.72 43.97 -13.55
C LEU A 255 -14.87 44.60 -14.66
N SER A 256 -15.02 44.14 -15.90
CA SER A 256 -14.35 44.78 -17.04
C SER A 256 -14.85 46.18 -17.26
N VAL A 257 -16.17 46.34 -17.20
CA VAL A 257 -16.78 47.66 -17.39
C VAL A 257 -16.37 48.59 -16.24
N LEU A 258 -16.31 48.09 -15.01
CA LEU A 258 -15.87 48.90 -13.89
C LEU A 258 -14.38 49.25 -14.02
N ALA A 259 -13.58 48.30 -14.52
CA ALA A 259 -12.16 48.55 -14.77
C ALA A 259 -11.98 49.67 -15.80
N SER A 260 -12.77 49.64 -16.87
CA SER A 260 -12.72 50.69 -17.90
C SER A 260 -13.11 52.05 -17.33
N LEU A 261 -14.14 52.06 -16.48
CA LEU A 261 -14.53 53.27 -15.75
C LEU A 261 -13.35 53.80 -14.92
N GLY A 262 -12.67 52.90 -14.23
CA GLY A 262 -11.47 53.24 -13.48
C GLY A 262 -10.46 53.99 -14.32
N ALA A 263 -10.20 53.48 -15.53
CA ALA A 263 -9.24 54.12 -16.41
C ALA A 263 -9.69 55.52 -16.80
N SER A 264 -10.98 55.68 -17.08
CA SER A 264 -11.53 56.99 -17.43
C SER A 264 -11.34 57.97 -16.29
N VAL A 265 -11.69 57.55 -15.07
CA VAL A 265 -11.61 58.44 -13.92
C VAL A 265 -10.15 58.80 -13.62
N HIS A 266 -9.25 57.84 -13.77
CA HIS A 266 -7.84 58.07 -13.51
C HIS A 266 -7.27 59.12 -14.46
N LYS A 267 -7.60 59.01 -15.75
CA LYS A 267 -7.17 60.01 -16.74
C LYS A 267 -7.71 61.40 -16.40
N ILE A 268 -8.99 61.48 -16.05
CA ILE A 268 -9.64 62.75 -15.77
C ILE A 268 -9.03 63.40 -14.55
N CYS A 269 -8.91 62.64 -13.48
CA CYS A 269 -8.36 63.17 -12.25
C CYS A 269 -6.86 63.49 -12.35
N THR A 270 -6.14 62.75 -13.20
CA THR A 270 -4.77 63.11 -13.54
C THR A 270 -4.71 64.48 -14.24
N ASP A 271 -5.60 64.71 -15.23
CA ASP A 271 -5.69 66.02 -15.87
C ASP A 271 -5.95 67.13 -14.86
N ILE A 272 -6.87 66.90 -13.94
CA ILE A 272 -7.23 67.91 -12.93
C ILE A 272 -6.02 68.23 -12.03
N ARG A 273 -5.27 67.21 -11.66
CA ARG A 273 -4.08 67.40 -10.83
C ARG A 273 -3.02 68.22 -11.55
N LEU A 274 -2.87 67.98 -12.86
CA LEU A 274 -1.96 68.78 -13.68
C LEU A 274 -2.46 70.23 -13.82
N LEU A 275 -3.76 70.39 -13.99
CA LEU A 275 -4.33 71.74 -14.09
C LEU A 275 -4.12 72.52 -12.78
N ALA A 276 -4.09 71.82 -11.66
CA ALA A 276 -3.80 72.45 -10.37
C ALA A 276 -2.35 72.93 -10.30
N ASN A 277 -1.41 72.15 -10.84
CA ASN A 277 -0.02 72.60 -10.91
C ASN A 277 0.11 73.84 -11.75
N LEU A 278 -0.61 73.87 -12.87
CA LEU A 278 -0.61 75.02 -13.77
C LEU A 278 -1.36 76.24 -13.22
N LYS A 279 -2.09 76.04 -12.12
CA LYS A 279 -2.90 77.08 -11.47
C LYS A 279 -4.05 77.59 -12.35
N GLU A 280 -4.48 76.78 -13.32
CA GLU A 280 -5.59 77.12 -14.21
C GLU A 280 -6.95 76.68 -13.61
N MET A 281 -6.93 75.69 -12.73
CA MET A 281 -8.13 75.10 -12.19
C MET A 281 -7.84 74.36 -10.88
N GLU A 282 -8.78 74.43 -9.93
CA GLU A 282 -8.63 73.76 -8.65
C GLU A 282 -9.92 73.09 -8.24
N GLU A 283 -9.78 71.94 -7.60
CA GLU A 283 -10.92 71.27 -6.96
C GLU A 283 -11.41 72.06 -5.75
N PRO A 284 -12.65 71.79 -5.28
CA PRO A 284 -13.15 72.50 -4.07
C PRO A 284 -12.34 72.22 -2.80
N LYS A 298 -0.55 76.37 0.72
CA LYS A 298 -0.49 75.16 -0.09
C LYS A 298 -1.91 74.62 -0.31
N ARG A 299 -2.25 74.31 -1.55
CA ARG A 299 -3.57 73.76 -1.86
C ARG A 299 -3.35 72.57 -2.72
N ASN A 300 -3.72 71.40 -2.23
CA ASN A 300 -3.41 70.12 -2.90
C ASN A 300 -4.68 69.49 -3.46
N PRO A 301 -4.59 68.84 -4.62
CA PRO A 301 -5.77 68.21 -5.22
C PRO A 301 -6.01 66.79 -4.66
N MET A 302 -6.29 66.73 -3.36
CA MET A 302 -6.35 65.45 -2.61
C MET A 302 -7.54 64.57 -2.97
N ARG A 303 -8.66 65.19 -3.34
CA ARG A 303 -9.83 64.45 -3.79
C ARG A 303 -9.56 63.75 -5.12
N SER A 304 -8.97 64.47 -6.06
CA SER A 304 -8.61 63.89 -7.35
C SER A 304 -7.54 62.81 -7.20
N GLU A 305 -6.61 63.03 -6.28
CA GLU A 305 -5.56 62.04 -6.01
C GLU A 305 -6.16 60.76 -5.42
N ARG A 306 -7.11 60.90 -4.52
CA ARG A 306 -7.82 59.72 -3.99
C ARG A 306 -8.60 58.98 -5.08
N CYS A 307 -9.22 59.73 -5.99
CA CYS A 307 -9.95 59.11 -7.11
C CYS A 307 -9.01 58.26 -7.95
N CYS A 308 -7.85 58.82 -8.30
CA CYS A 308 -6.84 58.08 -9.03
C CYS A 308 -6.43 56.83 -8.30
N SER A 309 -6.13 56.99 -7.01
CA SER A 309 -5.70 55.88 -6.16
C SER A 309 -6.70 54.73 -6.17
N LEU A 310 -7.97 55.05 -5.99
CA LEU A 310 -9.00 54.03 -5.95
C LEU A 310 -9.31 53.47 -7.32
N ALA A 311 -9.35 54.34 -8.31
CA ALA A 311 -9.56 53.91 -9.71
C ALA A 311 -8.57 52.85 -10.13
N ARG A 312 -7.33 52.99 -9.66
CA ARG A 312 -6.27 52.03 -9.94
C ARG A 312 -6.61 50.65 -9.42
N HIS A 313 -7.15 50.59 -8.20
CA HIS A 313 -7.56 49.30 -7.61
C HIS A 313 -8.65 48.65 -8.43
N LEU A 314 -9.53 49.48 -8.96
CA LEU A 314 -10.63 49.03 -9.81
C LEU A 314 -10.10 48.35 -11.09
N MET A 315 -9.03 48.91 -11.64
CA MET A 315 -8.39 48.34 -12.83
C MET A 315 -7.69 47.05 -12.49
N THR A 316 -6.94 47.06 -11.39
CA THR A 316 -6.27 45.86 -10.90
C THR A 316 -7.23 44.68 -10.75
N LEU A 317 -8.41 44.95 -10.19
CA LEU A 317 -9.35 43.87 -9.86
C LEU A 317 -9.85 43.03 -11.03
N VAL A 318 -9.73 43.53 -12.26
CA VAL A 318 -10.25 42.79 -13.42
C VAL A 318 -9.58 41.44 -13.60
N MET A 319 -8.34 41.30 -13.15
CA MET A 319 -7.62 40.02 -13.31
C MET A 319 -8.17 38.92 -12.40
N ASP A 320 -8.89 39.27 -11.32
CA ASP A 320 -9.52 38.24 -10.47
C ASP A 320 -10.54 37.38 -11.27
N PRO A 321 -11.61 37.99 -11.79
CA PRO A 321 -12.58 37.18 -12.52
C PRO A 321 -12.06 36.57 -13.82
N LEU A 322 -11.12 37.22 -14.49
CA LEU A 322 -10.51 36.63 -15.67
C LEU A 322 -9.85 35.31 -15.31
N GLN A 323 -9.05 35.33 -14.27
CA GLN A 323 -8.39 34.11 -13.80
C GLN A 323 -9.41 33.07 -13.29
N THR A 324 -10.36 33.52 -12.46
CA THR A 324 -11.36 32.63 -11.89
C THR A 324 -12.10 31.82 -12.97
N ALA A 325 -12.59 32.50 -13.99
CA ALA A 325 -13.41 31.87 -15.00
C ALA A 325 -12.63 30.88 -15.82
N SER A 326 -11.37 31.22 -16.06
CA SER A 326 -10.51 30.43 -16.90
C SER A 326 -10.18 29.03 -16.34
N VAL A 327 -10.31 28.84 -15.02
CA VAL A 327 -9.97 27.56 -14.38
C VAL A 327 -11.14 26.91 -13.63
N GLN A 328 -12.35 27.31 -13.94
CA GLN A 328 -13.56 26.63 -13.51
C GLN A 328 -13.69 25.30 -14.25
N TRP A 329 -13.58 24.19 -13.53
CA TRP A 329 -13.65 22.87 -14.14
C TRP A 329 -15.10 22.37 -14.21
N PHE A 330 -15.50 21.96 -15.41
CA PHE A 330 -16.74 21.27 -15.66
C PHE A 330 -17.93 22.09 -15.14
N GLU A 331 -18.78 21.50 -14.30
CA GLU A 331 -20.05 22.13 -13.97
C GLU A 331 -19.87 23.07 -12.79
N ARG A 332 -18.67 23.11 -12.21
CA ARG A 332 -18.29 24.09 -11.17
C ARG A 332 -17.13 23.60 -10.30
N THR A 333 -16.20 24.49 -9.95
CA THR A 333 -15.30 24.26 -8.83
C THR A 333 -15.41 25.42 -7.87
N LEU A 334 -15.17 25.14 -6.59
CA LEU A 334 -15.43 26.09 -5.51
C LEU A 334 -14.31 27.10 -5.30
N ASP A 335 -13.24 27.00 -6.09
CA ASP A 335 -12.19 28.02 -6.07
C ASP A 335 -12.63 29.40 -6.55
N ASP A 336 -13.88 29.54 -6.98
CA ASP A 336 -14.44 30.85 -7.26
C ASP A 336 -14.91 31.59 -6.01
N SER A 337 -15.29 30.85 -4.97
CA SER A 337 -16.16 31.39 -3.93
C SER A 337 -15.51 32.49 -3.09
N ALA A 338 -14.36 32.20 -2.49
CA ALA A 338 -13.70 33.18 -1.60
C ALA A 338 -13.28 34.43 -2.37
N ASN A 339 -12.73 34.22 -3.56
CA ASN A 339 -12.30 35.30 -4.42
C ASN A 339 -13.46 36.27 -4.71
N ARG A 340 -14.61 35.69 -5.03
CA ARG A 340 -15.80 36.50 -5.34
C ARG A 340 -16.36 37.26 -4.13
N ARG A 341 -16.22 36.70 -2.93
CA ARG A 341 -16.62 37.43 -1.71
C ARG A 341 -15.82 38.73 -1.56
N ILE A 342 -14.58 38.72 -2.03
CA ILE A 342 -13.71 39.89 -1.97
C ILE A 342 -13.90 40.85 -3.17
N CYS A 343 -13.69 40.36 -4.38
CA CYS A 343 -13.54 41.25 -5.54
C CYS A 343 -14.85 41.89 -6.05
N LEU A 344 -15.98 41.19 -5.97
CA LEU A 344 -17.23 41.77 -6.47
C LEU A 344 -17.62 42.99 -5.63
N ALA A 345 -17.76 42.77 -4.32
CA ALA A 345 -18.08 43.87 -3.38
C ALA A 345 -17.10 45.01 -3.48
N GLU A 346 -15.80 44.70 -3.52
CA GLU A 346 -14.79 45.76 -3.48
C GLU A 346 -14.77 46.58 -4.77
N ALA A 347 -15.04 45.94 -5.89
CA ALA A 347 -15.11 46.66 -7.15
C ALA A 347 -16.26 47.69 -7.08
N PHE A 348 -17.43 47.24 -6.65
CA PHE A 348 -18.60 48.12 -6.54
C PHE A 348 -18.44 49.22 -5.48
N LEU A 349 -17.89 48.88 -4.33
CA LEU A 349 -17.62 49.87 -3.26
C LEU A 349 -16.57 50.88 -3.69
N THR A 350 -15.57 50.42 -4.43
CA THR A 350 -14.56 51.31 -4.99
C THR A 350 -15.17 52.24 -6.04
N ALA A 351 -15.95 51.66 -6.97
CA ALA A 351 -16.64 52.46 -7.98
C ALA A 351 -17.58 53.49 -7.35
N ASP A 352 -18.33 53.07 -6.34
CA ASP A 352 -19.25 53.96 -5.61
C ASP A 352 -18.53 55.18 -5.06
N THR A 353 -17.40 54.95 -4.40
CA THR A 353 -16.60 56.03 -3.80
C THR A 353 -16.05 56.99 -4.85
N ILE A 354 -15.52 56.45 -5.93
CA ILE A 354 -14.94 57.28 -7.00
C ILE A 354 -15.99 58.19 -7.67
N LEU A 355 -17.18 57.66 -7.90
CA LEU A 355 -18.23 58.43 -8.55
C LEU A 355 -18.73 59.54 -7.63
N ASN A 356 -19.01 59.20 -6.38
CA ASN A 356 -19.40 60.22 -5.42
C ASN A 356 -18.34 61.29 -5.26
N THR A 357 -17.09 60.88 -5.15
CA THR A 357 -15.99 61.84 -4.95
C THR A 357 -15.81 62.72 -6.22
N LEU A 358 -15.88 62.11 -7.40
CA LEU A 358 -15.75 62.87 -8.66
C LEU A 358 -16.94 63.82 -8.87
N GLN A 359 -18.14 63.42 -8.43
CA GLN A 359 -19.28 64.34 -8.48
C GLN A 359 -19.02 65.57 -7.62
N ASN A 360 -18.56 65.34 -6.39
CA ASN A 360 -18.21 66.43 -5.48
C ASN A 360 -17.19 67.37 -6.12
N ILE A 361 -16.18 66.81 -6.78
CA ILE A 361 -15.15 67.60 -7.45
C ILE A 361 -15.75 68.46 -8.57
N SER A 362 -16.54 67.84 -9.43
CA SER A 362 -17.13 68.53 -10.57
C SER A 362 -18.13 69.64 -10.18
N GLU A 363 -18.82 69.46 -9.06
CA GLU A 363 -19.71 70.52 -8.50
C GLU A 363 -18.98 71.77 -8.01
N GLY A 364 -17.69 71.67 -7.70
CA GLY A 364 -16.97 72.76 -7.06
C GLY A 364 -15.73 73.25 -7.80
N LEU A 365 -15.61 72.91 -9.09
CA LEU A 365 -14.44 73.30 -9.86
C LEU A 365 -14.33 74.81 -9.91
N VAL A 366 -13.13 75.32 -9.63
CA VAL A 366 -12.85 76.74 -9.68
C VAL A 366 -11.87 76.96 -10.81
N VAL A 367 -12.15 77.93 -11.68
CA VAL A 367 -11.29 78.25 -12.84
C VAL A 367 -10.64 79.61 -12.60
N TYR A 368 -9.41 79.76 -13.10
CA TYR A 368 -8.65 81.01 -12.96
C TYR A 368 -8.27 81.54 -14.34
N PRO A 369 -9.20 82.29 -14.97
CA PRO A 369 -8.99 82.72 -16.35
C PRO A 369 -7.77 83.60 -16.57
N LYS A 370 -7.41 84.40 -15.57
CA LYS A 370 -6.27 85.33 -15.71
C LYS A 370 -4.96 84.57 -15.84
N VAL A 371 -4.87 83.42 -15.16
CA VAL A 371 -3.72 82.56 -15.29
C VAL A 371 -3.76 81.88 -16.64
N ILE A 372 -4.93 81.41 -17.04
CA ILE A 372 -5.09 80.78 -18.35
C ILE A 372 -4.64 81.75 -19.45
N GLU A 373 -5.09 82.99 -19.39
CA GLU A 373 -4.76 84.04 -20.39
C GLU A 373 -3.29 84.38 -20.42
N ARG A 374 -2.67 84.46 -19.25
CA ARG A 374 -1.23 84.74 -19.15
C ARG A 374 -0.41 83.64 -19.85
N ARG A 375 -0.75 82.39 -19.60
CA ARG A 375 -0.03 81.28 -20.22
C ARG A 375 -0.19 81.31 -21.75
N ILE A 376 -1.38 81.62 -22.25
CA ILE A 376 -1.59 81.76 -23.68
C ILE A 376 -0.72 82.87 -24.24
N ARG A 377 -0.70 84.02 -23.59
CA ARG A 377 0.13 85.13 -24.05
C ARG A 377 1.60 84.72 -24.18
N GLN A 378 2.09 83.90 -23.25
CA GLN A 378 3.48 83.45 -23.29
C GLN A 378 3.82 82.53 -24.48
N GLU A 379 2.84 81.73 -24.93
CA GLU A 379 3.10 80.71 -25.96
C GLU A 379 2.51 81.00 -27.32
N LEU A 380 1.35 81.63 -27.34
CA LEU A 380 0.65 81.96 -28.60
C LEU A 380 1.51 82.61 -29.69
N PRO A 381 2.40 83.55 -29.31
CA PRO A 381 3.27 84.14 -30.33
C PRO A 381 3.98 83.11 -31.21
N PHE A 382 4.49 82.05 -30.61
CA PHE A 382 5.16 80.98 -31.36
C PHE A 382 4.19 80.21 -32.24
N MET A 383 2.96 80.00 -31.77
CA MET A 383 1.92 79.33 -32.59
C MET A 383 1.44 80.16 -33.78
N ALA A 384 1.56 81.44 -33.67
CA ALA A 384 0.87 82.43 -34.53
C ALA A 384 1.62 82.83 -35.74
N THR A 385 2.81 82.31 -35.96
CA THR A 385 3.67 82.68 -37.09
C THR A 385 3.03 82.48 -38.46
N GLU A 386 2.17 81.46 -38.61
CA GLU A 386 1.51 81.22 -39.90
C GLU A 386 0.48 82.31 -40.21
N ASN A 387 -0.27 82.75 -39.20
CA ASN A 387 -1.16 83.92 -39.36
C ASN A 387 -0.42 85.18 -39.80
N ILE A 388 0.75 85.40 -39.21
CA ILE A 388 1.53 86.61 -39.48
C ILE A 388 2.10 86.61 -40.90
N ILE A 389 2.51 85.44 -41.38
CA ILE A 389 2.95 85.28 -42.76
C ILE A 389 1.80 85.52 -43.75
N MET A 390 0.65 84.90 -43.51
CA MET A 390 -0.54 85.08 -44.39
C MET A 390 -0.95 86.54 -44.50
N ALA A 391 -0.89 87.26 -43.39
CA ALA A 391 -1.12 88.72 -43.37
C ALA A 391 -0.06 89.47 -44.19
N MET A 392 1.19 89.11 -44.02
CA MET A 392 2.31 89.70 -44.80
C MET A 392 2.15 89.48 -46.29
N VAL A 393 1.82 88.26 -46.68
CA VAL A 393 1.54 87.91 -48.08
C VAL A 393 0.37 88.72 -48.64
N LYS A 394 -0.68 88.86 -47.85
CA LYS A 394 -1.83 89.68 -48.23
C LYS A 394 -1.45 91.17 -48.41
N ALA A 395 -0.51 91.65 -47.61
CA ALA A 395 0.07 93.00 -47.80
C ALA A 395 1.10 93.06 -48.98
N GLY A 396 2.40 93.22 -48.71
CA GLY A 396 3.42 93.33 -49.76
C GLY A 396 4.05 92.00 -50.23
N GLY A 397 3.88 90.96 -49.46
CA GLY A 397 4.16 89.62 -49.94
C GLY A 397 5.59 89.20 -49.66
N SER A 398 5.95 88.07 -50.24
CA SER A 398 7.08 87.20 -49.85
C SER A 398 6.95 86.37 -48.58
N ARG A 399 6.29 85.24 -48.79
CA ARG A 399 6.16 84.16 -47.81
C ARG A 399 7.55 83.66 -47.36
N GLN A 400 8.50 83.60 -48.28
CA GLN A 400 9.83 83.09 -47.98
C GLN A 400 10.56 84.02 -47.03
N ASP A 401 10.63 85.31 -47.37
CA ASP A 401 11.35 86.28 -46.54
C ASP A 401 10.72 86.38 -45.17
N CYS A 402 9.39 86.39 -45.14
CA CYS A 402 8.65 86.54 -43.89
C CYS A 402 8.92 85.38 -42.93
N HIS A 403 8.84 84.17 -43.46
CA HIS A 403 9.10 82.94 -42.72
C HIS A 403 10.50 82.97 -42.11
N GLU A 404 11.50 83.29 -42.93
CA GLU A 404 12.89 83.33 -42.48
C GLU A 404 13.16 84.40 -41.39
N LYS A 405 12.52 85.56 -41.52
CA LYS A 405 12.72 86.62 -40.51
C LYS A 405 12.02 86.31 -39.19
N ILE A 406 10.82 85.74 -39.25
CA ILE A 406 10.12 85.30 -38.03
C ILE A 406 10.93 84.17 -37.34
N ARG A 407 11.49 83.27 -38.13
CA ARG A 407 12.28 82.16 -37.59
C ARG A 407 13.43 82.65 -36.70
N VAL A 408 14.18 83.65 -37.18
CA VAL A 408 15.33 84.18 -36.44
C VAL A 408 14.87 84.90 -35.16
N LEU A 409 13.84 85.72 -35.28
CA LEU A 409 13.25 86.42 -34.12
C LEU A 409 12.64 85.45 -33.08
N SER A 410 12.10 84.33 -33.55
CA SER A 410 11.56 83.29 -32.67
C SER A 410 12.64 82.57 -31.85
N GLN A 411 13.79 82.26 -32.47
CA GLN A 411 14.90 81.64 -31.74
C GLN A 411 15.48 82.62 -30.71
N GLN A 412 15.51 83.90 -31.05
CA GLN A 412 15.91 84.94 -30.11
C GLN A 412 14.98 84.99 -28.90
N ALA A 413 13.66 84.98 -29.16
CA ALA A 413 12.68 84.98 -28.08
C ALA A 413 12.73 83.69 -27.25
N ALA A 414 12.95 82.56 -27.93
CA ALA A 414 13.07 81.26 -27.26
C ALA A 414 14.25 81.23 -26.29
N SER A 415 15.40 81.74 -26.73
CA SER A 415 16.57 81.82 -25.86
C SER A 415 16.33 82.74 -24.66
N VAL A 416 15.59 83.82 -24.83
CA VAL A 416 15.23 84.65 -23.67
C VAL A 416 14.42 83.84 -22.65
N VAL A 417 13.48 83.03 -23.13
CA VAL A 417 12.64 82.23 -22.22
C VAL A 417 13.47 81.18 -21.48
N LYS A 418 14.28 80.42 -22.23
CA LYS A 418 15.02 79.26 -21.67
C LYS A 418 16.36 79.63 -21.03
N GLN A 419 17.12 80.52 -21.68
CA GLN A 419 18.49 80.83 -21.24
C GLN A 419 18.56 82.01 -20.29
N GLU A 420 17.62 82.95 -20.39
CA GLU A 420 17.56 84.09 -19.46
C GLU A 420 16.40 83.97 -18.45
N GLY A 421 15.48 83.01 -18.67
CA GLY A 421 14.31 82.87 -17.81
C GLY A 421 13.30 84.00 -17.93
N GLY A 422 13.30 84.70 -19.07
CA GLY A 422 12.43 85.88 -19.25
C GLY A 422 11.07 85.54 -19.83
N ASP A 423 10.24 86.56 -20.02
CA ASP A 423 8.98 86.40 -20.75
C ASP A 423 9.24 86.29 -22.23
N ASN A 424 8.28 85.71 -22.95
CA ASN A 424 8.34 85.65 -24.40
C ASN A 424 8.15 87.06 -24.96
N ASP A 425 9.17 87.56 -25.65
CA ASP A 425 9.15 88.92 -26.17
C ASP A 425 9.09 88.97 -27.71
N LEU A 426 8.60 87.91 -28.33
CA LEU A 426 8.58 87.83 -29.78
C LEU A 426 7.72 88.92 -30.42
N ILE A 427 6.64 89.31 -29.73
CA ILE A 427 5.75 90.34 -30.25
C ILE A 427 6.46 91.68 -30.17
N GLU A 428 7.11 91.95 -29.03
CA GLU A 428 7.95 93.16 -28.86
C GLU A 428 9.01 93.27 -30.00
N ARG A 429 9.62 92.15 -30.37
CA ARG A 429 10.65 92.11 -31.41
C ARG A 429 10.09 92.36 -32.79
N ILE A 430 8.89 91.84 -33.05
CA ILE A 430 8.21 92.04 -34.34
C ILE A 430 7.79 93.50 -34.50
N GLN A 431 7.28 94.11 -33.43
CA GLN A 431 6.95 95.54 -33.43
C GLN A 431 8.19 96.41 -33.68
N ALA A 432 9.33 96.01 -33.12
CA ALA A 432 10.57 96.77 -33.25
C ALA A 432 11.25 96.62 -34.62
N ASP A 433 10.95 95.54 -35.34
CA ASP A 433 11.57 95.26 -36.65
C ASP A 433 10.73 95.90 -37.76
N ALA A 434 11.37 96.74 -38.56
CA ALA A 434 10.67 97.56 -39.56
C ALA A 434 10.26 96.74 -40.81
N TYR A 435 10.76 95.52 -40.96
CA TYR A 435 10.27 94.65 -42.02
C TYR A 435 8.76 94.37 -41.92
N PHE A 436 8.25 94.35 -40.68
CA PHE A 436 6.83 94.08 -40.40
C PHE A 436 5.95 95.33 -40.25
N SER A 437 6.43 96.49 -40.70
CA SER A 437 5.62 97.73 -40.76
C SER A 437 4.21 97.52 -41.37
N PRO A 438 4.12 96.78 -42.49
CA PRO A 438 2.78 96.54 -43.08
C PRO A 438 1.73 95.93 -42.14
N ILE A 439 2.17 95.17 -41.13
CA ILE A 439 1.24 94.40 -40.27
C ILE A 439 1.27 94.83 -38.79
N HIS A 440 2.07 95.85 -38.42
CA HIS A 440 2.15 96.32 -37.00
C HIS A 440 0.76 96.62 -36.42
N SER A 441 -0.09 97.31 -37.19
CA SER A 441 -1.42 97.69 -36.73
C SER A 441 -2.38 96.49 -36.61
N GLN A 442 -2.11 95.42 -37.35
CA GLN A 442 -2.92 94.18 -37.29
C GLN A 442 -2.61 93.28 -36.07
N LEU A 443 -1.51 93.52 -35.36
CA LEU A 443 -0.97 92.50 -34.43
C LEU A 443 -1.89 92.12 -33.26
N ASP A 444 -2.62 93.08 -32.69
CA ASP A 444 -3.59 92.77 -31.65
C ASP A 444 -4.64 91.77 -32.16
N HIS A 445 -5.13 92.00 -33.38
CA HIS A 445 -6.14 91.14 -33.97
C HIS A 445 -5.58 89.76 -34.39
N LEU A 446 -4.35 89.74 -34.92
CA LEU A 446 -3.71 88.47 -35.33
C LEU A 446 -3.34 87.53 -34.18
N LEU A 447 -3.15 88.08 -32.98
CA LEU A 447 -2.85 87.29 -31.78
C LEU A 447 -4.06 87.13 -30.88
N ASP A 448 -5.26 87.32 -31.42
CA ASP A 448 -6.49 87.16 -30.63
C ASP A 448 -6.74 85.68 -30.37
N PRO A 449 -6.68 85.25 -29.09
CA PRO A 449 -6.84 83.82 -28.76
C PRO A 449 -8.12 83.17 -29.28
N SER A 450 -9.23 83.91 -29.33
CA SER A 450 -10.52 83.35 -29.81
C SER A 450 -10.48 82.76 -31.21
N SER A 451 -9.63 83.29 -32.09
CA SER A 451 -9.54 82.80 -33.45
C SER A 451 -8.67 81.56 -33.64
N PHE A 452 -7.93 81.15 -32.59
CA PHE A 452 -7.03 79.97 -32.65
C PHE A 452 -7.68 78.70 -32.14
N THR A 453 -8.91 78.78 -31.63
CA THR A 453 -9.58 77.62 -31.03
C THR A 453 -10.35 76.75 -32.02
N GLY A 454 -10.20 77.01 -33.34
CA GLY A 454 -10.89 76.21 -34.36
C GLY A 454 -12.38 76.09 -34.06
N ARG A 455 -12.90 74.87 -34.15
CA ARG A 455 -14.33 74.61 -33.97
C ARG A 455 -14.70 74.19 -32.54
N ALA A 456 -13.84 74.49 -31.57
CA ALA A 456 -13.99 73.95 -30.21
C ALA A 456 -15.37 74.18 -29.61
N SER A 457 -15.83 75.43 -29.57
CA SER A 457 -17.12 75.73 -28.95
C SER A 457 -18.30 75.12 -29.73
N GLN A 458 -18.17 75.03 -31.06
CA GLN A 458 -19.20 74.38 -31.90
C GLN A 458 -19.25 72.88 -31.64
N GLN A 459 -18.09 72.26 -31.48
CA GLN A 459 -18.01 70.85 -31.12
C GLN A 459 -18.71 70.56 -29.80
N VAL A 460 -18.52 71.42 -28.81
CA VAL A 460 -19.14 71.24 -27.50
C VAL A 460 -20.63 71.17 -27.62
N GLN A 461 -21.22 72.18 -28.24
CA GLN A 461 -22.68 72.26 -28.34
C GLN A 461 -23.24 71.06 -29.10
N ARG A 462 -22.63 70.70 -30.23
CA ARG A 462 -23.12 69.56 -31.01
C ARG A 462 -23.05 68.25 -30.22
N PHE A 463 -21.94 68.04 -29.52
CA PHE A 463 -21.71 66.83 -28.70
C PHE A 463 -22.71 66.72 -27.56
N LEU A 464 -22.86 67.80 -26.80
CA LEU A 464 -23.79 67.80 -25.66
C LEU A 464 -25.24 67.49 -26.09
N GLU A 465 -25.64 68.07 -27.21
CA GLU A 465 -27.02 67.91 -27.70
C GLU A 465 -27.25 66.53 -28.32
N GLU A 466 -26.37 66.11 -29.22
CA GLU A 466 -26.56 64.84 -29.93
C GLU A 466 -26.28 63.61 -29.06
N GLU A 467 -25.25 63.69 -28.21
CA GLU A 467 -24.68 62.48 -27.57
C GLU A 467 -24.86 62.40 -26.06
N VAL A 468 -24.87 63.54 -25.36
CA VAL A 468 -24.85 63.56 -23.89
C VAL A 468 -26.25 63.70 -23.29
N TYR A 469 -26.94 64.79 -23.62
CA TYR A 469 -28.28 65.05 -23.01
C TYR A 469 -29.27 63.86 -23.14
N PRO A 470 -29.30 63.15 -24.29
CA PRO A 470 -30.21 62.00 -24.39
C PRO A 470 -29.92 60.87 -23.39
N LEU A 471 -28.63 60.64 -23.07
CA LEU A 471 -28.26 59.65 -22.06
C LEU A 471 -28.62 60.07 -20.64
N LEU A 472 -28.67 61.38 -20.39
CA LEU A 472 -29.04 61.91 -19.08
C LEU A 472 -30.54 61.95 -18.82
N LYS A 473 -31.33 61.95 -19.89
CA LYS A 473 -32.80 62.15 -19.80
C LYS A 473 -33.49 61.28 -18.74
N PRO A 474 -33.22 59.95 -18.75
CA PRO A 474 -33.87 59.06 -17.75
C PRO A 474 -33.56 59.34 -16.28
N TYR A 475 -32.48 60.07 -16.02
CA TYR A 475 -32.05 60.38 -14.65
C TYR A 475 -32.40 61.80 -14.22
N GLU A 476 -33.28 62.47 -14.98
CA GLU A 476 -33.68 63.87 -14.72
C GLU A 476 -34.20 64.07 -13.29
N SER A 477 -35.01 63.14 -12.79
CA SER A 477 -35.60 63.28 -11.46
C SER A 477 -34.59 63.21 -10.29
N VAL A 478 -33.43 62.56 -10.50
CA VAL A 478 -32.44 62.38 -9.41
C VAL A 478 -31.18 63.29 -9.55
N MET A 479 -31.23 64.27 -10.45
CA MET A 479 -30.07 65.14 -10.73
C MET A 479 -29.69 66.11 -9.62
N LYS A 480 -30.64 66.43 -8.72
CA LYS A 480 -30.46 67.53 -7.78
C LYS A 480 -29.56 67.19 -6.59
N VAL A 481 -29.37 65.89 -6.33
CA VAL A 481 -28.62 65.44 -5.14
C VAL A 481 -27.17 65.92 -5.18
N LYS A 482 -26.72 66.55 -4.09
CA LYS A 482 -25.33 67.00 -3.96
C LYS A 482 -24.49 65.88 -3.35
N ALA A 483 -23.22 65.80 -3.76
CA ALA A 483 -22.31 64.73 -3.31
C ALA A 483 -21.48 65.21 -2.15
N GLU A 484 -21.69 64.62 -0.95
CA GLU A 484 -20.99 65.01 0.27
C GLU A 484 -19.74 64.17 0.55
N LEU A 485 -18.74 64.80 1.12
CA LEU A 485 -17.55 64.10 1.63
C LEU A 485 -17.31 64.44 3.11
N CYS A 486 -16.98 63.41 3.88
CA CYS A 486 -16.70 63.56 5.32
C CYS A 486 -15.21 63.50 5.66
N LEU A 487 -14.38 63.30 4.65
CA LEU A 487 -12.94 63.23 4.83
C LEU A 487 -12.25 63.44 3.50
N GLY B 11 10.86 35.42 -42.76
CA GLY B 11 12.20 36.03 -42.47
C GLY B 11 13.27 35.06 -41.98
N SER B 12 14.34 35.62 -41.41
CA SER B 12 15.54 34.85 -41.00
C SER B 12 15.41 34.26 -39.63
N PRO B 13 16.13 33.21 -39.33
CA PRO B 13 16.15 32.66 -38.00
C PRO B 13 17.39 33.11 -37.25
N ASP B 14 18.19 34.00 -37.83
CA ASP B 14 19.42 34.48 -37.25
C ASP B 14 19.24 35.56 -36.22
N SER B 15 18.03 36.07 -36.12
CA SER B 15 17.63 37.06 -35.16
C SER B 15 16.25 36.71 -34.61
N TYR B 16 15.82 37.37 -33.57
CA TYR B 16 14.51 37.11 -33.04
C TYR B 16 13.37 37.42 -34.01
N ARG B 17 12.45 36.46 -34.05
CA ARG B 17 11.14 36.61 -34.74
C ARG B 17 10.07 36.39 -33.66
N SER B 18 8.96 37.09 -33.80
CA SER B 18 7.79 36.81 -32.92
C SER B 18 7.21 35.43 -33.26
N PRO B 19 6.87 34.69 -32.16
CA PRO B 19 6.34 33.33 -32.33
C PRO B 19 4.99 33.33 -33.04
N LEU B 20 4.16 34.33 -32.77
CA LEU B 20 2.93 34.53 -33.47
C LEU B 20 3.09 34.71 -34.97
N ALA B 21 4.13 35.44 -35.40
CA ALA B 21 4.40 35.53 -36.84
C ALA B 21 4.95 34.20 -37.38
N SER B 22 5.97 33.69 -36.73
CA SER B 22 6.77 32.56 -37.34
C SER B 22 5.95 31.28 -37.34
N ARG B 23 5.16 31.09 -36.27
CA ARG B 23 4.60 29.79 -35.91
C ARG B 23 3.06 29.81 -36.00
N TYR B 24 2.40 30.79 -35.33
CA TYR B 24 0.99 30.58 -34.93
C TYR B 24 -0.03 31.22 -35.87
N ALA B 25 0.32 32.35 -36.44
CA ALA B 25 -0.75 33.36 -36.84
C ALA B 25 -1.15 32.97 -38.20
N SER B 26 -2.44 32.84 -38.47
CA SER B 26 -2.93 32.85 -39.89
C SER B 26 -2.29 33.95 -40.78
N PRO B 27 -2.11 33.57 -42.08
CA PRO B 27 -1.54 34.53 -43.04
C PRO B 27 -2.36 35.78 -43.25
N GLU B 28 -3.69 35.72 -43.23
CA GLU B 28 -4.50 36.95 -43.41
C GLU B 28 -4.32 37.93 -42.26
N MET B 29 -4.32 37.42 -41.02
CA MET B 29 -4.17 38.29 -39.85
C MET B 29 -2.74 38.84 -39.78
N CYS B 30 -1.76 38.02 -40.19
CA CYS B 30 -0.40 38.49 -40.31
C CYS B 30 -0.31 39.69 -41.24
N PHE B 31 -0.99 39.62 -42.37
CA PHE B 31 -0.94 40.72 -43.36
C PHE B 31 -1.73 41.95 -42.92
N VAL B 32 -2.78 41.74 -42.11
CA VAL B 32 -3.56 42.86 -41.55
C VAL B 32 -2.70 43.70 -40.61
N PHE B 33 -1.83 43.10 -39.85
CA PHE B 33 -0.94 43.92 -39.06
C PHE B 33 0.35 44.07 -39.80
N SER B 34 0.34 44.00 -41.11
CA SER B 34 1.61 44.14 -41.84
C SER B 34 2.03 45.56 -42.07
N ASP B 35 3.33 45.76 -42.18
CA ASP B 35 3.91 47.08 -42.40
C ASP B 35 3.56 47.53 -43.79
N ARG B 36 3.53 46.62 -44.74
CA ARG B 36 3.12 47.01 -46.09
C ARG B 36 1.66 47.44 -46.09
N TYR B 37 0.82 46.69 -45.38
CA TYR B 37 -0.59 47.04 -45.24
C TYR B 37 -0.83 48.34 -44.48
N LYS B 38 0.08 48.69 -43.58
CA LYS B 38 -0.01 49.95 -42.85
C LYS B 38 0.23 51.18 -43.76
N PHE B 39 1.23 51.09 -44.64
CA PHE B 39 1.58 52.20 -45.52
C PHE B 39 0.81 52.21 -46.82
N ARG B 40 0.05 51.13 -47.12
CA ARG B 40 -0.95 51.17 -48.17
C ARG B 40 -2.16 52.01 -47.65
N THR B 41 -2.80 51.59 -46.57
CA THR B 41 -3.75 52.35 -45.80
C THR B 41 -3.41 53.81 -45.51
N TRP B 42 -2.15 54.14 -45.26
CA TRP B 42 -1.75 55.56 -45.07
C TRP B 42 -1.88 56.40 -46.36
N ARG B 43 -1.50 55.80 -47.48
CA ARG B 43 -1.57 56.49 -48.78
C ARG B 43 -2.99 56.44 -49.42
N GLN B 44 -3.75 55.43 -49.08
CA GLN B 44 -5.20 55.35 -49.35
C GLN B 44 -5.88 56.49 -48.61
N LEU B 45 -5.41 56.77 -47.40
CA LEU B 45 -6.02 57.82 -46.57
C LEU B 45 -5.71 59.26 -47.01
N TRP B 46 -4.66 59.47 -47.80
CA TRP B 46 -4.28 60.80 -48.32
C TRP B 46 -4.74 61.14 -49.76
N LEU B 47 -5.05 60.10 -50.50
CA LEU B 47 -5.76 60.19 -51.77
C LEU B 47 -7.17 60.50 -51.41
N TRP B 48 -7.64 60.10 -50.19
CA TRP B 48 -9.04 60.38 -49.80
C TRP B 48 -9.22 61.83 -49.42
N LEU B 111 -2.14 68.18 -46.04
CA LEU B 111 -3.32 68.97 -46.39
C LEU B 111 -4.05 69.65 -45.20
N GLY B 112 -3.27 69.97 -44.22
CA GLY B 112 -3.80 70.54 -42.91
C GLY B 112 -4.16 69.45 -41.91
N ALA B 113 -3.50 68.30 -42.10
CA ALA B 113 -3.65 67.15 -41.22
C ALA B 113 -2.57 67.09 -40.16
N THR B 114 -2.80 66.23 -39.16
CA THR B 114 -1.78 65.85 -38.19
C THR B 114 -1.48 64.37 -38.36
N SER B 115 -0.40 63.91 -37.76
CA SER B 115 0.08 62.54 -37.95
C SER B 115 -1.00 61.50 -37.66
N CYS B 116 -1.80 61.74 -36.62
CA CYS B 116 -2.89 60.83 -36.27
C CYS B 116 -3.96 60.65 -37.36
N TYR B 117 -4.05 61.58 -38.31
CA TYR B 117 -4.95 61.38 -39.45
C TYR B 117 -4.69 60.07 -40.14
N VAL B 118 -3.42 59.78 -40.42
CA VAL B 118 -3.05 58.46 -40.97
C VAL B 118 -2.79 57.40 -39.89
N GLY B 119 -2.16 57.80 -38.79
CA GLY B 119 -1.80 56.84 -37.72
C GLY B 119 -3.00 56.18 -37.10
N ASP B 120 -3.91 56.99 -36.54
CA ASP B 120 -5.08 56.49 -35.83
C ASP B 120 -6.14 55.89 -36.73
N ASN B 121 -6.46 56.56 -37.83
CA ASN B 121 -7.49 56.05 -38.74
C ASN B 121 -7.06 54.72 -39.35
N THR B 122 -5.78 54.58 -39.66
CA THR B 122 -5.27 53.28 -40.12
C THR B 122 -5.45 52.23 -39.04
N ASP B 123 -5.10 52.57 -37.79
CA ASP B 123 -5.26 51.64 -36.68
C ASP B 123 -6.72 51.24 -36.51
N LEU B 124 -7.65 52.19 -36.67
CA LEU B 124 -9.09 51.85 -36.59
C LEU B 124 -9.55 50.97 -37.76
N ILE B 125 -9.03 51.21 -38.96
CA ILE B 125 -9.32 50.35 -40.11
C ILE B 125 -8.76 48.95 -39.86
N ILE B 126 -7.54 48.87 -39.37
CA ILE B 126 -6.91 47.59 -39.01
C ILE B 126 -7.73 46.84 -37.95
N LEU B 127 -8.12 47.52 -36.89
CA LEU B 127 -8.88 46.87 -35.82
C LEU B 127 -10.16 46.27 -36.37
N ARG B 128 -10.87 47.05 -37.18
CA ARG B 128 -12.14 46.57 -37.71
C ARG B 128 -11.96 45.39 -38.66
N ASN B 129 -10.96 45.45 -39.54
CA ASN B 129 -10.64 44.29 -40.40
C ASN B 129 -10.29 43.07 -39.59
N ALA B 130 -9.54 43.27 -38.51
CA ALA B 130 -9.08 42.17 -37.66
C ALA B 130 -10.26 41.51 -36.96
N LEU B 131 -11.20 42.32 -36.46
CA LEU B 131 -12.44 41.80 -35.90
C LEU B 131 -13.23 41.00 -36.93
N ASP B 132 -13.27 41.50 -38.16
CA ASP B 132 -13.97 40.80 -39.25
C ASP B 132 -13.34 39.47 -39.63
N LEU B 133 -12.05 39.31 -39.37
CA LEU B 133 -11.40 38.01 -39.56
C LEU B 133 -11.68 37.06 -38.42
N LEU B 134 -11.76 37.58 -37.20
CA LEU B 134 -12.03 36.72 -36.02
C LEU B 134 -13.46 36.18 -36.00
N LEU B 135 -14.43 37.04 -36.35
CA LEU B 135 -15.85 36.70 -36.21
C LEU B 135 -16.24 35.36 -36.88
N PRO B 136 -15.90 35.17 -38.16
CA PRO B 136 -16.24 33.88 -38.80
C PRO B 136 -15.59 32.67 -38.17
N LYS B 137 -14.36 32.83 -37.70
CA LYS B 137 -13.62 31.71 -37.09
C LYS B 137 -14.29 31.31 -35.80
N LEU B 138 -14.67 32.30 -35.01
CA LEU B 138 -15.43 32.05 -33.78
C LEU B 138 -16.77 31.40 -34.09
N ALA B 139 -17.48 31.92 -35.08
CA ALA B 139 -18.74 31.32 -35.53
C ALA B 139 -18.57 29.85 -35.94
N ARG B 140 -17.53 29.55 -36.71
CA ARG B 140 -17.24 28.16 -37.07
C ARG B 140 -16.97 27.29 -35.85
N VAL B 141 -16.24 27.81 -34.86
CA VAL B 141 -15.99 27.03 -33.65
C VAL B 141 -17.32 26.69 -32.98
N ILE B 142 -18.16 27.70 -32.85
CA ILE B 142 -19.47 27.54 -32.23
C ILE B 142 -20.31 26.54 -32.99
N SER B 143 -20.27 26.63 -34.32
CA SER B 143 -21.04 25.72 -35.18
C SER B 143 -20.58 24.27 -35.05
N ARG B 144 -19.27 24.04 -35.07
CA ARG B 144 -18.76 22.69 -34.93
C ARG B 144 -19.14 22.09 -33.58
N LEU B 145 -19.02 22.88 -32.53
CA LEU B 145 -19.44 22.45 -31.20
C LEU B 145 -20.95 22.24 -31.12
N ALA B 146 -21.72 23.06 -31.81
CA ALA B 146 -23.18 22.87 -31.89
C ALA B 146 -23.57 21.54 -32.54
N ASP B 147 -22.91 21.19 -33.66
CA ASP B 147 -23.09 19.86 -34.28
C ASP B 147 -22.80 18.75 -33.26
N PHE B 148 -21.65 18.85 -32.61
CA PHE B 148 -21.24 17.90 -31.58
C PHE B 148 -22.26 17.80 -30.44
N ALA B 149 -22.74 18.95 -29.99
CA ALA B 149 -23.69 19.00 -28.87
C ALA B 149 -25.02 18.32 -29.18
N LYS B 150 -25.53 18.55 -30.39
CA LYS B 150 -26.76 17.92 -30.88
C LYS B 150 -26.58 16.41 -30.97
N GLU B 151 -25.50 16.01 -31.64
CA GLU B 151 -25.16 14.60 -31.83
C GLU B 151 -25.05 13.85 -30.48
N ARG B 152 -24.59 14.52 -29.42
CA ARG B 152 -24.37 13.86 -28.13
C ARG B 152 -25.30 14.38 -27.05
N ALA B 153 -26.42 14.97 -27.45
CA ALA B 153 -27.36 15.59 -26.50
C ALA B 153 -27.87 14.61 -25.44
N SER B 154 -28.02 13.34 -25.80
CA SER B 154 -28.60 12.32 -24.92
C SER B 154 -27.59 11.35 -24.30
N LEU B 155 -26.32 11.49 -24.64
CA LEU B 155 -25.27 10.58 -24.14
C LEU B 155 -24.94 10.88 -22.68
N PRO B 156 -25.43 10.05 -21.72
CA PRO B 156 -25.17 10.40 -20.31
C PRO B 156 -23.67 10.33 -19.99
N THR B 157 -23.23 11.20 -19.09
CA THR B 157 -21.85 11.25 -18.64
C THR B 157 -21.84 11.75 -17.19
N LEU B 158 -20.82 11.32 -16.44
CA LEU B 158 -20.70 11.69 -15.04
C LEU B 158 -20.54 13.19 -14.92
N GLY B 159 -21.35 13.80 -14.07
CA GLY B 159 -21.20 15.22 -13.76
C GLY B 159 -20.08 15.44 -12.79
N PHE B 160 -19.51 16.64 -12.79
CA PHE B 160 -18.39 16.96 -11.90
C PHE B 160 -18.57 18.33 -11.29
N THR B 161 -18.68 18.35 -9.96
CA THR B 161 -18.54 19.59 -9.18
C THR B 161 -17.42 19.38 -8.16
N HIS B 162 -16.57 20.39 -7.96
CA HIS B 162 -15.30 20.24 -7.21
C HIS B 162 -14.39 19.17 -7.83
N PHE B 163 -14.64 18.84 -9.11
CA PHE B 163 -14.09 17.66 -9.77
C PHE B 163 -14.33 16.34 -9.01
N GLN B 164 -15.44 16.27 -8.28
CA GLN B 164 -15.91 15.05 -7.66
C GLN B 164 -17.16 14.58 -8.38
N PRO B 165 -17.39 13.25 -8.42
CA PRO B 165 -18.59 12.71 -9.07
C PRO B 165 -19.87 13.35 -8.56
N ALA B 166 -20.72 13.76 -9.50
CA ALA B 166 -21.94 14.52 -9.18
C ALA B 166 -23.05 14.13 -10.17
N GLN B 167 -24.30 14.58 -9.91
CA GLN B 167 -25.42 14.18 -10.73
C GLN B 167 -25.12 14.21 -12.22
N LEU B 168 -25.62 13.20 -12.92
CA LEU B 168 -25.28 13.01 -14.33
C LEU B 168 -25.73 14.19 -15.18
N THR B 169 -24.93 14.50 -16.18
CA THR B 169 -25.28 15.45 -17.25
C THR B 169 -25.18 14.63 -18.55
N THR B 170 -25.15 15.29 -19.70
CA THR B 170 -24.84 14.60 -20.95
C THR B 170 -23.68 15.31 -21.62
N VAL B 171 -23.04 14.61 -22.55
CA VAL B 171 -21.86 15.13 -23.23
C VAL B 171 -22.23 16.40 -23.98
N GLY B 172 -23.40 16.39 -24.62
CA GLY B 172 -23.88 17.54 -25.37
C GLY B 172 -24.28 18.70 -24.50
N LYS B 173 -24.87 18.42 -23.34
CA LYS B 173 -25.22 19.49 -22.40
C LYS B 173 -23.96 20.19 -21.89
N ARG B 174 -22.95 19.42 -21.52
CA ARG B 174 -21.67 19.99 -21.10
C ARG B 174 -21.07 20.84 -22.22
N CYS B 175 -21.14 20.34 -23.45
CA CYS B 175 -20.68 21.09 -24.59
C CYS B 175 -21.38 22.46 -24.68
N CYS B 176 -22.66 22.51 -24.29
CA CYS B 176 -23.40 23.78 -24.27
C CYS B 176 -22.86 24.83 -23.29
N LEU B 177 -22.29 24.39 -22.16
CA LEU B 177 -21.56 25.31 -21.27
C LEU B 177 -20.48 26.07 -22.04
N TRP B 178 -19.71 25.32 -22.84
CA TRP B 178 -18.67 25.89 -23.67
C TRP B 178 -19.24 26.78 -24.76
N ILE B 179 -20.27 26.30 -25.44
CA ILE B 179 -20.90 27.05 -26.53
C ILE B 179 -21.46 28.37 -26.03
N GLN B 180 -22.11 28.35 -24.86
CA GLN B 180 -22.67 29.58 -24.29
C GLN B 180 -21.63 30.68 -24.10
N ASP B 181 -20.51 30.35 -23.46
CA ASP B 181 -19.44 31.31 -23.25
C ASP B 181 -18.94 31.88 -24.58
N LEU B 182 -18.73 31.00 -25.56
CA LEU B 182 -18.27 31.44 -26.87
C LEU B 182 -19.32 32.30 -27.60
N CYS B 183 -20.60 32.02 -27.39
CA CYS B 183 -21.67 32.87 -27.98
C CYS B 183 -21.66 34.27 -27.36
N MET B 184 -21.40 34.35 -26.06
CA MET B 184 -21.26 35.65 -25.41
C MET B 184 -20.10 36.42 -26.02
N ASP B 185 -19.02 35.74 -26.37
CA ASP B 185 -17.90 36.37 -27.06
C ASP B 185 -18.28 36.86 -28.46
N LEU B 186 -19.01 36.05 -29.20
CA LEU B 186 -19.48 36.45 -30.52
C LEU B 186 -20.36 37.70 -30.43
N GLN B 187 -21.25 37.74 -29.46
CA GLN B 187 -22.08 38.94 -29.22
C GLN B 187 -21.21 40.15 -28.93
N ASN B 188 -20.18 39.98 -28.11
CA ASN B 188 -19.28 41.08 -27.74
C ASN B 188 -18.43 41.56 -28.91
N LEU B 189 -17.85 40.65 -29.66
CA LEU B 189 -17.05 41.03 -30.83
C LEU B 189 -17.90 41.75 -31.89
N LYS B 190 -19.11 41.27 -32.14
CA LYS B 190 -20.05 41.92 -33.07
C LYS B 190 -20.34 43.35 -32.60
N ARG B 191 -20.68 43.50 -31.33
CA ARG B 191 -21.01 44.82 -30.75
C ARG B 191 -19.87 45.83 -30.92
N VAL B 192 -18.66 45.42 -30.53
CA VAL B 192 -17.49 46.28 -30.63
C VAL B 192 -17.18 46.64 -32.08
N ARG B 193 -17.28 45.67 -32.97
CA ARG B 193 -17.08 45.89 -34.39
C ARG B 193 -18.06 46.93 -34.95
N ASP B 194 -19.34 46.79 -34.60
CA ASP B 194 -20.40 47.67 -35.12
C ASP B 194 -20.36 49.09 -34.51
N ASP B 195 -20.00 49.19 -33.22
CA ASP B 195 -19.97 50.49 -32.52
C ASP B 195 -18.64 51.25 -32.67
N LEU B 196 -17.67 50.65 -33.34
CA LEU B 196 -16.37 51.28 -33.54
C LEU B 196 -16.52 52.52 -34.45
N ARG B 197 -16.09 53.68 -33.93
CA ARG B 197 -16.16 54.93 -34.64
C ARG B 197 -14.83 55.34 -35.23
N PHE B 198 -14.91 56.14 -36.28
CA PHE B 198 -13.74 56.64 -37.02
C PHE B 198 -13.24 57.94 -36.36
N ARG B 199 -11.93 58.16 -36.37
CA ARG B 199 -11.38 59.42 -35.88
C ARG B 199 -11.75 60.51 -36.85
N GLY B 200 -11.54 60.23 -38.12
CA GLY B 200 -11.86 61.18 -39.15
C GLY B 200 -10.83 62.27 -39.22
N VAL B 201 -11.30 63.48 -39.53
CA VAL B 201 -10.45 64.64 -39.79
C VAL B 201 -10.68 65.59 -38.63
N LYS B 202 -9.65 65.77 -37.80
CA LYS B 202 -9.81 66.47 -36.52
C LYS B 202 -8.72 67.50 -36.18
N GLY B 203 -7.59 67.50 -36.88
CA GLY B 203 -6.51 68.47 -36.59
C GLY B 203 -5.66 68.14 -35.39
N THR B 204 -4.62 68.93 -35.17
CA THR B 204 -3.55 68.62 -34.20
C THR B 204 -4.06 68.39 -32.77
N THR B 205 -5.05 69.17 -32.33
CA THR B 205 -5.60 69.04 -30.99
C THR B 205 -7.11 68.73 -30.98
N GLY B 206 -7.63 68.29 -32.13
CA GLY B 206 -9.04 67.94 -32.25
C GLY B 206 -10.02 69.08 -32.51
N THR B 207 -9.49 70.28 -32.78
CA THR B 207 -10.32 71.49 -33.00
C THR B 207 -10.62 71.74 -34.46
N GLN B 208 -9.94 71.02 -35.35
CA GLN B 208 -10.08 71.20 -36.78
C GLN B 208 -9.69 72.61 -37.22
N ALA B 209 -8.84 73.28 -36.45
CA ALA B 209 -8.52 74.69 -36.70
C ALA B 209 -7.86 74.87 -38.06
N SER B 210 -6.99 73.91 -38.42
CA SER B 210 -6.30 73.93 -39.70
C SER B 210 -7.28 73.88 -40.89
N PHE B 211 -8.24 72.97 -40.79
CA PHE B 211 -9.24 72.77 -41.83
C PHE B 211 -10.21 73.92 -41.91
N LEU B 212 -10.55 74.51 -40.77
CA LEU B 212 -11.37 75.71 -40.74
C LEU B 212 -10.70 76.85 -41.50
N GLN B 213 -9.40 77.04 -41.28
CA GLN B 213 -8.64 78.07 -42.00
C GLN B 213 -8.53 77.77 -43.50
N LEU B 214 -8.33 76.51 -43.86
CA LEU B 214 -8.27 76.11 -45.27
C LEU B 214 -9.56 76.41 -46.03
N PHE B 215 -10.70 76.25 -45.36
CA PHE B 215 -12.01 76.60 -45.94
C PHE B 215 -12.48 78.00 -45.53
N GLU B 216 -11.51 78.89 -45.24
CA GLU B 216 -11.77 80.30 -44.94
C GLU B 216 -12.98 80.52 -44.03
N GLY B 217 -13.00 79.80 -42.92
CA GLY B 217 -14.03 79.98 -41.88
C GLY B 217 -15.35 79.24 -42.08
N ASP B 218 -15.44 78.39 -43.10
CA ASP B 218 -16.70 77.70 -43.40
C ASP B 218 -16.82 76.40 -42.56
N ASP B 219 -17.50 76.51 -41.42
CA ASP B 219 -17.73 75.36 -40.52
C ASP B 219 -18.34 74.15 -41.25
N HIS B 220 -19.33 74.43 -42.09
CA HIS B 220 -20.06 73.37 -42.80
C HIS B 220 -19.14 72.53 -43.69
N LYS B 221 -18.22 73.19 -44.37
CA LYS B 221 -17.26 72.47 -45.22
C LYS B 221 -16.36 71.53 -44.41
N VAL B 222 -16.00 71.96 -43.19
CA VAL B 222 -15.18 71.13 -42.31
C VAL B 222 -15.96 69.88 -41.91
N GLU B 223 -17.22 70.04 -41.49
CA GLU B 223 -18.06 68.88 -41.10
C GLU B 223 -18.26 67.92 -42.28
N GLN B 224 -18.41 68.48 -43.48
CA GLN B 224 -18.55 67.69 -44.69
C GLN B 224 -17.30 66.86 -44.96
N LEU B 225 -16.14 67.49 -44.86
CA LEU B 225 -14.85 66.81 -45.07
C LEU B 225 -14.73 65.59 -44.17
N ASP B 226 -15.07 65.79 -42.90
CA ASP B 226 -15.02 64.74 -41.88
C ASP B 226 -15.95 63.62 -42.27
N LYS B 227 -17.19 63.95 -42.56
CA LYS B 227 -18.19 62.96 -42.95
C LYS B 227 -17.80 62.24 -44.26
N MET B 228 -17.22 62.97 -45.20
CA MET B 228 -16.86 62.39 -46.49
C MET B 228 -15.75 61.33 -46.40
N VAL B 229 -14.64 61.63 -45.71
CA VAL B 229 -13.56 60.65 -45.60
C VAL B 229 -14.00 59.48 -44.72
N THR B 230 -14.83 59.76 -43.72
CA THR B 230 -15.41 58.70 -42.88
C THR B 230 -16.14 57.67 -43.76
N GLU B 231 -16.98 58.14 -44.70
CA GLU B 231 -17.70 57.24 -45.61
C GLU B 231 -16.78 56.53 -46.60
N LYS B 232 -15.81 57.23 -47.14
CA LYS B 232 -14.83 56.60 -48.04
C LYS B 232 -14.08 55.44 -47.36
N ALA B 233 -13.86 55.57 -46.06
CA ALA B 233 -13.19 54.51 -45.26
C ALA B 233 -14.16 53.41 -44.82
N GLY B 234 -15.44 53.64 -45.00
CA GLY B 234 -16.46 52.62 -44.80
C GLY B 234 -16.97 52.55 -43.39
N PHE B 235 -16.97 53.67 -42.68
CA PHE B 235 -17.49 53.72 -41.31
C PHE B 235 -18.81 54.45 -41.31
N LYS B 236 -19.77 53.95 -40.53
CA LYS B 236 -21.07 54.59 -40.40
C LYS B 236 -20.98 55.89 -39.63
N ARG B 237 -20.03 55.97 -38.70
CA ARG B 237 -20.03 57.03 -37.71
C ARG B 237 -18.62 57.48 -37.33
N ALA B 238 -18.48 58.77 -37.06
CA ALA B 238 -17.21 59.33 -36.58
C ALA B 238 -17.42 60.03 -35.26
N PHE B 239 -16.35 60.16 -34.48
CA PHE B 239 -16.40 60.94 -33.25
C PHE B 239 -16.73 62.41 -33.56
N ILE B 240 -17.47 63.06 -32.67
CA ILE B 240 -17.51 64.50 -32.65
C ILE B 240 -16.34 64.98 -31.83
N ILE B 241 -16.17 64.39 -30.64
CA ILE B 241 -15.13 64.78 -29.72
C ILE B 241 -13.89 63.90 -29.82
N THR B 242 -12.76 64.54 -30.09
CA THR B 242 -11.44 63.93 -29.93
C THR B 242 -10.46 64.97 -29.41
N GLY B 243 -9.36 64.49 -28.86
CA GLY B 243 -8.14 65.29 -28.79
C GLY B 243 -7.41 65.09 -30.09
N GLN B 244 -6.10 64.95 -30.04
CA GLN B 244 -5.32 64.55 -31.20
C GLN B 244 -5.70 63.15 -31.66
N THR B 245 -6.02 62.27 -30.71
CA THR B 245 -6.27 60.85 -30.97
C THR B 245 -7.73 60.53 -30.76
N TYR B 246 -8.16 59.38 -31.26
CA TYR B 246 -9.34 58.74 -30.69
C TYR B 246 -9.04 58.31 -29.26
N THR B 247 -10.05 58.36 -28.41
CA THR B 247 -9.87 58.03 -27.00
C THR B 247 -9.36 56.60 -26.85
N ARG B 248 -8.31 56.44 -26.05
CA ARG B 248 -7.67 55.12 -25.89
C ARG B 248 -8.51 54.16 -25.08
N LYS B 249 -9.59 54.67 -24.51
CA LYS B 249 -10.64 53.82 -24.00
C LYS B 249 -11.16 52.80 -25.04
N VAL B 250 -11.15 53.18 -26.32
CA VAL B 250 -11.54 52.25 -27.38
C VAL B 250 -10.66 50.99 -27.33
N ASP B 251 -9.36 51.17 -27.15
CA ASP B 251 -8.43 50.05 -27.06
C ASP B 251 -8.74 49.14 -25.85
N ILE B 252 -9.22 49.71 -24.74
CA ILE B 252 -9.67 48.90 -23.60
C ILE B 252 -10.86 48.02 -23.97
N GLU B 253 -11.82 48.61 -24.65
CA GLU B 253 -13.05 47.90 -25.03
C GLU B 253 -12.70 46.71 -25.93
N VAL B 254 -11.81 46.91 -26.88
CA VAL B 254 -11.45 45.85 -27.82
C VAL B 254 -10.66 44.73 -27.13
N LEU B 255 -9.64 45.08 -26.37
CA LEU B 255 -8.82 44.05 -25.72
C LEU B 255 -9.51 43.39 -24.52
N SER B 256 -10.50 44.06 -23.91
CA SER B 256 -11.28 43.44 -22.84
C SER B 256 -12.10 42.29 -23.37
N VAL B 257 -12.73 42.49 -24.52
CA VAL B 257 -13.52 41.43 -25.13
C VAL B 257 -12.64 40.26 -25.55
N LEU B 258 -11.46 40.53 -26.08
CA LEU B 258 -10.53 39.46 -26.43
C LEU B 258 -10.02 38.75 -25.18
N ALA B 259 -9.78 39.50 -24.11
CA ALA B 259 -9.37 38.90 -22.82
C ALA B 259 -10.45 37.96 -22.30
N SER B 260 -11.71 38.36 -22.39
CA SER B 260 -12.83 37.51 -21.96
C SER B 260 -12.92 36.25 -22.80
N LEU B 261 -12.72 36.39 -24.12
CA LEU B 261 -12.63 35.24 -25.02
C LEU B 261 -11.53 34.29 -24.57
N GLY B 262 -10.36 34.85 -24.22
CA GLY B 262 -9.28 34.06 -23.69
C GLY B 262 -9.70 33.20 -22.51
N ALA B 263 -10.43 33.79 -21.58
CA ALA B 263 -10.90 33.06 -20.40
C ALA B 263 -11.82 31.92 -20.80
N SER B 264 -12.71 32.18 -21.74
CA SER B 264 -13.64 31.15 -22.22
C SER B 264 -12.88 29.98 -22.83
N VAL B 265 -11.92 30.28 -23.70
CA VAL B 265 -11.17 29.23 -24.38
C VAL B 265 -10.31 28.44 -23.39
N HIS B 266 -9.74 29.13 -22.41
CA HIS B 266 -8.91 28.48 -21.41
C HIS B 266 -9.73 27.48 -20.59
N LYS B 267 -10.93 27.88 -20.17
CA LYS B 267 -11.82 26.98 -19.44
C LYS B 267 -12.20 25.75 -20.27
N ILE B 268 -12.55 25.98 -21.53
CA ILE B 268 -12.96 24.90 -22.42
C ILE B 268 -11.84 23.93 -22.66
N CYS B 269 -10.68 24.44 -23.01
CA CYS B 269 -9.53 23.59 -23.27
C CYS B 269 -9.01 22.91 -22.03
N THR B 270 -9.16 23.54 -20.87
CA THR B 270 -8.88 22.87 -19.59
C THR B 270 -9.83 21.66 -19.38
N ASP B 271 -11.13 21.85 -19.63
CA ASP B 271 -12.10 20.73 -19.57
C ASP B 271 -11.68 19.60 -20.50
N ILE B 272 -11.28 19.93 -21.72
CA ILE B 272 -10.89 18.91 -22.70
C ILE B 272 -9.66 18.13 -22.21
N ARG B 273 -8.71 18.83 -21.63
CA ARG B 273 -7.50 18.19 -21.10
C ARG B 273 -7.83 17.23 -19.95
N LEU B 274 -8.78 17.62 -19.10
CA LEU B 274 -9.26 16.75 -18.04
C LEU B 274 -10.01 15.54 -18.59
N LEU B 275 -10.82 15.76 -19.63
CA LEU B 275 -11.54 14.65 -20.25
C LEU B 275 -10.57 13.66 -20.89
N ALA B 276 -9.41 14.14 -21.35
CA ALA B 276 -8.38 13.25 -21.89
C ALA B 276 -7.78 12.38 -20.79
N ASN B 277 -7.55 12.94 -19.61
CA ASN B 277 -7.07 12.14 -18.48
C ASN B 277 -8.07 11.06 -18.12
N LEU B 278 -9.35 11.42 -18.13
CA LEU B 278 -10.43 10.48 -17.83
C LEU B 278 -10.65 9.44 -18.94
N LYS B 279 -10.04 9.65 -20.09
CA LYS B 279 -10.18 8.78 -21.27
C LYS B 279 -11.60 8.76 -21.85
N GLU B 280 -12.38 9.81 -21.57
CA GLU B 280 -13.75 9.94 -22.09
C GLU B 280 -13.78 10.62 -23.45
N MET B 281 -12.75 11.42 -23.75
CA MET B 281 -12.70 12.20 -24.98
C MET B 281 -11.25 12.62 -25.30
N GLU B 282 -10.91 12.67 -26.58
CA GLU B 282 -9.59 13.11 -27.02
C GLU B 282 -9.67 14.01 -28.22
N GLU B 283 -8.78 14.98 -28.25
CA GLU B 283 -8.58 15.81 -29.42
C GLU B 283 -7.98 15.01 -30.59
N PRO B 284 -8.08 15.53 -31.84
CA PRO B 284 -7.51 14.80 -32.97
C PRO B 284 -5.99 14.62 -32.92
N PHE B 285 -5.52 13.53 -33.52
CA PHE B 285 -4.12 13.06 -33.40
C PHE B 285 -3.77 12.49 -34.78
N GLU B 286 -2.80 13.04 -35.46
CA GLU B 286 -2.44 12.57 -36.80
C GLU B 286 -1.83 11.18 -36.87
N LYS B 287 -1.97 10.55 -38.01
CA LYS B 287 -1.40 9.19 -38.17
C LYS B 287 0.06 9.11 -37.67
N GLN B 288 0.88 10.07 -38.10
CA GLN B 288 2.32 10.10 -37.82
C GLN B 288 2.71 10.91 -36.57
N GLN B 289 1.74 11.45 -35.82
CA GLN B 289 2.04 12.29 -34.68
C GLN B 289 2.74 11.56 -33.50
N ILE B 290 3.72 12.25 -32.94
CA ILE B 290 4.46 11.76 -31.80
C ILE B 290 4.09 12.62 -30.61
N GLY B 291 3.64 11.97 -29.53
CA GLY B 291 3.22 12.68 -28.32
C GLY B 291 4.40 13.11 -27.47
N SER B 292 5.44 12.28 -27.45
CA SER B 292 6.54 12.42 -26.51
C SER B 292 7.84 11.88 -27.14
N SER B 293 8.95 12.59 -26.92
CA SER B 293 10.27 12.12 -27.35
C SER B 293 10.76 10.89 -26.59
N ALA B 294 10.32 10.75 -25.34
CA ALA B 294 10.80 9.67 -24.44
C ALA B 294 9.80 8.56 -24.15
N MET B 295 8.50 8.88 -24.17
CA MET B 295 7.42 7.92 -23.88
C MET B 295 6.56 7.65 -25.13
N PRO B 296 6.98 6.71 -25.99
CA PRO B 296 6.26 6.46 -27.26
C PRO B 296 4.74 6.11 -27.15
N TYR B 297 4.29 5.70 -25.98
CA TYR B 297 2.91 5.34 -25.80
C TYR B 297 1.98 6.48 -25.55
N LYS B 298 2.50 7.67 -25.54
CA LYS B 298 1.73 8.80 -25.12
C LYS B 298 0.88 9.58 -26.07
N ARG B 299 -0.34 9.84 -25.65
CA ARG B 299 -1.19 10.74 -26.41
C ARG B 299 -1.63 11.91 -25.53
N ASN B 300 -1.13 13.09 -25.88
CA ASN B 300 -1.31 14.30 -25.13
C ASN B 300 -2.29 15.23 -25.81
N PRO B 301 -3.04 16.01 -25.01
CA PRO B 301 -3.88 17.06 -25.55
C PRO B 301 -3.11 18.35 -25.84
N MET B 302 -2.13 18.28 -26.73
CA MET B 302 -1.18 19.39 -26.97
C MET B 302 -1.80 20.59 -27.67
N ARG B 303 -2.81 20.37 -28.51
CA ARG B 303 -3.52 21.46 -29.15
C ARG B 303 -4.32 22.27 -28.13
N SER B 304 -5.03 21.58 -27.25
CA SER B 304 -5.77 22.23 -26.18
C SER B 304 -4.85 22.94 -25.20
N GLU B 305 -3.70 22.33 -24.93
CA GLU B 305 -2.71 22.95 -24.05
C GLU B 305 -2.14 24.22 -24.67
N ARG B 306 -1.87 24.21 -25.95
CA ARG B 306 -1.43 25.43 -26.65
C ARG B 306 -2.51 26.51 -26.62
N CYS B 307 -3.77 26.13 -26.77
CA CYS B 307 -4.89 27.08 -26.68
C CYS B 307 -4.90 27.77 -25.33
N CYS B 308 -4.79 26.98 -24.27
CA CYS B 308 -4.72 27.51 -22.92
C CYS B 308 -3.57 28.48 -22.78
N SER B 309 -2.40 28.04 -23.23
CA SER B 309 -1.17 28.83 -23.15
C SER B 309 -1.33 30.19 -23.79
N LEU B 310 -1.88 30.21 -25.00
CA LEU B 310 -2.03 31.47 -25.73
C LEU B 310 -3.18 32.29 -25.17
N ALA B 311 -4.27 31.64 -24.82
CA ALA B 311 -5.41 32.32 -24.20
C ALA B 311 -5.00 33.11 -22.96
N ARG B 312 -4.06 32.57 -22.20
CA ARG B 312 -3.53 33.22 -21.01
C ARG B 312 -2.87 34.54 -21.34
N HIS B 313 -2.09 34.56 -22.41
CA HIS B 313 -1.43 35.79 -22.88
C HIS B 313 -2.46 36.85 -23.25
N LEU B 314 -3.55 36.39 -23.84
CA LEU B 314 -4.65 37.26 -24.23
C LEU B 314 -5.29 37.94 -23.03
N MET B 315 -5.40 37.21 -21.92
CA MET B 315 -5.93 37.77 -20.68
C MET B 315 -4.95 38.74 -20.08
N THR B 316 -3.69 38.35 -20.02
CA THR B 316 -2.62 39.22 -19.53
C THR B 316 -2.62 40.58 -20.24
N LEU B 317 -2.78 40.57 -21.55
CA LEU B 317 -2.65 41.80 -22.33
C LEU B 317 -3.63 42.92 -22.00
N VAL B 318 -4.74 42.61 -21.34
CA VAL B 318 -5.74 43.63 -21.04
C VAL B 318 -5.21 44.76 -20.17
N MET B 319 -4.20 44.48 -19.36
CA MET B 319 -3.62 45.51 -18.48
C MET B 319 -2.82 46.57 -19.25
N ASP B 320 -2.37 46.27 -20.48
CA ASP B 320 -1.69 47.29 -21.30
C ASP B 320 -2.60 48.50 -21.59
N PRO B 321 -3.72 48.30 -22.30
CA PRO B 321 -4.57 49.45 -22.60
C PRO B 321 -5.24 50.10 -21.38
N LEU B 322 -5.52 49.32 -20.34
CA LEU B 322 -6.06 49.90 -19.11
C LEU B 322 -5.07 50.91 -18.55
N GLN B 323 -3.82 50.51 -18.44
CA GLN B 323 -2.78 51.41 -17.95
C GLN B 323 -2.57 52.60 -18.91
N THR B 324 -2.45 52.31 -20.21
CA THR B 324 -2.21 53.34 -21.21
C THR B 324 -3.24 54.48 -21.12
N ALA B 325 -4.52 54.13 -21.09
CA ALA B 325 -5.58 55.11 -21.12
C ALA B 325 -5.61 55.95 -19.88
N SER B 326 -5.30 55.33 -18.77
CA SER B 326 -5.36 55.98 -17.47
C SER B 326 -4.34 57.12 -17.29
N VAL B 327 -3.27 57.13 -18.07
CA VAL B 327 -2.20 58.15 -17.94
C VAL B 327 -1.95 58.98 -19.22
N GLN B 328 -2.93 58.98 -20.12
CA GLN B 328 -2.93 59.89 -21.25
C GLN B 328 -3.25 61.31 -20.78
N TRP B 329 -2.27 62.21 -20.90
CA TRP B 329 -2.45 63.57 -20.45
C TRP B 329 -3.06 64.45 -21.53
N PHE B 330 -4.14 65.13 -21.17
CA PHE B 330 -4.76 66.17 -21.96
C PHE B 330 -5.12 65.65 -23.35
N GLU B 331 -4.66 66.30 -24.41
CA GLU B 331 -5.16 66.01 -25.74
C GLU B 331 -4.36 64.89 -26.37
N ARG B 332 -3.30 64.41 -25.67
CA ARG B 332 -2.53 63.22 -26.06
C ARG B 332 -1.13 63.23 -25.47
N THR B 333 -0.63 62.08 -25.02
CA THR B 333 0.80 61.87 -24.82
C THR B 333 1.23 60.65 -25.61
N LEU B 334 2.46 60.66 -26.09
CA LEU B 334 2.99 59.61 -26.94
C LEU B 334 3.39 58.32 -26.30
N ASP B 335 3.29 58.25 -24.99
CA ASP B 335 3.54 56.99 -24.27
C ASP B 335 2.53 55.88 -24.58
N ASP B 336 1.54 56.17 -25.42
CA ASP B 336 0.67 55.12 -25.94
C ASP B 336 1.28 54.35 -27.12
N SER B 337 2.17 55.00 -27.87
CA SER B 337 2.46 54.55 -29.23
C SER B 337 3.19 53.21 -29.31
N ALA B 338 4.32 53.08 -28.61
CA ALA B 338 5.11 51.83 -28.68
C ALA B 338 4.33 50.64 -28.11
N ASN B 339 3.65 50.88 -26.99
CA ASN B 339 2.84 49.87 -26.35
C ASN B 339 1.77 49.33 -27.31
N ARG B 340 1.11 50.23 -28.02
CA ARG B 340 0.05 49.84 -28.97
C ARG B 340 0.60 49.09 -30.19
N ARG B 341 1.82 49.40 -30.62
CA ARG B 341 2.44 48.62 -31.70
C ARG B 341 2.58 47.14 -31.33
N ILE B 342 2.79 46.88 -30.04
CA ILE B 342 2.94 45.51 -29.53
C ILE B 342 1.58 44.86 -29.21
N CYS B 343 0.81 45.45 -28.30
CA CYS B 343 -0.33 44.75 -27.71
C CYS B 343 -1.56 44.58 -28.64
N LEU B 344 -1.84 45.55 -29.51
CA LEU B 344 -3.02 45.42 -30.39
C LEU B 344 -2.83 44.26 -31.36
N ALA B 345 -1.75 44.30 -32.12
CA ALA B 345 -1.43 43.21 -33.06
C ALA B 345 -1.35 41.86 -32.37
N GLU B 346 -0.69 41.80 -31.23
CA GLU B 346 -0.47 40.51 -30.56
C GLU B 346 -1.74 39.94 -29.98
N ALA B 347 -2.64 40.79 -29.52
CA ALA B 347 -3.91 40.31 -29.03
C ALA B 347 -4.70 39.65 -30.17
N PHE B 348 -4.76 40.33 -31.31
CA PHE B 348 -5.49 39.80 -32.47
C PHE B 348 -4.83 38.55 -33.08
N LEU B 349 -3.50 38.55 -33.18
CA LEU B 349 -2.76 37.38 -33.67
C LEU B 349 -2.89 36.19 -32.74
N THR B 350 -2.91 36.45 -31.44
CA THR B 350 -3.12 35.41 -30.44
C THR B 350 -4.55 34.87 -30.53
N ALA B 351 -5.54 35.78 -30.59
CA ALA B 351 -6.94 35.36 -30.76
C ALA B 351 -7.15 34.55 -32.03
N ASP B 352 -6.55 35.01 -33.12
CA ASP B 352 -6.64 34.31 -34.41
C ASP B 352 -6.16 32.87 -34.31
N THR B 353 -5.00 32.67 -33.68
CA THR B 353 -4.42 31.33 -33.53
C THR B 353 -5.30 30.42 -32.68
N ILE B 354 -5.80 30.96 -31.56
CA ILE B 354 -6.62 30.14 -30.65
C ILE B 354 -7.94 29.71 -31.29
N LEU B 355 -8.56 30.58 -32.08
CA LEU B 355 -9.82 30.24 -32.73
C LEU B 355 -9.61 29.18 -33.80
N ASN B 356 -8.60 29.38 -34.64
CA ASN B 356 -8.27 28.38 -35.66
C ASN B 356 -7.93 27.04 -35.00
N THR B 357 -7.12 27.06 -33.97
CA THR B 357 -6.70 25.83 -33.30
C THR B 357 -7.91 25.15 -32.61
N LEU B 358 -8.77 25.93 -31.96
CA LEU B 358 -9.95 25.36 -31.30
C LEU B 358 -10.97 24.82 -32.32
N GLN B 359 -11.07 25.45 -33.49
CA GLN B 359 -11.90 24.91 -34.56
C GLN B 359 -11.40 23.53 -34.99
N ASN B 360 -10.09 23.43 -35.21
CA ASN B 360 -9.46 22.16 -35.58
C ASN B 360 -9.77 21.08 -34.54
N ILE B 361 -9.68 21.44 -33.26
CA ILE B 361 -9.96 20.52 -32.16
C ILE B 361 -11.41 20.05 -32.20
N SER B 362 -12.34 20.99 -32.31
CA SER B 362 -13.76 20.68 -32.30
C SER B 362 -14.22 19.83 -33.52
N GLU B 363 -13.57 20.00 -34.66
CA GLU B 363 -13.82 19.16 -35.84
C GLU B 363 -13.41 17.70 -35.69
N GLY B 364 -12.52 17.39 -34.76
CA GLY B 364 -11.90 16.07 -34.68
C GLY B 364 -12.06 15.38 -33.34
N LEU B 365 -12.99 15.86 -32.50
CA LEU B 365 -13.19 15.29 -31.18
C LEU B 365 -13.60 13.83 -31.32
N VAL B 366 -12.95 12.97 -30.54
CA VAL B 366 -13.25 11.55 -30.50
C VAL B 366 -13.78 11.24 -29.12
N VAL B 367 -14.93 10.56 -29.06
CA VAL B 367 -15.58 10.21 -27.78
C VAL B 367 -15.48 8.70 -27.53
N TYR B 368 -15.34 8.31 -26.27
CA TYR B 368 -15.19 6.88 -25.92
C TYR B 368 -16.30 6.47 -24.96
N PRO B 369 -17.46 6.10 -25.51
CA PRO B 369 -18.65 5.85 -24.68
C PRO B 369 -18.48 4.71 -23.67
N LYS B 370 -17.69 3.70 -24.01
CA LYS B 370 -17.51 2.54 -23.15
C LYS B 370 -16.81 2.94 -21.86
N VAL B 371 -15.88 3.90 -21.95
CA VAL B 371 -15.24 4.42 -20.78
C VAL B 371 -16.20 5.28 -20.00
N ILE B 372 -16.96 6.12 -20.71
CA ILE B 372 -17.96 6.95 -20.05
C ILE B 372 -18.94 6.08 -19.24
N GLU B 373 -19.43 5.00 -19.86
CA GLU B 373 -20.41 4.08 -19.21
C GLU B 373 -19.82 3.36 -18.00
N ARG B 374 -18.57 2.93 -18.13
CA ARG B 374 -17.89 2.27 -17.01
C ARG B 374 -17.77 3.17 -15.79
N ARG B 375 -17.38 4.43 -16.02
CA ARG B 375 -17.25 5.37 -14.92
C ARG B 375 -18.59 5.62 -14.24
N ILE B 376 -19.67 5.74 -15.02
CA ILE B 376 -21.01 5.89 -14.44
C ILE B 376 -21.35 4.69 -13.59
N ARG B 377 -21.13 3.48 -14.11
CA ARG B 377 -21.41 2.27 -13.33
C ARG B 377 -20.69 2.27 -11.97
N GLN B 378 -19.46 2.77 -11.94
CA GLN B 378 -18.67 2.83 -10.70
C GLN B 378 -19.22 3.79 -9.64
N GLU B 379 -19.84 4.89 -10.09
CA GLU B 379 -20.27 5.95 -9.18
C GLU B 379 -21.75 6.06 -8.95
N LEU B 380 -22.52 5.78 -9.98
CA LEU B 380 -24.01 5.86 -9.90
C LEU B 380 -24.64 5.18 -8.68
N PRO B 381 -24.16 3.97 -8.31
CA PRO B 381 -24.69 3.34 -7.10
C PRO B 381 -24.76 4.25 -5.89
N PHE B 382 -23.70 5.02 -5.64
CA PHE B 382 -23.69 5.97 -4.53
C PHE B 382 -24.68 7.09 -4.71
N MET B 383 -24.86 7.56 -5.94
CA MET B 383 -25.86 8.62 -6.23
C MET B 383 -27.32 8.15 -6.07
N ALA B 384 -27.52 6.87 -6.22
CA ALA B 384 -28.86 6.29 -6.42
C ALA B 384 -29.53 5.86 -5.10
N THR B 385 -28.88 6.04 -3.96
CA THR B 385 -29.35 5.51 -2.69
C THR B 385 -30.74 6.03 -2.28
N GLU B 386 -31.04 7.29 -2.63
CA GLU B 386 -32.31 7.89 -2.30
C GLU B 386 -33.45 7.24 -3.09
N ASN B 387 -33.22 6.95 -4.37
CA ASN B 387 -34.18 6.22 -5.21
C ASN B 387 -34.50 4.84 -4.59
N ILE B 388 -33.47 4.15 -4.10
CA ILE B 388 -33.61 2.80 -3.59
C ILE B 388 -34.41 2.79 -2.28
N ILE B 389 -34.19 3.78 -1.44
CA ILE B 389 -34.98 3.95 -0.21
C ILE B 389 -36.45 4.23 -0.52
N MET B 390 -36.71 5.19 -1.43
CA MET B 390 -38.09 5.55 -1.81
C MET B 390 -38.85 4.33 -2.34
N ALA B 391 -38.17 3.49 -3.14
CA ALA B 391 -38.74 2.23 -3.61
C ALA B 391 -39.04 1.26 -2.46
N MET B 392 -38.09 1.13 -1.55
CA MET B 392 -38.27 0.27 -0.37
C MET B 392 -39.45 0.71 0.50
N VAL B 393 -39.54 2.00 0.76
CA VAL B 393 -40.66 2.56 1.51
C VAL B 393 -41.99 2.33 0.80
N LYS B 394 -42.02 2.51 -0.52
CA LYS B 394 -43.22 2.25 -1.31
C LYS B 394 -43.64 0.77 -1.26
N ALA B 395 -42.65 -0.14 -1.16
CA ALA B 395 -42.94 -1.56 -0.96
C ALA B 395 -43.27 -1.91 0.50
N GLY B 396 -43.43 -0.90 1.37
CA GLY B 396 -43.84 -1.13 2.76
C GLY B 396 -42.73 -1.33 3.76
N GLY B 397 -41.48 -1.00 3.38
CA GLY B 397 -40.39 -0.90 4.33
C GLY B 397 -40.42 0.41 5.10
N SER B 398 -39.53 0.47 6.10
CA SER B 398 -39.40 1.60 7.01
C SER B 398 -38.26 2.55 6.65
N ARG B 399 -38.57 3.83 6.46
CA ARG B 399 -37.53 4.77 6.08
C ARG B 399 -36.29 4.72 6.96
N GLN B 400 -36.51 4.54 8.26
CA GLN B 400 -35.41 4.50 9.23
C GLN B 400 -34.53 3.27 8.96
N ASP B 401 -35.14 2.09 8.94
CA ASP B 401 -34.39 0.85 8.77
C ASP B 401 -33.65 0.84 7.44
N CYS B 402 -34.34 1.29 6.39
CA CYS B 402 -33.78 1.28 5.04
C CYS B 402 -32.54 2.16 4.93
N HIS B 403 -32.68 3.38 5.44
CA HIS B 403 -31.61 4.36 5.46
C HIS B 403 -30.38 3.80 6.18
N GLU B 404 -30.58 3.27 7.38
CA GLU B 404 -29.49 2.73 8.19
C GLU B 404 -28.78 1.53 7.54
N LYS B 405 -29.54 0.65 6.87
CA LYS B 405 -28.93 -0.53 6.22
C LYS B 405 -28.16 -0.14 4.96
N ILE B 406 -28.69 0.81 4.16
CA ILE B 406 -27.95 1.30 3.01
C ILE B 406 -26.67 2.01 3.44
N ARG B 407 -26.76 2.78 4.53
CA ARG B 407 -25.61 3.52 5.05
C ARG B 407 -24.42 2.59 5.31
N VAL B 408 -24.68 1.47 6.00
CA VAL B 408 -23.61 0.52 6.35
C VAL B 408 -23.04 -0.16 5.12
N LEU B 409 -23.92 -0.61 4.22
CA LEU B 409 -23.50 -1.23 2.94
C LEU B 409 -22.72 -0.27 2.05
N SER B 410 -23.07 1.02 2.09
CA SER B 410 -22.37 2.06 1.34
C SER B 410 -20.93 2.30 1.82
N GLN B 411 -20.75 2.33 3.16
CA GLN B 411 -19.40 2.48 3.73
C GLN B 411 -18.56 1.25 3.45
N GLN B 412 -19.17 0.08 3.45
CA GLN B 412 -18.48 -1.16 3.05
C GLN B 412 -18.02 -1.10 1.61
N ALA B 413 -18.89 -0.66 0.70
CA ALA B 413 -18.51 -0.51 -0.71
C ALA B 413 -17.43 0.57 -0.90
N ALA B 414 -17.57 1.68 -0.15
CA ALA B 414 -16.61 2.78 -0.20
C ALA B 414 -15.20 2.32 0.23
N SER B 415 -15.13 1.55 1.31
CA SER B 415 -13.86 1.01 1.78
C SER B 415 -13.26 0.04 0.78
N VAL B 416 -14.07 -0.75 0.08
CA VAL B 416 -13.52 -1.60 -0.99
C VAL B 416 -12.85 -0.74 -2.06
N VAL B 417 -13.49 0.37 -2.43
CA VAL B 417 -12.93 1.24 -3.48
C VAL B 417 -11.62 1.88 -3.03
N LYS B 418 -11.63 2.48 -1.84
CA LYS B 418 -10.50 3.29 -1.33
C LYS B 418 -9.41 2.48 -0.64
N GLN B 419 -9.81 1.51 0.18
CA GLN B 419 -8.85 0.76 1.02
C GLN B 419 -8.35 -0.51 0.36
N GLU B 420 -9.16 -1.12 -0.52
CA GLU B 420 -8.76 -2.33 -1.25
C GLU B 420 -8.46 -2.05 -2.73
N GLY B 421 -8.82 -0.84 -3.21
CA GLY B 421 -8.66 -0.50 -4.62
C GLY B 421 -9.57 -1.27 -5.57
N GLY B 422 -10.70 -1.75 -5.07
CA GLY B 422 -11.61 -2.61 -5.88
C GLY B 422 -12.69 -1.81 -6.59
N ASP B 423 -13.56 -2.52 -7.29
CA ASP B 423 -14.73 -1.92 -7.93
C ASP B 423 -15.80 -1.63 -6.88
N ASN B 424 -16.69 -0.69 -7.21
CA ASN B 424 -17.85 -0.41 -6.35
C ASN B 424 -18.79 -1.61 -6.44
N ASP B 425 -19.02 -2.28 -5.31
CA ASP B 425 -19.84 -3.48 -5.27
C ASP B 425 -21.14 -3.27 -4.47
N LEU B 426 -21.58 -2.03 -4.36
CA LEU B 426 -22.77 -1.73 -3.55
C LEU B 426 -24.02 -2.43 -4.04
N ILE B 427 -24.13 -2.58 -5.36
CA ILE B 427 -25.28 -3.22 -5.97
C ILE B 427 -25.24 -4.70 -5.65
N GLU B 428 -24.07 -5.31 -5.81
CA GLU B 428 -23.84 -6.72 -5.43
C GLU B 428 -24.26 -6.98 -3.96
N ARG B 429 -23.93 -6.05 -3.07
CA ARG B 429 -24.24 -6.16 -1.64
C ARG B 429 -25.73 -6.04 -1.36
N ILE B 430 -26.41 -5.16 -2.10
CA ILE B 430 -27.85 -4.96 -1.94
C ILE B 430 -28.62 -6.19 -2.45
N GLN B 431 -28.18 -6.76 -3.57
CA GLN B 431 -28.74 -8.01 -4.07
C GLN B 431 -28.55 -9.17 -3.08
N ALA B 432 -27.41 -9.21 -2.40
CA ALA B 432 -27.11 -10.29 -1.46
C ALA B 432 -27.83 -10.16 -0.11
N ASP B 433 -28.27 -8.94 0.24
CA ASP B 433 -28.94 -8.70 1.52
C ASP B 433 -30.45 -8.91 1.33
N ALA B 434 -31.03 -9.80 2.15
CA ALA B 434 -32.42 -10.23 1.97
C ALA B 434 -33.43 -9.19 2.48
N TYR B 435 -32.97 -8.17 3.20
CA TYR B 435 -33.86 -7.07 3.57
C TYR B 435 -34.45 -6.36 2.33
N PHE B 436 -33.69 -6.32 1.23
CA PHE B 436 -34.11 -5.65 -0.02
C PHE B 436 -34.76 -6.58 -1.06
N SER B 437 -35.21 -7.77 -0.63
CA SER B 437 -36.00 -8.68 -1.50
C SER B 437 -37.13 -7.98 -2.25
N PRO B 438 -37.91 -7.12 -1.56
CA PRO B 438 -38.98 -6.40 -2.27
C PRO B 438 -38.57 -5.64 -3.54
N ILE B 439 -37.31 -5.17 -3.62
CA ILE B 439 -36.87 -4.30 -4.71
C ILE B 439 -35.76 -4.89 -5.58
N HIS B 440 -35.34 -6.15 -5.32
CA HIS B 440 -34.26 -6.80 -6.13
C HIS B 440 -34.54 -6.73 -7.65
N SER B 441 -35.78 -7.02 -8.03
CA SER B 441 -36.16 -7.03 -9.45
C SER B 441 -36.22 -5.60 -10.07
N GLN B 442 -36.42 -4.59 -9.24
CA GLN B 442 -36.37 -3.19 -9.69
C GLN B 442 -34.97 -2.60 -9.94
N LEU B 443 -33.93 -3.26 -9.48
CA LEU B 443 -32.58 -2.62 -9.39
C LEU B 443 -31.99 -2.18 -10.74
N ASP B 444 -32.17 -2.98 -11.79
CA ASP B 444 -31.73 -2.58 -13.14
C ASP B 444 -32.38 -1.28 -13.55
N HIS B 445 -33.68 -1.15 -13.32
CA HIS B 445 -34.43 0.06 -13.67
C HIS B 445 -34.07 1.28 -12.79
N LEU B 446 -33.86 1.04 -11.48
CA LEU B 446 -33.51 2.13 -10.55
C LEU B 446 -32.11 2.71 -10.77
N LEU B 447 -31.21 1.93 -11.38
CA LEU B 447 -29.86 2.40 -11.69
C LEU B 447 -29.68 2.72 -13.15
N ASP B 448 -30.78 2.96 -13.87
CA ASP B 448 -30.71 3.28 -15.31
C ASP B 448 -30.19 4.69 -15.48
N PRO B 449 -28.99 4.85 -16.09
CA PRO B 449 -28.40 6.20 -16.23
C PRO B 449 -29.27 7.22 -16.93
N SER B 450 -30.07 6.81 -17.90
CA SER B 450 -30.95 7.74 -18.65
C SER B 450 -31.92 8.54 -17.78
N SER B 451 -32.37 7.98 -16.67
CA SER B 451 -33.29 8.66 -15.79
C SER B 451 -32.65 9.67 -14.82
N PHE B 452 -31.32 9.67 -14.71
CA PHE B 452 -30.59 10.59 -13.82
C PHE B 452 -30.13 11.87 -14.51
N THR B 453 -30.32 12.01 -15.81
CA THR B 453 -29.82 13.17 -16.56
C THR B 453 -30.80 14.36 -16.59
N GLY B 454 -31.88 14.32 -15.80
CA GLY B 454 -32.82 15.43 -15.76
C GLY B 454 -33.27 15.89 -17.15
N ARG B 455 -33.24 17.19 -17.37
CA ARG B 455 -33.72 17.79 -18.61
C ARG B 455 -32.58 18.09 -19.61
N ALA B 456 -31.44 17.41 -19.46
CA ALA B 456 -30.23 17.75 -20.20
C ALA B 456 -30.44 17.85 -21.72
N SER B 457 -30.99 16.80 -22.32
CA SER B 457 -31.16 16.78 -23.78
C SER B 457 -32.18 17.82 -24.24
N GLN B 458 -33.21 18.09 -23.43
CA GLN B 458 -34.20 19.13 -23.75
C GLN B 458 -33.60 20.52 -23.66
N GLN B 459 -32.74 20.73 -22.68
CA GLN B 459 -32.00 21.99 -22.56
C GLN B 459 -31.14 22.26 -23.82
N VAL B 460 -30.48 21.23 -24.32
CA VAL B 460 -29.63 21.37 -25.49
C VAL B 460 -30.42 21.89 -26.67
N GLN B 461 -31.48 21.20 -27.04
CA GLN B 461 -32.24 21.66 -28.16
C GLN B 461 -32.83 23.02 -28.00
N ARG B 462 -33.42 23.34 -26.86
CA ARG B 462 -33.98 24.66 -26.69
C ARG B 462 -32.91 25.76 -26.84
N PHE B 463 -31.74 25.52 -26.24
CA PHE B 463 -30.61 26.47 -26.29
C PHE B 463 -30.09 26.67 -27.71
N LEU B 464 -29.83 25.58 -28.42
CA LEU B 464 -29.32 25.67 -29.78
C LEU B 464 -30.27 26.45 -30.71
N GLU B 465 -31.57 26.20 -30.57
CA GLU B 465 -32.57 26.82 -31.42
C GLU B 465 -32.80 28.28 -31.07
N GLU B 466 -33.03 28.57 -29.80
CA GLU B 466 -33.36 29.93 -29.37
C GLU B 466 -32.17 30.88 -29.36
N GLU B 467 -31.00 30.39 -28.96
CA GLU B 467 -29.85 31.27 -28.62
C GLU B 467 -28.65 31.16 -29.54
N VAL B 468 -28.40 29.98 -30.12
CA VAL B 468 -27.15 29.73 -30.89
C VAL B 468 -27.36 29.92 -32.39
N TYR B 469 -28.27 29.14 -32.98
CA TYR B 469 -28.47 29.20 -34.45
C TYR B 469 -28.71 30.63 -35.01
N PRO B 470 -29.48 31.48 -34.30
CA PRO B 470 -29.65 32.88 -34.79
C PRO B 470 -28.36 33.67 -34.92
N LEU B 471 -27.43 33.46 -33.99
CA LEU B 471 -26.11 34.13 -34.05
C LEU B 471 -25.22 33.59 -35.16
N LEU B 472 -25.42 32.34 -35.56
CA LEU B 472 -24.67 31.73 -36.65
C LEU B 472 -25.18 32.09 -38.04
N LYS B 473 -26.44 32.50 -38.13
CA LYS B 473 -27.13 32.74 -39.42
C LYS B 473 -26.32 33.59 -40.41
N PRO B 474 -25.79 34.76 -39.98
CA PRO B 474 -25.00 35.61 -40.91
C PRO B 474 -23.74 34.99 -41.49
N TYR B 475 -23.22 33.95 -40.85
CA TYR B 475 -21.97 33.29 -41.27
C TYR B 475 -22.22 31.97 -42.00
N GLU B 476 -23.46 31.74 -42.42
CA GLU B 476 -23.85 30.43 -43.01
C GLU B 476 -23.03 30.11 -44.26
N SER B 477 -22.78 31.11 -45.09
CA SER B 477 -22.00 30.95 -46.33
C SER B 477 -20.53 30.53 -46.13
N VAL B 478 -19.93 30.84 -44.98
CA VAL B 478 -18.49 30.55 -44.74
C VAL B 478 -18.24 29.38 -43.76
N MET B 479 -19.28 28.61 -43.45
CA MET B 479 -19.19 27.51 -42.45
C MET B 479 -18.36 26.30 -42.86
N LYS B 480 -18.16 26.11 -44.16
CA LYS B 480 -17.60 24.84 -44.67
C LYS B 480 -16.10 24.72 -44.53
N VAL B 481 -15.42 25.85 -44.32
CA VAL B 481 -13.93 25.84 -44.30
C VAL B 481 -13.41 24.99 -43.11
N LYS B 482 -12.49 24.08 -43.37
CA LYS B 482 -11.86 23.30 -42.33
C LYS B 482 -10.67 24.07 -41.80
N ALA B 483 -10.28 23.83 -40.57
CA ALA B 483 -9.18 24.53 -39.90
C ALA B 483 -7.94 23.63 -39.90
N GLU B 484 -6.88 24.08 -40.59
CA GLU B 484 -5.64 23.32 -40.70
C GLU B 484 -4.59 23.72 -39.64
N LEU B 485 -3.83 22.75 -39.19
CA LEU B 485 -2.61 23.00 -38.39
C LEU B 485 -1.42 22.32 -39.02
N CYS B 486 -0.30 23.06 -39.08
CA CYS B 486 0.96 22.56 -39.64
C CYS B 486 1.97 22.22 -38.52
N LEU B 487 1.52 22.35 -37.30
CA LEU B 487 2.31 22.09 -36.14
C LEU B 487 1.43 22.15 -34.92
N SER C 12 10.64 40.34 -43.98
CA SER C 12 9.83 40.98 -45.06
C SER C 12 8.69 41.84 -44.50
N PRO C 13 8.47 43.05 -45.07
CA PRO C 13 7.34 43.87 -44.60
C PRO C 13 5.94 43.44 -45.06
N ASP C 14 5.82 42.36 -45.82
CA ASP C 14 4.51 41.87 -46.27
C ASP C 14 3.74 41.06 -45.18
N SER C 15 4.42 40.70 -44.08
CA SER C 15 3.78 40.10 -42.90
C SER C 15 4.17 40.82 -41.61
N TYR C 16 3.39 40.63 -40.54
CA TYR C 16 3.65 41.23 -39.23
C TYR C 16 5.03 40.85 -38.73
N ARG C 17 5.70 41.81 -38.14
CA ARG C 17 7.00 41.65 -37.56
C ARG C 17 7.02 42.35 -36.22
N SER C 18 7.55 41.74 -35.17
CA SER C 18 7.58 42.37 -33.84
C SER C 18 8.34 43.67 -33.96
N PRO C 19 7.74 44.77 -33.46
CA PRO C 19 8.53 45.98 -33.34
C PRO C 19 9.75 45.83 -32.41
N LEU C 20 9.71 44.89 -31.48
CA LEU C 20 10.89 44.61 -30.65
C LEU C 20 12.10 44.13 -31.48
N ALA C 21 11.83 43.40 -32.57
CA ALA C 21 12.88 42.98 -33.52
C ALA C 21 13.21 44.07 -34.53
N SER C 22 12.16 44.66 -35.12
CA SER C 22 12.32 45.48 -36.31
C SER C 22 12.65 46.93 -35.99
N ARG C 23 12.59 47.32 -34.72
CA ARG C 23 12.53 48.74 -34.36
C ARG C 23 13.30 49.10 -33.09
N TYR C 24 13.19 48.26 -32.05
CA TYR C 24 13.59 48.64 -30.71
C TYR C 24 14.88 47.99 -30.19
N ALA C 25 14.90 46.67 -30.10
CA ALA C 25 15.95 46.01 -29.30
C ALA C 25 17.28 45.91 -30.03
N SER C 26 18.34 45.76 -29.24
CA SER C 26 19.70 45.64 -29.78
C SER C 26 19.91 44.32 -30.54
N PRO C 27 20.80 44.33 -31.55
CA PRO C 27 21.20 43.09 -32.24
C PRO C 27 21.63 41.95 -31.31
N GLU C 28 22.30 42.27 -30.20
CA GLU C 28 22.86 41.25 -29.31
C GLU C 28 21.75 40.52 -28.56
N MET C 29 20.76 41.27 -28.07
CA MET C 29 19.62 40.66 -27.38
C MET C 29 18.75 39.88 -28.36
N CYS C 30 18.54 40.44 -29.55
CA CYS C 30 17.83 39.75 -30.60
C CYS C 30 18.49 38.43 -30.96
N PHE C 31 19.82 38.39 -30.98
CA PHE C 31 20.51 37.13 -31.31
C PHE C 31 20.32 36.06 -30.22
N VAL C 32 20.36 36.49 -28.96
CA VAL C 32 20.14 35.58 -27.82
C VAL C 32 18.79 34.86 -27.89
N PHE C 33 17.74 35.56 -28.35
CA PHE C 33 16.41 34.95 -28.48
C PHE C 33 16.08 34.48 -29.90
N SER C 34 17.11 34.27 -30.71
CA SER C 34 16.92 33.83 -32.09
C SER C 34 16.78 32.32 -32.15
N ASP C 35 16.22 31.84 -33.25
CA ASP C 35 16.08 30.39 -33.46
C ASP C 35 17.42 29.74 -33.80
N ARG C 36 18.34 30.48 -34.42
CA ARG C 36 19.67 29.95 -34.67
C ARG C 36 20.32 29.63 -33.34
N TYR C 37 20.33 30.59 -32.42
CA TYR C 37 20.95 30.35 -31.13
C TYR C 37 20.25 29.23 -30.35
N LYS C 38 18.92 29.16 -30.48
CA LYS C 38 18.13 28.15 -29.78
C LYS C 38 18.52 26.74 -30.22
N PHE C 39 18.41 26.49 -31.54
CA PHE C 39 18.59 25.14 -32.08
C PHE C 39 20.05 24.70 -32.15
N ARG C 40 20.95 25.68 -32.24
CA ARG C 40 22.37 25.45 -32.08
C ARG C 40 22.65 24.96 -30.66
N THR C 41 22.00 25.56 -29.68
CA THR C 41 22.20 25.20 -28.29
C THR C 41 21.58 23.84 -27.95
N TRP C 42 20.45 23.51 -28.59
CA TRP C 42 19.90 22.16 -28.51
C TRP C 42 20.97 21.14 -28.88
N ARG C 43 21.57 21.35 -30.06
CA ARG C 43 22.62 20.44 -30.54
C ARG C 43 23.84 20.43 -29.63
N GLN C 44 24.23 21.60 -29.12
CA GLN C 44 25.30 21.67 -28.13
C GLN C 44 25.01 20.80 -26.90
N LEU C 45 23.77 20.85 -26.42
CA LEU C 45 23.36 20.06 -25.25
C LEU C 45 23.34 18.56 -25.54
N TRP C 46 22.90 18.18 -26.76
CA TRP C 46 22.94 16.78 -27.17
C TRP C 46 24.37 16.24 -27.24
N LEU C 47 25.30 17.08 -27.71
CA LEU C 47 26.73 16.75 -27.75
C LEU C 47 27.29 16.55 -26.35
N TRP C 48 27.00 17.48 -25.44
CA TRP C 48 27.47 17.37 -24.07
C TRP C 48 26.97 16.12 -23.37
N LEU C 49 25.71 15.75 -23.65
CA LEU C 49 25.11 14.54 -23.11
C LEU C 49 25.82 13.29 -23.60
N ALA C 50 26.00 13.20 -24.92
CA ALA C 50 26.76 12.11 -25.53
C ALA C 50 28.20 12.01 -24.97
N GLU C 51 28.90 13.15 -24.88
CA GLU C 51 30.27 13.20 -24.32
C GLU C 51 30.33 12.60 -22.92
N ALA C 52 29.47 13.09 -22.04
CA ALA C 52 29.46 12.65 -20.65
C ALA C 52 29.01 11.20 -20.51
N GLU C 53 28.05 10.81 -21.33
CA GLU C 53 27.58 9.41 -21.35
C GLU C 53 28.69 8.44 -21.78
N GLN C 54 29.49 8.83 -22.78
CA GLN C 54 30.65 8.02 -23.21
C GLN C 54 31.70 7.91 -22.09
N THR C 55 32.08 9.04 -21.53
CA THR C 55 33.01 9.07 -20.41
C THR C 55 32.55 8.15 -19.26
N LEU C 56 31.25 8.06 -19.03
CA LEU C 56 30.70 7.26 -17.91
C LEU C 56 30.41 5.81 -18.29
N GLY C 57 30.68 5.43 -19.54
CA GLY C 57 30.77 4.03 -19.95
C GLY C 57 29.73 3.49 -20.92
N LEU C 58 28.88 4.36 -21.48
CA LEU C 58 27.84 3.92 -22.39
C LEU C 58 28.42 3.69 -23.80
N PRO C 59 27.80 2.81 -24.61
CA PRO C 59 28.31 2.46 -25.95
C PRO C 59 28.15 3.57 -27.00
N ILE C 60 29.00 4.60 -26.89
CA ILE C 60 29.04 5.71 -27.83
C ILE C 60 30.47 5.84 -28.34
N THR C 61 30.64 5.83 -29.67
CA THR C 61 31.98 5.84 -30.28
C THR C 61 32.51 7.26 -30.47
N ASP C 62 33.83 7.41 -30.50
CA ASP C 62 34.50 8.68 -30.79
C ASP C 62 34.06 9.30 -32.11
N GLU C 63 33.76 8.45 -33.11
CA GLU C 63 33.34 8.94 -34.42
C GLU C 63 31.92 9.51 -34.42
N GLN C 64 31.04 8.93 -33.59
CA GLN C 64 29.67 9.47 -33.39
C GLN C 64 29.72 10.87 -32.77
N ILE C 65 30.56 11.02 -31.75
CA ILE C 65 30.76 12.32 -31.08
C ILE C 65 31.33 13.39 -32.03
N GLN C 66 32.31 13.01 -32.84
CA GLN C 66 32.94 13.92 -33.82
C GLN C 66 31.94 14.39 -34.88
N GLU C 67 31.09 13.48 -35.31
CA GLU C 67 30.03 13.75 -36.29
C GLU C 67 29.06 14.85 -35.76
N MET C 68 28.63 14.68 -34.52
CA MET C 68 27.77 15.67 -33.85
C MET C 68 28.49 17.02 -33.70
N LYS C 69 29.75 16.97 -33.30
CA LYS C 69 30.56 18.18 -33.08
C LYS C 69 30.79 18.98 -34.35
N SER C 70 30.92 18.28 -35.47
CA SER C 70 31.10 18.94 -36.77
C SER C 70 29.84 19.62 -37.30
N ASN C 71 28.67 19.21 -36.83
CA ASN C 71 27.39 19.70 -37.38
C ASN C 71 26.54 20.52 -36.41
N LEU C 72 27.17 21.09 -35.36
CA LEU C 72 26.43 21.92 -34.43
C LEU C 72 25.69 23.09 -35.07
N GLU C 73 26.34 23.77 -35.99
CA GLU C 73 25.72 24.90 -36.60
C GLU C 73 25.10 24.61 -37.96
N ASN C 74 25.22 23.39 -38.44
CA ASN C 74 24.71 22.98 -39.77
C ASN C 74 23.23 22.49 -39.67
N ILE C 75 22.33 23.45 -39.54
CA ILE C 75 20.92 23.18 -39.22
C ILE C 75 20.03 23.39 -40.45
N ASP C 76 19.46 22.30 -40.93
CA ASP C 76 18.48 22.35 -42.03
C ASP C 76 17.07 22.78 -41.54
N PHE C 77 16.80 24.09 -41.54
CA PHE C 77 15.52 24.62 -41.05
C PHE C 77 14.32 24.17 -41.86
N LYS C 78 14.49 24.08 -43.16
CA LYS C 78 13.42 23.64 -44.05
C LYS C 78 13.00 22.19 -43.71
N MET C 79 13.99 21.32 -43.52
CA MET C 79 13.73 19.92 -43.19
C MET C 79 13.13 19.74 -41.80
N ALA C 80 13.55 20.56 -40.83
CA ALA C 80 12.98 20.54 -39.50
C ALA C 80 11.52 20.95 -39.50
N ALA C 81 11.17 21.95 -40.33
CA ALA C 81 9.78 22.36 -40.47
C ALA C 81 8.91 21.25 -41.09
N GLU C 82 9.46 20.52 -42.06
CA GLU C 82 8.70 19.43 -42.69
C GLU C 82 8.49 18.28 -41.71
N GLU C 83 9.52 17.98 -40.94
CA GLU C 83 9.40 16.96 -39.89
C GLU C 83 8.41 17.39 -38.82
N GLU C 84 8.39 18.67 -38.47
CA GLU C 84 7.46 19.16 -37.46
C GLU C 84 6.01 19.13 -37.95
N LYS C 85 5.78 19.41 -39.23
CA LYS C 85 4.45 19.26 -39.83
C LYS C 85 3.97 17.80 -39.83
N ARG C 86 4.90 16.89 -40.06
CA ARG C 86 4.61 15.46 -40.03
C ARG C 86 4.36 14.93 -38.60
N LEU C 87 5.21 15.31 -37.66
CA LEU C 87 5.23 14.72 -36.31
C LEU C 87 4.46 15.50 -35.26
N ARG C 88 4.41 16.82 -35.41
CA ARG C 88 3.79 17.72 -34.42
C ARG C 88 4.58 17.74 -33.11
N HIS C 89 5.89 17.53 -33.21
CA HIS C 89 6.78 17.54 -32.08
C HIS C 89 8.08 18.23 -32.47
N ASP C 90 8.32 19.45 -32.01
CA ASP C 90 9.49 20.21 -32.44
C ASP C 90 10.83 19.55 -32.04
N VAL C 91 10.90 19.01 -30.83
CA VAL C 91 12.14 18.35 -30.36
C VAL C 91 12.45 17.09 -31.18
N MET C 92 11.44 16.27 -31.44
CA MET C 92 11.63 15.05 -32.22
C MET C 92 11.95 15.36 -33.67
N ALA C 93 11.34 16.41 -34.20
CA ALA C 93 11.69 16.90 -35.53
C ALA C 93 13.17 17.22 -35.61
N HIS C 94 13.70 17.89 -34.60
CA HIS C 94 15.11 18.28 -34.61
C HIS C 94 16.06 17.12 -34.33
N VAL C 95 15.58 16.11 -33.61
CA VAL C 95 16.35 14.86 -33.41
C VAL C 95 16.54 14.13 -34.74
N HIS C 96 15.45 14.01 -35.50
CA HIS C 96 15.50 13.40 -36.82
C HIS C 96 16.40 14.18 -37.76
N THR C 97 16.25 15.51 -37.77
CA THR C 97 17.03 16.39 -38.64
C THR C 97 18.53 16.33 -38.30
N PHE C 98 18.85 16.28 -37.01
CA PHE C 98 20.22 16.16 -36.56
C PHE C 98 20.76 14.76 -36.91
N GLY C 99 19.94 13.74 -36.71
CA GLY C 99 20.28 12.37 -37.08
C GLY C 99 20.46 12.16 -38.58
N HIS C 100 19.81 12.98 -39.40
CA HIS C 100 19.99 12.93 -40.85
C HIS C 100 21.38 13.39 -41.30
N CYS C 101 21.91 14.46 -40.68
CA CYS C 101 23.30 14.86 -41.02
C CYS C 101 24.37 14.15 -40.22
N CYS C 102 23.98 13.41 -39.18
CA CYS C 102 24.89 12.59 -38.41
C CYS C 102 24.40 11.14 -38.39
N PRO C 103 24.36 10.48 -39.56
CA PRO C 103 23.76 9.12 -39.65
C PRO C 103 24.33 8.08 -38.67
N LYS C 104 25.60 8.19 -38.34
CA LYS C 104 26.20 7.26 -37.39
C LYS C 104 25.74 7.51 -35.98
N ALA C 105 25.64 8.77 -35.62
CA ALA C 105 25.22 9.18 -34.28
C ALA C 105 23.69 9.12 -34.06
N ALA C 106 22.90 9.17 -35.15
CA ALA C 106 21.43 9.21 -35.07
C ALA C 106 20.80 8.36 -33.97
N GLY C 107 21.28 7.14 -33.81
CA GLY C 107 20.75 6.21 -32.80
C GLY C 107 21.03 6.53 -31.34
N ILE C 108 22.06 7.33 -31.07
CA ILE C 108 22.43 7.67 -29.67
C ILE C 108 22.10 9.12 -29.25
N ILE C 109 21.61 9.93 -30.19
CA ILE C 109 21.17 11.29 -29.88
C ILE C 109 19.97 11.25 -28.92
N HIS C 110 20.02 12.06 -27.85
CA HIS C 110 18.90 12.19 -26.92
C HIS C 110 18.75 10.92 -26.03
N LEU C 111 19.80 10.12 -25.94
CA LEU C 111 19.74 8.84 -25.24
C LEU C 111 19.38 9.02 -23.76
N GLY C 112 18.18 8.56 -23.39
CA GLY C 112 17.74 8.57 -22.00
C GLY C 112 16.97 9.83 -21.60
N ALA C 113 16.91 10.80 -22.49
CA ALA C 113 16.49 12.15 -22.15
C ALA C 113 15.03 12.39 -22.51
N THR C 114 14.50 13.49 -22.01
CA THR C 114 13.19 14.00 -22.39
C THR C 114 13.37 15.35 -23.07
N SER C 115 12.32 15.84 -23.74
CA SER C 115 12.40 17.05 -24.53
C SER C 115 12.94 18.24 -23.74
N CYS C 116 12.53 18.34 -22.50
CA CYS C 116 13.00 19.41 -21.61
C CYS C 116 14.52 19.44 -21.37
N TYR C 117 15.21 18.34 -21.63
CA TYR C 117 16.67 18.34 -21.56
C TYR C 117 17.25 19.43 -22.46
N VAL C 118 16.77 19.50 -23.69
CA VAL C 118 17.17 20.60 -24.58
C VAL C 118 16.30 21.86 -24.44
N GLY C 119 14.98 21.68 -24.26
CA GLY C 119 14.05 22.80 -24.18
C GLY C 119 14.33 23.72 -23.01
N ASP C 120 14.29 23.17 -21.80
CA ASP C 120 14.44 23.95 -20.58
C ASP C 120 15.87 24.43 -20.34
N ASN C 121 16.86 23.55 -20.51
CA ASN C 121 18.24 23.94 -20.29
C ASN C 121 18.67 25.05 -21.25
N THR C 122 18.22 24.98 -22.50
CA THR C 122 18.46 26.06 -23.43
C THR C 122 17.83 27.38 -22.93
N ASP C 123 16.58 27.29 -22.47
CA ASP C 123 15.90 28.46 -21.95
C ASP C 123 16.64 29.04 -20.75
N LEU C 124 17.17 28.19 -19.88
CA LEU C 124 17.96 28.68 -18.73
C LEU C 124 19.30 29.32 -19.15
N ILE C 125 19.95 28.75 -20.16
CA ILE C 125 21.15 29.35 -20.73
C ILE C 125 20.83 30.73 -21.34
N ILE C 126 19.74 30.77 -22.11
CA ILE C 126 19.26 32.02 -22.69
C ILE C 126 18.97 33.09 -21.61
N LEU C 127 18.24 32.71 -20.57
CA LEU C 127 17.88 33.66 -19.53
C LEU C 127 19.12 34.24 -18.90
N ARG C 128 20.10 33.40 -18.59
CA ARG C 128 21.29 33.87 -17.94
C ARG C 128 22.12 34.80 -18.85
N ASN C 129 22.26 34.43 -20.12
CA ASN C 129 22.93 35.32 -21.07
C ASN C 129 22.23 36.68 -21.18
N ALA C 130 20.89 36.63 -21.18
CA ALA C 130 20.09 37.83 -21.36
C ALA C 130 20.25 38.76 -20.15
N LEU C 131 20.27 38.19 -18.95
CA LEU C 131 20.56 38.96 -17.75
C LEU C 131 21.94 39.60 -17.80
N ASP C 132 22.92 38.84 -18.32
CA ASP C 132 24.28 39.36 -18.45
C ASP C 132 24.39 40.51 -19.46
N LEU C 133 23.49 40.58 -20.43
CA LEU C 133 23.45 41.72 -21.32
C LEU C 133 22.77 42.93 -20.71
N LEU C 134 21.74 42.70 -19.89
CA LEU C 134 21.03 43.81 -19.24
C LEU C 134 21.89 44.51 -18.16
N LEU C 135 22.61 43.72 -17.36
CA LEU C 135 23.32 44.24 -16.19
C LEU C 135 24.24 45.45 -16.49
N PRO C 136 25.13 45.33 -17.50
CA PRO C 136 26.01 46.46 -17.80
C PRO C 136 25.26 47.71 -18.27
N LYS C 137 24.16 47.52 -19.01
CA LYS C 137 23.39 48.66 -19.53
C LYS C 137 22.75 49.40 -18.38
N LEU C 138 22.19 48.66 -17.44
CA LEU C 138 21.62 49.24 -16.23
C LEU C 138 22.70 49.97 -15.42
N ALA C 139 23.86 49.32 -15.25
CA ALA C 139 24.99 49.96 -14.57
C ALA C 139 25.42 51.28 -15.24
N ARG C 140 25.50 51.29 -16.56
CA ARG C 140 25.79 52.52 -17.28
C ARG C 140 24.74 53.62 -17.06
N VAL C 141 23.47 53.23 -17.04
CA VAL C 141 22.42 54.22 -16.78
C VAL C 141 22.64 54.84 -15.40
N ILE C 142 22.88 53.99 -14.41
CA ILE C 142 23.11 54.44 -13.04
C ILE C 142 24.32 55.35 -12.97
N SER C 143 25.38 54.98 -13.67
CA SER C 143 26.62 55.75 -13.69
C SER C 143 26.43 57.13 -14.31
N ARG C 144 25.76 57.19 -15.46
CA ARG C 144 25.52 58.48 -16.11
C ARG C 144 24.69 59.40 -15.21
N LEU C 145 23.66 58.85 -14.58
CA LEU C 145 22.84 59.61 -13.64
C LEU C 145 23.63 60.01 -12.40
N ALA C 146 24.53 59.15 -11.95
CA ALA C 146 25.41 59.49 -10.83
C ALA C 146 26.33 60.68 -11.13
N ASP C 147 26.92 60.70 -12.33
CA ASP C 147 27.70 61.88 -12.80
C ASP C 147 26.83 63.13 -12.74
N PHE C 148 25.64 63.05 -13.34
CA PHE C 148 24.68 64.15 -13.35
C PHE C 148 24.31 64.61 -11.94
N ALA C 149 24.06 63.65 -11.05
CA ALA C 149 23.65 63.97 -9.67
C ALA C 149 24.73 64.71 -8.89
N LYS C 150 25.98 64.28 -9.05
CA LYS C 150 27.13 64.94 -8.42
C LYS C 150 27.30 66.36 -8.95
N GLU C 151 27.29 66.48 -10.27
CA GLU C 151 27.43 67.76 -10.95
C GLU C 151 26.36 68.76 -10.51
N ARG C 152 25.14 68.29 -10.20
CA ARG C 152 24.03 69.17 -9.84
C ARG C 152 23.59 69.01 -8.38
N ALA C 153 24.47 68.49 -7.54
CA ALA C 153 24.15 68.22 -6.14
C ALA C 153 23.67 69.44 -5.38
N SER C 154 24.20 70.61 -5.73
CA SER C 154 23.92 71.86 -5.01
C SER C 154 22.97 72.82 -5.73
N LEU C 155 22.51 72.46 -6.93
CA LEU C 155 21.65 73.33 -7.71
C LEU C 155 20.21 73.32 -7.17
N PRO C 156 19.80 74.39 -6.44
CA PRO C 156 18.46 74.34 -5.88
C PRO C 156 17.37 74.30 -6.95
N THR C 157 16.28 73.59 -6.66
CA THR C 157 15.13 73.49 -7.54
C THR C 157 13.88 73.34 -6.68
N LEU C 158 12.75 73.80 -7.21
CA LEU C 158 11.50 73.75 -6.48
C LEU C 158 11.12 72.29 -6.24
N GLY C 159 10.81 71.97 -4.98
CA GLY C 159 10.32 70.65 -4.64
C GLY C 159 8.85 70.52 -5.00
N PHE C 160 8.40 69.29 -5.22
CA PHE C 160 7.03 69.04 -5.60
C PHE C 160 6.45 67.86 -4.83
N THR C 161 5.41 68.13 -4.04
CA THR C 161 4.55 67.09 -3.49
C THR C 161 3.11 67.39 -3.92
N HIS C 162 2.37 66.35 -4.30
CA HIS C 162 1.06 66.50 -4.99
C HIS C 162 1.19 67.31 -6.31
N PHE C 163 2.41 67.38 -6.83
CA PHE C 163 2.82 68.32 -7.87
C PHE C 163 2.46 69.78 -7.57
N GLN C 164 2.49 70.14 -6.29
CA GLN C 164 2.37 71.51 -5.85
C GLN C 164 3.72 71.97 -5.30
N PRO C 165 4.03 73.27 -5.41
CA PRO C 165 5.30 73.79 -4.90
C PRO C 165 5.51 73.45 -3.43
N ALA C 166 6.70 72.94 -3.12
CA ALA C 166 7.03 72.44 -1.78
C ALA C 166 8.51 72.74 -1.48
N GLN C 167 8.93 72.51 -0.23
CA GLN C 167 10.28 72.87 0.20
C GLN C 167 11.35 72.49 -0.81
N LEU C 168 12.31 73.38 -1.00
CA LEU C 168 13.31 73.18 -2.07
C LEU C 168 14.11 71.91 -1.87
N THR C 169 14.45 71.28 -2.99
CA THR C 169 15.41 70.18 -3.03
C THR C 169 16.50 70.64 -3.99
N THR C 170 17.34 69.74 -4.48
CA THR C 170 18.28 70.08 -5.55
C THR C 170 18.10 69.13 -6.70
N VAL C 171 18.60 69.51 -7.86
CA VAL C 171 18.44 68.72 -9.07
C VAL C 171 19.12 67.38 -8.89
N GLY C 172 20.29 67.39 -8.25
CA GLY C 172 21.05 66.16 -8.00
C GLY C 172 20.41 65.28 -6.96
N LYS C 173 19.80 65.87 -5.93
CA LYS C 173 19.10 65.09 -4.92
C LYS C 173 17.90 64.37 -5.54
N ARG C 174 17.13 65.08 -6.35
CA ARG C 174 16.01 64.47 -7.06
C ARG C 174 16.50 63.32 -7.96
N CYS C 175 17.62 63.55 -8.64
CA CYS C 175 18.21 62.53 -9.47
C CYS C 175 18.52 61.27 -8.63
N CYS C 176 18.90 61.44 -7.36
CA CYS C 176 19.15 60.30 -6.47
C CYS C 176 17.90 59.43 -6.18
N LEU C 177 16.72 60.03 -6.18
CA LEU C 177 15.47 59.24 -6.11
C LEU C 177 15.42 58.23 -7.24
N TRP C 178 15.76 58.69 -8.45
CA TRP C 178 15.79 57.83 -9.64
C TRP C 178 16.90 56.80 -9.52
N ILE C 179 18.10 57.25 -9.13
CA ILE C 179 19.26 56.36 -9.02
C ILE C 179 18.99 55.25 -8.01
N GLN C 180 18.39 55.60 -6.87
CA GLN C 180 18.10 54.59 -5.84
C GLN C 180 17.25 53.44 -6.36
N ASP C 181 16.13 53.78 -7.01
CA ASP C 181 15.24 52.75 -7.58
C ASP C 181 16.00 51.86 -8.56
N LEU C 182 16.80 52.48 -9.43
CA LEU C 182 17.59 51.71 -10.41
C LEU C 182 18.66 50.83 -9.75
N CYS C 183 19.22 51.29 -8.63
CA CYS C 183 20.19 50.48 -7.88
C CYS C 183 19.52 49.25 -7.27
N MET C 184 18.29 49.42 -6.79
CA MET C 184 17.52 48.28 -6.28
C MET C 184 17.29 47.26 -7.40
N ASP C 185 17.07 47.73 -8.62
CA ASP C 185 16.95 46.84 -9.76
C ASP C 185 18.24 46.10 -10.07
N LEU C 186 19.36 46.82 -10.03
CA LEU C 186 20.67 46.20 -10.25
C LEU C 186 20.93 45.10 -9.22
N GLN C 187 20.62 45.37 -7.96
CA GLN C 187 20.74 44.34 -6.91
C GLN C 187 19.88 43.13 -7.23
N ASN C 188 18.64 43.37 -7.69
CA ASN C 188 17.70 42.28 -8.01
C ASN C 188 18.14 41.46 -9.21
N LEU C 189 18.56 42.12 -10.28
CA LEU C 189 19.03 41.42 -11.48
C LEU C 189 20.27 40.57 -11.17
N LYS C 190 21.21 41.12 -10.41
CA LYS C 190 22.41 40.37 -9.98
C LYS C 190 22.00 39.12 -9.20
N ARG C 191 21.13 39.30 -8.21
CA ARG C 191 20.67 38.19 -7.36
C ARG C 191 20.05 37.04 -8.18
N VAL C 192 19.13 37.38 -9.06
CA VAL C 192 18.46 36.41 -9.91
C VAL C 192 19.45 35.70 -10.84
N ARG C 193 20.36 36.46 -11.43
CA ARG C 193 21.40 35.89 -12.28
C ARG C 193 22.27 34.87 -11.53
N ASP C 194 22.70 35.24 -10.32
CA ASP C 194 23.60 34.40 -9.50
C ASP C 194 22.91 33.16 -8.92
N ASP C 195 21.63 33.29 -8.54
CA ASP C 195 20.86 32.17 -7.93
C ASP C 195 20.20 31.22 -8.96
N LEU C 196 20.29 31.55 -10.24
CA LEU C 196 19.67 30.74 -11.29
C LEU C 196 20.34 29.36 -11.40
N ARG C 197 19.55 28.31 -11.23
CA ARG C 197 20.04 26.93 -11.29
C ARG C 197 19.70 26.24 -12.59
N PHE C 198 20.49 25.23 -12.92
CA PHE C 198 20.34 24.44 -14.15
C PHE C 198 19.36 23.28 -13.91
N ARG C 199 18.59 22.90 -14.94
CA ARG C 199 17.73 21.73 -14.84
C ARG C 199 18.60 20.49 -14.83
N GLY C 200 19.54 20.44 -15.75
CA GLY C 200 20.44 19.32 -15.85
C GLY C 200 19.76 18.13 -16.49
N VAL C 201 20.12 16.93 -16.03
CA VAL C 201 19.69 15.67 -16.61
C VAL C 201 18.77 15.02 -15.58
N LYS C 202 17.48 14.94 -15.90
CA LYS C 202 16.47 14.57 -14.92
C LYS C 202 15.44 13.51 -15.38
N GLY C 203 15.33 13.26 -16.68
CA GLY C 203 14.37 12.26 -17.18
C GLY C 203 12.94 12.79 -17.30
N THR C 204 12.06 11.97 -17.86
CA THR C 204 10.70 12.43 -18.22
C THR C 204 9.89 13.00 -17.10
N THR C 205 10.02 12.44 -15.90
CA THR C 205 9.26 12.93 -14.73
C THR C 205 10.17 13.39 -13.59
N GLY C 206 11.45 13.62 -13.90
CA GLY C 206 12.42 14.08 -12.89
C GLY C 206 13.03 13.02 -11.99
N THR C 207 12.80 11.74 -12.27
CA THR C 207 13.31 10.64 -11.43
C THR C 207 14.61 10.06 -11.92
N GLN C 208 15.02 10.45 -13.12
CA GLN C 208 16.22 9.93 -13.75
C GLN C 208 16.16 8.41 -13.94
N ALA C 209 14.95 7.86 -14.04
CA ALA C 209 14.78 6.40 -14.10
C ALA C 209 15.46 5.81 -15.33
N SER C 210 15.37 6.53 -16.44
CA SER C 210 15.98 6.14 -17.70
C SER C 210 17.50 6.01 -17.57
N PHE C 211 18.11 7.01 -16.95
CA PHE C 211 19.56 7.06 -16.79
C PHE C 211 20.02 6.02 -15.78
N LEU C 212 19.23 5.78 -14.74
CA LEU C 212 19.53 4.73 -13.78
C LEU C 212 19.58 3.36 -14.47
N GLN C 213 18.62 3.09 -15.35
CA GLN C 213 18.60 1.83 -16.12
C GLN C 213 19.77 1.74 -17.10
N LEU C 214 20.12 2.84 -17.77
CA LEU C 214 21.25 2.86 -18.68
C LEU C 214 22.58 2.54 -17.99
N PHE C 215 22.74 2.99 -16.75
CA PHE C 215 23.94 2.66 -15.95
C PHE C 215 23.69 1.46 -15.02
N GLU C 216 22.79 0.58 -15.41
CA GLU C 216 22.51 -0.68 -14.70
C GLU C 216 22.47 -0.54 -13.18
N GLY C 217 21.69 0.44 -12.71
CA GLY C 217 21.45 0.63 -11.29
C GLY C 217 22.48 1.46 -10.52
N ASP C 218 23.45 2.04 -11.22
CA ASP C 218 24.52 2.80 -10.55
C ASP C 218 24.09 4.26 -10.29
N ASP C 219 23.57 4.51 -9.10
CA ASP C 219 23.13 5.86 -8.68
C ASP C 219 24.21 6.92 -8.89
N HIS C 220 25.44 6.58 -8.50
CA HIS C 220 26.57 7.49 -8.56
C HIS C 220 26.84 7.99 -9.98
N LYS C 221 26.75 7.09 -10.94
CA LYS C 221 26.95 7.47 -12.35
C LYS C 221 25.90 8.47 -12.82
N VAL C 222 24.66 8.31 -12.34
CA VAL C 222 23.58 9.22 -12.70
C VAL C 222 23.88 10.61 -12.15
N GLU C 223 24.27 10.71 -10.87
CA GLU C 223 24.61 12.01 -10.27
C GLU C 223 25.79 12.67 -10.97
N GLN C 224 26.76 11.86 -11.39
CA GLN C 224 27.91 12.36 -12.13
C GLN C 224 27.48 12.96 -13.46
N LEU C 225 26.63 12.25 -14.20
CA LEU C 225 26.14 12.73 -15.49
C LEU C 225 25.50 14.11 -15.35
N ASP C 226 24.66 14.25 -14.33
CA ASP C 226 23.96 15.49 -14.04
C ASP C 226 24.97 16.59 -13.77
N LYS C 227 25.89 16.34 -12.84
CA LYS C 227 26.91 17.30 -12.49
C LYS C 227 27.82 17.64 -13.68
N MET C 228 28.13 16.66 -14.52
CA MET C 228 29.03 16.88 -15.67
C MET C 228 28.44 17.83 -16.71
N VAL C 229 27.20 17.60 -17.16
CA VAL C 229 26.59 18.48 -18.18
C VAL C 229 26.30 19.85 -17.58
N THR C 230 25.97 19.90 -16.29
CA THR C 230 25.79 21.16 -15.58
C THR C 230 27.06 22.03 -15.70
N GLU C 231 28.23 21.43 -15.45
CA GLU C 231 29.51 22.17 -15.58
C GLU C 231 29.84 22.53 -17.02
N LYS C 232 29.60 21.63 -17.97
CA LYS C 232 29.83 21.93 -19.39
C LYS C 232 29.00 23.15 -19.83
N ALA C 233 27.80 23.32 -19.26
CA ALA C 233 26.94 24.45 -19.58
C ALA C 233 27.29 25.73 -18.80
N GLY C 234 28.18 25.59 -17.82
CA GLY C 234 28.73 26.72 -17.12
C GLY C 234 27.91 27.18 -15.94
N PHE C 235 27.18 26.26 -15.31
CA PHE C 235 26.40 26.59 -14.13
C PHE C 235 27.07 26.00 -12.91
N LYS C 236 27.08 26.76 -11.82
CA LYS C 236 27.65 26.28 -10.55
C LYS C 236 26.77 25.24 -9.92
N ARG C 237 25.46 25.32 -10.16
CA ARG C 237 24.50 24.56 -9.38
C ARG C 237 23.32 24.09 -10.22
N ALA C 238 22.82 22.90 -9.90
CA ALA C 238 21.64 22.34 -10.54
C ALA C 238 20.61 21.99 -9.48
N PHE C 239 19.34 21.93 -9.90
CA PHE C 239 18.28 21.46 -9.01
C PHE C 239 18.55 20.01 -8.59
N ILE C 240 18.17 19.67 -7.37
CA ILE C 240 18.02 18.28 -6.98
C ILE C 240 16.62 17.84 -7.40
N ILE C 241 15.63 18.66 -7.04
CA ILE C 241 14.24 18.38 -7.30
C ILE C 241 13.74 19.07 -8.57
N THR C 242 13.24 18.27 -9.50
CA THR C 242 12.42 18.75 -10.60
C THR C 242 11.31 17.75 -10.87
N GLY C 243 10.28 18.23 -11.56
CA GLY C 243 9.42 17.35 -12.34
C GLY C 243 10.08 17.13 -13.68
N GLN C 244 9.28 17.17 -14.74
CA GLN C 244 9.82 17.20 -16.09
C GLN C 244 10.60 18.50 -16.34
N THR C 245 10.12 19.59 -15.76
CA THR C 245 10.66 20.92 -16.01
C THR C 245 11.34 21.46 -14.78
N TYR C 246 12.14 22.50 -14.95
CA TYR C 246 12.45 23.38 -13.82
C TYR C 246 11.15 24.09 -13.41
N THR C 247 11.04 24.35 -12.12
CA THR C 247 9.83 24.98 -11.58
C THR C 247 9.60 26.32 -12.25
N ARG C 248 8.38 26.54 -12.73
CA ARG C 248 8.03 27.77 -13.45
C ARG C 248 7.95 28.98 -12.53
N LYS C 249 8.03 28.75 -11.23
CA LYS C 249 8.31 29.81 -10.29
C LYS C 249 9.58 30.61 -10.67
N VAL C 250 10.57 29.96 -11.26
CA VAL C 250 11.76 30.67 -11.73
C VAL C 250 11.38 31.80 -12.69
N ASP C 251 10.47 31.50 -13.63
CA ASP C 251 10.00 32.52 -14.58
C ASP C 251 9.30 33.69 -13.89
N ILE C 252 8.59 33.44 -12.78
CA ILE C 252 8.00 34.53 -11.98
C ILE C 252 9.09 35.44 -11.41
N GLU C 253 10.13 34.82 -10.84
CA GLU C 253 11.20 35.58 -10.20
C GLU C 253 11.88 36.49 -11.23
N VAL C 254 12.14 35.99 -12.42
CA VAL C 254 12.83 36.77 -13.44
C VAL C 254 11.95 37.91 -13.96
N LEU C 255 10.70 37.62 -14.32
CA LEU C 255 9.84 38.66 -14.87
C LEU C 255 9.32 39.65 -13.81
N SER C 256 9.29 39.24 -12.54
CA SER C 256 8.94 40.17 -11.46
C SER C 256 9.97 41.27 -11.32
N VAL C 257 11.24 40.89 -11.36
CA VAL C 257 12.31 41.86 -11.27
C VAL C 257 12.31 42.81 -12.47
N LEU C 258 12.04 42.29 -13.65
CA LEU C 258 11.93 43.15 -14.84
C LEU C 258 10.70 44.05 -14.75
N ALA C 259 9.60 43.54 -14.20
CA ALA C 259 8.40 44.35 -13.99
C ALA C 259 8.68 45.51 -13.04
N SER C 260 9.43 45.23 -11.96
CA SER C 260 9.79 46.27 -11.00
C SER C 260 10.69 47.34 -11.65
N LEU C 261 11.63 46.89 -12.48
CA LEU C 261 12.46 47.79 -13.27
C LEU C 261 11.57 48.69 -14.15
N GLY C 262 10.58 48.09 -14.80
CA GLY C 262 9.61 48.85 -15.59
C GLY C 262 8.98 49.97 -14.81
N ALA C 263 8.56 49.68 -13.59
CA ALA C 263 7.95 50.71 -12.74
C ALA C 263 8.92 51.83 -12.44
N SER C 264 10.16 51.48 -12.16
CA SER C 264 11.19 52.49 -11.87
C SER C 264 11.41 53.39 -13.08
N VAL C 265 11.54 52.79 -14.25
CA VAL C 265 11.80 53.57 -15.45
C VAL C 265 10.60 54.46 -15.81
N HIS C 266 9.41 53.94 -15.60
CA HIS C 266 8.20 54.70 -15.90
C HIS C 266 8.11 55.94 -15.02
N LYS C 267 8.38 55.78 -13.71
CA LYS C 267 8.38 56.92 -12.78
C LYS C 267 9.41 57.96 -13.19
N ILE C 268 10.63 57.50 -13.53
CA ILE C 268 11.73 58.40 -13.88
C ILE C 268 11.39 59.19 -15.13
N CYS C 269 10.98 58.47 -16.16
CA CYS C 269 10.65 59.11 -17.42
C CYS C 269 9.41 59.98 -17.35
N THR C 270 8.46 59.64 -16.47
CA THR C 270 7.35 60.53 -16.17
C THR C 270 7.83 61.85 -15.54
N ASP C 271 8.74 61.77 -14.56
CA ASP C 271 9.34 62.98 -13.98
C ASP C 271 10.01 63.83 -15.06
N ILE C 272 10.76 63.19 -15.96
CA ILE C 272 11.48 63.93 -16.99
C ILE C 272 10.49 64.65 -17.93
N ARG C 273 9.38 63.98 -18.26
CA ARG C 273 8.36 64.58 -19.12
C ARG C 273 7.72 65.80 -18.45
N LEU C 274 7.51 65.71 -17.14
CA LEU C 274 6.98 66.86 -16.38
C LEU C 274 8.01 68.00 -16.32
N LEU C 275 9.28 67.65 -16.13
CA LEU C 275 10.34 68.66 -16.11
C LEU C 275 10.45 69.38 -17.47
N ALA C 276 10.13 68.67 -18.55
CA ALA C 276 10.10 69.27 -19.88
C ALA C 276 8.98 70.30 -20.00
N ASN C 277 7.81 70.00 -19.44
CA ASN C 277 6.71 70.95 -19.43
C ASN C 277 7.10 72.20 -18.67
N LEU C 278 7.77 72.01 -17.54
CA LEU C 278 8.22 73.12 -16.70
C LEU C 278 9.38 73.91 -17.32
N LYS C 279 9.99 73.37 -18.39
CA LYS C 279 11.13 73.95 -19.08
C LYS C 279 12.39 74.02 -18.21
N GLU C 280 12.46 73.18 -17.18
CA GLU C 280 13.64 73.11 -16.30
C GLU C 280 14.70 72.14 -16.85
N MET C 281 14.27 71.16 -17.64
CA MET C 281 15.15 70.12 -18.15
C MET C 281 14.58 69.49 -19.42
N GLU C 282 15.46 69.13 -20.36
CA GLU C 282 15.06 68.50 -21.61
C GLU C 282 15.98 67.35 -21.95
N GLU C 283 15.40 66.32 -22.54
CA GLU C 283 16.18 65.20 -23.10
C GLU C 283 16.96 65.66 -24.35
N PRO C 284 17.98 64.90 -24.76
CA PRO C 284 18.72 65.27 -25.99
C PRO C 284 17.87 65.29 -27.26
N PHE C 285 18.30 66.10 -28.21
CA PHE C 285 17.75 66.17 -29.58
C PHE C 285 18.94 66.15 -30.58
N GLU C 286 18.96 65.23 -31.55
CA GLU C 286 19.77 65.43 -32.75
C GLU C 286 18.92 66.16 -33.81
N LYS C 298 8.78 73.79 -30.88
CA LYS C 298 8.26 72.70 -30.07
C LYS C 298 9.32 71.63 -29.89
N ARG C 299 9.51 71.21 -28.65
CA ARG C 299 10.50 70.18 -28.32
C ARG C 299 9.87 69.19 -27.38
N ASN C 300 9.66 67.97 -27.86
CA ASN C 300 8.87 66.95 -27.14
C ASN C 300 9.78 65.88 -26.56
N PRO C 301 9.43 65.36 -25.36
CA PRO C 301 10.24 64.33 -24.73
C PRO C 301 9.89 62.91 -25.23
N MET C 302 10.07 62.71 -26.51
CA MET C 302 9.72 61.50 -27.18
C MET C 302 10.42 60.23 -26.76
N ARG C 303 11.69 60.33 -26.40
CA ARG C 303 12.46 59.21 -25.91
C ARG C 303 11.95 58.74 -24.55
N SER C 304 11.69 59.70 -23.66
CA SER C 304 11.14 59.38 -22.34
C SER C 304 9.73 58.80 -22.46
N GLU C 305 8.95 59.32 -23.42
CA GLU C 305 7.60 58.81 -23.65
C GLU C 305 7.64 57.36 -24.14
N ARG C 306 8.57 57.05 -25.04
CA ARG C 306 8.75 55.68 -25.50
C ARG C 306 9.18 54.75 -24.34
N CYS C 307 10.05 55.24 -23.46
CA CYS C 307 10.47 54.46 -22.30
C CYS C 307 9.28 54.09 -21.44
N CYS C 308 8.44 55.09 -21.14
CA CYS C 308 7.23 54.85 -20.38
C CYS C 308 6.36 53.81 -21.05
N SER C 309 6.13 54.00 -22.35
CA SER C 309 5.30 53.10 -23.13
C SER C 309 5.75 51.66 -23.04
N LEU C 310 7.06 51.43 -23.22
CA LEU C 310 7.59 50.09 -23.19
C LEU C 310 7.67 49.53 -21.78
N ALA C 311 8.06 50.38 -20.82
CA ALA C 311 8.09 49.99 -19.42
C ALA C 311 6.74 49.44 -18.94
N ARG C 312 5.67 50.02 -19.45
CA ARG C 312 4.31 49.59 -19.12
C ARG C 312 4.06 48.16 -19.55
N HIS C 313 4.52 47.81 -20.74
CA HIS C 313 4.38 46.43 -21.25
C HIS C 313 5.13 45.46 -20.37
N LEU C 314 6.28 45.89 -19.87
CA LEU C 314 7.12 45.10 -18.98
C LEU C 314 6.38 44.78 -17.69
N MET C 315 5.62 45.75 -17.17
CA MET C 315 4.83 45.54 -15.97
C MET C 315 3.68 44.62 -16.24
N THR C 316 2.98 44.86 -17.34
CA THR C 316 1.87 43.99 -17.76
C THR C 316 2.29 42.52 -17.83
N LEU C 317 3.46 42.26 -18.39
CA LEU C 317 3.89 40.88 -18.65
C LEU C 317 4.03 39.98 -17.41
N VAL C 318 4.14 40.57 -16.21
CA VAL C 318 4.35 39.76 -15.02
C VAL C 318 3.20 38.79 -14.74
N MET C 319 1.99 39.13 -15.20
CA MET C 319 0.84 38.25 -14.99
C MET C 319 0.89 36.96 -15.80
N ASP C 320 1.68 36.92 -16.89
CA ASP C 320 1.84 35.67 -17.65
C ASP C 320 2.44 34.53 -16.78
N PRO C 321 3.68 34.71 -16.27
CA PRO C 321 4.25 33.64 -15.49
C PRO C 321 3.55 33.37 -14.16
N LEU C 322 2.96 34.38 -13.54
CA LEU C 322 2.19 34.16 -12.33
C LEU C 322 1.05 33.19 -12.61
N GLN C 323 0.30 33.46 -13.67
CA GLN C 323 -0.79 32.58 -14.06
C GLN C 323 -0.28 31.19 -14.48
N THR C 324 0.76 31.16 -15.31
CA THR C 324 1.32 29.90 -15.82
C THR C 324 1.69 28.94 -14.67
N ALA C 325 2.42 29.44 -13.69
CA ALA C 325 2.93 28.60 -12.62
C ALA C 325 1.83 28.08 -11.75
N SER C 326 0.82 28.90 -11.56
CA SER C 326 -0.29 28.58 -10.67
C SER C 326 -1.14 27.39 -11.15
N VAL C 327 -1.11 27.08 -12.44
CA VAL C 327 -1.95 25.99 -12.99
C VAL C 327 -1.15 24.87 -13.69
N GLN C 328 0.13 24.77 -13.38
CA GLN C 328 0.96 23.64 -13.79
C GLN C 328 0.58 22.40 -12.98
N TRP C 329 0.03 21.40 -13.64
CA TRP C 329 -0.42 20.20 -12.95
C TRP C 329 0.69 19.16 -12.83
N PHE C 330 0.92 18.71 -11.61
CA PHE C 330 1.79 17.58 -11.32
C PHE C 330 3.19 17.81 -11.87
N GLU C 331 3.71 16.90 -12.68
CA GLU C 331 5.10 16.93 -13.07
C GLU C 331 5.33 17.82 -14.26
N ARG C 332 4.24 18.32 -14.86
CA ARG C 332 4.25 19.39 -15.89
C ARG C 332 3.00 19.30 -16.79
N THR C 333 2.49 20.46 -17.19
CA THR C 333 1.54 20.55 -18.31
C THR C 333 2.08 21.50 -19.35
N LEU C 334 1.74 21.27 -20.60
CA LEU C 334 2.30 21.98 -21.74
C LEU C 334 1.67 23.34 -22.02
N ASP C 335 0.69 23.74 -21.23
CA ASP C 335 0.13 25.11 -21.32
C ASP C 335 1.10 26.21 -20.91
N ASP C 336 2.31 25.84 -20.51
CA ASP C 336 3.36 26.84 -20.31
C ASP C 336 4.07 27.23 -21.60
N SER C 337 4.10 26.34 -22.58
CA SER C 337 5.09 26.39 -23.65
C SER C 337 4.94 27.60 -24.59
N ALA C 338 3.76 27.76 -25.17
CA ALA C 338 3.53 28.86 -26.15
C ALA C 338 3.66 30.23 -25.46
N ASN C 339 3.10 30.32 -24.27
CA ASN C 339 3.15 31.55 -23.47
C ASN C 339 4.59 31.97 -23.23
N ARG C 340 5.45 31.01 -22.87
CA ARG C 340 6.85 31.28 -22.59
C ARG C 340 7.63 31.69 -23.83
N ARG C 341 7.28 31.16 -25.00
CA ARG C 341 7.92 31.60 -26.25
C ARG C 341 7.71 33.09 -26.48
N ILE C 342 6.56 33.61 -26.04
CA ILE C 342 6.23 35.03 -26.18
C ILE C 342 6.81 35.89 -25.05
N CYS C 343 6.44 35.60 -23.80
CA CYS C 343 6.68 36.54 -22.71
C CYS C 343 8.14 36.65 -22.23
N LEU C 344 8.89 35.56 -22.26
CA LEU C 344 10.28 35.62 -21.78
C LEU C 344 11.12 36.51 -22.70
N ALA C 345 11.14 36.19 -23.99
CA ALA C 345 11.86 37.00 -24.98
C ALA C 345 11.41 38.45 -24.97
N GLU C 346 10.10 38.68 -24.91
CA GLU C 346 9.59 40.04 -25.03
C GLU C 346 9.91 40.88 -23.81
N ALA C 347 9.92 40.27 -22.64
CA ALA C 347 10.29 40.98 -21.43
C ALA C 347 11.75 41.45 -21.54
N PHE C 348 12.64 40.55 -21.94
CA PHE C 348 14.06 40.89 -22.08
C PHE C 348 14.33 41.90 -23.20
N LEU C 349 13.68 41.72 -24.35
CA LEU C 349 13.82 42.66 -25.48
C LEU C 349 13.27 44.04 -25.13
N THR C 350 12.17 44.07 -24.38
CA THR C 350 11.61 45.33 -23.90
C THR C 350 12.55 45.98 -22.89
N ALA C 351 13.03 45.22 -21.92
CA ALA C 351 14.00 45.74 -20.94
C ALA C 351 15.27 46.27 -21.61
N ASP C 352 15.78 45.52 -22.58
CA ASP C 352 16.97 45.92 -23.34
C ASP C 352 16.80 47.30 -23.99
N THR C 353 15.66 47.50 -24.65
CA THR C 353 15.35 48.76 -25.32
C THR C 353 15.24 49.93 -24.35
N ILE C 354 14.55 49.70 -23.23
CA ILE C 354 14.34 50.76 -22.24
C ILE C 354 15.68 51.21 -21.61
N LEU C 355 16.57 50.26 -21.33
CA LEU C 355 17.84 50.60 -20.71
C LEU C 355 18.74 51.37 -21.68
N ASN C 356 18.75 50.97 -22.94
CA ASN C 356 19.51 51.66 -23.95
C ASN C 356 19.00 53.03 -24.12
N THR C 357 17.71 53.12 -24.25
CA THR C 357 17.09 54.42 -24.50
C THR C 357 17.29 55.37 -23.29
N LEU C 358 17.14 54.84 -22.08
CA LEU C 358 17.33 55.66 -20.87
C LEU C 358 18.80 56.07 -20.69
N GLN C 359 19.74 55.22 -21.10
CA GLN C 359 21.16 55.62 -21.08
C GLN C 359 21.39 56.80 -22.01
N ASN C 360 20.85 56.72 -23.22
CA ASN C 360 20.97 57.79 -24.19
C ASN C 360 20.40 59.10 -23.63
N ILE C 361 19.26 59.01 -22.96
CA ILE C 361 18.63 60.18 -22.33
C ILE C 361 19.53 60.79 -21.27
N SER C 362 20.01 59.95 -20.36
CA SER C 362 20.84 60.42 -19.25
C SER C 362 22.20 61.02 -19.68
N GLU C 363 22.75 60.54 -20.78
CA GLU C 363 23.98 61.12 -21.38
C GLU C 363 23.79 62.53 -21.95
N GLY C 364 22.56 62.93 -22.26
CA GLY C 364 22.33 64.20 -22.96
C GLY C 364 21.40 65.16 -22.27
N LEU C 365 21.15 64.98 -20.98
CA LEU C 365 20.22 65.84 -20.25
C LEU C 365 20.72 67.27 -20.28
N VAL C 366 19.81 68.19 -20.61
CA VAL C 366 20.11 69.61 -20.65
C VAL C 366 19.31 70.29 -19.57
N VAL C 367 19.96 71.10 -18.76
CA VAL C 367 19.32 71.80 -17.63
C VAL C 367 19.24 73.29 -17.95
N TYR C 368 18.18 73.95 -17.48
CA TYR C 368 17.98 75.39 -17.69
C TYR C 368 17.86 76.09 -16.36
N PRO C 369 19.01 76.45 -15.74
CA PRO C 369 18.99 77.03 -14.40
C PRO C 369 18.22 78.33 -14.28
N LYS C 370 18.20 79.14 -15.31
CA LYS C 370 17.50 80.44 -15.23
C LYS C 370 16.01 80.27 -15.11
N VAL C 371 15.48 79.23 -15.73
CA VAL C 371 14.08 78.90 -15.57
C VAL C 371 13.85 78.34 -14.18
N ILE C 372 14.74 77.47 -13.73
CA ILE C 372 14.64 76.91 -12.39
C ILE C 372 14.62 78.04 -11.35
N GLU C 373 15.54 78.99 -11.47
CA GLU C 373 15.66 80.14 -10.53
C GLU C 373 14.43 81.04 -10.55
N ARG C 374 13.88 81.29 -11.74
CA ARG C 374 12.68 82.10 -11.86
C ARG C 374 11.50 81.49 -11.14
N ARG C 375 11.32 80.18 -11.31
CA ARG C 375 10.21 79.50 -10.64
C ARG C 375 10.36 79.55 -9.11
N ILE C 376 11.60 79.38 -8.61
CA ILE C 376 11.85 79.50 -7.18
C ILE C 376 11.50 80.91 -6.70
N ARG C 377 11.96 81.93 -7.42
CA ARG C 377 11.63 83.31 -7.03
C ARG C 377 10.11 83.54 -6.90
N GLN C 378 9.34 82.93 -7.79
CA GLN C 378 7.87 83.07 -7.75
C GLN C 378 7.21 82.43 -6.53
N GLU C 379 7.79 81.33 -6.02
CA GLU C 379 7.17 80.55 -4.94
C GLU C 379 7.84 80.66 -3.59
N LEU C 380 9.14 80.82 -3.58
CA LEU C 380 9.95 80.93 -2.33
C LEU C 380 9.39 81.91 -1.30
N PRO C 381 8.90 83.10 -1.73
CA PRO C 381 8.29 84.01 -0.75
C PRO C 381 7.27 83.33 0.18
N PHE C 382 6.41 82.51 -0.38
CA PHE C 382 5.39 81.79 0.39
C PHE C 382 6.02 80.73 1.29
N MET C 383 7.10 80.14 0.81
CA MET C 383 7.80 79.09 1.54
C MET C 383 8.60 79.62 2.73
N ALA C 384 8.91 80.88 2.69
CA ALA C 384 9.63 81.56 3.75
C ALA C 384 8.51 82.17 4.66
N THR C 385 8.59 83.41 5.02
CA THR C 385 7.81 83.97 6.10
C THR C 385 8.21 83.52 7.50
N GLU C 386 8.52 82.26 7.74
CA GLU C 386 9.01 81.81 9.03
C GLU C 386 10.39 82.38 9.35
N ASN C 387 11.27 82.42 8.36
CA ASN C 387 12.59 83.08 8.49
C ASN C 387 12.44 84.56 8.83
N ILE C 388 11.47 85.22 8.20
CA ILE C 388 11.27 86.66 8.36
C ILE C 388 10.72 86.99 9.74
N ILE C 389 9.87 86.12 10.29
CA ILE C 389 9.42 86.25 11.69
C ILE C 389 10.55 86.06 12.68
N MET C 390 11.35 85.00 12.50
CA MET C 390 12.49 84.72 13.41
C MET C 390 13.47 85.92 13.44
N ALA C 391 13.71 86.53 12.28
CA ALA C 391 14.50 87.75 12.18
C ALA C 391 13.85 88.93 12.94
N MET C 392 12.55 89.10 12.75
CA MET C 392 11.79 90.17 13.40
C MET C 392 11.85 90.06 14.94
N VAL C 393 11.81 88.85 15.48
CA VAL C 393 11.81 88.68 16.94
C VAL C 393 13.01 89.40 17.66
N LYS C 394 14.09 89.72 16.95
CA LYS C 394 15.32 90.15 17.53
C LYS C 394 15.45 91.68 17.67
N HIS C 440 14.63 94.31 7.61
CA HIS C 440 14.53 94.79 6.22
C HIS C 440 15.84 94.61 5.43
N SER C 441 16.96 94.95 6.05
CA SER C 441 18.27 94.89 5.39
C SER C 441 18.75 93.44 5.14
N GLN C 442 18.25 92.50 5.93
CA GLN C 442 18.56 91.08 5.79
C GLN C 442 17.81 90.36 4.67
N LEU C 443 16.79 90.98 4.05
CA LEU C 443 15.88 90.25 3.17
C LEU C 443 16.49 89.53 1.96
N ASP C 444 17.49 90.13 1.32
CA ASP C 444 18.20 89.44 0.23
C ASP C 444 18.82 88.13 0.70
N HIS C 445 19.44 88.17 1.89
CA HIS C 445 20.09 87.00 2.47
C HIS C 445 19.06 85.95 2.98
N LEU C 446 17.94 86.40 3.55
CA LEU C 446 16.90 85.49 4.06
C LEU C 446 16.13 84.74 2.95
N LEU C 447 16.10 85.30 1.73
CA LEU C 447 15.48 84.65 0.59
C LEU C 447 16.49 83.98 -0.35
N ASP C 448 17.69 83.72 0.15
CA ASP C 448 18.72 83.01 -0.63
C ASP C 448 18.31 81.53 -0.76
N PRO C 449 18.02 81.07 -2.00
CA PRO C 449 17.56 79.69 -2.20
C PRO C 449 18.48 78.61 -1.64
N SER C 450 19.80 78.83 -1.66
CA SER C 450 20.77 77.83 -1.17
C SER C 450 20.55 77.39 0.28
N SER C 451 20.03 78.28 1.13
CA SER C 451 19.80 77.97 2.53
C SER C 451 18.50 77.18 2.80
N PHE C 452 17.61 77.07 1.82
CA PHE C 452 16.33 76.36 1.96
C PHE C 452 16.38 74.88 1.53
N THR C 453 17.51 74.42 1.01
CA THR C 453 17.65 73.06 0.51
C THR C 453 18.03 72.01 1.57
N GLY C 454 18.02 72.39 2.84
CA GLY C 454 18.40 71.49 3.93
C GLY C 454 19.70 70.75 3.65
N ARG C 455 19.69 69.44 3.83
CA ARG C 455 20.89 68.62 3.70
C ARG C 455 21.03 67.96 2.32
N ALA C 456 20.35 68.51 1.31
CA ALA C 456 20.25 67.86 -0.01
C ALA C 456 21.61 67.48 -0.60
N SER C 457 22.53 68.44 -0.69
CA SER C 457 23.83 68.15 -1.31
C SER C 457 24.67 67.17 -0.47
N GLN C 458 24.53 67.23 0.86
CA GLN C 458 25.22 66.27 1.75
C GLN C 458 24.67 64.86 1.59
N GLN C 459 23.35 64.75 1.44
CA GLN C 459 22.71 63.48 1.17
C GLN C 459 23.22 62.85 -0.13
N VAL C 460 23.38 63.65 -1.18
CA VAL C 460 23.86 63.15 -2.47
C VAL C 460 25.21 62.50 -2.31
N GLN C 461 26.17 63.23 -1.74
CA GLN C 461 27.52 62.72 -1.62
C GLN C 461 27.56 61.45 -0.77
N ARG C 462 26.87 61.43 0.36
CA ARG C 462 26.87 60.24 1.21
C ARG C 462 26.26 59.02 0.50
N PHE C 463 25.17 59.23 -0.20
CA PHE C 463 24.46 58.17 -0.96
C PHE C 463 25.33 57.59 -2.07
N LEU C 464 25.90 58.48 -2.90
CA LEU C 464 26.74 58.04 -4.01
C LEU C 464 27.94 57.20 -3.54
N GLU C 465 28.56 57.64 -2.44
CA GLU C 465 29.74 56.97 -1.93
C GLU C 465 29.42 55.67 -1.22
N GLU C 466 28.46 55.69 -0.31
CA GLU C 466 28.15 54.49 0.47
C GLU C 466 27.38 53.42 -0.33
N GLU C 467 26.45 53.85 -1.20
CA GLU C 467 25.46 52.93 -1.77
C GLU C 467 25.57 52.69 -3.27
N VAL C 468 26.04 53.67 -4.04
CA VAL C 468 26.01 53.61 -5.51
C VAL C 468 27.35 53.15 -6.09
N TYR C 469 28.42 53.89 -5.81
CA TYR C 469 29.74 53.56 -6.40
C TYR C 469 30.18 52.08 -6.19
N PRO C 470 29.92 51.48 -4.99
CA PRO C 470 30.29 50.07 -4.80
C PRO C 470 29.58 49.10 -5.76
N LEU C 471 28.32 49.38 -6.09
CA LEU C 471 27.58 48.55 -7.05
C LEU C 471 28.08 48.71 -8.49
N LEU C 472 28.64 49.87 -8.81
CA LEU C 472 29.18 50.13 -10.13
C LEU C 472 30.57 49.58 -10.36
N LYS C 473 31.32 49.32 -9.27
CA LYS C 473 32.74 48.94 -9.35
C LYS C 473 33.02 47.80 -10.35
N PRO C 474 32.26 46.68 -10.28
CA PRO C 474 32.52 45.55 -11.19
C PRO C 474 32.32 45.83 -12.69
N TYR C 475 31.61 46.91 -13.02
CA TYR C 475 31.34 47.26 -14.42
C TYR C 475 32.22 48.41 -14.92
N GLU C 476 33.28 48.73 -14.18
CA GLU C 476 34.18 49.85 -14.52
C GLU C 476 34.74 49.76 -15.95
N SER C 477 35.14 48.55 -16.36
CA SER C 477 35.74 48.36 -17.70
C SER C 477 34.76 48.62 -18.88
N VAL C 478 33.46 48.49 -18.66
CA VAL C 478 32.48 48.63 -19.77
C VAL C 478 31.67 49.96 -19.71
N MET C 479 32.10 50.90 -18.87
CA MET C 479 31.38 52.18 -18.66
C MET C 479 31.41 53.15 -19.83
N LYS C 480 32.38 53.01 -20.73
CA LYS C 480 32.68 54.04 -21.72
C LYS C 480 31.73 54.01 -22.92
N VAL C 481 31.03 52.89 -23.11
CA VAL C 481 30.15 52.71 -24.28
C VAL C 481 29.02 53.74 -24.29
N LYS C 482 28.85 54.42 -25.43
CA LYS C 482 27.77 55.43 -25.60
C LYS C 482 26.56 54.71 -26.18
N ALA C 483 25.38 55.18 -25.83
CA ALA C 483 24.11 54.64 -26.41
C ALA C 483 23.76 54.77 -27.90
N GLU C 484 22.69 54.10 -28.29
CA GLU C 484 22.35 53.81 -29.70
C GLU C 484 21.36 54.80 -30.27
N LEU C 485 20.13 54.42 -30.72
CA LEU C 485 19.18 55.31 -31.33
C LEU C 485 19.70 55.94 -32.55
N GLY D 11 -17.45 42.93 14.24
CA GLY D 11 -18.31 43.91 13.48
C GLY D 11 -19.78 43.51 13.31
N SER D 12 -20.63 44.49 12.97
CA SER D 12 -22.08 44.27 12.79
C SER D 12 -22.42 43.77 11.37
N PRO D 13 -23.37 42.79 11.26
CA PRO D 13 -23.77 42.30 9.95
C PRO D 13 -24.69 43.24 9.12
N ASP D 14 -25.07 44.40 9.66
CA ASP D 14 -25.93 45.33 8.93
C ASP D 14 -25.19 46.17 7.85
N SER D 15 -23.85 46.16 7.86
CA SER D 15 -23.05 46.74 6.76
C SER D 15 -21.99 45.75 6.25
N TYR D 16 -21.46 46.01 5.06
CA TYR D 16 -20.38 45.19 4.47
C TYR D 16 -19.18 45.12 5.39
N ARG D 17 -18.69 43.91 5.59
CA ARG D 17 -17.40 43.66 6.26
C ARG D 17 -16.52 42.84 5.35
N SER D 18 -15.22 43.08 5.39
CA SER D 18 -14.28 42.27 4.60
C SER D 18 -14.37 40.84 5.10
N PRO D 19 -14.54 39.88 4.18
CA PRO D 19 -14.41 38.50 4.59
C PRO D 19 -13.03 38.14 5.14
N LEU D 20 -12.00 38.90 4.78
CA LEU D 20 -10.67 38.71 5.37
C LEU D 20 -10.67 38.95 6.90
N ALA D 21 -11.51 39.88 7.36
CA ALA D 21 -11.69 40.14 8.81
C ALA D 21 -12.70 39.19 9.43
N SER D 22 -13.83 39.03 8.77
CA SER D 22 -15.00 38.38 9.37
C SER D 22 -14.99 36.86 9.27
N ARG D 23 -14.06 36.32 8.49
CA ARG D 23 -14.16 34.92 8.05
C ARG D 23 -12.83 34.18 7.98
N TYR D 24 -11.78 34.84 7.48
CA TYR D 24 -10.58 34.15 7.05
C TYR D 24 -9.35 34.31 7.94
N ALA D 25 -8.89 35.54 8.13
CA ALA D 25 -7.55 35.77 8.69
C ALA D 25 -7.49 35.59 10.19
N SER D 26 -6.29 35.32 10.69
CA SER D 26 -6.06 35.14 12.14
C SER D 26 -6.25 36.43 12.91
N PRO D 27 -6.67 36.34 14.19
CA PRO D 27 -6.74 37.52 15.09
C PRO D 27 -5.44 38.35 15.13
N GLU D 28 -4.28 37.68 15.07
CA GLU D 28 -3.00 38.38 15.24
C GLU D 28 -2.71 39.26 14.03
N MET D 29 -2.96 38.74 12.83
CA MET D 29 -2.75 39.53 11.61
C MET D 29 -3.78 40.64 11.51
N CYS D 30 -5.03 40.35 11.86
CA CYS D 30 -6.07 41.35 11.92
C CYS D 30 -5.70 42.48 12.88
N PHE D 31 -5.08 42.17 14.01
CA PHE D 31 -4.68 43.22 14.96
C PHE D 31 -3.58 44.13 14.39
N VAL D 32 -2.61 43.52 13.71
CA VAL D 32 -1.52 44.27 13.08
C VAL D 32 -2.03 45.33 12.07
N PHE D 33 -3.10 45.01 11.33
CA PHE D 33 -3.68 45.97 10.38
C PHE D 33 -4.89 46.73 10.92
N SER D 34 -5.04 46.76 12.23
CA SER D 34 -6.16 47.44 12.87
C SER D 34 -5.83 48.93 13.03
N ASP D 35 -6.89 49.72 13.22
CA ASP D 35 -6.73 51.15 13.45
C ASP D 35 -6.20 51.45 14.86
N ARG D 36 -6.49 50.59 15.82
CA ARG D 36 -5.92 50.76 17.15
C ARG D 36 -4.42 50.67 17.05
N TYR D 37 -3.92 49.60 16.43
CA TYR D 37 -2.47 49.45 16.30
C TYR D 37 -1.84 50.59 15.49
N LYS D 38 -2.54 51.05 14.45
CA LYS D 38 -2.04 52.12 13.60
C LYS D 38 -1.85 53.41 14.38
N PHE D 39 -2.92 53.88 15.00
CA PHE D 39 -2.90 55.19 15.67
C PHE D 39 -2.16 55.20 17.01
N ARG D 40 -1.96 54.00 17.52
CA ARG D 40 -1.23 53.74 18.73
C ARG D 40 0.22 53.91 18.36
N THR D 41 0.57 53.43 17.20
CA THR D 41 1.94 53.49 16.68
C THR D 41 2.31 54.90 16.21
N TRP D 42 1.35 55.64 15.67
CA TRP D 42 1.54 57.07 15.39
C TRP D 42 2.02 57.76 16.67
N ARG D 43 1.26 57.58 17.75
CA ARG D 43 1.61 58.18 19.04
C ARG D 43 2.95 57.69 19.57
N GLN D 44 3.23 56.40 19.42
CA GLN D 44 4.55 55.85 19.78
C GLN D 44 5.67 56.57 19.04
N LEU D 45 5.48 56.81 17.74
CA LEU D 45 6.49 57.49 16.94
C LEU D 45 6.66 58.95 17.32
N TRP D 46 5.56 59.62 17.66
CA TRP D 46 5.63 61.00 18.15
C TRP D 46 6.41 61.09 19.47
N LEU D 47 6.20 60.09 20.34
CA LEU D 47 6.94 59.99 21.60
C LEU D 47 8.42 59.79 21.37
N TRP D 48 8.77 58.87 20.48
CA TRP D 48 10.18 58.60 20.17
C TRP D 48 10.88 59.82 19.58
N LEU D 49 10.16 60.59 18.77
CA LEU D 49 10.68 61.83 18.19
C LEU D 49 10.96 62.86 19.27
N ALA D 50 9.98 63.09 20.13
CA ALA D 50 10.13 63.98 21.28
C ALA D 50 11.31 63.56 22.19
N GLU D 51 11.40 62.27 22.50
CA GLU D 51 12.49 61.73 23.33
C GLU D 51 13.86 62.06 22.75
N ALA D 52 14.06 61.72 21.49
CA ALA D 52 15.33 61.92 20.81
C ALA D 52 15.64 63.41 20.62
N GLU D 53 14.61 64.19 20.32
CA GLU D 53 14.76 65.64 20.19
C GLU D 53 15.21 66.30 21.50
N GLN D 54 14.65 65.84 22.63
CA GLN D 54 15.07 66.34 23.95
C GLN D 54 16.53 65.97 24.24
N THR D 55 16.86 64.70 24.07
CA THR D 55 18.23 64.25 24.23
C THR D 55 19.23 65.08 23.41
N LEU D 56 18.82 65.51 22.21
CA LEU D 56 19.72 66.26 21.32
C LEU D 56 19.67 67.77 21.52
N GLY D 57 18.86 68.23 22.46
CA GLY D 57 18.95 69.61 22.98
C GLY D 57 17.79 70.55 22.72
N LEU D 58 16.68 70.06 22.15
CA LEU D 58 15.54 70.92 21.85
C LEU D 58 14.70 71.15 23.12
N PRO D 59 13.95 72.28 23.18
CA PRO D 59 13.21 72.67 24.40
C PRO D 59 11.96 71.83 24.69
N ILE D 60 12.19 70.60 25.16
CA ILE D 60 11.11 69.66 25.50
C ILE D 60 11.34 69.18 26.94
N THR D 61 10.33 69.34 27.79
CA THR D 61 10.44 69.02 29.22
C THR D 61 10.14 67.55 29.50
N ASP D 62 10.70 67.02 30.59
CA ASP D 62 10.40 65.65 31.05
C ASP D 62 8.90 65.41 31.28
N GLU D 63 8.19 66.45 31.72
CA GLU D 63 6.75 66.34 31.99
C GLU D 63 5.92 66.25 30.70
N GLN D 64 6.36 66.93 29.63
CA GLN D 64 5.72 66.80 28.31
C GLN D 64 5.85 65.38 27.76
N ILE D 65 7.05 64.82 27.88
CA ILE D 65 7.32 63.42 27.47
C ILE D 65 6.48 62.41 28.25
N GLN D 66 6.34 62.59 29.54
CA GLN D 66 5.56 61.71 30.40
C GLN D 66 4.12 61.74 29.97
N GLU D 67 3.61 62.92 29.78
CA GLU D 67 2.23 63.14 29.37
C GLU D 67 1.88 62.33 28.11
N MET D 68 2.76 62.42 27.11
CA MET D 68 2.63 61.64 25.87
C MET D 68 2.68 60.15 26.14
N LYS D 69 3.63 59.73 26.99
CA LYS D 69 3.84 58.31 27.32
C LYS D 69 2.63 57.70 28.03
N SER D 70 1.97 58.49 28.87
CA SER D 70 0.78 58.03 29.60
C SER D 70 -0.46 57.87 28.72
N ASN D 71 -0.49 58.54 27.57
CA ASN D 71 -1.69 58.56 26.72
C ASN D 71 -1.51 57.89 25.34
N LEU D 72 -0.54 57.01 25.21
CA LEU D 72 -0.31 56.27 23.96
C LEU D 72 -1.55 55.49 23.50
N GLU D 73 -2.20 54.80 24.44
CA GLU D 73 -3.36 53.98 24.14
C GLU D 73 -4.71 54.73 24.25
N ASN D 74 -4.68 55.93 24.84
CA ASN D 74 -5.90 56.69 25.17
C ASN D 74 -6.35 57.55 23.96
N ILE D 75 -6.95 56.89 22.97
CA ILE D 75 -7.24 57.51 21.68
C ILE D 75 -8.75 57.76 21.56
N ASP D 76 -9.11 59.04 21.52
CA ASP D 76 -10.49 59.46 21.29
C ASP D 76 -10.87 59.39 19.78
N PHE D 77 -11.37 58.24 19.34
CA PHE D 77 -11.70 58.04 17.92
C PHE D 77 -12.80 58.95 17.42
N LYS D 78 -13.80 59.19 18.25
CA LYS D 78 -14.91 60.06 17.90
C LYS D 78 -14.41 61.49 17.62
N MET D 79 -13.52 61.99 18.48
CA MET D 79 -12.97 63.34 18.34
C MET D 79 -12.03 63.46 17.13
N ALA D 80 -11.27 62.41 16.85
CA ALA D 80 -10.42 62.38 15.67
C ALA D 80 -11.22 62.41 14.39
N ALA D 81 -12.35 61.70 14.36
CA ALA D 81 -13.24 61.75 13.19
C ALA D 81 -13.85 63.15 12.99
N GLU D 82 -14.20 63.84 14.06
CA GLU D 82 -14.76 65.18 13.95
C GLU D 82 -13.70 66.16 13.45
N GLU D 83 -12.49 66.04 13.96
CA GLU D 83 -11.39 66.85 13.48
C GLU D 83 -11.07 66.56 12.01
N GLU D 84 -11.16 65.31 11.61
CA GLU D 84 -10.87 64.94 10.23
C GLU D 84 -11.96 65.47 9.28
N LYS D 85 -13.23 65.47 9.71
CA LYS D 85 -14.29 66.09 8.93
C LYS D 85 -14.10 67.61 8.76
N ARG D 86 -13.59 68.25 9.81
CA ARG D 86 -13.29 69.67 9.79
C ARG D 86 -12.05 70.00 8.91
N LEU D 87 -10.97 69.25 9.07
CA LEU D 87 -9.68 69.57 8.46
C LEU D 87 -9.39 68.87 7.14
N ARG D 88 -9.91 67.66 6.98
CA ARG D 88 -9.63 66.81 5.81
C ARG D 88 -8.16 66.37 5.76
N HIS D 89 -7.59 66.22 6.95
CA HIS D 89 -6.22 65.78 7.11
C HIS D 89 -6.16 64.84 8.30
N ASP D 90 -6.01 63.53 8.05
CA ASP D 90 -6.04 62.55 9.14
C ASP D 90 -4.90 62.71 10.15
N VAL D 91 -3.70 63.02 9.67
CA VAL D 91 -2.55 63.21 10.57
C VAL D 91 -2.72 64.43 11.47
N MET D 92 -3.18 65.53 10.90
CA MET D 92 -3.38 66.75 11.68
C MET D 92 -4.53 66.60 12.65
N ALA D 93 -5.56 65.87 12.24
CA ALA D 93 -6.65 65.52 13.14
C ALA D 93 -6.13 64.81 14.37
N HIS D 94 -5.23 63.84 14.17
CA HIS D 94 -4.70 63.06 15.29
C HIS D 94 -3.69 63.83 16.13
N VAL D 95 -3.02 64.82 15.54
CA VAL D 95 -2.13 65.72 16.28
C VAL D 95 -2.93 66.58 17.26
N HIS D 96 -4.05 67.15 16.77
CA HIS D 96 -4.95 67.92 17.61
C HIS D 96 -5.54 67.06 18.73
N THR D 97 -6.01 65.87 18.38
CA THR D 97 -6.61 64.95 19.33
C THR D 97 -5.61 64.50 20.42
N PHE D 98 -4.38 64.26 20.01
CA PHE D 98 -3.32 63.88 20.94
C PHE D 98 -2.95 65.09 21.81
N GLY D 99 -2.87 66.26 21.20
CA GLY D 99 -2.62 67.51 21.93
C GLY D 99 -3.72 67.88 22.92
N HIS D 100 -4.89 67.35 22.68
CA HIS D 100 -6.00 67.63 23.52
C HIS D 100 -5.93 66.88 24.82
N CYS D 101 -5.19 65.78 24.86
CA CYS D 101 -5.06 65.06 26.10
C CYS D 101 -3.71 65.21 26.75
N CYS D 102 -2.81 65.92 26.08
CA CYS D 102 -1.49 66.20 26.57
C CYS D 102 -1.33 67.70 26.39
N PRO D 103 -2.22 68.47 26.98
CA PRO D 103 -2.18 69.94 26.75
C PRO D 103 -0.79 70.59 26.90
N LYS D 104 0.03 70.07 27.82
CA LYS D 104 1.41 70.58 27.99
C LYS D 104 2.31 70.25 26.81
N ALA D 105 2.16 69.05 26.27
CA ALA D 105 2.96 68.58 25.13
C ALA D 105 2.45 69.05 23.76
N ALA D 106 1.17 69.42 23.68
CA ALA D 106 0.52 69.82 22.41
C ALA D 106 1.39 70.63 21.44
N GLY D 107 2.12 71.60 21.97
CA GLY D 107 2.97 72.46 21.15
C GLY D 107 4.23 71.83 20.56
N ILE D 108 4.70 70.72 21.13
CA ILE D 108 5.93 70.05 20.66
C ILE D 108 5.69 68.72 19.91
N ILE D 109 4.44 68.26 19.85
CA ILE D 109 4.10 67.07 19.08
C ILE D 109 4.31 67.33 17.58
N HIS D 110 4.98 66.41 16.91
CA HIS D 110 5.21 66.49 15.46
C HIS D 110 6.25 67.57 15.09
N LEU D 111 7.05 67.99 16.06
CA LEU D 111 7.97 69.10 15.88
C LEU D 111 8.98 68.83 14.76
N GLY D 112 8.85 69.56 13.64
CA GLY D 112 9.80 69.48 12.54
C GLY D 112 9.41 68.47 11.47
N ALA D 113 8.36 67.71 11.73
CA ALA D 113 8.06 66.52 10.95
C ALA D 113 7.01 66.79 9.89
N THR D 114 6.89 65.83 8.98
CA THR D 114 5.81 65.80 7.99
C THR D 114 4.95 64.56 8.26
N SER D 115 3.78 64.53 7.64
CA SER D 115 2.80 63.48 7.92
C SER D 115 3.38 62.08 7.75
N CYS D 116 4.21 61.91 6.73
CA CYS D 116 4.85 60.62 6.48
C CYS D 116 5.75 60.11 7.61
N TYR D 117 6.19 61.00 8.51
CA TYR D 117 6.93 60.54 9.68
C TYR D 117 6.14 59.47 10.45
N VAL D 118 4.86 59.73 10.70
CA VAL D 118 3.99 58.73 11.31
C VAL D 118 3.34 57.78 10.29
N GLY D 119 2.94 58.31 9.13
CA GLY D 119 2.24 57.50 8.12
C GLY D 119 3.10 56.36 7.60
N ASP D 120 4.24 56.71 7.02
CA ASP D 120 5.12 55.74 6.37
C ASP D 120 5.86 54.83 7.36
N ASN D 121 6.42 55.40 8.42
CA ASN D 121 7.15 54.60 9.39
C ASN D 121 6.22 53.60 10.07
N THR D 122 4.99 53.98 10.35
CA THR D 122 4.03 53.03 10.88
C THR D 122 3.78 51.90 9.88
N ASP D 123 3.61 52.26 8.61
CA ASP D 123 3.39 51.26 7.57
C ASP D 123 4.60 50.31 7.47
N LEU D 124 5.81 50.84 7.59
CA LEU D 124 7.01 49.97 7.59
C LEU D 124 7.10 49.08 8.82
N ILE D 125 6.71 49.57 9.98
CA ILE D 125 6.65 48.76 11.19
C ILE D 125 5.60 47.65 11.02
N ILE D 126 4.43 48.01 10.51
CA ILE D 126 3.38 47.05 10.22
C ILE D 126 3.84 45.97 9.24
N LEU D 127 4.47 46.36 8.14
CA LEU D 127 4.92 45.40 7.13
C LEU D 127 5.87 44.40 7.76
N ARG D 128 6.84 44.89 8.51
CA ARG D 128 7.83 44.05 9.18
C ARG D 128 7.18 43.08 10.15
N ASN D 129 6.28 43.56 10.99
CA ASN D 129 5.56 42.68 11.92
C ASN D 129 4.76 41.61 11.16
N ALA D 130 4.14 42.02 10.06
CA ALA D 130 3.30 41.13 9.28
C ALA D 130 4.12 40.02 8.65
N LEU D 131 5.29 40.38 8.12
CA LEU D 131 6.23 39.37 7.60
C LEU D 131 6.66 38.40 8.71
N ASP D 132 6.89 38.92 9.90
CA ASP D 132 7.27 38.08 11.04
C ASP D 132 6.17 37.11 11.47
N LEU D 133 4.91 37.45 11.21
CA LEU D 133 3.81 36.52 11.46
C LEU D 133 3.70 35.46 10.37
N LEU D 134 3.98 35.83 9.12
CA LEU D 134 3.89 34.88 8.00
C LEU D 134 4.99 33.82 8.04
N LEU D 135 6.22 34.25 8.35
CA LEU D 135 7.38 33.37 8.26
C LEU D 135 7.23 32.02 9.00
N PRO D 136 6.83 32.05 10.29
CA PRO D 136 6.66 30.78 11.00
C PRO D 136 5.59 29.88 10.42
N LYS D 137 4.51 30.48 9.92
CA LYS D 137 3.39 29.70 9.36
C LYS D 137 3.84 29.00 8.10
N LEU D 138 4.58 29.71 7.27
CA LEU D 138 5.17 29.11 6.07
C LEU D 138 6.15 28.00 6.44
N ALA D 139 7.01 28.26 7.41
CA ALA D 139 7.94 27.24 7.92
C ALA D 139 7.22 25.99 8.41
N ARG D 140 6.15 26.16 9.17
CA ARG D 140 5.34 25.02 9.60
C ARG D 140 4.72 24.26 8.44
N VAL D 141 4.25 24.96 7.42
CA VAL D 141 3.70 24.27 6.24
C VAL D 141 4.78 23.41 5.62
N ILE D 142 5.96 23.99 5.44
CA ILE D 142 7.09 23.28 4.82
C ILE D 142 7.47 22.07 5.66
N SER D 143 7.48 22.25 6.99
CA SER D 143 7.84 21.17 7.91
C SER D 143 6.84 20.02 7.86
N ARG D 144 5.55 20.33 7.89
CA ARG D 144 4.54 19.28 7.83
C ARG D 144 4.64 18.50 6.53
N LEU D 145 4.83 19.21 5.41
CA LEU D 145 5.03 18.55 4.12
C LEU D 145 6.32 17.76 4.06
N ALA D 146 7.37 18.26 4.72
CA ALA D 146 8.63 17.51 4.81
C ALA D 146 8.48 16.18 5.56
N ASP D 147 7.75 16.19 6.69
CA ASP D 147 7.40 14.93 7.40
C ASP D 147 6.69 13.98 6.44
N PHE D 148 5.66 14.47 5.77
CA PHE D 148 4.89 13.70 4.80
C PHE D 148 5.77 13.15 3.68
N ALA D 149 6.66 13.98 3.15
CA ALA D 149 7.53 13.59 2.04
C ALA D 149 8.49 12.46 2.41
N LYS D 150 9.06 12.54 3.62
CA LYS D 150 9.96 11.51 4.14
C LYS D 150 9.20 10.20 4.33
N GLU D 151 8.06 10.29 5.01
CA GLU D 151 7.20 9.15 5.27
C GLU D 151 6.80 8.43 3.97
N ARG D 152 6.61 9.17 2.88
CA ARG D 152 6.14 8.57 1.61
C ARG D 152 7.20 8.61 0.51
N ALA D 153 8.46 8.73 0.89
CA ALA D 153 9.55 8.88 -0.07
C ALA D 153 9.63 7.74 -1.08
N SER D 154 9.28 6.53 -0.64
CA SER D 154 9.41 5.32 -1.46
C SER D 154 8.11 4.78 -2.04
N LEU D 155 6.99 5.41 -1.73
CA LEU D 155 5.67 4.95 -2.18
C LEU D 155 5.45 5.28 -3.66
N PRO D 156 5.58 4.27 -4.56
CA PRO D 156 5.42 4.61 -5.98
C PRO D 156 4.03 5.10 -6.31
N THR D 157 3.95 6.04 -7.26
CA THR D 157 2.69 6.59 -7.75
C THR D 157 2.84 6.95 -9.22
N LEU D 158 1.73 6.92 -9.94
CA LEU D 158 1.75 7.19 -11.37
C LEU D 158 2.17 8.65 -11.59
N GLY D 159 3.15 8.84 -12.46
CA GLY D 159 3.59 10.19 -12.82
C GLY D 159 2.60 10.77 -13.83
N PHE D 160 2.54 12.10 -13.89
CA PHE D 160 1.65 12.77 -14.80
C PHE D 160 2.32 13.94 -15.50
N THR D 161 2.41 13.85 -16.82
CA THR D 161 2.76 14.99 -17.66
C THR D 161 1.63 15.19 -18.68
N HIS D 162 1.26 16.44 -18.90
CA HIS D 162 0.02 16.79 -19.65
C HIS D 162 -1.24 16.18 -19.01
N PHE D 163 -1.12 15.85 -17.73
CA PHE D 163 -2.08 14.99 -17.00
C PHE D 163 -2.40 13.68 -17.70
N GLN D 164 -1.40 13.14 -18.41
CA GLN D 164 -1.46 11.79 -18.97
C GLN D 164 -0.49 10.90 -18.20
N PRO D 165 -0.82 9.60 -18.08
CA PRO D 165 0.07 8.66 -17.37
C PRO D 165 1.49 8.71 -17.91
N ALA D 166 2.45 8.80 -17.01
CA ALA D 166 3.86 8.98 -17.36
C ALA D 166 4.74 8.24 -16.33
N GLN D 167 6.05 8.24 -16.56
CA GLN D 167 6.94 7.34 -15.79
C GLN D 167 6.75 7.59 -14.30
N LEU D 168 6.80 6.51 -13.52
CA LEU D 168 6.46 6.57 -12.10
C LEU D 168 7.34 7.52 -11.33
N THR D 169 6.74 8.20 -10.36
CA THR D 169 7.45 9.00 -9.35
C THR D 169 7.06 8.37 -8.00
N THR D 170 7.29 9.07 -6.90
CA THR D 170 6.77 8.64 -5.60
C THR D 170 5.99 9.77 -4.99
N VAL D 171 5.15 9.43 -4.02
CA VAL D 171 4.28 10.42 -3.39
C VAL D 171 5.12 11.49 -2.70
N GLY D 172 6.20 11.05 -2.07
CA GLY D 172 7.11 11.96 -1.37
C GLY D 172 7.91 12.81 -2.31
N LYS D 173 8.33 12.26 -3.44
CA LYS D 173 9.05 13.04 -4.44
C LYS D 173 8.17 14.15 -5.00
N ARG D 174 6.93 13.82 -5.34
CA ARG D 174 5.98 14.83 -5.80
C ARG D 174 5.77 15.90 -4.74
N CYS D 175 5.66 15.48 -3.49
CA CYS D 175 5.54 16.43 -2.40
C CYS D 175 6.73 17.40 -2.38
N CYS D 176 7.93 16.94 -2.75
CA CYS D 176 9.11 17.81 -2.83
C CYS D 176 9.01 18.92 -3.89
N LEU D 177 8.29 18.68 -4.99
CA LEU D 177 7.97 19.75 -5.94
C LEU D 177 7.28 20.93 -5.22
N TRP D 178 6.30 20.59 -4.40
CA TRP D 178 5.57 21.58 -3.62
C TRP D 178 6.47 22.24 -2.58
N ILE D 179 7.24 21.42 -1.85
CA ILE D 179 8.12 21.91 -0.80
C ILE D 179 9.16 22.88 -1.37
N GLN D 180 9.72 22.54 -2.53
CA GLN D 180 10.73 23.41 -3.16
C GLN D 180 10.22 24.81 -3.43
N ASP D 181 9.06 24.91 -4.07
CA ASP D 181 8.46 26.22 -4.36
C ASP D 181 8.24 27.01 -3.08
N LEU D 182 7.70 26.35 -2.04
CA LEU D 182 7.47 27.01 -0.76
C LEU D 182 8.77 27.43 -0.06
N CYS D 183 9.83 26.66 -0.24
CA CYS D 183 11.15 27.03 0.32
C CYS D 183 11.69 28.28 -0.37
N MET D 184 11.47 28.39 -1.68
CA MET D 184 11.87 29.60 -2.40
C MET D 184 11.11 30.81 -1.86
N ASP D 185 9.85 30.61 -1.50
CA ASP D 185 9.08 31.68 -0.86
C ASP D 185 9.63 32.07 0.50
N LEU D 186 9.96 31.08 1.32
CA LEU D 186 10.56 31.33 2.62
C LEU D 186 11.86 32.13 2.49
N GLN D 187 12.71 31.76 1.53
CA GLN D 187 13.93 32.53 1.26
C GLN D 187 13.62 33.96 0.88
N ASN D 188 12.60 34.15 0.05
CA ASN D 188 12.20 35.50 -0.40
C ASN D 188 11.61 36.35 0.72
N LEU D 189 10.72 35.78 1.52
CA LEU D 189 10.13 36.50 2.64
C LEU D 189 11.21 36.90 3.67
N LYS D 190 12.13 36.00 3.97
CA LYS D 190 13.25 36.29 4.89
C LYS D 190 14.07 37.47 4.34
N ARG D 191 14.44 37.40 3.07
CA ARG D 191 15.24 38.44 2.42
C ARG D 191 14.58 39.83 2.51
N VAL D 192 13.32 39.89 2.14
CA VAL D 192 12.57 41.15 2.16
C VAL D 192 12.44 41.68 3.59
N ARG D 193 12.16 40.80 4.53
CA ARG D 193 12.07 41.19 5.94
C ARG D 193 13.39 41.79 6.45
N ASP D 194 14.51 41.14 6.13
CA ASP D 194 15.83 41.56 6.61
C ASP D 194 16.34 42.84 5.92
N ASP D 195 16.03 43.01 4.63
CA ASP D 195 16.51 44.18 3.84
C ASP D 195 15.58 45.41 3.94
N LEU D 196 14.45 45.28 4.63
CA LEU D 196 13.50 46.38 4.76
C LEU D 196 14.11 47.52 5.58
N ARG D 197 14.16 48.72 4.98
CA ARG D 197 14.71 49.90 5.62
C ARG D 197 13.64 50.84 6.14
N PHE D 198 14.01 51.62 7.14
CA PHE D 198 13.14 52.59 7.79
C PHE D 198 13.19 53.93 7.05
N ARG D 199 12.08 54.66 7.01
CA ARG D 199 12.07 55.99 6.43
C ARG D 199 12.84 56.91 7.35
N GLY D 200 12.53 56.83 8.63
CA GLY D 200 13.19 57.65 9.61
C GLY D 200 12.66 59.05 9.60
N VAL D 201 13.57 60.00 9.85
CA VAL D 201 13.25 61.41 10.00
C VAL D 201 13.86 62.12 8.80
N LYS D 202 13.00 62.62 7.91
CA LYS D 202 13.44 63.11 6.60
C LYS D 202 12.86 64.46 6.15
N GLY D 203 11.82 64.97 6.80
CA GLY D 203 11.24 66.27 6.42
C GLY D 203 10.31 66.19 5.22
N THR D 204 9.67 67.33 4.93
CA THR D 204 8.58 67.40 3.94
C THR D 204 8.96 66.88 2.55
N THR D 205 10.18 67.17 2.10
CA THR D 205 10.64 66.73 0.78
C THR D 205 11.90 65.86 0.84
N GLY D 206 12.20 65.33 2.02
CA GLY D 206 13.35 64.44 2.23
C GLY D 206 14.69 65.12 2.43
N THR D 207 14.70 66.45 2.62
CA THR D 207 15.95 67.22 2.77
C THR D 207 16.32 67.46 4.23
N GLN D 208 15.39 67.13 5.14
CA GLN D 208 15.58 67.37 6.56
C GLN D 208 15.78 68.84 6.88
N ALA D 209 15.26 69.73 6.03
CA ALA D 209 15.53 71.16 6.17
C ALA D 209 15.01 71.70 7.50
N SER D 210 13.83 71.21 7.90
CA SER D 210 13.19 71.60 9.14
C SER D 210 14.07 71.25 10.35
N PHE D 211 14.59 70.03 10.36
CA PHE D 211 15.41 69.54 11.45
C PHE D 211 16.77 70.23 11.49
N LEU D 212 17.31 70.53 10.31
CA LEU D 212 18.56 71.29 10.23
C LEU D 212 18.39 72.67 10.88
N GLN D 213 17.27 73.34 10.60
CA GLN D 213 16.99 74.65 11.19
C GLN D 213 16.75 74.55 12.71
N LEU D 214 16.05 73.51 13.16
CA LEU D 214 15.84 73.29 14.59
C LEU D 214 17.13 73.11 15.38
N PHE D 215 18.11 72.45 14.77
CA PHE D 215 19.44 72.28 15.39
C PHE D 215 20.44 73.34 14.89
N GLU D 216 19.92 74.51 14.50
CA GLU D 216 20.74 75.67 14.11
C GLU D 216 21.94 75.30 13.24
N GLY D 217 21.69 74.54 12.19
CA GLY D 217 22.71 74.20 11.19
C GLY D 217 23.61 73.01 11.50
N ASP D 218 23.34 72.30 12.58
CA ASP D 218 24.19 71.17 12.99
C ASP D 218 23.78 69.87 12.25
N ASP D 219 24.46 69.60 11.14
CA ASP D 219 24.21 68.37 10.34
C ASP D 219 24.27 67.11 11.17
N HIS D 220 25.28 67.02 12.04
CA HIS D 220 25.51 65.82 12.86
C HIS D 220 24.30 65.50 13.75
N LYS D 221 23.70 66.53 14.34
CA LYS D 221 22.53 66.33 15.19
C LYS D 221 21.35 65.76 14.40
N VAL D 222 21.20 66.21 13.14
CA VAL D 222 20.15 65.71 12.28
C VAL D 222 20.34 64.22 12.00
N GLU D 223 21.56 63.83 11.63
CA GLU D 223 21.85 62.40 11.38
C GLU D 223 21.66 61.54 12.60
N GLN D 224 22.00 62.08 13.76
CA GLN D 224 21.78 61.38 15.04
C GLN D 224 20.30 61.15 15.29
N LEU D 225 19.49 62.19 15.09
CA LEU D 225 18.04 62.08 15.28
C LEU D 225 17.47 60.94 14.46
N ASP D 226 17.88 60.90 13.19
CA ASP D 226 17.44 59.89 12.24
C ASP D 226 17.83 58.51 12.75
N LYS D 227 19.10 58.35 13.07
CA LYS D 227 19.61 57.08 13.56
C LYS D 227 18.96 56.68 14.91
N MET D 228 18.68 57.64 15.77
CA MET D 228 18.08 57.35 17.08
C MET D 228 16.66 56.80 16.99
N VAL D 229 15.78 57.46 16.24
CA VAL D 229 14.39 56.96 16.12
C VAL D 229 14.36 55.66 15.34
N THR D 230 15.26 55.51 14.37
CA THR D 230 15.40 54.25 13.64
C THR D 230 15.67 53.08 14.61
N GLU D 231 16.59 53.26 15.55
CA GLU D 231 16.89 52.23 16.56
C GLU D 231 15.75 52.01 17.54
N LYS D 232 15.10 53.07 17.99
CA LYS D 232 13.94 52.93 18.87
C LYS D 232 12.82 52.09 18.23
N ALA D 233 12.69 52.20 16.89
CA ALA D 233 11.69 51.44 16.13
C ALA D 233 12.16 50.02 15.80
N GLY D 234 13.43 49.74 16.04
CA GLY D 234 13.96 48.39 15.94
C GLY D 234 14.43 48.02 14.54
N PHE D 235 14.87 49.01 13.78
CA PHE D 235 15.40 48.76 12.44
C PHE D 235 16.90 48.93 12.45
N LYS D 236 17.60 48.04 11.75
CA LYS D 236 19.05 48.11 11.63
C LYS D 236 19.47 49.29 10.75
N ARG D 237 18.64 49.65 9.79
CA ARG D 237 19.05 50.54 8.72
C ARG D 237 17.93 51.47 8.26
N ALA D 238 18.30 52.68 7.89
CA ALA D 238 17.36 53.66 7.33
C ALA D 238 17.85 54.12 5.97
N PHE D 239 16.92 54.61 5.15
CA PHE D 239 17.28 55.23 3.88
C PHE D 239 18.18 56.44 4.10
N ILE D 240 19.10 56.67 3.19
CA ILE D 240 19.74 57.98 3.08
C ILE D 240 18.85 58.85 2.20
N ILE D 241 18.45 58.29 1.06
CA ILE D 241 17.66 58.99 0.06
C ILE D 241 16.17 58.67 0.20
N THR D 242 15.38 59.72 0.39
CA THR D 242 13.93 59.68 0.21
C THR D 242 13.46 60.99 -0.38
N GLY D 243 12.26 60.95 -0.95
CA GLY D 243 11.45 62.15 -1.10
C GLY D 243 10.71 62.36 0.20
N GLN D 244 9.45 62.73 0.10
CA GLN D 244 8.57 62.75 1.27
C GLN D 244 8.36 61.34 1.82
N THR D 245 8.30 60.35 0.94
CA THR D 245 7.98 58.98 1.29
C THR D 245 9.19 58.09 1.12
N TYR D 246 9.14 56.89 1.71
CA TYR D 246 9.97 55.81 1.22
C TYR D 246 9.51 55.44 -0.20
N THR D 247 10.45 55.03 -1.03
CA THR D 247 10.15 54.71 -2.41
C THR D 247 9.12 53.59 -2.48
N ARG D 248 8.08 53.80 -3.28
CA ARG D 248 6.98 52.83 -3.37
C ARG D 248 7.37 51.57 -4.12
N LYS D 249 8.56 51.57 -4.70
CA LYS D 249 9.18 50.34 -5.14
C LYS D 249 9.27 49.28 -4.03
N VAL D 250 9.43 49.71 -2.78
CA VAL D 250 9.43 48.78 -1.65
C VAL D 250 8.12 47.97 -1.63
N ASP D 251 6.99 48.64 -1.83
CA ASP D 251 5.70 47.96 -1.88
C ASP D 251 5.61 46.92 -3.02
N ILE D 252 6.27 47.19 -4.16
CA ILE D 252 6.35 46.19 -5.24
C ILE D 252 7.09 44.94 -4.77
N GLU D 253 8.22 45.15 -4.13
CA GLU D 253 9.07 44.04 -3.69
C GLU D 253 8.29 43.14 -2.71
N VAL D 254 7.56 43.74 -1.78
CA VAL D 254 6.83 42.96 -0.79
C VAL D 254 5.65 42.21 -1.43
N LEU D 255 4.84 42.88 -2.22
CA LEU D 255 3.68 42.23 -2.82
C LEU D 255 4.05 41.27 -3.95
N SER D 256 5.21 41.46 -4.59
CA SER D 256 5.68 40.50 -5.61
C SER D 256 5.99 39.16 -5.00
N VAL D 257 6.66 39.18 -3.85
CA VAL D 257 6.99 37.94 -3.16
C VAL D 257 5.72 37.23 -2.68
N LEU D 258 4.74 37.98 -2.19
CA LEU D 258 3.48 37.37 -1.79
C LEU D 258 2.72 36.84 -3.01
N ALA D 259 2.78 37.56 -4.13
CA ALA D 259 2.16 37.09 -5.37
C ALA D 259 2.77 35.77 -5.81
N SER D 260 4.09 35.66 -5.73
CA SER D 260 4.78 34.41 -6.11
C SER D 260 4.37 33.25 -5.18
N LEU D 261 4.26 33.55 -3.89
CA LEU D 261 3.75 32.59 -2.92
C LEU D 261 2.34 32.12 -3.33
N GLY D 262 1.49 33.07 -3.72
CA GLY D 262 0.16 32.74 -4.21
C GLY D 262 0.20 31.72 -5.34
N ALA D 263 1.11 31.92 -6.29
CA ALA D 263 1.22 30.98 -7.41
C ALA D 263 1.64 29.61 -6.94
N SER D 264 2.56 29.55 -5.99
CA SER D 264 3.01 28.27 -5.43
C SER D 264 1.86 27.54 -4.77
N VAL D 265 1.10 28.26 -3.94
CA VAL D 265 0.01 27.63 -3.21
C VAL D 265 -1.11 27.17 -4.17
N HIS D 266 -1.36 27.96 -5.19
CA HIS D 266 -2.39 27.63 -6.17
C HIS D 266 -2.04 26.34 -6.91
N LYS D 267 -0.78 26.21 -7.34
CA LYS D 267 -0.32 24.98 -8.00
C LYS D 267 -0.46 23.77 -7.09
N ILE D 268 -0.05 23.92 -5.83
CA ILE D 268 -0.06 22.81 -4.87
C ILE D 268 -1.49 22.38 -4.60
N CYS D 269 -2.35 23.33 -4.30
CA CYS D 269 -3.73 23.01 -3.99
C CYS D 269 -4.50 22.51 -5.22
N THR D 270 -4.12 22.96 -6.41
CA THR D 270 -4.65 22.37 -7.65
C THR D 270 -4.25 20.89 -7.77
N ASP D 271 -2.98 20.57 -7.51
CA ASP D 271 -2.55 19.16 -7.51
C ASP D 271 -3.37 18.33 -6.52
N ILE D 272 -3.58 18.87 -5.32
CA ILE D 272 -4.32 18.14 -4.29
C ILE D 272 -5.77 17.87 -4.74
N ARG D 273 -6.38 18.86 -5.39
CA ARG D 273 -7.75 18.71 -5.88
C ARG D 273 -7.84 17.64 -6.97
N LEU D 274 -6.81 17.57 -7.82
CA LEU D 274 -6.74 16.51 -8.84
C LEU D 274 -6.52 15.14 -8.19
N LEU D 275 -5.67 15.09 -7.16
CA LEU D 275 -5.43 13.84 -6.45
C LEU D 275 -6.70 13.33 -5.76
N ALA D 276 -7.58 14.26 -5.34
CA ALA D 276 -8.86 13.90 -4.76
C ALA D 276 -9.79 13.27 -5.80
N ASN D 277 -9.78 13.78 -7.02
CA ASN D 277 -10.57 13.16 -8.09
C ASN D 277 -10.08 11.76 -8.36
N LEU D 278 -8.77 11.58 -8.37
CA LEU D 278 -8.15 10.27 -8.60
C LEU D 278 -8.34 9.30 -7.43
N LYS D 279 -8.80 9.82 -6.29
CA LYS D 279 -8.99 9.04 -5.06
C LYS D 279 -7.68 8.50 -4.47
N GLU D 280 -6.55 9.13 -4.83
CA GLU D 280 -5.24 8.74 -4.31
C GLU D 280 -4.92 9.44 -2.98
N MET D 281 -5.53 10.60 -2.76
CA MET D 281 -5.26 11.42 -1.58
C MET D 281 -6.42 12.36 -1.29
N GLU D 282 -6.70 12.60 -0.02
CA GLU D 282 -7.77 13.50 0.40
C GLU D 282 -7.31 14.40 1.53
N GLU D 283 -7.78 15.63 1.49
CA GLU D 283 -7.59 16.57 2.59
C GLU D 283 -8.40 16.13 3.82
N PRO D 284 -8.06 16.65 5.02
CA PRO D 284 -8.84 16.30 6.21
C PRO D 284 -10.33 16.75 6.14
N PHE D 285 -11.18 15.99 6.86
CA PHE D 285 -12.58 16.27 7.01
C PHE D 285 -13.03 16.01 8.43
N GLU D 286 -14.04 16.77 8.84
CA GLU D 286 -14.46 16.74 10.25
C GLU D 286 -15.66 15.91 10.68
N LYS D 287 -15.62 14.61 10.39
CA LYS D 287 -16.68 13.67 10.76
C LYS D 287 -18.07 14.21 10.45
N GLN D 288 -18.44 15.31 11.12
CA GLN D 288 -19.75 15.92 10.87
C GLN D 288 -19.85 16.82 9.60
N GLN D 289 -18.82 16.81 8.78
CA GLN D 289 -18.67 17.61 7.60
C GLN D 289 -19.15 16.73 6.52
N LYS D 298 -20.25 12.17 -0.78
CA LYS D 298 -19.42 13.10 -1.55
C LYS D 298 -18.43 13.84 -0.67
N ARG D 299 -17.16 13.75 -1.03
CA ARG D 299 -16.09 14.38 -0.29
C ARG D 299 -15.35 15.35 -1.20
N ASN D 300 -15.48 16.63 -0.88
CA ASN D 300 -14.93 17.70 -1.72
C ASN D 300 -13.69 18.31 -1.08
N PRO D 301 -12.71 18.69 -1.90
CA PRO D 301 -11.50 19.33 -1.39
C PRO D 301 -11.68 20.85 -1.19
N MET D 302 -12.60 21.21 -0.30
CA MET D 302 -13.03 22.61 -0.15
C MET D 302 -11.98 23.52 0.49
N ARG D 303 -11.13 22.97 1.34
CA ARG D 303 -10.05 23.74 1.93
C ARG D 303 -9.01 24.12 0.86
N SER D 304 -8.64 23.15 0.03
CA SER D 304 -7.71 23.38 -1.06
C SER D 304 -8.30 24.34 -2.10
N GLU D 305 -9.60 24.22 -2.34
CA GLU D 305 -10.29 25.12 -3.28
C GLU D 305 -10.30 26.55 -2.75
N ARG D 306 -10.53 26.72 -1.46
CA ARG D 306 -10.45 28.05 -0.86
C ARG D 306 -9.03 28.63 -0.94
N CYS D 307 -8.02 27.79 -0.74
CA CYS D 307 -6.63 28.23 -0.87
C CYS D 307 -6.36 28.77 -2.27
N CYS D 308 -6.79 28.02 -3.28
CA CYS D 308 -6.64 28.44 -4.67
C CYS D 308 -7.33 29.78 -4.88
N SER D 309 -8.57 29.86 -4.42
CA SER D 309 -9.38 31.06 -4.56
C SER D 309 -8.70 32.31 -3.99
N LEU D 310 -8.17 32.19 -2.79
CA LEU D 310 -7.52 33.30 -2.13
C LEU D 310 -6.13 33.58 -2.73
N ALA D 311 -5.39 32.53 -3.03
CA ALA D 311 -4.10 32.67 -3.67
C ALA D 311 -4.18 33.48 -4.96
N ARG D 312 -5.27 33.32 -5.69
CA ARG D 312 -5.52 34.05 -6.93
C ARG D 312 -5.58 35.54 -6.69
N HIS D 313 -6.28 35.93 -5.62
CA HIS D 313 -6.40 37.35 -5.25
C HIS D 313 -5.03 37.94 -4.94
N LEU D 314 -4.20 37.13 -4.29
CA LEU D 314 -2.84 37.51 -3.94
C LEU D 314 -2.01 37.81 -5.19
N MET D 315 -2.20 37.03 -6.25
CA MET D 315 -1.51 37.25 -7.51
C MET D 315 -2.03 38.49 -8.19
N THR D 316 -3.35 38.63 -8.24
CA THR D 316 -3.99 39.81 -8.80
C THR D 316 -3.45 41.11 -8.18
N LEU D 317 -3.28 41.12 -6.85
CA LEU D 317 -2.92 42.35 -6.16
C LEU D 317 -1.58 42.97 -6.55
N VAL D 318 -0.68 42.20 -7.18
CA VAL D 318 0.64 42.72 -7.51
C VAL D 318 0.59 43.91 -8.47
N MET D 319 -0.46 44.00 -9.28
CA MET D 319 -0.59 45.11 -10.22
C MET D 319 -0.90 46.45 -9.55
N ASP D 320 -1.42 46.44 -8.32
CA ASP D 320 -1.63 47.69 -7.58
C ASP D 320 -0.32 48.47 -7.35
N PRO D 321 0.65 47.88 -6.61
CA PRO D 321 1.89 48.61 -6.36
C PRO D 321 2.74 48.86 -7.61
N LEU D 322 2.68 47.97 -8.59
CA LEU D 322 3.39 48.21 -9.85
C LEU D 322 2.88 49.51 -10.50
N GLN D 323 1.57 49.62 -10.59
CA GLN D 323 0.97 50.82 -11.15
C GLN D 323 1.25 52.06 -10.28
N THR D 324 1.04 51.92 -8.97
CA THR D 324 1.24 53.03 -8.03
C THR D 324 2.64 53.66 -8.17
N ALA D 325 3.67 52.84 -8.16
CA ALA D 325 5.04 53.33 -8.16
C ALA D 325 5.38 54.02 -9.46
N SER D 326 4.84 53.49 -10.55
CA SER D 326 5.12 53.98 -11.87
C SER D 326 4.64 55.41 -12.15
N VAL D 327 3.65 55.89 -11.38
CA VAL D 327 3.08 57.24 -11.60
C VAL D 327 3.20 58.18 -10.38
N GLN D 328 4.10 57.85 -9.47
CA GLN D 328 4.50 58.77 -8.40
C GLN D 328 5.34 59.90 -8.95
N TRP D 329 4.82 61.11 -8.91
CA TRP D 329 5.54 62.26 -9.46
C TRP D 329 6.45 62.90 -8.41
N PHE D 330 7.70 63.08 -8.80
CA PHE D 330 8.66 63.88 -8.03
C PHE D 330 8.81 63.34 -6.61
N GLU D 331 8.63 64.18 -5.60
CA GLU D 331 8.96 63.81 -4.23
C GLU D 331 7.81 63.09 -3.58
N ARG D 332 6.65 63.01 -4.27
CA ARG D 332 5.46 62.28 -3.82
C ARG D 332 4.18 62.81 -4.45
N THR D 333 3.26 61.92 -4.83
CA THR D 333 1.88 62.27 -5.05
C THR D 333 1.00 61.38 -4.20
N LEU D 334 -0.16 61.90 -3.79
CA LEU D 334 -1.00 61.26 -2.80
C LEU D 334 -1.92 60.19 -3.38
N ASP D 335 -1.85 59.96 -4.70
CA ASP D 335 -2.58 58.85 -5.32
C ASP D 335 -2.10 57.46 -4.91
N ASP D 336 -1.07 57.39 -4.08
CA ASP D 336 -0.68 56.12 -3.48
C ASP D 336 -1.53 55.74 -2.27
N SER D 337 -2.09 56.73 -1.57
CA SER D 337 -2.52 56.53 -0.19
C SER D 337 -3.71 55.58 -0.03
N ALA D 338 -4.81 55.86 -0.71
CA ALA D 338 -6.02 55.02 -0.61
C ALA D 338 -5.77 53.60 -1.09
N ASN D 339 -5.06 53.48 -2.21
CA ASN D 339 -4.72 52.18 -2.79
C ASN D 339 -3.96 51.33 -1.77
N ARG D 340 -2.99 51.94 -1.10
CA ARG D 340 -2.17 51.24 -0.11
C ARG D 340 -2.96 50.83 1.14
N ARG D 341 -3.96 51.61 1.53
CA ARG D 341 -4.84 51.22 2.65
C ARG D 341 -5.55 49.89 2.35
N ILE D 342 -5.85 49.65 1.07
CA ILE D 342 -6.50 48.42 0.63
C ILE D 342 -5.53 47.26 0.40
N CYS D 343 -4.58 47.45 -0.51
CA CYS D 343 -3.81 46.32 -1.03
C CYS D 343 -2.75 45.74 -0.07
N LEU D 344 -2.11 46.56 0.75
CA LEU D 344 -1.08 46.05 1.66
C LEU D 344 -1.70 45.11 2.70
N ALA D 345 -2.69 45.62 3.44
CA ALA D 345 -3.40 44.81 4.41
C ALA D 345 -3.99 43.55 3.82
N GLU D 346 -4.63 43.67 2.65
CA GLU D 346 -5.33 42.54 2.08
C GLU D 346 -4.38 41.47 1.57
N ALA D 347 -3.23 41.87 1.07
CA ALA D 347 -2.24 40.91 0.63
C ALA D 347 -1.77 40.07 1.83
N PHE D 348 -1.44 40.74 2.93
CA PHE D 348 -0.97 40.04 4.13
C PHE D 348 -2.05 39.18 4.80
N LEU D 349 -3.27 39.71 4.88
CA LEU D 349 -4.41 38.94 5.43
C LEU D 349 -4.76 37.74 4.57
N THR D 350 -4.66 37.90 3.26
CA THR D 350 -4.87 36.80 2.33
C THR D 350 -3.76 35.76 2.48
N ALA D 351 -2.51 36.20 2.50
CA ALA D 351 -1.38 35.28 2.72
C ALA D 351 -1.49 34.53 4.05
N ASP D 352 -1.86 35.25 5.10
CA ASP D 352 -2.04 34.66 6.42
C ASP D 352 -3.05 33.50 6.41
N THR D 353 -4.20 33.74 5.77
CA THR D 353 -5.27 32.74 5.67
C THR D 353 -4.82 31.51 4.88
N ILE D 354 -4.16 31.73 3.74
CA ILE D 354 -3.72 30.62 2.90
C ILE D 354 -2.68 29.73 3.59
N LEU D 355 -1.77 30.33 4.33
CA LEU D 355 -0.73 29.56 5.01
C LEU D 355 -1.34 28.74 6.15
N ASN D 356 -2.18 29.38 6.97
CA ASN D 356 -2.87 28.66 8.02
C ASN D 356 -3.71 27.51 7.45
N THR D 357 -4.46 27.79 6.39
CA THR D 357 -5.32 26.77 5.80
C THR D 357 -4.49 25.63 5.18
N LEU D 358 -3.41 25.97 4.49
CA LEU D 358 -2.53 24.95 3.90
C LEU D 358 -1.81 24.13 4.97
N GLN D 359 -1.45 24.74 6.10
CA GLN D 359 -0.89 23.98 7.22
C GLN D 359 -1.89 22.94 7.72
N ASN D 360 -3.12 23.37 7.93
CA ASN D 360 -4.18 22.46 8.36
C ASN D 360 -4.34 21.30 7.39
N ILE D 361 -4.30 21.59 6.09
CA ILE D 361 -4.40 20.55 5.05
C ILE D 361 -3.26 19.56 5.15
N SER D 362 -2.04 20.07 5.21
CA SER D 362 -0.84 19.22 5.25
C SER D 362 -0.73 18.34 6.51
N GLU D 363 -1.25 18.83 7.63
CA GLU D 363 -1.34 18.04 8.88
C GLU D 363 -2.29 16.84 8.81
N GLY D 364 -3.24 16.85 7.88
CA GLY D 364 -4.30 15.85 7.85
C GLY D 364 -4.44 15.06 6.56
N LEU D 365 -3.41 15.10 5.71
CA LEU D 365 -3.47 14.43 4.43
C LEU D 365 -3.65 12.94 4.64
N VAL D 366 -4.60 12.35 3.92
CA VAL D 366 -4.85 10.92 3.96
C VAL D 366 -4.51 10.35 2.61
N VAL D 367 -3.73 9.28 2.58
CA VAL D 367 -3.31 8.62 1.34
C VAL D 367 -3.99 7.26 1.20
N TYR D 368 -4.30 6.86 -0.03
CA TYR D 368 -4.97 5.58 -0.30
C TYR D 368 -4.10 4.73 -1.23
N PRO D 369 -3.13 3.99 -0.65
CA PRO D 369 -2.17 3.25 -1.46
C PRO D 369 -2.77 2.19 -2.38
N LYS D 370 -3.88 1.58 -1.97
CA LYS D 370 -4.49 0.54 -2.81
C LYS D 370 -5.06 1.08 -4.09
N VAL D 371 -5.54 2.31 -4.04
CA VAL D 371 -5.99 3.00 -5.25
C VAL D 371 -4.78 3.37 -6.08
N ILE D 372 -3.74 3.89 -5.43
CA ILE D 372 -2.52 4.24 -6.14
C ILE D 372 -1.97 3.02 -6.90
N GLU D 373 -1.90 1.87 -6.20
CA GLU D 373 -1.37 0.62 -6.80
C GLU D 373 -2.22 0.11 -7.95
N ARG D 374 -3.54 0.20 -7.81
CA ARG D 374 -4.44 -0.24 -8.87
C ARG D 374 -4.24 0.58 -10.15
N ARG D 375 -4.11 1.90 -10.01
CA ARG D 375 -3.89 2.75 -11.17
C ARG D 375 -2.56 2.43 -11.87
N ILE D 376 -1.52 2.18 -11.09
CA ILE D 376 -0.22 1.76 -11.65
C ILE D 376 -0.38 0.45 -12.42
N ARG D 377 -1.05 -0.54 -11.82
CA ARG D 377 -1.26 -1.82 -12.50
C ARG D 377 -1.94 -1.64 -13.86
N GLN D 378 -2.89 -0.71 -13.95
CA GLN D 378 -3.60 -0.45 -15.21
C GLN D 378 -2.74 0.14 -16.32
N GLU D 379 -1.73 0.93 -15.95
CA GLU D 379 -0.84 1.59 -16.93
C GLU D 379 0.57 0.91 -17.04
N LEU D 380 0.86 -0.09 -16.16
CA LEU D 380 2.18 -0.69 -16.10
C LEU D 380 2.82 -1.09 -17.43
N PRO D 381 2.04 -1.69 -18.35
CA PRO D 381 2.62 -2.02 -19.67
C PRO D 381 3.38 -0.84 -20.32
N PHE D 382 2.79 0.35 -20.27
CA PHE D 382 3.43 1.54 -20.84
C PHE D 382 4.67 1.95 -20.04
N MET D 383 4.63 1.76 -18.72
CA MET D 383 5.74 2.13 -17.84
C MET D 383 6.94 1.22 -18.02
N ALA D 384 6.72 -0.02 -18.56
CA ALA D 384 7.86 -0.84 -18.95
C ALA D 384 8.55 -0.52 -20.30
N THR D 385 7.95 0.36 -21.08
CA THR D 385 8.54 0.72 -22.36
C THR D 385 9.89 1.42 -22.26
N GLU D 386 10.14 2.16 -21.19
CA GLU D 386 11.45 2.81 -21.05
C GLU D 386 12.56 1.77 -20.88
N ASN D 387 12.30 0.73 -20.08
CA ASN D 387 13.23 -0.41 -19.98
C ASN D 387 13.51 -1.07 -21.33
N ILE D 388 12.45 -1.24 -22.12
CA ILE D 388 12.54 -1.95 -23.41
C ILE D 388 13.37 -1.14 -24.41
N ILE D 389 13.21 0.19 -24.39
CA ILE D 389 14.03 1.05 -25.24
C ILE D 389 15.51 1.01 -24.81
N ASP D 401 13.70 3.96 -33.53
CA ASP D 401 13.11 2.91 -34.42
C ASP D 401 12.49 1.77 -33.60
N CYS D 402 13.12 1.47 -32.45
CA CYS D 402 12.43 0.92 -31.27
C CYS D 402 11.27 1.83 -30.84
N HIS D 403 11.56 3.14 -30.73
CA HIS D 403 10.56 4.12 -30.36
C HIS D 403 9.36 4.08 -31.30
N GLU D 404 9.62 4.12 -32.58
CA GLU D 404 8.54 4.12 -33.52
C GLU D 404 7.71 2.88 -33.41
N LYS D 405 8.32 1.75 -33.12
CA LYS D 405 7.57 0.51 -33.07
C LYS D 405 6.67 0.45 -31.89
N ILE D 406 7.21 0.78 -30.73
CA ILE D 406 6.41 0.75 -29.55
C ILE D 406 5.31 1.78 -29.68
N ARG D 407 5.55 2.84 -30.43
CA ARG D 407 4.51 3.86 -30.62
C ARG D 407 3.28 3.31 -31.31
N VAL D 408 3.48 2.57 -32.40
CA VAL D 408 2.35 2.00 -33.19
C VAL D 408 1.61 0.94 -32.37
N LEU D 409 2.37 0.05 -31.74
CA LEU D 409 1.79 -0.99 -30.88
C LEU D 409 1.05 -0.41 -29.65
N SER D 410 1.56 0.72 -29.13
CA SER D 410 0.91 1.44 -28.03
C SER D 410 -0.43 2.07 -28.39
N GLN D 411 -0.53 2.67 -29.57
CA GLN D 411 -1.82 3.22 -30.06
C GLN D 411 -2.83 2.10 -30.29
N GLN D 412 -2.36 0.95 -30.76
CA GLN D 412 -3.22 -0.23 -30.88
C GLN D 412 -3.75 -0.69 -29.51
N ALA D 413 -2.86 -0.76 -28.52
CA ALA D 413 -3.26 -1.11 -27.15
C ALA D 413 -4.18 -0.06 -26.52
N ALA D 414 -3.89 1.21 -26.79
CA ALA D 414 -4.69 2.34 -26.30
C ALA D 414 -6.12 2.28 -26.83
N SER D 415 -6.28 1.99 -28.13
CA SER D 415 -7.61 1.84 -28.73
C SER D 415 -8.36 0.65 -28.12
N VAL D 416 -7.67 -0.43 -27.79
CA VAL D 416 -8.32 -1.54 -27.08
C VAL D 416 -8.88 -1.05 -25.72
N VAL D 417 -8.12 -0.25 -25.00
CA VAL D 417 -8.55 0.27 -23.69
C VAL D 417 -9.75 1.19 -23.83
N LYS D 418 -9.67 2.16 -24.74
CA LYS D 418 -10.70 3.22 -24.89
C LYS D 418 -11.88 2.84 -25.77
N GLN D 419 -11.61 2.17 -26.90
CA GLN D 419 -12.64 1.89 -27.90
C GLN D 419 -13.31 0.53 -27.68
N GLU D 420 -12.58 -0.44 -27.12
CA GLU D 420 -13.15 -1.76 -26.81
C GLU D 420 -13.39 -1.98 -25.31
N GLY D 421 -12.88 -1.08 -24.47
CA GLY D 421 -12.98 -1.22 -23.01
C GLY D 421 -12.17 -2.37 -22.43
N GLY D 422 -11.12 -2.80 -23.12
CA GLY D 422 -10.32 -3.96 -22.72
C GLY D 422 -9.14 -3.63 -21.84
N ASP D 423 -8.40 -4.65 -21.41
CA ASP D 423 -7.11 -4.44 -20.74
C ASP D 423 -6.05 -4.00 -21.72
N ASN D 424 -5.02 -3.36 -21.18
CA ASN D 424 -3.85 -2.95 -21.96
C ASN D 424 -3.08 -4.20 -22.34
N ASP D 425 -2.96 -4.47 -23.63
CA ASP D 425 -2.31 -5.69 -24.08
C ASP D 425 -1.02 -5.55 -24.83
N LEU D 426 0.09 -5.78 -24.16
CA LEU D 426 1.37 -5.77 -24.84
C LEU D 426 1.86 -7.21 -24.84
N ILE D 427 1.03 -7.96 -25.53
CA ILE D 427 1.14 -9.32 -25.88
C ILE D 427 1.64 -8.86 -27.21
N GLU D 428 0.95 -7.89 -27.78
CA GLU D 428 1.46 -7.33 -29.01
C GLU D 428 2.99 -7.21 -29.04
N ARG D 429 3.61 -6.83 -27.95
CA ARG D 429 5.04 -6.77 -27.96
C ARG D 429 5.61 -7.95 -28.73
N ASP D 448 9.55 -5.53 -14.86
CA ASP D 448 9.75 -5.63 -13.42
C ASP D 448 9.58 -4.25 -12.78
N PRO D 449 8.56 -4.08 -11.93
CA PRO D 449 8.25 -2.80 -11.32
C PRO D 449 9.43 -2.11 -10.61
N SER D 450 10.32 -2.92 -9.95
CA SER D 450 11.34 -2.39 -9.08
C SER D 450 12.20 -1.22 -9.56
N SER D 451 12.52 -1.19 -10.84
CA SER D 451 13.41 -0.09 -11.33
C SER D 451 12.65 1.21 -11.66
N PHE D 452 11.32 1.22 -11.63
CA PHE D 452 10.54 2.27 -12.33
C PHE D 452 10.44 3.68 -11.74
N THR D 453 10.72 3.80 -10.45
CA THR D 453 10.74 5.13 -9.80
C THR D 453 12.11 5.82 -9.86
N GLY D 454 13.06 5.28 -10.62
CA GLY D 454 14.40 5.86 -10.70
C GLY D 454 14.99 6.23 -9.35
N ARG D 455 15.49 7.45 -9.22
CA ARG D 455 16.19 7.90 -8.02
C ARG D 455 15.27 8.66 -7.04
N ALA D 456 13.95 8.49 -7.17
CA ALA D 456 12.99 9.32 -6.46
C ALA D 456 13.23 9.42 -4.96
N SER D 457 13.32 8.27 -4.29
CA SER D 457 13.49 8.29 -2.83
C SER D 457 14.85 8.86 -2.41
N GLN D 458 15.89 8.64 -3.23
CA GLN D 458 17.22 9.23 -2.96
C GLN D 458 17.22 10.74 -3.14
N GLN D 459 16.50 11.22 -4.14
CA GLN D 459 16.31 12.65 -4.35
C GLN D 459 15.64 13.32 -3.14
N VAL D 460 14.62 12.67 -2.58
CA VAL D 460 13.90 13.22 -1.44
C VAL D 460 14.85 13.44 -0.27
N GLN D 461 15.57 12.39 0.11
CA GLN D 461 16.46 12.49 1.27
C GLN D 461 17.54 13.56 1.06
N ARG D 462 18.17 13.58 -0.11
CA ARG D 462 19.21 14.58 -0.38
C ARG D 462 18.66 16.02 -0.31
N PHE D 463 17.48 16.22 -0.91
CA PHE D 463 16.82 17.54 -0.92
C PHE D 463 16.44 18.02 0.47
N LEU D 464 15.77 17.16 1.25
CA LEU D 464 15.36 17.51 2.60
C LEU D 464 16.55 17.90 3.49
N GLU D 465 17.65 17.16 3.36
CA GLU D 465 18.84 17.38 4.19
C GLU D 465 19.62 18.61 3.76
N GLU D 466 19.93 18.71 2.46
CA GLU D 466 20.76 19.81 1.98
C GLU D 466 20.02 21.15 1.92
N GLU D 467 18.74 21.15 1.54
CA GLU D 467 18.04 22.38 1.16
C GLU D 467 16.90 22.80 2.07
N VAL D 468 16.22 21.85 2.71
CA VAL D 468 14.99 22.15 3.48
C VAL D 468 15.27 22.31 4.97
N TYR D 469 15.80 21.27 5.60
CA TYR D 469 16.03 21.31 7.07
C TYR D 469 16.82 22.55 7.57
N PRO D 470 17.85 22.99 6.83
CA PRO D 470 18.57 24.21 7.27
C PRO D 470 17.71 25.47 7.34
N LEU D 471 16.76 25.61 6.42
CA LEU D 471 15.82 26.74 6.42
C LEU D 471 14.80 26.67 7.55
N LEU D 472 14.49 25.46 8.01
CA LEU D 472 13.56 25.26 9.12
C LEU D 472 14.17 25.45 10.49
N LYS D 473 15.51 25.32 10.58
CA LYS D 473 16.23 25.31 11.88
C LYS D 473 15.83 26.47 12.82
N PRO D 474 15.82 27.73 12.32
CA PRO D 474 15.48 28.88 13.18
C PRO D 474 14.06 28.87 13.78
N TYR D 475 13.15 28.09 13.17
CA TYR D 475 11.75 28.05 13.62
C TYR D 475 11.44 26.78 14.44
N GLU D 476 12.49 26.08 14.89
CA GLU D 476 12.32 24.81 15.63
C GLU D 476 11.41 24.96 16.87
N SER D 477 11.59 26.05 17.61
CA SER D 477 10.80 26.28 18.84
C SER D 477 9.29 26.48 18.61
N VAL D 478 8.88 26.93 17.42
CA VAL D 478 7.44 27.22 17.15
C VAL D 478 6.75 26.19 16.24
N MET D 479 7.40 25.04 16.02
CA MET D 479 6.88 24.00 15.09
C MET D 479 5.65 23.25 15.57
N LYS D 480 5.39 23.24 16.88
CA LYS D 480 4.37 22.36 17.46
C LYS D 480 2.95 22.86 17.27
N VAL D 481 2.77 24.14 16.97
CA VAL D 481 1.43 24.76 16.87
C VAL D 481 0.59 24.10 15.76
N LYS D 482 -0.62 23.69 16.11
CA LYS D 482 -1.54 23.09 15.12
C LYS D 482 -2.39 24.20 14.52
N ALA D 483 -2.75 24.05 13.24
CA ALA D 483 -3.50 25.06 12.50
C ALA D 483 -4.99 24.75 12.54
N GLU D 484 -5.78 25.60 13.18
CA GLU D 484 -7.23 25.34 13.32
C GLU D 484 -8.03 26.12 12.29
N LEU D 485 -9.11 25.52 11.79
CA LEU D 485 -10.10 26.21 10.98
C LEU D 485 -11.51 26.07 11.66
N CYS D 486 -12.26 27.17 11.60
CA CYS D 486 -13.60 27.25 12.14
C CYS D 486 -14.70 27.22 11.07
N LEU D 487 -14.31 27.08 9.82
CA LEU D 487 -15.24 27.02 8.73
C LEU D 487 -14.60 26.37 7.56
N GLY E 11 -11.68 -64.07 19.61
CA GLY E 11 -10.72 -65.17 19.25
C GLY E 11 -10.04 -65.85 20.46
N SER E 12 -8.99 -66.62 20.17
CA SER E 12 -8.19 -67.35 21.19
C SER E 12 -7.09 -66.47 21.82
N PRO E 13 -6.89 -66.58 23.14
CA PRO E 13 -5.82 -65.80 23.80
C PRO E 13 -4.38 -66.29 23.54
N ASP E 14 -4.19 -67.38 22.80
CA ASP E 14 -2.85 -67.91 22.54
C ASP E 14 -2.10 -67.15 21.41
N SER E 15 -2.80 -66.30 20.66
CA SER E 15 -2.17 -65.40 19.68
C SER E 15 -2.65 -63.95 19.88
N TYR E 16 -1.89 -63.00 19.35
CA TYR E 16 -2.22 -61.56 19.43
C TYR E 16 -3.59 -61.29 18.85
N ARG E 17 -4.40 -60.54 19.59
CA ARG E 17 -5.66 -59.99 19.11
C ARG E 17 -5.65 -58.49 19.30
N SER E 18 -6.26 -57.75 18.36
CA SER E 18 -6.37 -56.30 18.52
C SER E 18 -7.19 -56.01 19.75
N PRO E 19 -6.71 -55.14 20.64
CA PRO E 19 -7.58 -54.67 21.71
C PRO E 19 -8.81 -53.94 21.22
N LEU E 20 -8.76 -53.36 20.01
CA LEU E 20 -9.95 -52.75 19.43
C LEU E 20 -11.09 -53.78 19.20
N ALA E 21 -10.74 -55.03 18.90
CA ALA E 21 -11.70 -56.13 18.76
C ALA E 21 -12.04 -56.75 20.11
N SER E 22 -11.01 -57.03 20.90
CA SER E 22 -11.16 -57.88 22.08
C SER E 22 -11.61 -57.13 23.32
N ARG E 23 -11.63 -55.80 23.26
CA ARG E 23 -11.71 -54.97 24.47
C ARG E 23 -12.56 -53.71 24.32
N TYR E 24 -12.43 -53.01 23.19
CA TYR E 24 -12.92 -51.64 23.09
C TYR E 24 -14.18 -51.45 22.24
N ALA E 25 -14.11 -51.79 20.97
CA ALA E 25 -15.12 -51.32 20.01
C ALA E 25 -16.42 -52.12 20.08
N SER E 26 -17.50 -51.50 19.62
CA SER E 26 -18.83 -52.12 19.62
C SER E 26 -18.91 -53.28 18.62
N PRO E 27 -19.76 -54.29 18.92
CA PRO E 27 -20.05 -55.37 17.96
C PRO E 27 -20.42 -54.88 16.55
N GLU E 28 -21.16 -53.78 16.44
CA GLU E 28 -21.68 -53.32 15.16
C GLU E 28 -20.54 -52.79 14.29
N MET E 29 -19.63 -52.01 14.89
CA MET E 29 -18.48 -51.49 14.15
C MET E 29 -17.53 -52.62 13.79
N CYS E 30 -17.30 -53.54 14.73
CA CYS E 30 -16.51 -54.72 14.46
C CYS E 30 -17.05 -55.53 13.30
N PHE E 31 -18.39 -55.64 13.19
CA PHE E 31 -18.98 -56.40 12.07
C PHE E 31 -18.73 -55.70 10.72
N VAL E 32 -18.85 -54.39 10.70
CA VAL E 32 -18.60 -53.60 9.49
C VAL E 32 -17.18 -53.82 8.92
N PHE E 33 -16.18 -53.97 9.79
CA PHE E 33 -14.81 -54.21 9.35
C PHE E 33 -14.40 -55.69 9.41
N SER E 34 -15.38 -56.58 9.43
CA SER E 34 -15.12 -58.02 9.47
C SER E 34 -14.87 -58.55 8.07
N ASP E 35 -14.24 -59.73 8.02
CA ASP E 35 -13.98 -60.37 6.74
C ASP E 35 -15.25 -60.98 6.15
N ARG E 36 -16.19 -61.39 6.99
CA ARG E 36 -17.48 -61.87 6.49
C ARG E 36 -18.15 -60.76 5.71
N TYR E 37 -18.27 -59.58 6.32
CA TYR E 37 -18.90 -58.46 5.62
C TYR E 37 -18.14 -58.05 4.36
N LYS E 38 -16.82 -58.11 4.42
CA LYS E 38 -15.97 -57.75 3.28
C LYS E 38 -16.23 -58.65 2.08
N PHE E 39 -16.06 -59.95 2.28
CA PHE E 39 -16.12 -60.92 1.17
C PHE E 39 -17.54 -61.22 0.69
N ARG E 40 -18.49 -61.04 1.58
CA ARG E 40 -19.91 -61.03 1.24
C ARG E 40 -20.21 -59.88 0.30
N THR E 41 -19.64 -58.72 0.59
CA THR E 41 -19.86 -57.54 -0.23
C THR E 41 -19.14 -57.62 -1.57
N TRP E 42 -17.98 -58.27 -1.62
CA TRP E 42 -17.34 -58.60 -2.89
C TRP E 42 -18.32 -59.35 -3.77
N ARG E 43 -18.89 -60.43 -3.23
CA ARG E 43 -19.86 -61.24 -3.97
C ARG E 43 -21.11 -60.46 -4.35
N GLN E 44 -21.60 -59.60 -3.45
CA GLN E 44 -22.71 -58.71 -3.77
C GLN E 44 -22.39 -57.83 -4.97
N LEU E 45 -21.17 -57.28 -5.02
CA LEU E 45 -20.77 -56.41 -6.12
C LEU E 45 -20.62 -57.18 -7.44
N TRP E 46 -20.12 -58.41 -7.36
CA TRP E 46 -20.05 -59.28 -8.55
C TRP E 46 -21.44 -59.59 -9.11
N LEU E 47 -22.41 -59.81 -8.21
CA LEU E 47 -23.80 -60.04 -8.59
C LEU E 47 -24.40 -58.81 -9.26
N TRP E 48 -24.20 -57.64 -8.69
CA TRP E 48 -24.72 -56.40 -9.26
C TRP E 48 -24.15 -56.13 -10.65
N LEU E 49 -22.87 -56.45 -10.83
CA LEU E 49 -22.20 -56.30 -12.13
C LEU E 49 -22.80 -57.22 -13.18
N ALA E 50 -22.95 -58.50 -12.82
CA ALA E 50 -23.60 -59.47 -13.68
C ALA E 50 -25.05 -59.07 -14.03
N GLU E 51 -25.82 -58.63 -13.04
CA GLU E 51 -27.21 -58.19 -13.25
C GLU E 51 -27.29 -57.07 -14.28
N ALA E 52 -26.50 -56.03 -14.06
CA ALA E 52 -26.51 -54.86 -14.94
C ALA E 52 -25.98 -55.19 -16.33
N GLU E 53 -24.95 -56.03 -16.38
CA GLU E 53 -24.39 -56.48 -17.65
C GLU E 53 -25.42 -57.28 -18.48
N GLN E 54 -26.20 -58.14 -17.83
CA GLN E 54 -27.28 -58.88 -18.50
C GLN E 54 -28.35 -57.93 -19.04
N THR E 55 -28.84 -57.05 -18.17
CA THR E 55 -29.81 -56.03 -18.58
C THR E 55 -29.34 -55.24 -19.81
N LEU E 56 -28.04 -54.97 -19.89
CA LEU E 56 -27.49 -54.16 -20.99
C LEU E 56 -27.08 -54.97 -22.22
N GLY E 57 -27.28 -56.29 -22.17
CA GLY E 57 -27.25 -57.15 -23.37
C GLY E 57 -26.11 -58.17 -23.48
N LEU E 58 -25.31 -58.35 -22.43
CA LEU E 58 -24.21 -59.30 -22.48
C LEU E 58 -24.71 -60.73 -22.23
N PRO E 59 -23.98 -61.75 -22.75
CA PRO E 59 -24.41 -63.16 -22.67
C PRO E 59 -24.32 -63.77 -21.26
N ILE E 60 -25.26 -63.38 -20.39
CA ILE E 60 -25.37 -63.90 -19.03
C ILE E 60 -26.79 -64.41 -18.83
N THR E 61 -26.92 -65.67 -18.42
CA THR E 61 -28.23 -66.33 -18.27
C THR E 61 -28.85 -66.06 -16.90
N ASP E 62 -30.17 -66.12 -16.82
CA ASP E 62 -30.89 -66.01 -15.54
C ASP E 62 -30.44 -67.04 -14.50
N GLU E 63 -30.07 -68.23 -14.95
CA GLU E 63 -29.60 -69.29 -14.04
C GLU E 63 -28.22 -69.01 -13.45
N GLN E 64 -27.35 -68.36 -14.22
CA GLN E 64 -26.03 -67.91 -13.72
C GLN E 64 -26.19 -66.86 -12.61
N ILE E 65 -27.09 -65.90 -12.84
CA ILE E 65 -27.40 -64.86 -11.85
C ILE E 65 -28.00 -65.45 -10.56
N GLN E 66 -28.91 -66.41 -10.70
CA GLN E 66 -29.56 -67.05 -9.54
C GLN E 66 -28.55 -67.84 -8.70
N GLU E 67 -27.62 -68.49 -9.38
CA GLU E 67 -26.54 -69.26 -8.74
C GLU E 67 -25.69 -68.36 -7.85
N MET E 68 -25.29 -67.19 -8.39
CA MET E 68 -24.53 -66.20 -7.63
C MET E 68 -25.33 -65.67 -6.45
N LYS E 69 -26.60 -65.38 -6.68
CA LYS E 69 -27.50 -64.82 -5.65
C LYS E 69 -27.73 -65.77 -4.50
N SER E 70 -27.78 -67.07 -4.79
CA SER E 70 -27.95 -68.10 -3.76
C SER E 70 -26.73 -68.31 -2.88
N ASN E 71 -25.55 -67.92 -3.37
CA ASN E 71 -24.29 -68.22 -2.65
C ASN E 71 -23.54 -66.97 -2.15
N LEU E 72 -24.24 -65.86 -1.98
CA LEU E 72 -23.62 -64.63 -1.47
C LEU E 72 -22.93 -64.82 -0.11
N GLU E 73 -23.61 -65.51 0.79
CA GLU E 73 -23.12 -65.73 2.16
C GLU E 73 -22.29 -67.02 2.30
N ASN E 74 -22.33 -67.89 1.28
CA ASN E 74 -21.76 -69.24 1.35
C ASN E 74 -20.27 -69.23 0.96
N ILE E 75 -19.43 -68.73 1.87
CA ILE E 75 -18.03 -68.43 1.58
C ILE E 75 -17.13 -69.45 2.25
N ASP E 76 -16.44 -70.25 1.43
CA ASP E 76 -15.43 -71.19 1.92
C ASP E 76 -14.08 -70.48 2.24
N PHE E 77 -13.92 -70.00 3.46
CA PHE E 77 -12.72 -69.25 3.87
C PHE E 77 -11.44 -70.08 3.80
N LYS E 78 -11.54 -71.34 4.18
CA LYS E 78 -10.41 -72.24 4.15
C LYS E 78 -9.88 -72.41 2.70
N MET E 79 -10.81 -72.61 1.76
CA MET E 79 -10.45 -72.77 0.34
C MET E 79 -9.91 -71.49 -0.28
N ALA E 80 -10.43 -70.34 0.12
CA ALA E 80 -9.92 -69.05 -0.34
C ALA E 80 -8.49 -68.81 0.16
N ALA E 81 -8.20 -69.22 1.39
CA ALA E 81 -6.82 -69.12 1.91
C ALA E 81 -5.86 -70.03 1.14
N GLU E 82 -6.30 -71.23 0.76
CA GLU E 82 -5.45 -72.14 -0.01
C GLU E 82 -5.20 -71.61 -1.39
N GLU E 83 -6.23 -71.05 -2.01
CA GLU E 83 -6.07 -70.40 -3.32
C GLU E 83 -5.15 -69.20 -3.23
N GLU E 84 -5.23 -68.44 -2.15
CA GLU E 84 -4.39 -67.26 -1.99
C GLU E 84 -2.92 -67.64 -1.76
N LYS E 85 -2.67 -68.74 -1.04
CA LYS E 85 -1.31 -69.28 -0.91
C LYS E 85 -0.71 -69.74 -2.24
N ARG E 86 -1.57 -70.32 -3.08
CA ARG E 86 -1.17 -70.75 -4.41
C ARG E 86 -0.94 -69.58 -5.38
N LEU E 87 -1.86 -68.61 -5.39
CA LEU E 87 -1.87 -67.56 -6.40
C LEU E 87 -1.21 -66.26 -5.99
N ARG E 88 -1.27 -65.94 -4.70
CA ARG E 88 -0.76 -64.68 -4.16
C ARG E 88 -1.57 -63.47 -4.66
N HIS E 89 -2.85 -63.71 -4.91
CA HIS E 89 -3.78 -62.69 -5.33
C HIS E 89 -5.11 -62.92 -4.61
N ASP E 90 -5.45 -62.09 -3.63
CA ASP E 90 -6.67 -62.30 -2.84
C ASP E 90 -7.96 -62.23 -3.67
N VAL E 91 -8.04 -61.28 -4.60
CA VAL E 91 -9.24 -61.15 -5.44
C VAL E 91 -9.42 -62.35 -6.36
N MET E 92 -8.35 -62.81 -6.98
CA MET E 92 -8.42 -63.97 -7.87
C MET E 92 -8.71 -65.24 -7.10
N ALA E 93 -8.17 -65.35 -5.89
CA ALA E 93 -8.51 -66.45 -5.00
C ALA E 93 -10.00 -66.51 -4.77
N HIS E 94 -10.61 -65.36 -4.50
CA HIS E 94 -12.05 -65.32 -4.22
C HIS E 94 -12.93 -65.51 -5.46
N VAL E 95 -12.40 -65.15 -6.63
CA VAL E 95 -13.08 -65.41 -7.90
C VAL E 95 -13.16 -66.90 -8.17
N HIS E 96 -12.04 -67.59 -7.97
CA HIS E 96 -11.99 -69.06 -8.09
C HIS E 96 -12.93 -69.73 -7.11
N THR E 97 -12.87 -69.29 -5.84
CA THR E 97 -13.68 -69.87 -4.78
C THR E 97 -15.18 -69.66 -5.03
N PHE E 98 -15.55 -68.48 -5.53
CA PHE E 98 -16.92 -68.17 -5.87
C PHE E 98 -17.35 -68.98 -7.09
N GLY E 99 -16.46 -69.08 -8.08
CA GLY E 99 -16.71 -69.90 -9.27
C GLY E 99 -16.83 -71.39 -8.99
N HIS E 100 -16.19 -71.86 -7.91
CA HIS E 100 -16.33 -73.24 -7.49
C HIS E 100 -17.71 -73.60 -6.96
N CYS E 101 -18.34 -72.71 -6.20
CA CYS E 101 -19.75 -72.97 -5.78
C CYS E 101 -20.80 -72.51 -6.78
N CYS E 102 -20.39 -71.75 -7.79
CA CYS E 102 -21.28 -71.34 -8.88
C CYS E 102 -20.68 -71.77 -10.23
N PRO E 103 -20.55 -73.10 -10.46
CA PRO E 103 -19.87 -73.59 -11.68
C PRO E 103 -20.41 -73.04 -13.01
N LYS E 104 -21.72 -72.81 -13.10
CA LYS E 104 -22.33 -72.23 -14.32
C LYS E 104 -21.94 -70.77 -14.52
N ALA E 105 -21.88 -70.01 -13.43
CA ALA E 105 -21.54 -68.60 -13.48
C ALA E 105 -20.02 -68.32 -13.52
N ALA E 106 -19.20 -69.28 -13.07
CA ALA E 106 -17.73 -69.11 -12.98
C ALA E 106 -17.08 -68.30 -14.10
N GLY E 107 -17.47 -68.57 -15.34
CA GLY E 107 -16.92 -67.88 -16.50
C GLY E 107 -17.30 -66.41 -16.69
N ILE E 108 -18.41 -65.97 -16.08
CA ILE E 108 -18.87 -64.56 -16.22
C ILE E 108 -18.66 -63.69 -14.97
N ILE E 109 -18.19 -64.28 -13.88
CA ILE E 109 -17.87 -63.51 -12.66
C ILE E 109 -16.70 -62.58 -12.96
N HIS E 110 -16.81 -61.31 -12.56
CA HIS E 110 -15.74 -60.32 -12.71
C HIS E 110 -15.56 -59.89 -14.18
N LEU E 111 -16.57 -60.13 -15.01
CA LEU E 111 -16.45 -59.90 -16.46
C LEU E 111 -16.12 -58.43 -16.78
N GLY E 112 -14.90 -58.17 -17.27
CA GLY E 112 -14.50 -56.85 -17.71
C GLY E 112 -13.84 -56.01 -16.63
N ALA E 113 -13.81 -56.52 -15.41
CA ALA E 113 -13.49 -55.73 -14.23
C ALA E 113 -12.04 -55.92 -13.81
N THR E 114 -11.59 -55.05 -12.92
CA THR E 114 -10.29 -55.18 -12.26
C THR E 114 -10.54 -55.36 -10.75
N SER E 115 -9.50 -55.76 -10.03
CA SER E 115 -9.63 -56.11 -8.62
C SER E 115 -10.28 -55.00 -7.79
N CYS E 116 -9.94 -53.76 -8.10
CA CYS E 116 -10.51 -52.61 -7.40
C CYS E 116 -12.03 -52.47 -7.53
N TYR E 117 -12.65 -53.11 -8.53
CA TYR E 117 -14.09 -53.12 -8.62
C TYR E 117 -14.72 -53.64 -7.32
N VAL E 118 -14.20 -54.75 -6.82
CA VAL E 118 -14.64 -55.26 -5.51
C VAL E 118 -13.86 -54.65 -4.33
N GLY E 119 -12.55 -54.46 -4.50
CA GLY E 119 -11.71 -53.96 -3.40
C GLY E 119 -12.10 -52.58 -2.94
N ASP E 120 -12.07 -51.62 -3.86
CA ASP E 120 -12.32 -50.22 -3.54
C ASP E 120 -13.79 -49.92 -3.24
N ASN E 121 -14.70 -50.43 -4.07
CA ASN E 121 -16.12 -50.17 -3.85
C ASN E 121 -16.58 -50.76 -2.51
N THR E 122 -16.08 -51.92 -2.14
CA THR E 122 -16.36 -52.46 -0.82
C THR E 122 -15.86 -51.53 0.28
N ASP E 123 -14.62 -51.04 0.11
CA ASP E 123 -14.04 -50.13 1.09
C ASP E 123 -14.89 -48.85 1.21
N LEU E 124 -15.38 -48.33 0.08
CA LEU E 124 -16.24 -47.14 0.11
C LEU E 124 -17.61 -47.41 0.78
N ILE E 125 -18.17 -48.60 0.55
CA ILE E 125 -19.40 -49.01 1.23
C ILE E 125 -19.16 -49.13 2.75
N ILE E 126 -18.05 -49.76 3.11
CA ILE E 126 -17.65 -49.88 4.52
C ILE E 126 -17.47 -48.49 5.17
N LEU E 127 -16.74 -47.59 4.51
CA LEU E 127 -16.50 -46.27 5.09
C LEU E 127 -17.81 -45.56 5.36
N ARG E 128 -18.72 -45.61 4.39
CA ARG E 128 -19.97 -44.91 4.56
C ARG E 128 -20.83 -45.51 5.67
N ASN E 129 -20.90 -46.84 5.75
CA ASN E 129 -21.61 -47.49 6.86
C ASN E 129 -21.00 -47.10 8.21
N ALA E 130 -19.67 -47.04 8.25
CA ALA E 130 -18.96 -46.74 9.48
C ALA E 130 -19.23 -45.32 9.95
N LEU E 131 -19.26 -44.39 9.02
CA LEU E 131 -19.65 -43.01 9.32
C LEU E 131 -21.08 -42.94 9.85
N ASP E 132 -21.97 -43.74 9.26
CA ASP E 132 -23.36 -43.79 9.71
C ASP E 132 -23.52 -44.35 11.12
N LEU E 133 -22.58 -45.18 11.56
CA LEU E 133 -22.59 -45.67 12.93
C LEU E 133 -22.04 -44.64 13.90
N LEU E 134 -21.03 -43.87 13.48
CA LEU E 134 -20.44 -42.85 14.35
C LEU E 134 -21.38 -41.66 14.60
N LEU E 135 -22.06 -41.22 13.56
CA LEU E 135 -22.86 -39.98 13.63
C LEU E 135 -23.85 -39.93 14.82
N PRO E 136 -24.70 -40.97 14.98
CA PRO E 136 -25.64 -40.95 16.10
C PRO E 136 -24.97 -40.93 17.47
N LYS E 137 -23.83 -41.63 17.60
CA LYS E 137 -23.13 -41.70 18.87
C LYS E 137 -22.59 -40.33 19.24
N LEU E 138 -22.01 -39.65 18.26
CA LEU E 138 -21.55 -38.29 18.45
C LEU E 138 -22.72 -37.35 18.81
N ALA E 139 -23.82 -37.47 18.09
CA ALA E 139 -25.03 -36.70 18.38
C ALA E 139 -25.52 -36.93 19.83
N ARG E 140 -25.55 -38.18 20.26
CA ARG E 140 -25.91 -38.47 21.65
C ARG E 140 -24.95 -37.85 22.66
N VAL E 141 -23.65 -37.87 22.37
CA VAL E 141 -22.68 -37.24 23.27
C VAL E 141 -23.01 -35.75 23.39
N ILE E 142 -23.23 -35.11 22.26
CA ILE E 142 -23.54 -33.68 22.22
C ILE E 142 -24.83 -33.40 22.99
N SER E 143 -25.82 -34.26 22.80
CA SER E 143 -27.12 -34.11 23.48
C SER E 143 -26.99 -34.23 24.98
N ARG E 144 -26.28 -35.25 25.45
CA ARG E 144 -26.11 -35.44 26.90
C ARG E 144 -25.39 -34.25 27.52
N LEU E 145 -24.36 -33.76 26.85
CA LEU E 145 -23.64 -32.56 27.31
C LEU E 145 -24.51 -31.32 27.25
N ALA E 146 -25.36 -31.23 26.23
CA ALA E 146 -26.33 -30.12 26.13
C ALA E 146 -27.32 -30.09 27.30
N ASP E 147 -27.85 -31.26 27.68
CA ASP E 147 -28.69 -31.38 28.89
C ASP E 147 -27.92 -30.86 30.11
N PHE E 148 -26.71 -31.38 30.29
CA PHE E 148 -25.84 -30.96 31.38
C PHE E 148 -25.57 -29.45 31.38
N ALA E 149 -25.29 -28.91 30.21
CA ALA E 149 -24.98 -27.49 30.08
C ALA E 149 -26.14 -26.58 30.47
N LYS E 150 -27.34 -26.95 30.05
CA LYS E 150 -28.58 -26.22 30.40
C LYS E 150 -28.83 -26.28 31.89
N GLU E 151 -28.77 -27.49 32.44
CA GLU E 151 -28.97 -27.74 33.86
C GLU E 151 -28.00 -26.90 34.73
N ARG E 152 -26.77 -26.69 34.24
CA ARG E 152 -25.75 -25.98 35.03
C ARG E 152 -25.36 -24.63 34.42
N ALA E 153 -26.24 -24.07 33.61
CA ALA E 153 -25.95 -22.81 32.90
C ALA E 153 -25.59 -21.67 33.82
N SER E 154 -26.19 -21.65 35.02
CA SER E 154 -26.04 -20.53 35.97
C SER E 154 -25.14 -20.84 37.16
N LEU E 155 -24.61 -22.06 37.25
CA LEU E 155 -23.78 -22.47 38.38
C LEU E 155 -22.37 -21.86 38.27
N PRO E 156 -22.07 -20.79 39.05
CA PRO E 156 -20.76 -20.17 38.90
C PRO E 156 -19.62 -21.12 39.28
N THR E 157 -18.51 -21.00 38.58
CA THR E 157 -17.30 -21.80 38.84
C THR E 157 -16.08 -20.94 38.48
N LEU E 158 -14.96 -21.23 39.14
CA LEU E 158 -13.74 -20.48 38.92
C LEU E 158 -13.26 -20.68 37.48
N GLY E 159 -12.99 -19.58 36.79
CA GLY E 159 -12.42 -19.63 35.45
C GLY E 159 -10.94 -19.92 35.53
N PHE E 160 -10.38 -20.49 34.47
CA PHE E 160 -8.97 -20.83 34.43
C PHE E 160 -8.32 -20.46 33.11
N THR E 161 -7.35 -19.55 33.18
CA THR E 161 -6.44 -19.30 32.06
C THR E 161 -5.01 -19.52 32.57
N HIS E 162 -4.17 -20.16 31.75
CA HIS E 162 -2.85 -20.67 32.20
C HIS E 162 -2.99 -21.66 33.38
N PHE E 163 -4.19 -22.23 33.53
CA PHE E 163 -4.61 -22.94 34.73
C PHE E 163 -4.40 -22.18 36.03
N GLN E 164 -4.52 -20.85 35.96
CA GLN E 164 -4.53 -19.99 37.13
C GLN E 164 -5.93 -19.39 37.29
N PRO E 165 -6.33 -19.11 38.54
CA PRO E 165 -7.65 -18.50 38.78
C PRO E 165 -7.89 -17.27 37.96
N ALA E 166 -9.05 -17.21 37.31
CA ALA E 166 -9.40 -16.14 36.37
C ALA E 166 -10.91 -15.86 36.46
N GLN E 167 -11.38 -14.81 35.80
CA GLN E 167 -12.77 -14.37 35.91
C GLN E 167 -13.74 -15.52 35.84
N LEU E 168 -14.77 -15.48 36.70
CA LEU E 168 -15.69 -16.61 36.83
C LEU E 168 -16.42 -16.91 35.52
N THR E 169 -16.65 -18.19 35.28
CA THR E 169 -17.51 -18.66 34.20
C THR E 169 -18.61 -19.48 34.90
N THR E 170 -19.36 -20.29 34.17
CA THR E 170 -20.28 -21.24 34.80
C THR E 170 -19.98 -22.63 34.28
N VAL E 171 -20.45 -23.63 35.00
CA VAL E 171 -20.17 -25.02 34.66
C VAL E 171 -20.76 -25.34 33.28
N GLY E 172 -21.95 -24.81 33.02
CA GLY E 172 -22.63 -25.02 31.75
C GLY E 172 -21.96 -24.28 30.60
N LYS E 173 -21.45 -23.09 30.86
CA LYS E 173 -20.74 -22.34 29.82
C LYS E 173 -19.46 -23.07 29.42
N ARG E 174 -18.72 -23.56 30.40
CA ARG E 174 -17.51 -24.34 30.11
C ARG E 174 -17.88 -25.59 29.30
N CYS E 175 -18.98 -26.24 29.68
CA CYS E 175 -19.45 -27.38 28.93
C CYS E 175 -19.70 -27.02 27.45
N CYS E 176 -20.15 -25.80 27.19
CA CYS E 176 -20.35 -25.33 25.81
C CYS E 176 -19.08 -25.26 24.96
N LEU E 177 -17.93 -24.96 25.60
CA LEU E 177 -16.64 -25.07 24.89
C LEU E 177 -16.46 -26.47 24.29
N TRP E 178 -16.76 -27.48 25.10
CA TRP E 178 -16.69 -28.87 24.67
C TRP E 178 -17.71 -29.18 23.60
N ILE E 179 -18.96 -28.74 23.83
CA ILE E 179 -20.06 -29.01 22.90
C ILE E 179 -19.76 -28.40 21.53
N GLN E 180 -19.24 -27.17 21.52
CA GLN E 180 -18.92 -26.51 20.26
C GLN E 180 -17.94 -27.31 19.38
N ASP E 181 -16.84 -27.74 19.97
CA ASP E 181 -15.85 -28.55 19.24
C ASP E 181 -16.49 -29.82 18.68
N LEU E 182 -17.29 -30.49 19.49
CA LEU E 182 -17.96 -31.71 19.05
C LEU E 182 -19.01 -31.45 17.96
N CYS E 183 -19.66 -30.28 18.00
CA CYS E 183 -20.61 -29.91 16.93
C CYS E 183 -19.88 -29.68 15.61
N MET E 184 -18.69 -29.09 15.67
CA MET E 184 -17.87 -28.94 14.47
C MET E 184 -17.51 -30.31 13.89
N ASP E 185 -17.26 -31.28 14.75
CA ASP E 185 -17.03 -32.65 14.29
C ASP E 185 -18.24 -33.27 13.63
N LEU E 186 -19.42 -33.09 14.24
CA LEU E 186 -20.66 -33.58 13.65
C LEU E 186 -20.89 -32.99 12.26
N GLN E 187 -20.65 -31.69 12.11
CA GLN E 187 -20.76 -31.05 10.80
C GLN E 187 -19.80 -31.67 9.79
N ASN E 188 -18.56 -31.94 10.24
CA ASN E 188 -17.53 -32.53 9.37
C ASN E 188 -17.84 -33.96 8.97
N LEU E 189 -18.26 -34.78 9.93
CA LEU E 189 -18.61 -36.16 9.62
C LEU E 189 -19.81 -36.25 8.66
N LYS E 190 -20.82 -35.41 8.88
CA LYS E 190 -21.99 -35.34 7.97
C LYS E 190 -21.53 -34.99 6.55
N ARG E 191 -20.71 -33.94 6.44
CA ARG E 191 -20.22 -33.48 5.14
C ARG E 191 -19.47 -34.58 4.37
N VAL E 192 -18.53 -35.24 5.04
CA VAL E 192 -17.74 -36.31 4.43
C VAL E 192 -18.62 -37.48 4.02
N ARG E 193 -19.56 -37.85 4.88
CA ARG E 193 -20.50 -38.92 4.57
C ARG E 193 -21.32 -38.62 3.30
N ASP E 194 -21.84 -37.38 3.22
CA ASP E 194 -22.71 -36.96 2.11
C ASP E 194 -21.94 -36.77 0.79
N ASP E 195 -20.71 -36.28 0.85
CA ASP E 195 -19.89 -36.02 -0.36
C ASP E 195 -19.09 -37.25 -0.86
N LEU E 196 -19.15 -38.35 -0.14
CA LEU E 196 -18.41 -39.55 -0.51
C LEU E 196 -18.96 -40.15 -1.83
N ARG E 197 -18.09 -40.28 -2.82
CA ARG E 197 -18.45 -40.81 -4.14
C ARG E 197 -18.02 -42.25 -4.33
N PHE E 198 -18.71 -42.94 -5.22
CA PHE E 198 -18.47 -44.35 -5.54
C PHE E 198 -17.43 -44.45 -6.66
N ARG E 199 -16.60 -45.50 -6.63
CA ARG E 199 -15.65 -45.73 -7.71
C ARG E 199 -16.44 -46.18 -8.93
N GLY E 200 -17.33 -47.12 -8.72
CA GLY E 200 -18.15 -47.64 -9.79
C GLY E 200 -17.36 -48.59 -10.66
N VAL E 201 -17.66 -48.57 -11.96
CA VAL E 201 -17.13 -49.51 -12.93
C VAL E 201 -16.22 -48.71 -13.85
N LYS E 202 -14.92 -48.97 -13.75
CA LYS E 202 -13.91 -48.10 -14.37
C LYS E 202 -12.80 -48.82 -15.16
N GLY E 203 -12.63 -50.12 -14.97
CA GLY E 203 -11.60 -50.87 -15.70
C GLY E 203 -10.22 -50.73 -15.07
N THR E 204 -9.28 -51.53 -15.54
CA THR E 204 -7.93 -51.55 -14.97
C THR E 204 -7.26 -50.25 -14.78
N THR E 205 -7.32 -49.37 -15.74
CA THR E 205 -6.63 -48.07 -15.61
C THR E 205 -7.59 -46.88 -15.60
N GLY E 206 -8.88 -47.17 -15.35
CA GLY E 206 -9.91 -46.12 -15.29
C GLY E 206 -10.48 -45.64 -16.61
N THR E 207 -10.14 -46.31 -17.72
CA THR E 207 -10.60 -45.90 -19.06
C THR E 207 -11.87 -46.63 -19.51
N GLN E 208 -12.24 -47.66 -18.77
CA GLN E 208 -13.37 -48.50 -19.11
C GLN E 208 -13.21 -49.18 -20.48
N ALA E 209 -11.97 -49.39 -20.90
CA ALA E 209 -11.69 -49.91 -22.24
C ALA E 209 -12.28 -51.30 -22.41
N SER E 210 -12.19 -52.10 -21.35
CA SER E 210 -12.73 -53.46 -21.35
C SER E 210 -14.25 -53.47 -21.59
N PHE E 211 -14.95 -52.59 -20.89
CA PHE E 211 -16.40 -52.50 -20.97
C PHE E 211 -16.84 -51.92 -22.30
N LEU E 212 -16.07 -50.97 -22.85
CA LEU E 212 -16.33 -50.44 -24.17
C LEU E 212 -16.26 -51.54 -25.23
N GLN E 213 -15.26 -52.40 -25.15
CA GLN E 213 -15.12 -53.52 -26.07
C GLN E 213 -16.25 -54.56 -25.90
N LEU E 214 -16.62 -54.84 -24.65
CA LEU E 214 -17.73 -55.76 -24.39
C LEU E 214 -19.06 -55.31 -24.98
N PHE E 215 -19.31 -53.99 -24.99
CA PHE E 215 -20.50 -53.42 -25.61
C PHE E 215 -20.22 -52.92 -27.04
N GLU E 216 -19.24 -53.53 -27.70
CA GLU E 216 -18.92 -53.27 -29.11
C GLU E 216 -18.95 -51.78 -29.47
N GLY E 217 -18.25 -50.97 -28.67
CA GLY E 217 -18.09 -49.55 -28.95
C GLY E 217 -19.20 -48.62 -28.49
N ASP E 218 -20.18 -49.13 -27.77
CA ASP E 218 -21.33 -48.32 -27.32
C ASP E 218 -21.00 -47.57 -26.01
N ASP E 219 -20.54 -46.32 -26.15
CA ASP E 219 -20.22 -45.47 -24.98
C ASP E 219 -21.35 -45.38 -23.98
N HIS E 220 -22.55 -45.20 -24.48
CA HIS E 220 -23.75 -45.01 -23.66
C HIS E 220 -24.00 -46.19 -22.75
N LYS E 221 -23.83 -47.40 -23.27
CA LYS E 221 -23.99 -48.61 -22.45
C LYS E 221 -22.98 -48.67 -21.29
N VAL E 222 -21.76 -48.20 -21.55
CA VAL E 222 -20.72 -48.17 -20.51
C VAL E 222 -21.14 -47.21 -19.41
N GLU E 223 -21.59 -46.00 -19.76
CA GLU E 223 -22.04 -45.03 -18.76
C GLU E 223 -23.23 -45.51 -17.96
N GLN E 224 -24.12 -46.24 -18.63
CA GLN E 224 -25.28 -46.84 -17.95
C GLN E 224 -24.84 -47.86 -16.93
N LEU E 225 -23.91 -48.75 -17.32
CA LEU E 225 -23.40 -49.78 -16.41
C LEU E 225 -22.87 -49.16 -15.12
N ASP E 226 -22.08 -48.10 -15.29
CA ASP E 226 -21.47 -47.39 -14.19
C ASP E 226 -22.56 -46.83 -13.28
N LYS E 227 -23.48 -46.09 -13.88
CA LYS E 227 -24.59 -45.50 -13.14
C LYS E 227 -25.49 -46.55 -12.48
N MET E 228 -25.70 -47.68 -13.13
CA MET E 228 -26.55 -48.74 -12.60
C MET E 228 -25.99 -49.40 -11.33
N VAL E 229 -24.73 -49.80 -11.34
CA VAL E 229 -24.14 -50.45 -10.15
C VAL E 229 -23.98 -49.41 -9.02
N THR E 230 -23.69 -48.17 -9.39
CA THR E 230 -23.63 -47.08 -8.41
C THR E 230 -24.95 -46.97 -7.63
N GLU E 231 -26.09 -47.01 -8.34
CA GLU E 231 -27.42 -46.96 -7.69
C GLU E 231 -27.72 -48.21 -6.88
N LYS E 232 -27.38 -49.38 -7.41
CA LYS E 232 -27.58 -50.63 -6.65
C LYS E 232 -26.83 -50.61 -5.31
N ALA E 233 -25.67 -49.95 -5.29
CA ALA E 233 -24.86 -49.82 -4.06
C ALA E 233 -25.34 -48.69 -3.15
N GLY E 234 -26.24 -47.86 -3.65
CA GLY E 234 -26.90 -46.85 -2.85
C GLY E 234 -26.14 -45.54 -2.76
N PHE E 235 -25.38 -45.21 -3.79
CA PHE E 235 -24.64 -43.96 -3.83
C PHE E 235 -25.32 -43.03 -4.83
N LYS E 236 -25.43 -41.76 -4.47
CA LYS E 236 -26.01 -40.74 -5.36
C LYS E 236 -25.08 -40.45 -6.53
N ARG E 237 -23.77 -40.58 -6.30
CA ARG E 237 -22.79 -40.06 -7.24
C ARG E 237 -21.55 -40.95 -7.35
N ALA E 238 -21.01 -41.01 -8.56
CA ALA E 238 -19.76 -41.73 -8.81
C ALA E 238 -18.74 -40.79 -9.42
N PHE E 239 -17.46 -41.13 -9.26
CA PHE E 239 -16.39 -40.39 -9.93
C PHE E 239 -16.57 -40.49 -11.45
N ILE E 240 -16.21 -39.41 -12.14
CA ILE E 240 -15.96 -39.50 -13.57
C ILE E 240 -14.53 -39.94 -13.76
N ILE E 241 -13.62 -39.27 -13.06
CA ILE E 241 -12.19 -39.52 -13.16
C ILE E 241 -11.70 -40.45 -12.06
N THR E 242 -11.10 -41.55 -12.48
CA THR E 242 -10.28 -42.40 -11.63
C THR E 242 -9.11 -42.94 -12.44
N GLY E 243 -8.09 -43.39 -11.71
CA GLY E 243 -7.14 -44.35 -12.24
C GLY E 243 -7.76 -45.72 -12.03
N GLN E 244 -6.93 -46.67 -11.61
CA GLN E 244 -7.43 -47.96 -11.18
C GLN E 244 -8.27 -47.81 -9.90
N THR E 245 -7.88 -46.87 -9.02
CA THR E 245 -8.48 -46.71 -7.73
C THR E 245 -9.26 -45.40 -7.67
N TYR E 246 -10.12 -45.26 -6.66
CA TYR E 246 -10.53 -43.94 -6.23
C TYR E 246 -9.30 -43.24 -5.63
N THR E 247 -9.25 -41.93 -5.80
CA THR E 247 -8.12 -41.14 -5.31
C THR E 247 -7.97 -41.31 -3.81
N ARG E 248 -6.75 -41.63 -3.37
CA ARG E 248 -6.48 -41.88 -1.95
C ARG E 248 -6.54 -40.61 -1.11
N LYS E 249 -6.64 -39.47 -1.77
CA LYS E 249 -7.03 -38.26 -1.09
C LYS E 249 -8.34 -38.40 -0.30
N VAL E 250 -9.25 -39.23 -0.78
CA VAL E 250 -10.49 -39.50 -0.03
C VAL E 250 -10.16 -40.02 1.37
N ASP E 251 -9.21 -40.94 1.47
CA ASP E 251 -8.80 -41.49 2.76
C ASP E 251 -8.20 -40.40 3.68
N ILE E 252 -7.52 -39.40 3.12
CA ILE E 252 -7.04 -38.27 3.91
C ILE E 252 -8.21 -37.49 4.51
N GLU E 253 -9.21 -37.21 3.72
CA GLU E 253 -10.35 -36.46 4.16
C GLU E 253 -11.08 -37.15 5.29
N VAL E 254 -11.26 -38.43 5.17
CA VAL E 254 -11.97 -39.18 6.21
C VAL E 254 -11.16 -39.24 7.52
N LEU E 255 -9.90 -39.61 7.44
CA LEU E 255 -9.08 -39.74 8.65
C LEU E 255 -8.69 -38.39 9.26
N SER E 256 -8.67 -37.33 8.46
CA SER E 256 -8.43 -35.97 9.00
C SER E 256 -9.55 -35.53 9.90
N VAL E 257 -10.77 -35.79 9.49
CA VAL E 257 -11.93 -35.43 10.31
C VAL E 257 -11.96 -36.25 11.60
N LEU E 258 -11.61 -37.53 11.52
CA LEU E 258 -11.52 -38.35 12.72
C LEU E 258 -10.37 -37.89 13.62
N ALA E 259 -9.26 -37.48 13.02
CA ALA E 259 -8.13 -36.93 13.79
C ALA E 259 -8.54 -35.67 14.53
N SER E 260 -9.30 -34.80 13.88
CA SER E 260 -9.78 -33.56 14.51
C SER E 260 -10.72 -33.88 15.67
N LEU E 261 -11.59 -34.87 15.47
CA LEU E 261 -12.45 -35.36 16.54
C LEU E 261 -11.61 -35.83 17.73
N GLY E 262 -10.56 -36.58 17.44
CA GLY E 262 -9.61 -37.02 18.46
C GLY E 262 -9.10 -35.88 19.30
N ALA E 263 -8.70 -34.78 18.64
CA ALA E 263 -8.19 -33.63 19.37
C ALA E 263 -9.26 -33.03 20.28
N SER E 264 -10.49 -32.94 19.78
CA SER E 264 -11.59 -32.42 20.57
C SER E 264 -11.83 -33.27 21.82
N VAL E 265 -11.87 -34.59 21.63
CA VAL E 265 -12.14 -35.49 22.75
C VAL E 265 -11.00 -35.45 23.77
N HIS E 266 -9.78 -35.36 23.28
CA HIS E 266 -8.61 -35.32 24.15
C HIS E 266 -8.66 -34.06 25.05
N LYS E 267 -8.96 -32.91 24.46
CA LYS E 267 -9.09 -31.67 25.23
C LYS E 267 -10.19 -31.78 26.29
N ILE E 268 -11.34 -32.32 25.90
CA ILE E 268 -12.49 -32.43 26.80
C ILE E 268 -12.17 -33.35 27.95
N CYS E 269 -11.66 -34.52 27.64
CA CYS E 269 -11.34 -35.49 28.68
C CYS E 269 -10.17 -35.05 29.55
N THR E 270 -9.24 -34.27 29.00
CA THR E 270 -8.21 -33.62 29.81
C THR E 270 -8.83 -32.64 30.82
N ASP E 271 -9.76 -31.81 30.37
CA ASP E 271 -10.48 -30.90 31.28
C ASP E 271 -11.18 -31.69 32.41
N ILE E 272 -11.83 -32.78 32.05
CA ILE E 272 -12.55 -33.59 33.05
C ILE E 272 -11.59 -34.17 34.09
N ARG E 273 -10.42 -34.62 33.63
CA ARG E 273 -9.41 -35.15 34.53
C ARG E 273 -8.89 -34.09 35.50
N LEU E 274 -8.73 -32.87 35.00
CA LEU E 274 -8.33 -31.74 35.86
C LEU E 274 -9.44 -31.39 36.85
N LEU E 275 -10.69 -31.42 36.40
CA LEU E 275 -11.81 -31.15 37.29
C LEU E 275 -11.91 -32.20 38.40
N ALA E 276 -11.49 -33.42 38.11
CA ALA E 276 -11.44 -34.48 39.12
C ALA E 276 -10.38 -34.18 40.18
N ASN E 277 -9.22 -33.67 39.78
CA ASN E 277 -8.20 -33.27 40.74
C ASN E 277 -8.71 -32.17 41.64
N LEU E 278 -9.42 -31.22 41.04
CA LEU E 278 -9.99 -30.10 41.80
C LEU E 278 -11.18 -30.50 42.69
N LYS E 279 -11.68 -31.72 42.49
CA LYS E 279 -12.83 -32.26 43.22
C LYS E 279 -14.13 -31.51 42.94
N GLU E 280 -14.20 -30.82 41.80
CA GLU E 280 -15.41 -30.10 41.38
C GLU E 280 -16.36 -30.98 40.59
N MET E 281 -15.83 -32.04 39.97
CA MET E 281 -16.65 -32.91 39.12
C MET E 281 -15.96 -34.27 38.94
N GLU E 282 -16.75 -35.34 38.87
CA GLU E 282 -16.22 -36.68 38.68
C GLU E 282 -17.05 -37.46 37.68
N GLU E 283 -16.36 -38.26 36.88
CA GLU E 283 -17.02 -39.23 36.01
C GLU E 283 -17.72 -40.33 36.80
N PRO E 284 -18.66 -41.07 36.17
CA PRO E 284 -19.33 -42.16 36.88
C PRO E 284 -18.41 -43.28 37.36
N PHE E 285 -18.80 -43.93 38.44
CA PHE E 285 -17.95 -44.88 39.20
C PHE E 285 -18.93 -45.92 39.74
N GLU E 286 -18.77 -47.18 39.41
CA GLU E 286 -19.69 -48.19 39.85
C GLU E 286 -19.66 -48.48 41.31
N LYS E 287 -20.72 -49.07 41.83
CA LYS E 287 -20.72 -49.43 43.28
C LYS E 287 -19.48 -50.25 43.69
N GLN E 288 -19.15 -51.26 42.90
CA GLN E 288 -18.05 -52.19 43.20
C GLN E 288 -16.70 -51.84 42.54
N GLN E 289 -16.63 -50.69 41.84
CA GLN E 289 -15.41 -50.32 41.14
C GLN E 289 -14.16 -50.05 42.05
N ILE E 290 -13.02 -50.56 41.59
CA ILE E 290 -11.77 -50.38 42.27
C ILE E 290 -10.91 -49.43 41.45
N GLY E 291 -10.43 -48.37 42.09
CA GLY E 291 -9.61 -47.37 41.40
C GLY E 291 -8.18 -47.81 41.24
N SER E 292 -7.68 -48.51 42.28
CA SER E 292 -6.26 -48.82 42.40
C SER E 292 -6.07 -50.15 43.12
N SER E 293 -5.11 -50.95 42.64
CA SER E 293 -4.74 -52.21 43.29
C SER E 293 -4.03 -52.01 44.61
N ALA E 294 -3.34 -50.88 44.77
CA ALA E 294 -2.54 -50.61 45.99
C ALA E 294 -3.14 -49.54 46.95
N MET E 295 -3.88 -48.58 46.39
CA MET E 295 -4.46 -47.47 47.16
C MET E 295 -5.99 -47.57 47.16
N PRO E 296 -6.57 -48.30 48.11
CA PRO E 296 -8.03 -48.55 48.11
C PRO E 296 -8.93 -47.27 48.17
N TYR E 297 -8.35 -46.14 48.49
CA TYR E 297 -9.10 -44.91 48.60
C TYR E 297 -9.30 -44.15 47.34
N LYS E 298 -8.61 -44.56 46.31
CA LYS E 298 -8.61 -43.87 45.08
C LYS E 298 -9.81 -43.87 44.17
N ARG E 299 -10.17 -42.70 43.69
CA ARG E 299 -11.13 -42.60 42.62
C ARG E 299 -10.52 -41.84 41.43
N ASN E 300 -10.27 -42.59 40.35
CA ASN E 300 -9.58 -42.09 39.20
C ASN E 300 -10.54 -41.84 38.05
N PRO E 301 -10.24 -40.83 37.21
CA PRO E 301 -10.97 -40.62 35.99
C PRO E 301 -10.49 -41.53 34.84
N MET E 302 -10.63 -42.84 35.03
CA MET E 302 -10.05 -43.84 34.12
C MET E 302 -10.75 -43.92 32.77
N ARG E 303 -12.03 -43.62 32.72
CA ARG E 303 -12.77 -43.59 31.45
C ARG E 303 -12.29 -42.42 30.60
N SER E 304 -12.14 -41.26 31.21
CA SER E 304 -11.64 -40.07 30.52
C SER E 304 -10.19 -40.28 30.07
N GLU E 305 -9.40 -40.94 30.91
CA GLU E 305 -8.00 -41.23 30.58
C GLU E 305 -7.92 -42.18 29.39
N ARG E 306 -8.78 -43.20 29.35
CA ARG E 306 -8.84 -44.09 28.19
C ARG E 306 -9.25 -43.33 26.92
N CYS E 307 -10.20 -42.41 27.04
CA CYS E 307 -10.61 -41.59 25.90
C CYS E 307 -9.44 -40.81 25.34
N CYS E 308 -8.70 -40.16 26.22
CA CYS E 308 -7.49 -39.42 25.82
C CYS E 308 -6.52 -40.34 25.11
N SER E 309 -6.25 -41.48 25.72
CA SER E 309 -5.32 -42.46 25.19
C SER E 309 -5.67 -42.88 23.79
N LEU E 310 -6.94 -43.21 23.56
CA LEU E 310 -7.37 -43.66 22.25
C LEU E 310 -7.47 -42.51 21.26
N ALA E 311 -7.96 -41.37 21.71
CA ALA E 311 -8.03 -40.17 20.87
C ALA E 311 -6.67 -39.82 20.27
N ARG E 312 -5.62 -40.03 21.05
CA ARG E 312 -4.25 -39.79 20.61
C ARG E 312 -3.88 -40.65 19.43
N HIS E 313 -4.25 -41.92 19.48
CA HIS E 313 -3.99 -42.85 18.37
C HIS E 313 -4.70 -42.39 17.11
N LEU E 314 -5.90 -41.86 17.29
CA LEU E 314 -6.71 -41.33 16.20
C LEU E 314 -6.00 -40.17 15.50
N MET E 315 -5.34 -39.32 16.28
CA MET E 315 -4.57 -38.20 15.73
C MET E 315 -3.34 -38.69 15.02
N THR E 316 -2.62 -39.60 15.66
CA THR E 316 -1.44 -40.24 15.05
C THR E 316 -1.74 -40.81 13.67
N LEU E 317 -2.87 -41.49 13.55
CA LEU E 317 -3.19 -42.22 12.31
C LEU E 317 -3.30 -41.35 11.06
N VAL E 318 -3.50 -40.05 11.19
CA VAL E 318 -3.69 -39.18 10.03
C VAL E 318 -2.47 -39.16 9.11
N MET E 319 -1.29 -39.41 9.64
CA MET E 319 -0.07 -39.42 8.81
C MET E 319 0.01 -40.63 7.88
N ASP E 320 -0.72 -41.72 8.16
CA ASP E 320 -0.78 -42.85 7.22
C ASP E 320 -1.31 -42.45 5.84
N PRO E 321 -2.57 -41.99 5.75
CA PRO E 321 -3.11 -41.63 4.45
C PRO E 321 -2.44 -40.42 3.80
N LEU E 322 -1.94 -39.47 4.58
CA LEU E 322 -1.20 -38.36 4.02
C LEU E 322 0.02 -38.88 3.26
N GLN E 323 0.79 -39.75 3.91
CA GLN E 323 1.95 -40.34 3.28
C GLN E 323 1.56 -41.22 2.07
N THR E 324 0.56 -42.08 2.27
CA THR E 324 0.10 -43.00 1.22
C THR E 324 -0.24 -42.27 -0.09
N ALA E 325 -1.04 -41.23 0.03
CA ALA E 325 -1.55 -40.52 -1.16
C ALA E 325 -0.43 -39.81 -1.88
N SER E 326 0.51 -39.29 -1.12
CA SER E 326 1.59 -38.50 -1.66
C SER E 326 2.54 -39.29 -2.57
N VAL E 327 2.59 -40.62 -2.43
CA VAL E 327 3.52 -41.46 -3.21
C VAL E 327 2.83 -42.53 -4.06
N GLN E 328 1.55 -42.35 -4.33
CA GLN E 328 0.83 -43.13 -5.32
C GLN E 328 1.28 -42.72 -6.73
N TRP E 329 1.93 -43.63 -7.44
CA TRP E 329 2.45 -43.34 -8.76
C TRP E 329 1.41 -43.66 -9.83
N PHE E 330 1.16 -42.66 -10.68
CA PHE E 330 0.37 -42.80 -11.89
C PHE E 330 -1.03 -43.34 -11.56
N GLU E 331 -1.43 -44.44 -12.20
CA GLU E 331 -2.83 -44.86 -12.13
C GLU E 331 -3.04 -45.74 -10.92
N ARG E 332 -1.96 -46.08 -10.21
CA ARG E 332 -2.02 -46.74 -8.86
C ARG E 332 -0.73 -47.51 -8.56
N THR E 333 -0.31 -47.47 -7.31
CA THR E 333 0.70 -48.43 -6.80
C THR E 333 0.11 -49.13 -5.59
N LEU E 334 0.54 -50.37 -5.37
CA LEU E 334 -0.08 -51.25 -4.37
C LEU E 334 0.46 -51.04 -2.96
N ASP E 335 1.38 -50.10 -2.79
CA ASP E 335 1.85 -49.72 -1.45
C ASP E 335 0.80 -49.03 -0.59
N ASP E 336 -0.40 -48.82 -1.12
CA ASP E 336 -1.52 -48.37 -0.32
C ASP E 336 -2.21 -49.50 0.45
N SER E 337 -2.13 -50.72 -0.07
CA SER E 337 -3.10 -51.77 0.29
C SER E 337 -3.00 -52.24 1.74
N ALA E 338 -1.81 -52.68 2.16
CA ALA E 338 -1.63 -53.20 3.53
C ALA E 338 -1.87 -52.13 4.58
N ASN E 339 -1.35 -50.94 4.31
CA ASN E 339 -1.52 -49.78 5.20
C ASN E 339 -3.01 -49.50 5.44
N ARG E 340 -3.79 -49.52 4.37
CA ARG E 340 -5.23 -49.25 4.46
C ARG E 340 -6.00 -50.35 5.19
N ARG E 341 -5.55 -51.60 5.10
CA ARG E 341 -6.18 -52.67 5.90
C ARG E 341 -6.07 -52.39 7.40
N ILE E 342 -4.98 -51.73 7.80
CA ILE E 342 -4.74 -51.37 9.20
C ILE E 342 -5.43 -50.06 9.60
N CYS E 343 -5.10 -48.96 8.94
CA CYS E 343 -5.46 -47.63 9.43
C CYS E 343 -6.94 -47.24 9.29
N LEU E 344 -7.61 -47.67 8.23
CA LEU E 344 -9.03 -47.30 8.05
C LEU E 344 -9.88 -47.92 9.16
N ALA E 345 -9.82 -49.24 9.28
CA ALA E 345 -10.55 -49.96 10.34
C ALA E 345 -10.22 -49.44 11.72
N GLU E 346 -8.93 -49.23 12.00
CA GLU E 346 -8.53 -48.85 13.34
C GLU E 346 -8.95 -47.45 13.70
N ALA E 347 -8.97 -46.55 12.73
CA ALA E 347 -9.44 -45.21 12.99
C ALA E 347 -10.92 -45.24 13.39
N PHE E 348 -11.73 -45.97 12.62
CA PHE E 348 -13.16 -46.08 12.91
C PHE E 348 -13.47 -46.83 14.20
N LEU E 349 -12.76 -47.92 14.46
CA LEU E 349 -12.92 -48.68 15.71
C LEU E 349 -12.49 -47.87 16.93
N THR E 350 -11.43 -47.08 16.76
CA THR E 350 -10.98 -46.18 17.82
C THR E 350 -12.00 -45.06 18.05
N ALA E 351 -12.47 -44.44 16.97
CA ALA E 351 -13.51 -43.40 17.08
C ALA E 351 -14.79 -43.93 17.73
N ASP E 352 -15.21 -45.12 17.32
CA ASP E 352 -16.39 -45.79 17.89
C ASP E 352 -16.29 -45.92 19.40
N THR E 353 -15.15 -46.42 19.88
CA THR E 353 -14.91 -46.61 21.31
C THR E 353 -14.93 -45.30 22.08
N ILE E 354 -14.26 -44.30 21.54
CA ILE E 354 -14.19 -42.99 22.23
C ILE E 354 -15.56 -42.33 22.37
N LEU E 355 -16.40 -42.43 21.34
CA LEU E 355 -17.72 -41.80 21.37
C LEU E 355 -18.62 -42.52 22.37
N ASN E 356 -18.64 -43.86 22.30
CA ASN E 356 -19.41 -44.63 23.27
C ASN E 356 -18.95 -44.35 24.70
N THR E 357 -17.65 -44.33 24.91
CA THR E 357 -17.10 -44.11 26.25
C THR E 357 -17.40 -42.68 26.74
N LEU E 358 -17.26 -41.69 25.87
CA LEU E 358 -17.55 -40.30 26.23
C LEU E 358 -19.06 -40.09 26.50
N GLN E 359 -19.92 -40.80 25.76
CA GLN E 359 -21.36 -40.75 26.05
C GLN E 359 -21.63 -41.27 27.47
N ASN E 360 -21.05 -42.42 27.79
CA ASN E 360 -21.19 -43.00 29.12
C ASN E 360 -20.76 -42.02 30.21
N ILE E 361 -19.63 -41.33 29.97
CA ILE E 361 -19.12 -40.34 30.91
C ILE E 361 -20.11 -39.19 31.10
N SER E 362 -20.57 -38.63 29.99
CA SER E 362 -21.49 -37.48 30.02
C SER E 362 -22.85 -37.80 30.66
N GLU E 363 -23.32 -39.03 30.52
CA GLU E 363 -24.55 -39.49 31.21
C GLU E 363 -24.46 -39.57 32.72
N GLY E 364 -23.24 -39.65 33.27
CA GLY E 364 -23.06 -39.93 34.69
C GLY E 364 -22.24 -38.90 35.44
N LEU E 365 -22.05 -37.72 34.85
CA LEU E 365 -21.23 -36.68 35.48
C LEU E 365 -21.85 -36.28 36.82
N VAL E 366 -21.02 -36.22 37.85
CA VAL E 366 -21.43 -35.81 39.18
C VAL E 366 -20.72 -34.52 39.51
N VAL E 367 -21.44 -33.52 39.99
CA VAL E 367 -20.90 -32.20 40.33
C VAL E 367 -20.90 -31.99 41.84
N TYR E 368 -19.91 -31.27 42.36
CA TYR E 368 -19.79 -31.04 43.81
C TYR E 368 -19.78 -29.53 44.08
N PRO E 369 -20.98 -28.93 44.19
CA PRO E 369 -21.08 -27.49 44.29
C PRO E 369 -20.40 -26.88 45.51
N LYS E 370 -20.36 -27.61 46.63
CA LYS E 370 -19.74 -27.06 47.85
C LYS E 370 -18.26 -26.86 47.68
N VAL E 371 -17.63 -27.73 46.91
CA VAL E 371 -16.22 -27.59 46.61
C VAL E 371 -16.05 -26.43 45.64
N ILE E 372 -16.91 -26.36 44.63
CA ILE E 372 -16.86 -25.27 43.67
C ILE E 372 -16.96 -23.91 44.40
N GLU E 373 -17.94 -23.80 45.31
CA GLU E 373 -18.17 -22.56 46.07
C GLU E 373 -17.01 -22.18 46.98
N ARG E 374 -16.42 -23.18 47.63
CA ARG E 374 -15.26 -22.93 48.49
C ARG E 374 -14.07 -22.37 47.71
N ARG E 375 -13.79 -22.93 46.55
CA ARG E 375 -12.68 -22.45 45.73
C ARG E 375 -12.93 -20.99 45.28
N ILE E 376 -14.16 -20.67 44.90
CA ILE E 376 -14.50 -19.29 44.54
C ILE E 376 -14.26 -18.36 45.73
N ARG E 377 -14.75 -18.75 46.91
CA ARG E 377 -14.54 -17.92 48.09
C ARG E 377 -13.06 -17.61 48.35
N GLN E 378 -12.19 -18.58 48.09
CA GLN E 378 -10.75 -18.40 48.29
C GLN E 378 -10.10 -17.40 47.34
N GLU E 379 -10.62 -17.30 46.10
CA GLU E 379 -9.99 -16.49 45.07
C GLU E 379 -10.72 -15.21 44.70
N LEU E 380 -12.04 -15.25 44.74
CA LEU E 380 -12.88 -14.09 44.40
C LEU E 380 -12.47 -12.75 45.06
N PRO E 381 -12.09 -12.77 46.35
CA PRO E 381 -11.63 -11.53 46.97
C PRO E 381 -10.58 -10.77 46.16
N PHE E 382 -9.60 -11.49 45.62
CA PHE E 382 -8.57 -10.88 44.79
C PHE E 382 -9.11 -10.34 43.48
N MET E 383 -10.08 -11.06 42.89
CA MET E 383 -10.74 -10.58 41.64
C MET E 383 -11.60 -9.33 41.84
N ALA E 384 -12.07 -9.14 43.04
CA ALA E 384 -13.15 -8.18 43.36
C ALA E 384 -12.66 -6.78 43.71
N THR E 385 -11.37 -6.53 43.72
CA THR E 385 -10.81 -5.27 44.22
C THR E 385 -11.31 -4.02 43.48
N GLU E 386 -11.58 -4.16 42.19
CA GLU E 386 -12.08 -3.03 41.39
C GLU E 386 -13.51 -2.66 41.80
N ASN E 387 -14.34 -3.65 42.05
CA ASN E 387 -15.71 -3.42 42.60
C ASN E 387 -15.64 -2.66 43.93
N ILE E 388 -14.70 -3.03 44.80
CA ILE E 388 -14.60 -2.45 46.13
C ILE E 388 -14.14 -0.99 46.06
N ILE E 389 -13.23 -0.69 45.14
CA ILE E 389 -12.80 0.69 44.91
C ILE E 389 -13.98 1.56 44.38
N MET E 390 -14.70 1.06 43.36
CA MET E 390 -16.07 1.53 43.06
C MET E 390 -17.16 0.95 43.98
N CYS E 402 -7.70 4.41 48.08
CA CYS E 402 -8.38 3.14 48.19
C CYS E 402 -7.62 2.02 47.50
N HIS E 403 -7.16 2.29 46.28
CA HIS E 403 -6.33 1.37 45.52
C HIS E 403 -5.08 0.96 46.30
N GLU E 404 -4.37 1.96 46.82
CA GLU E 404 -3.13 1.72 47.57
C GLU E 404 -3.36 0.94 48.87
N LYS E 405 -4.47 1.18 49.54
CA LYS E 405 -4.77 0.46 50.76
C LYS E 405 -5.03 -0.99 50.42
N ILE E 406 -5.97 -1.21 49.52
CA ILE E 406 -6.33 -2.58 49.12
C ILE E 406 -5.09 -3.35 48.67
N ARG E 407 -4.19 -2.68 47.99
CA ARG E 407 -3.01 -3.36 47.53
C ARG E 407 -2.29 -3.97 48.70
N VAL E 408 -1.96 -3.15 49.66
CA VAL E 408 -1.15 -3.61 50.82
C VAL E 408 -1.84 -4.76 51.54
N LEU E 409 -3.14 -4.63 51.78
CA LEU E 409 -3.94 -5.69 52.41
C LEU E 409 -4.00 -6.98 51.57
N SER E 410 -3.98 -6.82 50.24
CA SER E 410 -3.96 -7.97 49.31
C SER E 410 -2.63 -8.75 49.37
N GLN E 411 -1.51 -8.04 49.44
CA GLN E 411 -0.19 -8.71 49.57
C GLN E 411 -0.07 -9.40 50.92
N GLN E 412 -0.66 -8.82 51.95
CA GLN E 412 -0.74 -9.47 53.27
C GLN E 412 -1.55 -10.76 53.21
N ALA E 413 -2.70 -10.72 52.55
CA ALA E 413 -3.54 -11.92 52.38
C ALA E 413 -2.84 -12.97 51.49
N ALA E 414 -2.16 -12.50 50.44
CA ALA E 414 -1.43 -13.38 49.53
C ALA E 414 -0.31 -14.14 50.27
N SER E 415 0.45 -13.42 51.11
CA SER E 415 1.49 -14.05 51.90
C SER E 415 0.92 -15.07 52.89
N VAL E 416 -0.26 -14.81 53.47
CA VAL E 416 -0.90 -15.82 54.31
C VAL E 416 -1.17 -17.10 53.53
N VAL E 417 -1.66 -16.96 52.29
CA VAL E 417 -1.97 -18.13 51.46
C VAL E 417 -0.71 -18.92 51.12
N LYS E 418 0.31 -18.22 50.62
CA LYS E 418 1.53 -18.87 50.08
C LYS E 418 2.59 -19.19 51.15
N GLN E 419 2.81 -18.27 52.07
CA GLN E 419 3.92 -18.38 53.05
C GLN E 419 3.47 -19.07 54.33
N GLU E 420 2.20 -18.93 54.71
CA GLU E 420 1.66 -19.59 55.91
C GLU E 420 0.74 -20.77 55.58
N GLY E 421 0.37 -20.92 54.30
CA GLY E 421 -0.55 -21.97 53.87
C GLY E 421 -1.99 -21.80 54.38
N GLY E 422 -2.38 -20.57 54.68
CA GLY E 422 -3.71 -20.29 55.27
C GLY E 422 -4.79 -20.02 54.24
N ASP E 423 -5.98 -19.73 54.73
CA ASP E 423 -7.07 -19.27 53.87
C ASP E 423 -6.86 -17.81 53.49
N ASN E 424 -7.49 -17.41 52.38
CA ASN E 424 -7.49 -16.01 51.97
C ASN E 424 -8.35 -15.23 52.96
N ASP E 425 -7.74 -14.28 53.66
CA ASP E 425 -8.41 -13.51 54.70
C ASP E 425 -8.57 -12.03 54.32
N LEU E 426 -8.54 -11.73 53.02
CA LEU E 426 -8.60 -10.33 52.59
C LEU E 426 -9.89 -9.63 53.00
N ILE E 427 -10.99 -10.39 53.02
CA ILE E 427 -12.29 -9.84 53.39
C ILE E 427 -12.30 -9.54 54.88
N GLU E 428 -11.79 -10.49 55.68
CA GLU E 428 -11.61 -10.28 57.14
C GLU E 428 -10.80 -8.99 57.43
N ARG E 429 -9.74 -8.75 56.64
CA ARG E 429 -8.87 -7.60 56.83
C ARG E 429 -9.56 -6.29 56.46
N ILE E 430 -10.38 -6.33 55.41
CA ILE E 430 -11.12 -5.15 54.96
C ILE E 430 -12.20 -4.77 55.99
N GLN E 431 -12.90 -5.77 56.53
CA GLN E 431 -13.87 -5.52 57.62
C GLN E 431 -13.19 -4.96 58.86
N ALA E 432 -11.99 -5.40 59.17
CA ALA E 432 -11.27 -4.94 60.37
C ALA E 432 -10.67 -3.54 60.22
N ASP E 433 -10.45 -3.08 58.98
CA ASP E 433 -9.85 -1.77 58.73
C ASP E 433 -10.96 -0.72 58.63
N ALA E 434 -10.85 0.32 59.45
CA ALA E 434 -11.90 1.33 59.57
C ALA E 434 -11.93 2.32 58.41
N TYR E 435 -10.89 2.32 57.55
CA TYR E 435 -10.95 3.12 56.32
C TYR E 435 -12.13 2.73 55.42
N PHE E 436 -12.49 1.45 55.44
CA PHE E 436 -13.59 0.91 54.61
C PHE E 436 -14.95 0.83 55.31
N SER E 437 -15.13 1.56 56.41
CA SER E 437 -16.45 1.71 57.07
C SER E 437 -17.60 2.05 56.11
N PRO E 438 -17.37 2.99 55.15
CA PRO E 438 -18.44 3.29 54.18
C PRO E 438 -19.01 2.08 53.41
N ILE E 439 -18.22 1.03 53.21
CA ILE E 439 -18.61 -0.11 52.35
C ILE E 439 -18.74 -1.45 53.10
N HIS E 440 -18.52 -1.43 54.41
CA HIS E 440 -18.64 -2.61 55.27
C HIS E 440 -19.96 -3.39 55.15
N SER E 441 -21.05 -2.67 55.03
CA SER E 441 -22.40 -3.24 54.86
C SER E 441 -22.67 -3.78 53.44
N GLN E 442 -21.95 -3.25 52.45
CA GLN E 442 -22.09 -3.71 51.07
C GLN E 442 -21.34 -5.02 50.74
N LEU E 443 -20.44 -5.48 51.63
CA LEU E 443 -19.44 -6.50 51.26
C LEU E 443 -20.02 -7.86 50.82
N ASP E 444 -21.10 -8.32 51.49
CA ASP E 444 -21.75 -9.56 51.06
C ASP E 444 -22.24 -9.45 49.63
N HIS E 445 -22.84 -8.31 49.27
CA HIS E 445 -23.37 -8.09 47.93
C HIS E 445 -22.25 -7.91 46.88
N LEU E 446 -21.16 -7.20 47.25
CA LEU E 446 -20.03 -6.96 46.34
C LEU E 446 -19.22 -8.22 45.99
N LEU E 447 -19.26 -9.23 46.87
CA LEU E 447 -18.57 -10.49 46.64
C LEU E 447 -19.52 -11.60 46.22
N ASP E 448 -20.70 -11.24 45.73
CA ASP E 448 -21.70 -12.25 45.30
C ASP E 448 -21.23 -12.87 43.98
N PRO E 449 -20.91 -14.18 43.99
CA PRO E 449 -20.39 -14.83 42.77
C PRO E 449 -21.27 -14.71 41.53
N SER E 450 -22.59 -14.68 41.69
CA SER E 450 -23.52 -14.59 40.54
C SER E 450 -23.30 -13.36 39.64
N SER E 451 -22.84 -12.26 40.22
CA SER E 451 -22.63 -11.04 39.46
C SER E 451 -21.30 -10.98 38.70
N PHE E 452 -20.37 -11.92 38.97
CA PHE E 452 -19.06 -11.96 38.33
C PHE E 452 -19.00 -12.87 37.07
N THR E 453 -20.09 -13.55 36.76
CA THR E 453 -20.12 -14.49 35.65
C THR E 453 -20.46 -13.88 34.27
N GLY E 454 -20.51 -12.55 34.19
CA GLY E 454 -20.81 -11.87 32.94
C GLY E 454 -22.07 -12.44 32.28
N ARG E 455 -21.97 -12.72 30.98
CA ARG E 455 -23.10 -13.18 30.19
C ARG E 455 -23.16 -14.71 30.04
N ALA E 456 -22.48 -15.44 30.94
CA ALA E 456 -22.29 -16.88 30.78
C ALA E 456 -23.58 -17.65 30.54
N SER E 457 -24.56 -17.49 31.43
CA SER E 457 -25.82 -18.24 31.28
C SER E 457 -26.62 -17.82 30.04
N GLN E 458 -26.54 -16.55 29.66
CA GLN E 458 -27.19 -16.06 28.43
C GLN E 458 -26.52 -16.64 27.18
N GLN E 459 -25.20 -16.73 27.20
CA GLN E 459 -24.46 -17.36 26.12
C GLN E 459 -24.88 -18.83 25.91
N VAL E 460 -25.06 -19.56 27.02
CA VAL E 460 -25.44 -20.96 26.95
C VAL E 460 -26.76 -21.11 26.20
N GLN E 461 -27.77 -20.40 26.65
CA GLN E 461 -29.10 -20.52 26.05
C GLN E 461 -29.09 -20.14 24.56
N ARG E 462 -28.43 -19.04 24.22
CA ARG E 462 -28.38 -18.62 22.81
C ARG E 462 -27.67 -19.65 21.94
N PHE E 463 -26.55 -20.19 22.43
CA PHE E 463 -25.76 -21.19 21.71
C PHE E 463 -26.53 -22.47 21.48
N LEU E 464 -27.12 -23.01 22.55
CA LEU E 464 -27.88 -24.26 22.46
C LEU E 464 -29.04 -24.15 21.45
N GLU E 465 -29.73 -23.02 21.47
CA GLU E 465 -30.89 -22.81 20.59
C GLU E 465 -30.50 -22.55 19.15
N GLU E 466 -29.57 -21.63 18.92
CA GLU E 466 -29.19 -21.27 17.57
C GLU E 466 -28.33 -22.31 16.85
N GLU E 467 -27.40 -22.94 17.59
CA GLU E 467 -26.31 -23.72 16.97
C GLU E 467 -26.34 -25.21 17.23
N VAL E 468 -26.85 -25.64 18.39
CA VAL E 468 -26.75 -27.05 18.82
C VAL E 468 -28.03 -27.84 18.49
N TYR E 469 -29.17 -27.41 19.05
CA TYR E 469 -30.42 -28.16 18.87
C TYR E 469 -30.76 -28.48 17.38
N PRO E 470 -30.53 -27.52 16.44
CA PRO E 470 -30.80 -27.82 15.03
C PRO E 470 -29.99 -28.99 14.46
N LEU E 471 -28.73 -29.13 14.89
CA LEU E 471 -27.88 -30.25 14.46
C LEU E 471 -28.32 -31.59 15.06
N LEU E 472 -28.95 -31.56 16.23
CA LEU E 472 -29.45 -32.76 16.89
C LEU E 472 -30.78 -33.25 16.35
N LYS E 473 -31.55 -32.36 15.73
CA LYS E 473 -32.94 -32.66 15.31
C LYS E 473 -33.10 -33.99 14.56
N PRO E 474 -32.27 -34.23 13.51
CA PRO E 474 -32.39 -35.49 12.73
C PRO E 474 -32.14 -36.78 13.50
N TYR E 475 -31.49 -36.70 14.66
CA TYR E 475 -31.18 -37.88 15.47
C TYR E 475 -32.11 -38.04 16.67
N GLU E 476 -33.23 -37.31 16.68
CA GLU E 476 -34.20 -37.34 17.78
C GLU E 476 -34.68 -38.75 18.12
N SER E 477 -34.96 -39.56 17.10
CA SER E 477 -35.47 -40.92 17.31
C SER E 477 -34.48 -41.89 18.00
N VAL E 478 -33.18 -41.63 17.87
CA VAL E 478 -32.15 -42.56 18.45
C VAL E 478 -31.46 -42.01 19.73
N MET E 479 -32.00 -40.95 20.31
CA MET E 479 -31.40 -40.29 21.50
C MET E 479 -31.45 -41.09 22.79
N LYS E 480 -32.36 -42.05 22.89
CA LYS E 480 -32.69 -42.69 24.16
C LYS E 480 -31.66 -43.76 24.58
N VAL E 481 -30.86 -44.24 23.62
CA VAL E 481 -29.92 -45.34 23.86
C VAL E 481 -28.87 -44.96 24.91
N LYS E 482 -28.71 -45.80 25.93
CA LYS E 482 -27.68 -45.57 26.97
C LYS E 482 -26.39 -46.25 26.54
N ALA E 483 -25.25 -45.65 26.90
CA ALA E 483 -23.93 -46.16 26.51
C ALA E 483 -23.37 -47.03 27.62
N GLU E 484 -23.18 -48.31 27.35
CA GLU E 484 -22.72 -49.30 28.33
C GLU E 484 -21.19 -49.51 28.21
N LEU E 485 -20.56 -49.73 29.37
CA LEU E 485 -19.18 -50.19 29.43
C LEU E 485 -19.08 -51.45 30.26
N CYS E 486 -18.23 -52.39 29.79
CA CYS E 486 -17.90 -53.62 30.48
C CYS E 486 -16.53 -53.59 31.13
N LEU E 487 -15.81 -52.46 31.06
CA LEU E 487 -14.33 -52.41 31.32
C LEU E 487 -13.90 -51.10 31.90
N GLY F 11 16.92 -9.72 5.11
CA GLY F 11 17.82 -9.41 6.26
C GLY F 11 19.32 -9.64 6.01
N SER F 12 20.10 -9.66 7.10
CA SER F 12 21.57 -9.86 7.05
C SER F 12 21.95 -11.36 7.01
N PRO F 13 22.97 -11.72 6.20
CA PRO F 13 23.41 -13.12 6.16
C PRO F 13 24.23 -13.62 7.38
N ASP F 14 24.52 -12.74 8.35
CA ASP F 14 25.30 -13.14 9.51
C ASP F 14 24.48 -13.89 10.59
N SER F 15 23.15 -13.90 10.46
CA SER F 15 22.27 -14.73 11.28
C SER F 15 21.29 -15.56 10.43
N TYR F 16 20.73 -16.61 11.02
CA TYR F 16 19.75 -17.49 10.35
C TYR F 16 18.58 -16.70 9.85
N ARG F 17 18.21 -16.93 8.60
CA ARG F 17 16.96 -16.44 8.02
C ARG F 17 16.14 -17.60 7.49
N SER F 18 14.82 -17.54 7.61
CA SER F 18 13.95 -18.60 7.07
C SER F 18 14.13 -18.63 5.58
N PRO F 19 14.40 -19.81 5.00
CA PRO F 19 14.35 -19.91 3.55
C PRO F 19 12.98 -19.60 2.97
N LEU F 20 11.92 -19.75 3.75
CA LEU F 20 10.58 -19.35 3.28
C LEU F 20 10.49 -17.84 3.00
N ALA F 21 11.24 -17.03 3.75
CA ALA F 21 11.35 -15.58 3.52
C ALA F 21 12.39 -15.25 2.46
N SER F 22 13.57 -15.85 2.59
CA SER F 22 14.75 -15.41 1.85
C SER F 22 14.85 -16.04 0.47
N ARG F 23 14.01 -17.00 0.16
CA ARG F 23 14.23 -17.89 -0.99
C ARG F 23 12.97 -18.30 -1.73
N TYR F 24 11.89 -18.61 -1.00
CA TYR F 24 10.75 -19.32 -1.57
C TYR F 24 9.50 -18.48 -1.80
N ALA F 25 8.93 -17.93 -0.73
CA ALA F 25 7.56 -17.41 -0.79
C ALA F 25 7.45 -16.05 -1.48
N SER F 26 6.26 -15.74 -1.96
CA SER F 26 5.99 -14.47 -2.64
C SER F 26 6.03 -13.28 -1.67
N PRO F 27 6.40 -12.10 -2.16
CA PRO F 27 6.31 -10.86 -1.36
C PRO F 27 4.96 -10.64 -0.69
N GLU F 28 3.86 -10.99 -1.36
CA GLU F 28 2.52 -10.70 -0.84
C GLU F 28 2.21 -11.56 0.38
N MET F 29 2.56 -12.85 0.32
CA MET F 29 2.34 -13.75 1.47
C MET F 29 3.27 -13.38 2.61
N CYS F 30 4.53 -13.06 2.28
CA CYS F 30 5.47 -12.59 3.28
C CYS F 30 4.96 -11.34 3.99
N PHE F 31 4.31 -10.43 3.26
CA PHE F 31 3.77 -9.22 3.90
C PHE F 31 2.62 -9.53 4.87
N VAL F 32 1.75 -10.45 4.48
CA VAL F 32 0.62 -10.87 5.33
C VAL F 32 1.09 -11.41 6.70
N PHE F 33 2.21 -12.13 6.73
CA PHE F 33 2.75 -12.65 7.99
C PHE F 33 3.88 -11.81 8.59
N SER F 34 3.96 -10.55 8.17
CA SER F 34 4.99 -9.63 8.66
C SER F 34 4.56 -9.00 9.97
N ASP F 35 5.52 -8.48 10.71
CA ASP F 35 5.23 -7.81 11.97
C ASP F 35 4.60 -6.42 11.74
N ARG F 36 4.92 -5.78 10.62
CA ARG F 36 4.27 -4.51 10.29
C ARG F 36 2.78 -4.76 10.14
N TYR F 37 2.40 -5.74 9.33
CA TYR F 37 0.98 -6.03 9.15
C TYR F 37 0.30 -6.47 10.44
N LYS F 38 1.02 -7.23 11.27
CA LYS F 38 0.48 -7.71 12.54
C LYS F 38 0.13 -6.56 13.47
N PHE F 39 1.13 -5.72 13.76
CA PHE F 39 0.98 -4.67 14.77
C PHE F 39 0.15 -3.47 14.27
N ARG F 40 0.04 -3.38 12.98
CA ARG F 40 -0.74 -2.38 12.33
C ARG F 40 -2.19 -2.81 12.44
N THR F 41 -2.43 -4.11 12.39
CA THR F 41 -3.77 -4.66 12.54
C THR F 41 -4.23 -4.65 14.00
N TRP F 42 -3.30 -4.84 14.93
CA TRP F 42 -3.59 -4.63 16.37
C TRP F 42 -4.18 -3.24 16.55
N ARG F 43 -3.46 -2.23 16.06
CA ARG F 43 -3.92 -0.84 16.17
C ARG F 43 -5.25 -0.60 15.45
N GLN F 44 -5.42 -1.19 14.27
CA GLN F 44 -6.70 -1.13 13.56
C GLN F 44 -7.84 -1.67 14.44
N LEU F 45 -7.60 -2.79 15.11
CA LEU F 45 -8.62 -3.40 15.97
C LEU F 45 -8.92 -2.55 17.20
N TRP F 46 -7.89 -1.93 17.77
CA TRP F 46 -8.09 -1.02 18.90
C TRP F 46 -8.93 0.20 18.50
N LEU F 47 -8.70 0.70 17.29
CA LEU F 47 -9.49 1.80 16.72
C LEU F 47 -10.94 1.40 16.53
N TRP F 48 -11.18 0.24 15.95
CA TRP F 48 -12.55 -0.24 15.73
C TRP F 48 -13.30 -0.43 17.04
N LEU F 49 -12.60 -0.90 18.07
CA LEU F 49 -13.17 -1.07 19.41
C LEU F 49 -13.58 0.27 20.00
N ALA F 50 -12.66 1.24 19.97
CA ALA F 50 -12.94 2.59 20.41
C ALA F 50 -14.13 3.23 19.65
N GLU F 51 -14.14 3.10 18.33
CA GLU F 51 -15.23 3.63 17.47
C GLU F 51 -16.59 3.09 17.91
N ALA F 52 -16.69 1.77 18.01
CA ALA F 52 -17.95 1.11 18.36
C ALA F 52 -18.35 1.42 19.80
N GLU F 53 -17.38 1.48 20.70
CA GLU F 53 -17.62 1.82 22.09
C GLU F 53 -18.18 3.25 22.24
N GLN F 54 -17.64 4.19 21.46
CA GLN F 54 -18.17 5.57 21.45
C GLN F 54 -19.61 5.61 20.93
N THR F 55 -19.84 5.00 19.78
CA THR F 55 -21.18 4.91 19.22
C THR F 55 -22.19 4.33 20.23
N LEU F 56 -21.76 3.38 21.06
CA LEU F 56 -22.67 2.72 22.02
C LEU F 56 -22.75 3.44 23.37
N GLY F 57 -22.02 4.54 23.53
CA GLY F 57 -22.23 5.48 24.64
C GLY F 57 -21.13 5.61 25.69
N LEU F 58 -19.97 5.01 25.47
CA LEU F 58 -18.88 5.10 26.44
C LEU F 58 -18.12 6.43 26.28
N PRO F 59 -17.46 6.90 27.35
CA PRO F 59 -16.79 8.22 27.36
C PRO F 59 -15.50 8.29 26.51
N ILE F 60 -15.67 8.32 25.20
CA ILE F 60 -14.55 8.41 24.27
C ILE F 60 -14.80 9.58 23.32
N THR F 61 -13.84 10.51 23.25
CA THR F 61 -14.00 11.75 22.46
C THR F 61 -13.59 11.54 21.00
N ASP F 62 -14.15 12.35 20.11
CA ASP F 62 -13.78 12.36 18.68
C ASP F 62 -12.29 12.61 18.46
N GLU F 63 -11.67 13.41 19.33
CA GLU F 63 -10.24 13.73 19.22
C GLU F 63 -9.35 12.54 19.60
N GLN F 64 -9.79 11.72 20.56
CA GLN F 64 -9.08 10.48 20.93
C GLN F 64 -9.08 9.49 19.77
N ILE F 65 -10.24 9.33 19.13
CA ILE F 65 -10.39 8.47 17.95
C ILE F 65 -9.52 8.92 16.77
N GLN F 66 -9.49 10.23 16.51
CA GLN F 66 -8.68 10.80 15.42
C GLN F 66 -7.17 10.59 15.65
N GLU F 67 -6.76 10.72 16.91
CA GLU F 67 -5.38 10.50 17.32
C GLU F 67 -4.92 9.06 17.01
N MET F 68 -5.76 8.09 17.38
CA MET F 68 -5.51 6.68 17.06
C MET F 68 -5.47 6.44 15.55
N LYS F 69 -6.42 7.04 14.83
CA LYS F 69 -6.54 6.87 13.37
C LYS F 69 -5.32 7.42 12.62
N SER F 70 -4.76 8.52 13.13
CA SER F 70 -3.58 9.12 12.52
C SER F 70 -2.29 8.31 12.72
N ASN F 71 -2.26 7.45 13.75
CA ASN F 71 -1.03 6.73 14.10
C ASN F 71 -1.10 5.21 13.92
N LEU F 72 -1.99 4.74 13.07
CA LEU F 72 -2.11 3.30 12.79
C LEU F 72 -0.80 2.69 12.28
N GLU F 73 -0.13 3.39 11.36
CA GLU F 73 1.11 2.90 10.75
C GLU F 73 2.38 3.35 11.51
N ASN F 74 2.23 4.30 12.43
CA ASN F 74 3.37 4.94 13.10
C ASN F 74 3.83 4.13 14.35
N ILE F 75 4.51 3.02 14.08
CA ILE F 75 4.83 2.03 15.12
C ILE F 75 6.31 2.10 15.49
N ASP F 76 6.58 2.51 16.72
CA ASP F 76 7.94 2.51 17.27
C ASP F 76 8.39 1.10 17.74
N PHE F 77 8.99 0.34 16.83
CA PHE F 77 9.39 -1.04 17.13
C PHE F 77 10.45 -1.14 18.22
N LYS F 78 11.39 -0.20 18.21
CA LYS F 78 12.44 -0.16 19.22
C LYS F 78 11.85 0.03 20.63
N MET F 79 10.90 0.92 20.75
CA MET F 79 10.25 1.19 22.03
C MET F 79 9.45 0.00 22.50
N ALA F 80 8.71 -0.60 21.59
CA ALA F 80 7.90 -1.77 21.92
C ALA F 80 8.77 -2.92 22.43
N ALA F 81 9.96 -3.10 21.84
CA ALA F 81 10.89 -4.11 22.33
C ALA F 81 11.40 -3.80 23.75
N GLU F 82 11.65 -2.53 24.04
CA GLU F 82 12.11 -2.13 25.38
C GLU F 82 11.01 -2.35 26.41
N GLU F 83 9.79 -2.00 26.05
CA GLU F 83 8.65 -2.25 26.92
C GLU F 83 8.42 -3.74 27.13
N GLU F 84 8.62 -4.55 26.10
CA GLU F 84 8.44 -5.99 26.21
C GLU F 84 9.51 -6.63 27.10
N LYS F 85 10.75 -6.14 27.03
CA LYS F 85 11.81 -6.58 27.93
C LYS F 85 11.51 -6.23 29.40
N ARG F 86 10.80 -5.16 29.59
CA ARG F 86 10.45 -4.71 30.90
C ARG F 86 9.26 -5.44 31.48
N LEU F 87 8.26 -5.60 30.66
CA LEU F 87 6.99 -6.15 31.10
C LEU F 87 6.81 -7.65 30.90
N ARG F 88 7.43 -8.17 29.84
CA ARG F 88 7.27 -9.58 29.44
C ARG F 88 5.84 -9.88 28.95
N HIS F 89 5.22 -8.86 28.37
CA HIS F 89 3.90 -8.96 27.81
C HIS F 89 3.84 -8.18 26.50
N ASP F 90 3.80 -8.86 25.37
CA ASP F 90 3.86 -8.18 24.07
C ASP F 90 2.66 -7.24 23.82
N VAL F 91 1.46 -7.68 24.20
CA VAL F 91 0.26 -6.86 24.01
C VAL F 91 0.30 -5.58 24.85
N MET F 92 0.70 -5.72 26.11
CA MET F 92 0.76 -4.55 27.01
C MET F 92 1.87 -3.62 26.60
N ALA F 93 2.98 -4.17 26.10
CA ALA F 93 4.05 -3.36 25.54
C ALA F 93 3.52 -2.48 24.42
N HIS F 94 2.70 -3.06 23.54
CA HIS F 94 2.18 -2.30 22.39
C HIS F 94 1.07 -1.32 22.77
N VAL F 95 0.36 -1.60 23.87
CA VAL F 95 -0.64 -0.67 24.41
C VAL F 95 0.05 0.60 24.94
N HIS F 96 1.14 0.40 25.69
CA HIS F 96 1.95 1.51 26.17
C HIS F 96 2.55 2.31 25.03
N THR F 97 3.11 1.62 24.06
CA THR F 97 3.76 2.25 22.90
C THR F 97 2.74 3.04 22.04
N PHE F 98 1.54 2.49 21.88
CA PHE F 98 0.47 3.18 21.16
C PHE F 98 -0.02 4.37 21.97
N GLY F 99 -0.16 4.18 23.29
CA GLY F 99 -0.54 5.26 24.19
C GLY F 99 0.49 6.39 24.28
N HIS F 100 1.74 6.08 24.03
CA HIS F 100 2.80 7.09 24.01
C HIS F 100 2.69 8.04 22.82
N CYS F 101 2.33 7.54 21.62
CA CYS F 101 2.08 8.45 20.48
C CYS F 101 0.67 9.00 20.41
N CYS F 102 -0.25 8.46 21.21
CA CYS F 102 -1.60 8.98 21.32
C CYS F 102 -1.92 9.31 22.78
N PRO F 103 -1.20 10.31 23.36
CA PRO F 103 -1.35 10.59 24.81
C PRO F 103 -2.78 10.85 25.29
N LYS F 104 -3.61 11.48 24.46
CA LYS F 104 -5.02 11.74 24.79
C LYS F 104 -5.85 10.45 24.84
N ALA F 105 -5.59 9.55 23.90
CA ALA F 105 -6.31 8.28 23.80
C ALA F 105 -5.78 7.18 24.73
N ALA F 106 -4.51 7.30 25.17
CA ALA F 106 -3.85 6.28 26.02
C ALA F 106 -4.74 5.58 27.04
N GLY F 107 -5.56 6.35 27.75
CA GLY F 107 -6.44 5.81 28.78
C GLY F 107 -7.62 4.97 28.32
N ILE F 108 -7.93 5.12 27.05
CA ILE F 108 -9.07 4.51 26.41
C ILE F 108 -8.77 3.26 25.58
N ILE F 109 -7.53 3.09 25.21
CA ILE F 109 -7.08 1.99 24.36
C ILE F 109 -7.23 0.66 25.10
N HIS F 110 -7.81 -0.34 24.42
CA HIS F 110 -7.96 -1.69 24.98
C HIS F 110 -9.06 -1.74 26.06
N LEU F 111 -9.94 -0.74 26.07
CA LEU F 111 -10.93 -0.62 27.14
C LEU F 111 -11.86 -1.84 27.21
N GLY F 112 -11.73 -2.64 28.28
CA GLY F 112 -12.61 -3.78 28.52
C GLY F 112 -12.11 -5.08 27.94
N ALA F 113 -11.05 -5.03 27.16
CA ALA F 113 -10.61 -6.20 26.47
C ALA F 113 -9.40 -6.94 26.99
N THR F 114 -9.22 -8.17 26.54
CA THR F 114 -8.05 -8.96 26.84
C THR F 114 -7.13 -8.98 25.65
N SER F 115 -5.95 -9.54 25.85
CA SER F 115 -4.96 -9.60 24.82
C SER F 115 -5.45 -10.27 23.57
N CYS F 116 -6.17 -11.35 23.71
CA CYS F 116 -6.69 -12.06 22.55
C CYS F 116 -7.61 -11.24 21.64
N TYR F 117 -8.16 -10.13 22.14
CA TYR F 117 -8.92 -9.23 21.28
C TYR F 117 -8.09 -8.81 20.06
N VAL F 118 -6.85 -8.40 20.30
CA VAL F 118 -5.93 -8.10 19.19
C VAL F 118 -5.16 -9.33 18.68
N GLY F 119 -4.74 -10.22 19.58
CA GLY F 119 -3.94 -11.38 19.21
C GLY F 119 -4.67 -12.32 18.28
N ASP F 120 -5.81 -12.83 18.74
CA ASP F 120 -6.58 -13.82 17.99
C ASP F 120 -7.30 -13.25 16.77
N ASN F 121 -7.95 -12.11 16.92
CA ASN F 121 -8.67 -11.52 15.79
C ASN F 121 -7.70 -11.14 14.68
N THR F 122 -6.51 -10.66 15.01
CA THR F 122 -5.50 -10.42 13.99
C THR F 122 -5.13 -11.71 13.29
N ASP F 123 -4.91 -12.77 14.06
CA ASP F 123 -4.56 -14.07 13.48
C ASP F 123 -5.69 -14.56 12.56
N LEU F 124 -6.94 -14.37 12.95
CA LEU F 124 -8.07 -14.75 12.07
C LEU F 124 -8.14 -13.89 10.79
N ILE F 125 -7.85 -12.60 10.90
CA ILE F 125 -7.77 -11.73 9.72
C ILE F 125 -6.63 -12.18 8.81
N ILE F 126 -5.48 -12.46 9.40
CA ILE F 126 -4.32 -12.99 8.65
C ILE F 126 -4.65 -14.30 7.94
N LEU F 127 -5.26 -15.24 8.64
CA LEU F 127 -5.58 -16.54 8.05
C LEU F 127 -6.47 -16.35 6.85
N ARG F 128 -7.51 -15.52 6.99
CA ARG F 128 -8.44 -15.34 5.90
C ARG F 128 -7.79 -14.65 4.71
N ASN F 129 -6.97 -13.62 4.94
CA ASN F 129 -6.22 -12.99 3.84
C ASN F 129 -5.32 -13.97 3.15
N ALA F 130 -4.68 -14.84 3.93
CA ALA F 130 -3.72 -15.80 3.39
C ALA F 130 -4.44 -16.83 2.52
N LEU F 131 -5.60 -17.29 2.96
CA LEU F 131 -6.44 -18.17 2.13
C LEU F 131 -6.84 -17.49 0.84
N ASP F 132 -7.18 -16.20 0.91
CA ASP F 132 -7.54 -15.43 -0.28
C ASP F 132 -6.40 -15.25 -1.27
N LEU F 133 -5.16 -15.30 -0.79
CA LEU F 133 -4.01 -15.30 -1.69
C LEU F 133 -3.75 -16.64 -2.32
N LEU F 134 -3.99 -17.73 -1.57
CA LEU F 134 -3.78 -19.08 -2.10
C LEU F 134 -4.80 -19.46 -3.17
N LEU F 135 -6.06 -19.12 -2.94
CA LEU F 135 -7.16 -19.58 -3.80
C LEU F 135 -6.94 -19.31 -5.30
N PRO F 136 -6.61 -18.05 -5.68
CA PRO F 136 -6.38 -17.78 -7.09
C PRO F 136 -5.22 -18.55 -7.69
N LYS F 137 -4.16 -18.74 -6.92
CA LYS F 137 -2.97 -19.45 -7.39
C LYS F 137 -3.30 -20.89 -7.68
N LEU F 138 -4.06 -21.51 -6.77
CA LEU F 138 -4.55 -22.86 -6.98
C LEU F 138 -5.46 -22.95 -8.20
N ALA F 139 -6.38 -22.00 -8.32
CA ALA F 139 -7.27 -21.92 -9.49
C ALA F 139 -6.46 -21.81 -10.80
N ARG F 140 -5.45 -20.96 -10.82
CA ARG F 140 -4.57 -20.87 -11.99
C ARG F 140 -3.86 -22.17 -12.30
N VAL F 141 -3.39 -22.88 -11.27
CA VAL F 141 -2.74 -24.17 -11.51
C VAL F 141 -3.73 -25.11 -12.17
N ILE F 142 -4.94 -25.18 -11.63
CA ILE F 142 -5.99 -26.04 -12.16
C ILE F 142 -6.30 -25.68 -13.60
N SER F 143 -6.40 -24.38 -13.86
CA SER F 143 -6.71 -23.88 -15.21
C SER F 143 -5.62 -24.23 -16.22
N ARG F 144 -4.37 -24.02 -15.87
CA ARG F 144 -3.27 -24.36 -16.78
C ARG F 144 -3.25 -25.86 -17.09
N LEU F 145 -3.45 -26.68 -16.07
CA LEU F 145 -3.54 -28.12 -16.26
C LEU F 145 -4.77 -28.52 -17.07
N ALA F 146 -5.88 -27.81 -16.88
CA ALA F 146 -7.09 -28.05 -17.68
C ALA F 146 -6.87 -27.76 -19.16
N ASP F 147 -6.19 -26.65 -19.49
CA ASP F 147 -5.78 -26.37 -20.88
C ASP F 147 -4.98 -27.54 -21.43
N PHE F 148 -3.95 -27.93 -20.69
CA PHE F 148 -3.08 -29.06 -21.05
C PHE F 148 -3.88 -30.36 -21.26
N ALA F 149 -4.79 -30.63 -20.35
CA ALA F 149 -5.59 -31.86 -20.41
C ALA F 149 -6.48 -31.94 -21.64
N LYS F 150 -7.11 -30.82 -21.98
CA LYS F 150 -7.96 -30.71 -23.19
C LYS F 150 -7.11 -30.91 -24.44
N GLU F 151 -6.00 -30.18 -24.51
CA GLU F 151 -5.08 -30.24 -25.63
C GLU F 151 -4.56 -31.67 -25.87
N ARG F 152 -4.38 -32.46 -24.80
CA ARG F 152 -3.82 -33.81 -24.91
C ARG F 152 -4.82 -34.90 -24.58
N ALA F 153 -6.10 -34.59 -24.65
CA ALA F 153 -7.17 -35.52 -24.27
C ALA F 153 -7.10 -36.85 -25.01
N SER F 154 -6.68 -36.81 -26.27
CA SER F 154 -6.68 -37.99 -27.15
C SER F 154 -5.30 -38.61 -27.39
N LEU F 155 -4.25 -38.02 -26.83
CA LEU F 155 -2.89 -38.50 -27.07
C LEU F 155 -2.63 -39.79 -26.23
N PRO F 156 -2.62 -40.97 -26.89
CA PRO F 156 -2.44 -42.18 -26.09
C PRO F 156 -1.08 -42.24 -25.44
N THR F 157 -1.02 -42.83 -24.25
CA THR F 157 0.21 -43.03 -23.50
C THR F 157 0.09 -44.32 -22.68
N LEU F 158 1.22 -44.96 -22.42
CA LEU F 158 1.23 -46.22 -21.69
C LEU F 158 0.71 -45.98 -20.28
N GLY F 159 -0.25 -46.80 -19.86
CA GLY F 159 -0.77 -46.75 -18.51
C GLY F 159 0.19 -47.45 -17.56
N PHE F 160 0.14 -47.07 -16.29
CA PHE F 160 1.02 -47.64 -15.29
C PHE F 160 0.28 -47.96 -14.01
N THR F 161 0.25 -49.24 -13.66
CA THR F 161 -0.15 -49.67 -12.33
C THR F 161 0.99 -50.50 -11.73
N HIS F 162 1.29 -50.28 -10.45
CA HIS F 162 2.52 -50.82 -9.81
C HIS F 162 3.80 -50.33 -10.53
N PHE F 163 3.66 -49.24 -11.27
CA PHE F 163 4.65 -48.79 -12.26
C PHE F 163 5.08 -49.85 -13.25
N GLN F 164 4.16 -50.74 -13.59
CA GLN F 164 4.33 -51.70 -14.67
C GLN F 164 3.41 -51.34 -15.82
N PRO F 165 3.85 -51.62 -17.07
CA PRO F 165 3.02 -51.30 -18.24
C PRO F 165 1.61 -51.90 -18.10
N ALA F 166 0.61 -51.07 -18.37
CA ALA F 166 -0.80 -51.44 -18.19
C ALA F 166 -1.64 -50.77 -19.28
N GLN F 167 -2.91 -51.13 -19.36
CA GLN F 167 -3.78 -50.71 -20.48
C GLN F 167 -3.67 -49.20 -20.69
N LEU F 168 -3.65 -48.80 -21.95
CA LEU F 168 -3.37 -47.42 -22.32
C LEU F 168 -4.36 -46.43 -21.71
N THR F 169 -3.84 -45.26 -21.35
CA THR F 169 -4.66 -44.09 -20.97
C THR F 169 -4.28 -42.99 -21.99
N THR F 170 -4.62 -41.74 -21.71
CA THR F 170 -4.12 -40.63 -22.50
C THR F 170 -3.45 -39.63 -21.59
N VAL F 171 -2.63 -38.77 -22.18
CA VAL F 171 -1.87 -37.80 -21.40
C VAL F 171 -2.82 -36.86 -20.69
N GLY F 172 -3.90 -36.47 -21.37
CA GLY F 172 -4.88 -35.58 -20.80
C GLY F 172 -5.73 -36.24 -19.72
N LYS F 173 -6.05 -37.52 -19.90
CA LYS F 173 -6.79 -38.25 -18.87
C LYS F 173 -5.97 -38.36 -17.59
N ARG F 174 -4.69 -38.70 -17.72
CA ARG F 174 -3.80 -38.76 -16.56
C ARG F 174 -3.73 -37.40 -15.88
N CYS F 175 -3.63 -36.34 -16.68
CA CYS F 175 -3.63 -35.00 -16.14
C CYS F 175 -4.89 -34.74 -15.30
N CYS F 176 -6.03 -35.32 -15.69
CA CYS F 176 -7.26 -35.18 -14.91
C CYS F 176 -7.21 -35.80 -13.51
N LEU F 177 -6.44 -36.88 -13.33
CA LEU F 177 -6.17 -37.40 -11.98
C LEU F 177 -5.59 -36.30 -11.08
N TRP F 178 -4.63 -35.57 -11.62
CA TRP F 178 -3.98 -34.45 -10.91
C TRP F 178 -4.97 -33.32 -10.68
N ILE F 179 -5.71 -32.96 -11.73
CA ILE F 179 -6.68 -31.85 -11.66
C ILE F 179 -7.74 -32.15 -10.62
N GLN F 180 -8.24 -33.38 -10.60
CA GLN F 180 -9.28 -33.75 -9.61
C GLN F 180 -8.84 -33.51 -8.17
N ASP F 181 -7.67 -34.02 -7.81
CA ASP F 181 -7.13 -33.82 -6.46
C ASP F 181 -7.04 -32.34 -6.12
N LEU F 182 -6.50 -31.55 -7.06
CA LEU F 182 -6.39 -30.10 -6.84
C LEU F 182 -7.75 -29.40 -6.75
N CYS F 183 -8.75 -29.89 -7.46
CA CYS F 183 -10.11 -29.34 -7.36
C CYS F 183 -10.71 -29.62 -5.98
N MET F 184 -10.44 -30.80 -5.45
CA MET F 184 -10.88 -31.13 -4.09
C MET F 184 -10.23 -30.16 -3.08
N ASP F 185 -8.99 -29.78 -3.32
CA ASP F 185 -8.33 -28.79 -2.49
C ASP F 185 -8.96 -27.42 -2.60
N LEU F 186 -9.28 -26.99 -3.82
CA LEU F 186 -9.96 -25.72 -4.03
C LEU F 186 -11.30 -25.68 -3.30
N GLN F 187 -12.07 -26.76 -3.38
CA GLN F 187 -13.33 -26.86 -2.64
C GLN F 187 -13.10 -26.72 -1.13
N ASN F 188 -12.06 -27.37 -0.63
CA ASN F 188 -11.74 -27.33 0.81
C ASN F 188 -11.28 -25.96 1.27
N LEU F 189 -10.38 -25.34 0.52
CA LEU F 189 -9.90 -23.99 0.88
C LEU F 189 -11.05 -22.96 0.84
N LYS F 190 -11.92 -23.04 -0.15
CA LYS F 190 -13.10 -22.16 -0.23
C LYS F 190 -13.99 -22.35 1.00
N ARG F 191 -14.29 -23.61 1.33
CA ARG F 191 -15.14 -23.93 2.48
C ARG F 191 -14.60 -23.35 3.80
N VAL F 192 -13.33 -23.60 4.05
CA VAL F 192 -12.69 -23.10 5.28
C VAL F 192 -12.67 -21.58 5.31
N ARG F 193 -12.35 -20.96 4.19
CA ARG F 193 -12.36 -19.49 4.08
C ARG F 193 -13.75 -18.91 4.41
N ASP F 194 -14.79 -19.51 3.84
CA ASP F 194 -16.18 -19.02 4.00
C ASP F 194 -16.75 -19.28 5.40
N ASP F 195 -16.40 -20.42 6.01
CA ASP F 195 -16.92 -20.82 7.35
C ASP F 195 -16.10 -20.25 8.51
N LEU F 196 -15.00 -19.56 8.23
CA LEU F 196 -14.15 -18.99 9.26
C LEU F 196 -14.90 -17.89 10.03
N ARG F 197 -15.00 -18.06 11.35
CA ARG F 197 -15.68 -17.12 12.23
C ARG F 197 -14.70 -16.25 13.00
N PHE F 198 -15.18 -15.07 13.37
CA PHE F 198 -14.42 -14.08 14.12
C PHE F 198 -14.53 -14.33 15.63
N ARG F 199 -13.47 -14.05 16.37
CA ARG F 199 -13.54 -14.16 17.84
C ARG F 199 -14.43 -13.04 18.35
N GLY F 200 -14.17 -11.84 17.86
CA GLY F 200 -14.92 -10.69 18.25
C GLY F 200 -14.50 -10.20 19.61
N VAL F 201 -15.43 -9.59 20.34
CA VAL F 201 -15.18 -9.10 21.70
C VAL F 201 -15.84 -10.07 22.66
N LYS F 202 -15.03 -10.62 23.52
CA LYS F 202 -15.44 -11.73 24.40
C LYS F 202 -14.93 -11.66 25.87
N GLY F 203 -13.96 -10.79 26.17
CA GLY F 203 -13.44 -10.70 27.53
C GLY F 203 -12.47 -11.81 27.94
N THR F 204 -11.89 -11.67 29.13
CA THR F 204 -10.79 -12.50 29.60
C THR F 204 -11.08 -14.01 29.56
N THR F 205 -12.29 -14.40 29.92
CA THR F 205 -12.67 -15.82 29.93
C THR F 205 -13.85 -16.14 29.00
N GLY F 206 -14.15 -15.21 28.10
CA GLY F 206 -15.24 -15.39 27.12
C GLY F 206 -16.64 -15.06 27.63
N THR F 207 -16.75 -14.45 28.81
CA THR F 207 -18.05 -14.11 29.42
C THR F 207 -18.50 -12.69 29.14
N GLN F 208 -17.61 -11.89 28.57
CA GLN F 208 -17.87 -10.49 28.30
C GLN F 208 -18.20 -9.70 29.57
N ALA F 209 -17.71 -10.17 30.72
CA ALA F 209 -18.08 -9.58 32.01
C ALA F 209 -17.65 -8.11 32.09
N SER F 210 -16.47 -7.83 31.55
CA SER F 210 -15.92 -6.48 31.53
C SER F 210 -16.82 -5.51 30.75
N PHE F 211 -17.25 -5.96 29.57
CA PHE F 211 -18.09 -5.14 28.70
C PHE F 211 -19.50 -4.97 29.26
N LEU F 212 -20.00 -6.02 29.92
CA LEU F 212 -21.29 -5.92 30.60
C LEU F 212 -21.26 -4.85 31.68
N GLN F 213 -20.18 -4.80 32.47
CA GLN F 213 -20.02 -3.78 33.51
C GLN F 213 -19.85 -2.37 32.91
N LEU F 214 -19.11 -2.25 31.81
CA LEU F 214 -18.94 -0.96 31.15
C LEU F 214 -20.26 -0.37 30.64
N PHE F 215 -21.17 -1.23 30.17
CA PHE F 215 -22.50 -0.81 29.74
C PHE F 215 -23.55 -0.99 30.85
N GLU F 216 -23.10 -0.93 32.11
CA GLU F 216 -23.97 -0.98 33.29
C GLU F 216 -25.11 -1.99 33.17
N GLY F 217 -24.75 -3.23 32.83
CA GLY F 217 -25.70 -4.35 32.80
C GLY F 217 -26.52 -4.51 31.53
N ASP F 218 -26.24 -3.72 30.50
CA ASP F 218 -27.03 -3.76 29.26
C ASP F 218 -26.50 -4.87 28.32
N ASP F 219 -27.10 -6.06 28.39
CA ASP F 219 -26.73 -7.19 27.53
C ASP F 219 -26.73 -6.85 26.05
N HIS F 220 -27.77 -6.13 25.62
CA HIS F 220 -27.95 -5.77 24.22
C HIS F 220 -26.78 -4.96 23.68
N LYS F 221 -26.29 -4.01 24.47
CA LYS F 221 -25.14 -3.20 24.06
C LYS F 221 -23.88 -4.06 23.85
N VAL F 222 -23.71 -5.08 24.69
CA VAL F 222 -22.57 -5.99 24.58
C VAL F 222 -22.66 -6.76 23.26
N GLU F 223 -23.84 -7.33 22.95
CA GLU F 223 -24.02 -8.07 21.70
C GLU F 223 -23.81 -7.18 20.47
N GLN F 224 -24.24 -5.93 20.58
CA GLN F 224 -24.04 -4.96 19.50
C GLN F 224 -22.56 -4.69 19.27
N LEU F 225 -21.82 -4.47 20.35
CA LEU F 225 -20.37 -4.23 20.26
C LEU F 225 -19.68 -5.35 19.51
N ASP F 226 -20.02 -6.58 19.87
CA ASP F 226 -19.46 -7.78 19.26
C ASP F 226 -19.77 -7.79 17.79
N LYS F 227 -21.05 -7.65 17.46
CA LYS F 227 -21.49 -7.63 16.07
C LYS F 227 -20.88 -6.47 15.26
N MET F 228 -20.72 -5.31 15.90
CA MET F 228 -20.16 -4.13 15.21
C MET F 228 -18.70 -4.29 14.80
N VAL F 229 -17.83 -4.72 15.72
CA VAL F 229 -16.41 -4.89 15.36
C VAL F 229 -16.24 -6.06 14.39
N THR F 230 -17.07 -7.09 14.54
CA THR F 230 -17.09 -8.21 13.59
C THR F 230 -17.32 -7.70 12.16
N GLU F 231 -18.31 -6.82 11.97
CA GLU F 231 -18.58 -6.24 10.63
C GLU F 231 -17.47 -5.31 10.16
N LYS F 232 -16.94 -4.48 11.04
CA LYS F 232 -15.80 -3.61 10.66
C LYS F 232 -14.61 -4.43 10.15
N ALA F 233 -14.41 -5.63 10.71
CA ALA F 233 -13.32 -6.53 10.30
C ALA F 233 -13.67 -7.33 9.04
N GLY F 234 -14.93 -7.30 8.65
CA GLY F 234 -15.37 -7.87 7.39
C GLY F 234 -15.74 -9.33 7.49
N PHE F 235 -16.20 -9.77 8.65
CA PHE F 235 -16.61 -11.16 8.83
C PHE F 235 -18.14 -11.20 8.91
N LYS F 236 -18.73 -12.20 8.28
CA LYS F 236 -20.18 -12.40 8.31
C LYS F 236 -20.63 -12.86 9.68
N ARG F 237 -19.77 -13.59 10.38
CA ARG F 237 -20.19 -14.33 11.57
C ARG F 237 -19.12 -14.36 12.65
N ALA F 238 -19.57 -14.32 13.90
CA ALA F 238 -18.68 -14.45 15.06
C ALA F 238 -19.13 -15.61 15.92
N PHE F 239 -18.20 -16.16 16.71
CA PHE F 239 -18.56 -17.18 17.68
C PHE F 239 -19.54 -16.63 18.71
N ILE F 240 -20.44 -17.47 19.17
CA ILE F 240 -21.17 -17.18 20.40
C ILE F 240 -20.33 -17.65 21.56
N ILE F 241 -19.85 -18.88 21.45
CA ILE F 241 -19.05 -19.52 22.50
C ILE F 241 -17.56 -19.40 22.24
N THR F 242 -16.86 -18.81 23.20
CA THR F 242 -15.40 -18.89 23.29
C THR F 242 -15.00 -19.00 24.75
N GLY F 243 -13.78 -19.47 24.97
CA GLY F 243 -13.04 -19.15 26.18
C GLY F 243 -12.38 -17.81 25.99
N GLN F 244 -11.14 -17.69 26.44
CA GLN F 244 -10.32 -16.54 26.12
C GLN F 244 -10.04 -16.46 24.62
N THR F 245 -9.87 -17.61 23.98
CA THR F 245 -9.45 -17.71 22.59
C THR F 245 -10.58 -18.25 21.74
N TYR F 246 -10.46 -18.08 20.43
CA TYR F 246 -11.18 -18.95 19.52
C TYR F 246 -10.64 -20.38 19.66
N THR F 247 -11.51 -21.36 19.49
CA THR F 247 -11.12 -22.75 19.67
C THR F 247 -10.00 -23.10 18.69
N ARG F 248 -8.94 -23.72 19.19
CA ARG F 248 -7.77 -24.04 18.37
C ARG F 248 -8.04 -25.18 17.40
N LYS F 249 -9.19 -25.80 17.53
CA LYS F 249 -9.71 -26.66 16.48
C LYS F 249 -9.76 -25.95 15.11
N VAL F 250 -9.99 -24.64 15.09
CA VAL F 250 -9.95 -23.89 13.84
C VAL F 250 -8.61 -24.05 13.15
N ASP F 251 -7.52 -23.95 13.91
CA ASP F 251 -6.17 -24.14 13.36
C ASP F 251 -5.96 -25.55 12.77
N ILE F 252 -6.59 -26.57 13.36
CA ILE F 252 -6.56 -27.93 12.78
C ILE F 252 -7.22 -27.95 11.40
N GLU F 253 -8.37 -27.33 11.30
CA GLU F 253 -9.10 -27.32 10.07
C GLU F 253 -8.38 -26.64 8.96
N VAL F 254 -7.72 -25.56 9.24
CA VAL F 254 -6.97 -24.83 8.24
C VAL F 254 -5.71 -25.61 7.79
N LEU F 255 -4.92 -26.09 8.75
CA LEU F 255 -3.69 -26.79 8.39
C LEU F 255 -3.94 -28.21 7.85
N SER F 256 -5.09 -28.81 8.18
CA SER F 256 -5.44 -30.11 7.59
C SER F 256 -5.68 -30.01 6.11
N VAL F 257 -6.39 -28.97 5.70
CA VAL F 257 -6.64 -28.75 4.27
C VAL F 257 -5.34 -28.45 3.52
N LEU F 258 -4.44 -27.69 4.13
CA LEU F 258 -3.15 -27.43 3.50
C LEU F 258 -2.31 -28.70 3.46
N ALA F 259 -2.39 -29.53 4.50
CA ALA F 259 -1.69 -30.82 4.50
C ALA F 259 -2.17 -31.71 3.37
N SER F 260 -3.48 -31.75 3.16
CA SER F 260 -4.07 -32.55 2.08
C SER F 260 -3.61 -32.03 0.70
N LEU F 261 -3.56 -30.71 0.56
CA LEU F 261 -3.01 -30.08 -0.64
C LEU F 261 -1.56 -30.54 -0.88
N GLY F 262 -0.78 -30.54 0.20
CA GLY F 262 0.58 -31.05 0.13
C GLY F 262 0.66 -32.44 -0.45
N ALA F 263 -0.21 -33.33 0.01
CA ALA F 263 -0.22 -34.70 -0.51
C ALA F 263 -0.54 -34.73 -1.99
N SER F 264 -1.50 -33.92 -2.41
CA SER F 264 -1.87 -33.84 -3.83
C SER F 264 -0.69 -33.39 -4.67
N VAL F 265 -0.03 -32.32 -4.24
CA VAL F 265 1.08 -31.76 -5.01
C VAL F 265 2.26 -32.75 -5.05
N HIS F 266 2.50 -33.44 -3.94
CA HIS F 266 3.58 -34.41 -3.87
C HIS F 266 3.36 -35.55 -4.87
N LYS F 267 2.13 -36.07 -4.93
CA LYS F 267 1.80 -37.13 -5.88
C LYS F 267 1.99 -36.67 -7.32
N ILE F 268 1.50 -35.46 -7.62
CA ILE F 268 1.57 -34.91 -8.97
C ILE F 268 3.01 -34.71 -9.40
N CYS F 269 3.79 -34.06 -8.56
CA CYS F 269 5.17 -33.80 -8.88
C CYS F 269 6.03 -35.06 -8.88
N THR F 270 5.66 -36.06 -8.09
CA THR F 270 6.28 -37.39 -8.20
C THR F 270 6.00 -38.02 -9.58
N ASP F 271 4.75 -37.95 -10.06
CA ASP F 271 4.42 -38.44 -11.41
C ASP F 271 5.26 -37.72 -12.47
N ILE F 272 5.39 -36.41 -12.34
CA ILE F 272 6.15 -35.62 -13.32
C ILE F 272 7.61 -36.03 -13.34
N ARG F 273 8.17 -36.29 -12.15
CA ARG F 273 9.58 -36.73 -12.06
C ARG F 273 9.79 -38.08 -12.71
N LEU F 274 8.81 -38.97 -12.57
CA LEU F 274 8.86 -40.27 -13.23
C LEU F 274 8.72 -40.11 -14.76
N LEU F 275 7.83 -39.21 -15.18
CA LEU F 275 7.67 -38.97 -16.61
C LEU F 275 8.94 -38.39 -17.23
N ALA F 276 9.72 -37.64 -16.44
CA ALA F 276 11.01 -37.14 -16.89
C ALA F 276 12.02 -38.25 -17.10
N ASN F 277 12.03 -39.26 -16.20
CA ASN F 277 12.90 -40.42 -16.39
C ASN F 277 12.54 -41.15 -17.65
N LEU F 278 11.24 -41.29 -17.90
CA LEU F 278 10.74 -41.96 -19.11
C LEU F 278 10.96 -41.15 -20.39
N LYS F 279 11.33 -39.88 -20.24
CA LYS F 279 11.53 -38.95 -21.36
C LYS F 279 10.26 -38.67 -22.15
N GLU F 280 9.10 -38.87 -21.52
CA GLU F 280 7.80 -38.59 -22.15
C GLU F 280 7.37 -37.12 -21.94
N MET F 281 7.88 -36.51 -20.87
CA MET F 281 7.50 -35.16 -20.49
C MET F 281 8.58 -34.51 -19.63
N GLU F 282 8.78 -33.20 -19.80
CA GLU F 282 9.75 -32.45 -19.02
C GLU F 282 9.17 -31.13 -18.57
N GLU F 283 9.54 -30.74 -17.37
CA GLU F 283 9.23 -29.40 -16.86
C GLU F 283 10.04 -28.33 -17.61
N PRO F 284 9.61 -27.06 -17.54
CA PRO F 284 10.37 -25.99 -18.22
C PRO F 284 11.82 -25.82 -17.69
N PHE F 285 12.69 -25.34 -18.57
CA PHE F 285 14.06 -25.02 -18.24
C PHE F 285 14.50 -23.71 -18.89
N GLU F 286 15.45 -23.06 -18.24
CA GLU F 286 16.13 -21.87 -18.77
C GLU F 286 17.42 -22.41 -19.40
N LYS F 298 22.41 -33.19 -19.10
CA LYS F 298 21.52 -33.72 -18.07
C LYS F 298 20.38 -32.77 -17.80
N ARG F 299 19.16 -33.28 -17.73
CA ARG F 299 18.03 -32.40 -17.50
C ARG F 299 17.19 -32.93 -16.35
N ASN F 300 17.23 -32.21 -15.23
CA ASN F 300 16.63 -32.68 -13.98
C ASN F 300 15.32 -31.96 -13.70
N PRO F 301 14.33 -32.67 -13.13
CA PRO F 301 13.07 -32.04 -12.74
C PRO F 301 13.15 -31.37 -11.37
N MET F 302 14.00 -30.35 -11.26
CA MET F 302 14.31 -29.72 -9.96
C MET F 302 13.19 -28.90 -9.37
N ARG F 303 12.36 -28.32 -10.22
CA ARG F 303 11.17 -27.58 -9.74
C ARG F 303 10.16 -28.54 -9.11
N SER F 304 9.90 -29.65 -9.77
CA SER F 304 8.99 -30.67 -9.24
C SER F 304 9.55 -31.30 -7.96
N GLU F 305 10.86 -31.49 -7.92
CA GLU F 305 11.52 -32.03 -6.73
C GLU F 305 11.40 -31.08 -5.55
N ARG F 306 11.56 -29.79 -5.80
CA ARG F 306 11.36 -28.78 -4.75
C ARG F 306 9.91 -28.75 -4.27
N CYS F 307 8.96 -28.91 -5.18
CA CYS F 307 7.53 -28.96 -4.81
C CYS F 307 7.28 -30.11 -3.86
N CYS F 308 7.79 -31.29 -4.21
CA CYS F 308 7.68 -32.46 -3.34
C CYS F 308 8.27 -32.18 -1.98
N SER F 309 9.48 -31.65 -1.98
CA SER F 309 10.21 -31.35 -0.75
C SER F 309 9.41 -30.44 0.17
N LEU F 310 8.86 -29.37 -0.37
CA LEU F 310 8.11 -28.43 0.44
C LEU F 310 6.73 -28.97 0.82
N ALA F 311 6.08 -29.65 -0.12
CA ALA F 311 4.79 -30.27 0.16
C ALA F 311 4.86 -31.22 1.35
N ARG F 312 5.98 -31.90 1.50
CA ARG F 312 6.21 -32.81 2.61
C ARG F 312 6.18 -32.09 3.95
N HIS F 313 6.81 -30.92 4.00
CA HIS F 313 6.81 -30.10 5.21
C HIS F 313 5.39 -29.68 5.59
N LEU F 314 4.59 -29.39 4.56
CA LEU F 314 3.20 -29.02 4.73
C LEU F 314 2.39 -30.15 5.39
N MET F 315 2.68 -31.38 5.01
CA MET F 315 2.03 -32.55 5.60
C MET F 315 2.48 -32.76 7.02
N THR F 316 3.79 -32.67 7.23
CA THR F 316 4.37 -32.77 8.58
C THR F 316 3.70 -31.80 9.55
N LEU F 317 3.49 -30.56 9.12
CA LEU F 317 3.00 -29.52 10.02
C LEU F 317 1.63 -29.77 10.66
N VAL F 318 0.82 -30.66 10.09
CA VAL F 318 -0.52 -30.89 10.62
C VAL F 318 -0.52 -31.39 12.06
N MET F 319 0.55 -32.07 12.47
CA MET F 319 0.61 -32.57 13.85
C MET F 319 0.80 -31.47 14.90
N ASP F 320 1.28 -30.29 14.50
CA ASP F 320 1.35 -29.15 15.45
C ASP F 320 -0.03 -28.76 16.01
N PRO F 321 -0.96 -28.32 15.17
CA PRO F 321 -2.26 -27.92 15.71
C PRO F 321 -3.07 -29.06 16.31
N LEU F 322 -2.91 -30.28 15.81
CA LEU F 322 -3.59 -31.42 16.42
C LEU F 322 -3.15 -31.56 17.87
N GLN F 323 -1.85 -31.55 18.08
CA GLN F 323 -1.30 -31.63 19.43
C GLN F 323 -1.70 -30.42 20.29
N THR F 324 -1.55 -29.22 19.73
CA THR F 324 -1.87 -27.98 20.45
C THR F 324 -3.30 -27.99 21.01
N ALA F 325 -4.25 -28.32 20.17
CA ALA F 325 -5.67 -28.24 20.56
C ALA F 325 -6.00 -29.27 21.62
N SER F 326 -5.37 -30.42 21.51
CA SER F 326 -5.65 -31.54 22.39
C SER F 326 -5.26 -31.29 23.87
N VAL F 327 -4.35 -30.35 24.12
CA VAL F 327 -3.87 -30.08 25.49
C VAL F 327 -4.10 -28.63 25.98
N GLN F 328 -5.02 -27.93 25.31
CA GLN F 328 -5.53 -26.66 25.79
C GLN F 328 -6.43 -26.88 27.00
N TRP F 329 -6.01 -26.41 28.17
CA TRP F 329 -6.77 -26.60 29.38
C TRP F 329 -7.77 -25.46 29.59
N PHE F 330 -9.02 -25.84 29.80
CA PHE F 330 -10.07 -24.95 30.24
C PHE F 330 -10.23 -23.77 29.28
N GLU F 331 -10.16 -22.53 29.77
CA GLU F 331 -10.54 -21.39 28.98
C GLU F 331 -9.37 -20.91 28.13
N ARG F 332 -8.17 -21.50 28.33
CA ARG F 332 -6.98 -21.30 27.50
C ARG F 332 -5.69 -21.58 28.30
N THR F 333 -4.71 -22.17 27.63
CA THR F 333 -3.33 -22.19 28.13
C THR F 333 -2.43 -21.62 27.06
N LEU F 334 -1.33 -20.98 27.48
CA LEU F 334 -0.48 -20.21 26.59
C LEU F 334 0.55 -21.06 25.84
N ASP F 335 0.55 -22.38 26.06
CA ASP F 335 1.38 -23.29 25.26
C ASP F 335 0.99 -23.38 23.79
N ASP F 336 -0.06 -22.68 23.38
CA ASP F 336 -0.37 -22.56 21.97
C ASP F 336 0.45 -21.49 21.25
N SER F 337 0.90 -20.47 21.99
CA SER F 337 1.29 -19.21 21.38
C SER F 337 2.55 -19.30 20.50
N ALA F 338 3.65 -19.79 21.06
CA ALA F 338 4.92 -19.86 20.29
C ALA F 338 4.79 -20.79 19.09
N ASN F 339 4.15 -21.94 19.31
CA ASN F 339 3.93 -22.93 18.26
C ASN F 339 3.19 -22.30 17.08
N ARG F 340 2.14 -21.54 17.38
CA ARG F 340 1.34 -20.89 16.34
C ARG F 340 2.09 -19.79 15.59
N ARG F 341 3.01 -19.10 16.26
CA ARG F 341 3.87 -18.11 15.56
C ARG F 341 4.68 -18.78 14.45
N ILE F 342 5.06 -20.04 14.67
CA ILE F 342 5.84 -20.81 13.70
C ILE F 342 4.97 -21.50 12.63
N CYS F 343 4.05 -22.35 13.05
CA CYS F 343 3.40 -23.28 12.11
C CYS F 343 2.34 -22.64 11.20
N LEU F 344 1.60 -21.64 11.67
CA LEU F 344 0.57 -21.02 10.81
C LEU F 344 1.23 -20.32 9.62
N ALA F 345 2.14 -19.40 9.90
CA ALA F 345 2.88 -18.69 8.85
C ALA F 345 3.60 -19.64 7.91
N GLU F 346 4.27 -20.64 8.47
CA GLU F 346 5.09 -21.52 7.64
C GLU F 346 4.27 -22.42 6.75
N ALA F 347 3.10 -22.83 7.23
CA ALA F 347 2.21 -23.62 6.39
C ALA F 347 1.77 -22.80 5.18
N PHE F 348 1.32 -21.56 5.43
CA PHE F 348 0.87 -20.69 4.34
C PHE F 348 1.99 -20.28 3.38
N LEU F 349 3.16 -19.96 3.92
CA LEU F 349 4.33 -19.61 3.10
C LEU F 349 4.80 -20.79 2.27
N THR F 350 4.74 -21.99 2.85
CA THR F 350 5.07 -23.21 2.12
C THR F 350 4.04 -23.48 1.03
N ALA F 351 2.76 -23.40 1.37
CA ALA F 351 1.68 -23.57 0.37
C ALA F 351 1.79 -22.56 -0.77
N ASP F 352 2.06 -21.30 -0.43
CA ASP F 352 2.25 -20.24 -1.41
C ASP F 352 3.32 -20.58 -2.43
N THR F 353 4.48 -21.03 -1.94
CA THR F 353 5.62 -21.38 -2.79
C THR F 353 5.29 -22.57 -3.71
N ILE F 354 4.65 -23.59 -3.16
CA ILE F 354 4.32 -24.79 -3.94
C ILE F 354 3.34 -24.47 -5.08
N LEU F 355 2.34 -23.63 -4.81
CA LEU F 355 1.35 -23.30 -5.82
C LEU F 355 1.97 -22.46 -6.93
N ASN F 356 2.72 -21.44 -6.56
CA ASN F 356 3.43 -20.65 -7.55
C ASN F 356 4.37 -21.49 -8.38
N THR F 357 5.14 -22.35 -7.74
CA THR F 357 6.10 -23.20 -8.46
C THR F 357 5.37 -24.20 -9.36
N LEU F 358 4.30 -24.80 -8.88
CA LEU F 358 3.51 -25.75 -9.70
C LEU F 358 2.81 -25.06 -10.87
N GLN F 359 2.38 -23.82 -10.68
CA GLN F 359 1.83 -23.04 -11.81
C GLN F 359 2.87 -22.85 -12.88
N ASN F 360 4.06 -22.43 -12.47
CA ASN F 360 5.18 -22.25 -13.42
C ASN F 360 5.45 -23.54 -14.18
N ILE F 361 5.44 -24.68 -13.48
CA ILE F 361 5.65 -25.98 -14.11
C ILE F 361 4.59 -26.29 -15.14
N SER F 362 3.34 -26.13 -14.76
CA SER F 362 2.21 -26.45 -15.65
C SER F 362 2.11 -25.54 -16.88
N GLU F 363 2.56 -24.29 -16.76
CA GLU F 363 2.66 -23.37 -17.92
C GLU F 363 3.70 -23.78 -18.97
N GLY F 364 4.69 -24.58 -18.59
CA GLY F 364 5.82 -24.87 -19.46
C GLY F 364 6.06 -26.34 -19.78
N LEU F 365 5.06 -27.19 -19.51
CA LEU F 365 5.24 -28.63 -19.73
C LEU F 365 5.52 -28.89 -21.19
N VAL F 366 6.54 -29.70 -21.46
CA VAL F 366 6.93 -30.10 -22.80
C VAL F 366 6.69 -31.58 -22.91
N VAL F 367 5.99 -31.99 -23.98
CA VAL F 367 5.66 -33.41 -24.21
C VAL F 367 6.46 -33.92 -25.41
N TYR F 368 6.84 -35.20 -25.36
CA TYR F 368 7.62 -35.82 -26.44
C TYR F 368 6.85 -37.01 -26.99
N PRO F 369 5.95 -36.77 -27.96
CA PRO F 369 5.05 -37.85 -28.42
C PRO F 369 5.77 -39.00 -29.08
N LYS F 370 6.91 -38.76 -29.73
CA LYS F 370 7.62 -39.84 -30.40
C LYS F 370 8.21 -40.83 -29.43
N VAL F 371 8.59 -40.36 -28.25
CA VAL F 371 9.04 -41.23 -27.19
C VAL F 371 7.85 -41.97 -26.63
N ILE F 372 6.74 -41.27 -26.42
CA ILE F 372 5.52 -41.91 -25.92
C ILE F 372 5.11 -43.06 -26.86
N GLU F 373 5.10 -42.78 -28.17
CA GLU F 373 4.70 -43.78 -29.21
C GLU F 373 5.64 -44.96 -29.26
N ARG F 374 6.93 -44.72 -29.14
CA ARG F 374 7.93 -45.80 -29.13
C ARG F 374 7.72 -46.75 -27.96
N ARG F 375 7.46 -46.20 -26.77
CA ARG F 375 7.23 -47.05 -25.60
C ARG F 375 5.96 -47.89 -25.79
N ILE F 376 4.90 -47.30 -26.34
CA ILE F 376 3.68 -48.05 -26.65
C ILE F 376 3.99 -49.19 -27.62
N ARG F 377 4.71 -48.90 -28.69
CA ARG F 377 5.09 -49.95 -29.66
C ARG F 377 5.81 -51.12 -29.00
N GLN F 378 6.66 -50.83 -28.02
CA GLN F 378 7.40 -51.88 -27.31
C GLN F 378 6.53 -52.79 -26.43
N GLU F 379 5.40 -52.30 -25.97
CA GLU F 379 4.56 -53.12 -25.15
C GLU F 379 3.19 -53.40 -25.74
N LEU F 380 3.01 -53.07 -27.01
CA LEU F 380 1.77 -53.26 -27.75
C LEU F 380 1.24 -54.65 -27.69
N PRO F 381 2.11 -55.62 -27.83
CA PRO F 381 1.65 -57.01 -27.75
C PRO F 381 0.82 -57.32 -26.50
N PHE F 382 1.26 -56.84 -25.33
CA PHE F 382 0.53 -57.05 -24.10
C PHE F 382 -0.78 -56.27 -24.06
N MET F 383 -0.80 -55.08 -24.64
CA MET F 383 -1.97 -54.21 -24.66
C MET F 383 -3.06 -54.74 -25.57
N ALA F 384 -2.67 -55.61 -26.56
CA ALA F 384 -3.63 -56.28 -27.38
C ALA F 384 -4.26 -57.55 -26.76
N THR F 385 -3.76 -58.01 -25.61
CA THR F 385 -4.14 -59.32 -25.11
C THR F 385 -5.63 -59.39 -24.72
N GLU F 386 -6.19 -58.28 -24.25
CA GLU F 386 -7.61 -58.25 -23.86
C GLU F 386 -8.51 -58.39 -25.11
N ASN F 387 -8.15 -57.70 -26.22
CA ASN F 387 -8.86 -57.90 -27.47
C ASN F 387 -8.83 -59.33 -27.97
N ILE F 388 -7.67 -59.97 -27.84
CA ILE F 388 -7.47 -61.34 -28.34
C ILE F 388 -8.29 -62.33 -27.56
N ILE F 389 -8.39 -62.13 -26.24
CA ILE F 389 -9.26 -62.97 -25.41
C ILE F 389 -10.72 -62.80 -25.76
N MET F 390 -11.18 -61.55 -25.88
CA MET F 390 -12.60 -61.25 -26.22
C MET F 390 -12.98 -61.89 -27.56
N ALA F 391 -12.08 -61.84 -28.53
CA ALA F 391 -12.27 -62.51 -29.82
C ALA F 391 -12.35 -64.03 -29.66
N MET F 392 -11.43 -64.59 -28.86
CA MET F 392 -11.44 -66.03 -28.59
C MET F 392 -12.73 -66.50 -27.93
N VAL F 393 -13.16 -65.77 -26.91
CA VAL F 393 -14.44 -66.06 -26.24
C VAL F 393 -15.62 -65.97 -27.20
N LYS F 394 -15.63 -64.97 -28.05
CA LYS F 394 -16.67 -64.82 -29.07
C LYS F 394 -16.67 -65.98 -30.08
N ALA F 395 -15.50 -66.51 -30.39
CA ALA F 395 -15.38 -67.73 -31.22
C ALA F 395 -15.67 -69.02 -30.43
N GLY F 396 -16.12 -68.92 -29.18
CA GLY F 396 -16.53 -70.09 -28.40
C GLY F 396 -15.44 -70.73 -27.54
N GLY F 397 -14.33 -70.02 -27.34
CA GLY F 397 -13.36 -70.38 -26.32
C GLY F 397 -13.82 -69.96 -24.91
N SER F 398 -13.14 -70.51 -23.91
CA SER F 398 -13.41 -70.22 -22.51
C SER F 398 -12.48 -69.10 -22.02
N ARG F 399 -13.01 -68.13 -21.29
CA ARG F 399 -12.20 -67.09 -20.67
C ARG F 399 -11.12 -67.67 -19.71
N GLN F 400 -11.41 -68.76 -19.03
CA GLN F 400 -10.43 -69.39 -18.13
C GLN F 400 -9.25 -69.95 -18.92
N ASP F 401 -9.53 -70.78 -19.93
CA ASP F 401 -8.45 -71.36 -20.74
C ASP F 401 -7.63 -70.28 -21.45
N CYS F 402 -8.32 -69.29 -21.99
CA CYS F 402 -7.67 -68.23 -22.76
C CYS F 402 -6.69 -67.43 -21.86
N HIS F 403 -7.17 -67.04 -20.69
CA HIS F 403 -6.37 -66.31 -19.71
C HIS F 403 -5.13 -67.08 -19.33
N GLU F 404 -5.29 -68.36 -19.00
CA GLU F 404 -4.16 -69.21 -18.59
C GLU F 404 -3.13 -69.42 -19.69
N LYS F 405 -3.59 -69.57 -20.94
CA LYS F 405 -2.65 -69.77 -22.08
C LYS F 405 -1.91 -68.49 -22.44
N ILE F 406 -2.58 -67.35 -22.40
CA ILE F 406 -1.92 -66.05 -22.63
C ILE F 406 -0.90 -65.78 -21.53
N ARG F 407 -1.25 -66.12 -20.28
CA ARG F 407 -0.33 -65.93 -19.15
C ARG F 407 1.02 -66.60 -19.38
N VAL F 408 0.99 -67.87 -19.79
CA VAL F 408 2.23 -68.65 -20.01
C VAL F 408 3.02 -68.10 -21.18
N LEU F 409 2.34 -67.79 -22.28
CA LEU F 409 2.98 -67.21 -23.47
C LEU F 409 3.56 -65.80 -23.17
N SER F 410 2.91 -65.05 -22.28
CA SER F 410 3.38 -63.74 -21.86
C SER F 410 4.67 -63.80 -21.02
N GLN F 411 4.78 -64.78 -20.11
CA GLN F 411 6.02 -64.99 -19.33
C GLN F 411 7.16 -65.42 -20.25
N GLN F 412 6.85 -66.21 -21.27
CA GLN F 412 7.83 -66.59 -22.29
C GLN F 412 8.33 -65.36 -23.06
N ALA F 413 7.40 -64.49 -23.49
CA ALA F 413 7.77 -63.25 -24.16
C ALA F 413 8.54 -62.30 -23.24
N ALA F 414 8.13 -62.23 -21.98
CA ALA F 414 8.79 -61.39 -20.97
C ALA F 414 10.24 -61.83 -20.75
N SER F 415 10.48 -63.12 -20.65
CA SER F 415 11.86 -63.66 -20.51
C SER F 415 12.69 -63.36 -21.76
N VAL F 416 12.11 -63.37 -22.94
CA VAL F 416 12.85 -62.93 -24.14
C VAL F 416 13.30 -61.46 -23.99
N VAL F 417 12.41 -60.61 -23.49
CA VAL F 417 12.73 -59.19 -23.31
C VAL F 417 13.84 -58.99 -22.28
N LYS F 418 13.69 -59.61 -21.11
CA LYS F 418 14.59 -59.40 -19.96
C LYS F 418 15.86 -60.27 -19.99
N GLN F 419 15.71 -61.54 -20.33
CA GLN F 419 16.79 -62.53 -20.24
C GLN F 419 17.60 -62.65 -21.53
N GLU F 420 16.96 -62.41 -22.68
CA GLU F 420 17.66 -62.41 -23.97
C GLU F 420 17.87 -61.00 -24.56
N GLY F 421 17.23 -60.00 -23.96
CA GLY F 421 17.29 -58.62 -24.48
C GLY F 421 16.58 -58.42 -25.81
N GLY F 422 15.61 -59.27 -26.14
CA GLY F 422 14.95 -59.25 -27.44
C GLY F 422 13.70 -58.35 -27.47
N ASP F 423 13.04 -58.27 -28.63
CA ASP F 423 11.71 -57.69 -28.72
C ASP F 423 10.66 -58.61 -28.14
N ASN F 424 9.53 -58.02 -27.78
CA ASN F 424 8.36 -58.75 -27.30
C ASN F 424 7.79 -59.52 -28.50
N ASP F 425 7.78 -60.85 -28.37
CA ASP F 425 7.35 -61.72 -29.47
C ASP F 425 6.05 -62.48 -29.14
N LEU F 426 5.24 -61.90 -28.28
CA LEU F 426 4.00 -62.56 -27.83
C LEU F 426 3.03 -62.84 -28.99
N ILE F 427 3.02 -61.98 -30.01
CA ILE F 427 2.16 -62.19 -31.17
C ILE F 427 2.64 -63.39 -31.98
N GLU F 428 3.95 -63.46 -32.19
CA GLU F 428 4.61 -64.64 -32.82
C GLU F 428 4.21 -65.96 -32.10
N ARG F 429 4.19 -65.91 -30.79
CA ARG F 429 3.85 -67.08 -29.95
C ARG F 429 2.39 -67.46 -30.04
N ILE F 430 1.52 -66.47 -30.14
CA ILE F 430 0.07 -66.69 -30.29
C ILE F 430 -0.25 -67.29 -31.66
N GLN F 431 0.42 -66.81 -32.70
CA GLN F 431 0.32 -67.41 -34.04
C GLN F 431 0.80 -68.87 -34.04
N ALA F 432 1.84 -69.17 -33.29
CA ALA F 432 2.41 -70.52 -33.24
C ALA F 432 1.57 -71.52 -32.40
N ASP F 433 0.75 -71.00 -31.48
CA ASP F 433 -0.05 -71.84 -30.58
C ASP F 433 -1.40 -72.13 -31.22
N ALA F 434 -1.72 -73.42 -31.34
CA ALA F 434 -2.90 -73.87 -32.08
C ALA F 434 -4.20 -73.66 -31.32
N TYR F 435 -4.14 -73.35 -30.03
CA TYR F 435 -5.36 -73.00 -29.30
C TYR F 435 -6.05 -71.76 -29.90
N PHE F 436 -5.26 -70.83 -30.46
CA PHE F 436 -5.77 -69.58 -31.04
C PHE F 436 -6.01 -69.64 -32.57
N SER F 437 -6.09 -70.85 -33.14
CA SER F 437 -6.49 -71.04 -34.55
C SER F 437 -7.73 -70.23 -34.96
N PRO F 438 -8.79 -70.22 -34.12
CA PRO F 438 -9.99 -69.43 -34.48
C PRO F 438 -9.74 -67.94 -34.79
N ILE F 439 -8.72 -67.36 -34.20
CA ILE F 439 -8.45 -65.95 -34.35
C ILE F 439 -7.18 -65.55 -35.06
N HIS F 440 -6.39 -66.50 -35.54
CA HIS F 440 -5.11 -66.19 -36.26
C HIS F 440 -5.29 -65.16 -37.39
N SER F 441 -6.36 -65.31 -38.17
CA SER F 441 -6.65 -64.40 -39.29
C SER F 441 -7.05 -62.98 -38.84
N GLN F 442 -7.58 -62.86 -37.62
CA GLN F 442 -7.94 -61.57 -37.04
C GLN F 442 -6.76 -60.75 -36.47
N LEU F 443 -5.59 -61.33 -36.34
CA LEU F 443 -4.49 -60.71 -35.52
C LEU F 443 -4.03 -59.31 -35.96
N ASP F 444 -3.97 -59.03 -37.23
CA ASP F 444 -3.69 -57.63 -37.70
C ASP F 444 -4.70 -56.64 -37.15
N HIS F 445 -5.97 -57.01 -37.20
CA HIS F 445 -7.07 -56.17 -36.68
C HIS F 445 -7.10 -56.08 -35.15
N LEU F 446 -6.77 -57.17 -34.45
CA LEU F 446 -6.74 -57.22 -32.96
C LEU F 446 -5.58 -56.39 -32.35
N LEU F 447 -4.53 -56.13 -33.13
CA LEU F 447 -3.47 -55.25 -32.73
C LEU F 447 -3.60 -53.79 -33.27
N ASP F 448 -4.79 -53.39 -33.66
CA ASP F 448 -5.08 -52.01 -33.96
C ASP F 448 -5.10 -51.16 -32.68
N PRO F 449 -4.15 -50.21 -32.56
CA PRO F 449 -4.05 -49.38 -31.36
C PRO F 449 -5.36 -48.62 -30.98
N SER F 450 -6.13 -48.20 -31.96
CA SER F 450 -7.17 -47.16 -31.79
C SER F 450 -8.20 -47.41 -30.70
N SER F 451 -8.55 -48.67 -30.45
CA SER F 451 -9.58 -48.96 -29.43
C SER F 451 -8.99 -49.03 -28.00
N PHE F 452 -7.66 -48.94 -27.82
CA PHE F 452 -7.03 -49.30 -26.53
C PHE F 452 -7.10 -48.28 -25.40
N THR F 453 -7.42 -47.02 -25.72
CA THR F 453 -7.62 -45.99 -24.70
C THR F 453 -9.04 -45.90 -24.15
N GLY F 454 -9.92 -46.85 -24.50
CA GLY F 454 -11.30 -46.83 -24.02
C GLY F 454 -11.97 -45.45 -24.12
N ARG F 455 -12.57 -45.00 -23.03
CA ARG F 455 -13.33 -43.76 -23.00
C ARG F 455 -12.52 -42.56 -22.48
N ALA F 456 -11.18 -42.64 -22.54
CA ALA F 456 -10.32 -41.66 -21.92
C ALA F 456 -10.63 -40.22 -22.36
N SER F 457 -10.68 -39.97 -23.67
CA SER F 457 -10.92 -38.59 -24.13
C SER F 457 -12.33 -38.10 -23.81
N GLN F 458 -13.31 -39.01 -23.81
CA GLN F 458 -14.69 -38.65 -23.41
C GLN F 458 -14.79 -38.32 -21.93
N GLN F 459 -14.06 -39.07 -21.11
CA GLN F 459 -13.96 -38.79 -19.67
C GLN F 459 -13.40 -37.38 -19.42
N VAL F 460 -12.37 -37.00 -20.16
CA VAL F 460 -11.74 -35.69 -19.97
C VAL F 460 -12.76 -34.58 -20.20
N GLN F 461 -13.42 -34.61 -21.34
CA GLN F 461 -14.37 -33.55 -21.69
C GLN F 461 -15.51 -33.48 -20.68
N ARG F 462 -16.09 -34.61 -20.31
CA ARG F 462 -17.19 -34.60 -19.35
C ARG F 462 -16.75 -34.05 -17.98
N PHE F 463 -15.57 -34.45 -17.52
CA PHE F 463 -15.01 -33.99 -16.23
C PHE F 463 -14.74 -32.50 -16.23
N LEU F 464 -14.04 -32.00 -17.25
CA LEU F 464 -13.73 -30.58 -17.35
C LEU F 464 -14.99 -29.71 -17.34
N GLU F 465 -16.01 -30.14 -18.06
CA GLU F 465 -17.25 -29.37 -18.19
C GLU F 465 -18.10 -29.43 -16.94
N GLU F 466 -18.35 -30.63 -16.44
CA GLU F 466 -19.25 -30.80 -15.29
C GLU F 466 -18.63 -30.38 -13.96
N GLU F 467 -17.33 -30.65 -13.78
CA GLU F 467 -16.70 -30.57 -12.43
C GLU F 467 -15.65 -29.47 -12.27
N VAL F 468 -14.91 -29.14 -13.34
CA VAL F 468 -13.76 -28.23 -13.24
C VAL F 468 -14.11 -26.79 -13.60
N TYR F 469 -14.60 -26.57 -14.81
CA TYR F 469 -14.89 -25.19 -15.27
C TYR F 469 -15.78 -24.36 -14.31
N PRO F 470 -16.81 -24.99 -13.69
CA PRO F 470 -17.63 -24.24 -12.72
C PRO F 470 -16.86 -23.70 -11.52
N LEU F 471 -15.88 -24.46 -11.03
CA LEU F 471 -15.03 -24.03 -9.91
C LEU F 471 -14.06 -22.92 -10.31
N LEU F 472 -13.68 -22.86 -11.58
CA LEU F 472 -12.79 -21.82 -12.08
C LEU F 472 -13.47 -20.51 -12.39
N LYS F 473 -14.80 -20.55 -12.61
CA LYS F 473 -15.56 -19.38 -13.07
C LYS F 473 -15.28 -18.09 -12.27
N PRO F 474 -15.35 -18.15 -10.93
CA PRO F 474 -15.13 -16.92 -10.12
C PRO F 474 -13.74 -16.29 -10.24
N TYR F 475 -12.75 -17.05 -10.72
CA TYR F 475 -11.39 -16.56 -10.84
C TYR F 475 -11.01 -16.19 -12.28
N GLU F 476 -12.01 -16.06 -13.16
CA GLU F 476 -11.78 -15.76 -14.59
C GLU F 476 -10.95 -14.48 -14.80
N SER F 477 -11.23 -13.44 -14.03
CA SER F 477 -10.53 -12.16 -14.17
C SER F 477 -9.03 -12.19 -13.80
N VAL F 478 -8.62 -13.14 -12.96
CA VAL F 478 -7.19 -13.21 -12.51
C VAL F 478 -6.37 -14.36 -13.14
N MET F 479 -6.92 -14.98 -14.19
CA MET F 479 -6.27 -16.14 -14.85
C MET F 479 -5.00 -15.84 -15.62
N LYS F 480 -4.80 -14.59 -16.02
CA LYS F 480 -3.75 -14.24 -16.99
C LYS F 480 -2.36 -14.16 -16.38
N VAL F 481 -2.28 -14.03 -15.06
CA VAL F 481 -0.98 -13.83 -14.36
C VAL F 481 -0.06 -15.04 -14.57
N LYS F 482 1.18 -14.77 -15.00
CA LYS F 482 2.19 -15.83 -15.20
C LYS F 482 2.98 -15.99 -13.90
N ALA F 483 3.41 -17.22 -13.62
CA ALA F 483 4.11 -17.53 -12.37
C ALA F 483 5.62 -17.51 -12.62
N GLU F 484 6.32 -16.58 -11.97
CA GLU F 484 7.76 -16.39 -12.15
C GLU F 484 8.57 -17.13 -11.06
N LEU F 485 9.73 -17.63 -11.44
CA LEU F 485 10.70 -18.18 -10.49
C LEU F 485 12.07 -17.53 -10.65
N CYS F 486 12.74 -17.33 -9.54
CA CYS F 486 14.21 -17.05 -9.52
C CYS F 486 15.02 -18.27 -9.10
N LEU F 487 14.35 -19.36 -8.71
CA LEU F 487 14.99 -20.55 -8.10
C LEU F 487 16.08 -20.16 -7.11
N SER G 12 14.22 -6.69 8.71
CA SER G 12 13.14 -5.66 8.59
C SER G 12 11.76 -6.22 8.93
N PRO G 13 10.94 -5.44 9.66
CA PRO G 13 9.57 -5.89 9.98
C PRO G 13 8.55 -5.85 8.81
N ASP G 14 8.95 -5.38 7.64
CA ASP G 14 8.02 -5.30 6.50
C ASP G 14 7.81 -6.66 5.78
N SER G 15 8.65 -7.65 6.08
CA SER G 15 8.46 -9.04 5.59
C SER G 15 8.53 -10.04 6.75
N TYR G 16 7.99 -11.25 6.51
CA TYR G 16 8.01 -12.34 7.50
C TYR G 16 9.43 -12.66 7.93
N ARG G 17 9.63 -12.75 9.24
CA ARG G 17 10.86 -13.27 9.84
C ARG G 17 10.52 -14.44 10.75
N SER G 18 11.40 -15.43 10.79
CA SER G 18 11.19 -16.57 11.71
C SER G 18 11.24 -16.04 13.12
N PRO G 19 10.22 -16.39 13.95
CA PRO G 19 10.35 -16.10 15.36
C PRO G 19 11.54 -16.80 16.02
N LEU G 20 12.01 -17.91 15.46
CA LEU G 20 13.22 -18.55 15.96
C LEU G 20 14.46 -17.65 15.85
N ALA G 21 14.51 -16.79 14.83
CA ALA G 21 15.58 -15.79 14.68
C ALA G 21 15.29 -14.53 15.47
N SER G 22 14.07 -14.03 15.35
CA SER G 22 13.74 -12.69 15.81
C SER G 22 13.37 -12.61 17.28
N ARG G 23 13.21 -13.77 17.92
CA ARG G 23 12.52 -13.82 19.22
C ARG G 23 13.12 -14.83 20.20
N TYR G 24 13.47 -16.02 19.72
CA TYR G 24 13.73 -17.16 20.59
C TYR G 24 15.19 -17.57 20.74
N ALA G 25 15.83 -17.96 19.65
CA ALA G 25 17.10 -18.69 19.74
C ALA G 25 18.29 -17.78 20.04
N SER G 26 19.34 -18.38 20.57
CA SER G 26 20.56 -17.66 20.93
C SER G 26 21.33 -17.19 19.67
N PRO G 27 22.06 -16.06 19.79
CA PRO G 27 22.96 -15.60 18.72
C PRO G 27 23.90 -16.67 18.17
N GLU G 28 24.42 -17.54 19.06
CA GLU G 28 25.44 -18.52 18.64
C GLU G 28 24.83 -19.59 17.75
N MET G 29 23.64 -20.08 18.10
CA MET G 29 22.94 -21.07 17.27
C MET G 29 22.49 -20.44 15.95
N CYS G 30 21.98 -19.22 16.01
CA CYS G 30 21.61 -18.48 14.83
C CYS G 30 22.79 -18.31 13.89
N PHE G 31 23.99 -18.07 14.43
CA PHE G 31 25.17 -17.92 13.57
C PHE G 31 25.55 -19.23 12.86
N VAL G 32 25.46 -20.34 13.57
CA VAL G 32 25.74 -21.67 13.02
C VAL G 32 24.87 -21.99 11.78
N PHE G 33 23.61 -21.57 11.80
CA PHE G 33 22.71 -21.80 10.65
C PHE G 33 22.59 -20.59 9.71
N SER G 34 23.54 -19.67 9.79
CA SER G 34 23.53 -18.48 8.96
C SER G 34 24.14 -18.78 7.58
N ASP G 35 23.84 -17.91 6.62
CA ASP G 35 24.39 -18.05 5.28
C ASP G 35 25.87 -17.66 5.23
N ARG G 36 26.30 -16.75 6.11
CA ARG G 36 27.72 -16.42 6.18
C ARG G 36 28.49 -17.67 6.56
N TYR G 37 28.08 -18.34 7.63
CA TYR G 37 28.77 -19.54 8.05
C TYR G 37 28.72 -20.66 7.00
N LYS G 38 27.58 -20.76 6.31
CA LYS G 38 27.39 -21.79 5.29
C LYS G 38 28.38 -21.61 4.15
N PHE G 39 28.35 -20.43 3.53
CA PHE G 39 29.12 -20.19 2.29
C PHE G 39 30.62 -19.98 2.56
N ARG G 40 30.94 -19.52 3.76
CA ARG G 40 32.31 -19.51 4.24
C ARG G 40 32.85 -20.93 4.36
N THR G 41 32.02 -21.84 4.85
CA THR G 41 32.42 -23.23 5.01
C THR G 41 32.53 -23.96 3.67
N TRP G 42 31.67 -23.60 2.71
CA TRP G 42 31.84 -24.08 1.33
C TRP G 42 33.25 -23.76 0.85
N ARG G 43 33.64 -22.50 0.98
CA ARG G 43 34.98 -22.06 0.57
C ARG G 43 36.08 -22.75 1.35
N GLN G 44 35.89 -22.93 2.65
CA GLN G 44 36.83 -23.70 3.47
C GLN G 44 37.03 -25.11 2.93
N LEU G 45 35.93 -25.76 2.53
CA LEU G 45 36.00 -27.11 2.00
C LEU G 45 36.67 -27.17 0.63
N TRP G 46 36.43 -26.16 -0.21
CA TRP G 46 37.11 -26.08 -1.50
C TRP G 46 38.63 -25.90 -1.32
N LEU G 47 39.03 -25.12 -0.31
CA LEU G 47 40.43 -24.93 0.04
C LEU G 47 41.07 -26.23 0.49
N TRP G 48 40.40 -26.95 1.39
CA TRP G 48 40.93 -28.23 1.89
C TRP G 48 41.09 -29.25 0.78
N LEU G 49 40.16 -29.25 -0.17
CA LEU G 49 40.22 -30.14 -1.33
C LEU G 49 41.44 -29.82 -2.20
N ALA G 50 41.60 -28.53 -2.53
CA ALA G 50 42.75 -28.07 -3.28
C ALA G 50 44.09 -28.41 -2.56
N GLU G 51 44.16 -28.16 -1.26
CA GLU G 51 45.35 -28.46 -0.44
C GLU G 51 45.74 -29.93 -0.54
N ALA G 52 44.79 -30.80 -0.28
CA ALA G 52 45.03 -32.25 -0.30
C ALA G 52 45.34 -32.76 -1.70
N GLU G 53 44.66 -32.21 -2.69
CA GLU G 53 44.91 -32.55 -4.10
C GLU G 53 46.33 -32.18 -4.52
N GLN G 54 46.82 -31.01 -4.10
CA GLN G 54 48.20 -30.59 -4.38
C GLN G 54 49.20 -31.53 -3.72
N THR G 55 49.03 -31.77 -2.42
CA THR G 55 49.88 -32.70 -1.69
C THR G 55 49.96 -34.08 -2.38
N LEU G 56 48.85 -34.52 -2.99
CA LEU G 56 48.80 -35.84 -3.63
C LEU G 56 49.23 -35.84 -5.09
N GLY G 57 49.60 -34.68 -5.63
CA GLY G 57 50.31 -34.57 -6.91
C GLY G 57 49.59 -33.92 -8.08
N LEU G 58 48.41 -33.33 -7.85
CA LEU G 58 47.68 -32.69 -8.94
C LEU G 58 48.24 -31.30 -9.23
N PRO G 59 48.07 -30.79 -10.47
CA PRO G 59 48.67 -29.51 -10.90
C PRO G 59 48.00 -28.25 -10.29
N ILE G 60 48.27 -28.03 -9.00
CA ILE G 60 47.75 -26.89 -8.26
C ILE G 60 48.92 -26.16 -7.62
N THR G 61 49.05 -24.86 -7.90
CA THR G 61 50.19 -24.06 -7.43
C THR G 61 49.95 -23.50 -6.03
N ASP G 62 51.05 -23.23 -5.31
CA ASP G 62 50.98 -22.58 -3.98
C ASP G 62 50.25 -21.23 -4.03
N GLU G 63 50.38 -20.51 -5.14
CA GLU G 63 49.74 -19.20 -5.29
C GLU G 63 48.22 -19.31 -5.47
N GLN G 64 47.75 -20.37 -6.13
CA GLN G 64 46.31 -20.64 -6.26
C GLN G 64 45.69 -20.93 -4.89
N ILE G 65 46.37 -21.75 -4.09
CA ILE G 65 45.93 -22.07 -2.73
C ILE G 65 45.88 -20.83 -1.82
N GLN G 66 46.91 -19.98 -1.90
CA GLN G 66 46.97 -18.74 -1.10
C GLN G 66 45.85 -17.76 -1.46
N GLU G 67 45.53 -17.69 -2.76
CA GLU G 67 44.44 -16.86 -3.27
C GLU G 67 43.09 -17.27 -2.66
N MET G 68 42.83 -18.58 -2.66
CA MET G 68 41.62 -19.13 -2.02
C MET G 68 41.59 -18.86 -0.53
N LYS G 69 42.74 -19.05 0.13
CA LYS G 69 42.86 -18.86 1.59
C LYS G 69 42.62 -17.41 2.01
N SER G 70 43.05 -16.47 1.17
CA SER G 70 42.86 -15.04 1.45
C SER G 70 41.40 -14.59 1.30
N ASN G 71 40.59 -15.33 0.54
CA ASN G 71 39.23 -14.89 0.22
C ASN G 71 38.12 -15.78 0.79
N LEU G 72 38.42 -16.52 1.85
CA LEU G 72 37.42 -17.39 2.51
C LEU G 72 36.19 -16.60 2.98
N GLU G 73 36.41 -15.45 3.59
CA GLU G 73 35.34 -14.62 4.16
C GLU G 73 34.80 -13.58 3.15
N ASN G 74 35.51 -13.37 2.04
CA ASN G 74 35.23 -12.30 1.10
C ASN G 74 34.17 -12.72 0.05
N ILE G 75 32.91 -12.78 0.49
CA ILE G 75 31.83 -13.38 -0.29
C ILE G 75 30.92 -12.30 -0.84
N ASP G 76 30.90 -12.17 -2.17
CA ASP G 76 29.98 -11.26 -2.87
C ASP G 76 28.55 -11.86 -2.99
N PHE G 77 27.71 -11.60 -1.99
CA PHE G 77 26.35 -12.17 -1.98
C PHE G 77 25.47 -11.71 -3.12
N LYS G 78 25.61 -10.44 -3.48
CA LYS G 78 24.84 -9.87 -4.58
C LYS G 78 25.16 -10.60 -5.90
N MET G 79 26.45 -10.82 -6.15
CA MET G 79 26.90 -11.50 -7.38
C MET G 79 26.51 -12.99 -7.40
N ALA G 80 26.53 -13.65 -6.24
CA ALA G 80 26.09 -15.02 -6.14
C ALA G 80 24.60 -15.16 -6.43
N ALA G 81 23.79 -14.21 -5.97
CA ALA G 81 22.37 -14.21 -6.28
C ALA G 81 22.11 -14.01 -7.79
N GLU G 82 22.89 -13.15 -8.44
CA GLU G 82 22.72 -12.93 -9.88
C GLU G 82 23.10 -14.16 -10.67
N GLU G 83 24.19 -14.81 -10.26
CA GLU G 83 24.60 -16.06 -10.89
C GLU G 83 23.57 -17.16 -10.67
N GLU G 84 22.96 -17.20 -9.49
CA GLU G 84 21.96 -18.22 -9.20
C GLU G 84 20.67 -17.99 -10.01
N LYS G 85 20.29 -16.73 -10.21
CA LYS G 85 19.16 -16.40 -11.09
C LYS G 85 19.42 -16.81 -12.55
N ARG G 86 20.66 -16.65 -12.99
CA ARG G 86 21.08 -17.06 -14.33
C ARG G 86 21.14 -18.59 -14.50
N LEU G 87 21.76 -19.27 -13.53
CA LEU G 87 22.09 -20.70 -13.66
C LEU G 87 21.07 -21.65 -13.04
N ARG G 88 20.40 -21.21 -11.97
CA ARG G 88 19.49 -22.05 -11.18
C ARG G 88 20.23 -23.19 -10.47
N HIS G 89 21.48 -22.92 -10.11
CA HIS G 89 22.31 -23.87 -9.41
C HIS G 89 23.13 -23.11 -8.36
N ASP G 90 22.78 -23.24 -7.08
CA ASP G 90 23.43 -22.45 -6.05
C ASP G 90 24.94 -22.76 -5.90
N VAL G 91 25.31 -24.03 -6.00
CA VAL G 91 26.73 -24.42 -5.88
C VAL G 91 27.56 -23.87 -7.04
N MET G 92 27.04 -23.97 -8.27
CA MET G 92 27.78 -23.47 -9.42
C MET G 92 27.86 -21.95 -9.42
N ALA G 93 26.80 -21.30 -8.93
CA ALA G 93 26.82 -19.87 -8.73
C ALA G 93 27.98 -19.46 -7.83
N HIS G 94 28.16 -20.20 -6.72
CA HIS G 94 29.22 -19.86 -5.77
C HIS G 94 30.61 -20.23 -6.25
N VAL G 95 30.71 -21.23 -7.13
CA VAL G 95 31.99 -21.58 -7.78
C VAL G 95 32.45 -20.44 -8.69
N HIS G 96 31.52 -19.93 -9.49
CA HIS G 96 31.81 -18.79 -10.35
C HIS G 96 32.20 -17.55 -9.54
N THR G 97 31.42 -17.27 -8.49
CA THR G 97 31.66 -16.12 -7.63
C THR G 97 33.02 -16.20 -6.91
N PHE G 98 33.38 -17.41 -6.46
CA PHE G 98 34.66 -17.64 -5.82
C PHE G 98 35.78 -17.54 -6.84
N GLY G 99 35.56 -18.09 -8.03
CA GLY G 99 36.51 -17.98 -9.14
C GLY G 99 36.72 -16.56 -9.64
N HIS G 100 35.72 -15.70 -9.47
CA HIS G 100 35.85 -14.28 -9.83
C HIS G 100 36.81 -13.52 -8.92
N CYS G 101 36.79 -13.79 -7.61
CA CYS G 101 37.79 -13.15 -6.72
C CYS G 101 39.12 -13.90 -6.62
N CYS G 102 39.16 -15.12 -7.13
CA CYS G 102 40.40 -15.89 -7.20
C CYS G 102 40.67 -16.31 -8.65
N PRO G 103 40.91 -15.34 -9.54
CA PRO G 103 41.05 -15.66 -10.99
C PRO G 103 42.10 -16.72 -11.33
N LYS G 104 43.19 -16.77 -10.59
CA LYS G 104 44.24 -17.79 -10.81
C LYS G 104 43.78 -19.19 -10.40
N ALA G 105 43.04 -19.27 -9.30
CA ALA G 105 42.52 -20.54 -8.80
C ALA G 105 41.22 -21.02 -9.51
N ALA G 106 40.48 -20.10 -10.10
CA ALA G 106 39.16 -20.40 -10.74
C ALA G 106 39.05 -21.75 -11.43
N GLY G 107 40.06 -22.12 -12.21
CA GLY G 107 40.06 -23.37 -12.95
C GLY G 107 40.23 -24.66 -12.13
N ILE G 108 40.76 -24.56 -10.91
CA ILE G 108 40.96 -25.75 -10.05
C ILE G 108 39.99 -25.86 -8.86
N ILE G 109 39.15 -24.87 -8.67
CA ILE G 109 38.11 -24.93 -7.62
C ILE G 109 37.10 -26.03 -7.98
N HIS G 110 36.78 -26.87 -6.99
CA HIS G 110 35.77 -27.93 -7.17
C HIS G 110 36.28 -29.08 -8.06
N LEU G 111 37.60 -29.17 -8.23
CA LEU G 111 38.19 -30.12 -9.17
C LEU G 111 37.84 -31.57 -8.80
N GLY G 112 37.01 -32.21 -9.64
CA GLY G 112 36.66 -33.61 -9.48
C GLY G 112 35.41 -33.86 -8.66
N ALA G 113 34.85 -32.79 -8.08
CA ALA G 113 33.85 -32.90 -7.04
C ALA G 113 32.44 -32.75 -7.59
N THR G 114 31.47 -33.10 -6.77
CA THR G 114 30.06 -32.83 -7.02
C THR G 114 29.55 -31.86 -5.96
N SER G 115 28.38 -31.29 -6.20
CA SER G 115 27.83 -30.25 -5.34
C SER G 115 27.77 -30.65 -3.87
N CYS G 116 27.42 -31.92 -3.63
CA CYS G 116 27.34 -32.43 -2.27
C CYS G 116 28.67 -32.40 -1.50
N TYR G 117 29.81 -32.30 -2.19
CA TYR G 117 31.09 -32.13 -1.52
C TYR G 117 31.04 -30.93 -0.56
N VAL G 118 30.53 -29.80 -1.04
CA VAL G 118 30.33 -28.64 -0.17
C VAL G 118 28.97 -28.64 0.55
N GLY G 119 27.91 -29.08 -0.15
CA GLY G 119 26.56 -29.04 0.41
C GLY G 119 26.42 -29.92 1.65
N ASP G 120 26.70 -31.21 1.47
CA ASP G 120 26.52 -32.20 2.54
C ASP G 120 27.56 -32.09 3.66
N ASN G 121 28.82 -31.95 3.29
CA ASN G 121 29.88 -31.86 4.31
C ASN G 121 29.68 -30.61 5.17
N THR G 122 29.26 -29.51 4.57
CA THR G 122 28.93 -28.33 5.36
C THR G 122 27.78 -28.63 6.33
N ASP G 123 26.74 -29.30 5.83
CA ASP G 123 25.60 -29.65 6.66
C ASP G 123 26.04 -30.55 7.81
N LEU G 124 26.94 -31.51 7.57
CA LEU G 124 27.47 -32.36 8.63
C LEU G 124 28.33 -31.59 9.66
N ILE G 125 29.12 -30.63 9.18
CA ILE G 125 29.87 -29.75 10.08
C ILE G 125 28.91 -28.91 10.93
N ILE G 126 27.89 -28.34 10.29
CA ILE G 126 26.86 -27.59 10.99
C ILE G 126 26.15 -28.43 12.06
N LEU G 127 25.73 -29.63 11.70
CA LEU G 127 25.02 -30.48 12.64
C LEU G 127 25.87 -30.75 13.86
N ARG G 128 27.13 -31.07 13.64
CA ARG G 128 28.00 -31.39 14.76
C ARG G 128 28.27 -30.18 15.64
N ASN G 129 28.51 -29.01 15.05
CA ASN G 129 28.64 -27.77 15.84
C ASN G 129 27.39 -27.47 16.65
N ALA G 130 26.24 -27.71 16.04
CA ALA G 130 24.96 -27.42 16.67
C ALA G 130 24.74 -28.34 17.88
N LEU G 131 25.08 -29.62 17.72
CA LEU G 131 25.05 -30.56 18.84
C LEU G 131 25.98 -30.12 19.97
N ASP G 132 27.16 -29.62 19.60
CA ASP G 132 28.14 -29.14 20.59
C ASP G 132 27.66 -27.90 21.35
N LEU G 133 26.77 -27.11 20.75
CA LEU G 133 26.15 -26.00 21.46
C LEU G 133 25.04 -26.44 22.38
N LEU G 134 24.27 -27.46 21.98
CA LEU G 134 23.17 -27.97 22.81
C LEU G 134 23.66 -28.70 24.06
N LEU G 135 24.69 -29.51 23.92
CA LEU G 135 25.15 -30.39 24.99
C LEU G 135 25.40 -29.66 26.35
N PRO G 136 26.19 -28.57 26.34
CA PRO G 136 26.44 -27.86 27.60
C PRO G 136 25.17 -27.27 28.22
N LYS G 137 24.25 -26.79 27.38
CA LYS G 137 23.02 -26.17 27.87
C LYS G 137 22.17 -27.22 28.56
N LEU G 138 22.07 -28.39 27.96
CA LEU G 138 21.37 -29.51 28.56
C LEU G 138 22.04 -29.94 29.86
N ALA G 139 23.37 -30.04 29.86
CA ALA G 139 24.12 -30.34 31.08
C ALA G 139 23.85 -29.34 32.20
N ARG G 140 23.85 -28.05 31.87
CA ARG G 140 23.50 -27.03 32.86
C ARG G 140 22.09 -27.19 33.41
N VAL G 141 21.13 -27.53 32.55
CA VAL G 141 19.76 -27.74 33.01
C VAL G 141 19.75 -28.87 34.02
N ILE G 142 20.41 -29.97 33.67
CA ILE G 142 20.48 -31.15 34.53
C ILE G 142 21.14 -30.79 35.86
N SER G 143 22.22 -30.02 35.80
CA SER G 143 22.96 -29.62 36.99
C SER G 143 22.12 -28.74 37.92
N ARG G 144 21.43 -27.76 37.36
CA ARG G 144 20.59 -26.88 38.20
C ARG G 144 19.47 -27.69 38.88
N LEU G 145 18.85 -28.59 38.13
CA LEU G 145 17.84 -29.47 38.70
C LEU G 145 18.42 -30.44 39.73
N ALA G 146 19.65 -30.90 39.50
CA ALA G 146 20.34 -31.75 40.48
C ALA G 146 20.58 -31.03 41.81
N ASP G 147 21.03 -29.77 41.75
CA ASP G 147 21.14 -28.92 42.96
C ASP G 147 19.80 -28.87 43.69
N PHE G 148 18.76 -28.51 42.94
CA PHE G 148 17.39 -28.43 43.47
C PHE G 148 16.94 -29.75 44.10
N ALA G 149 17.21 -30.86 43.41
CA ALA G 149 16.78 -32.18 43.89
C ALA G 149 17.44 -32.58 45.20
N LYS G 150 18.74 -32.29 45.33
CA LYS G 150 19.49 -32.56 46.57
C LYS G 150 18.94 -31.71 47.72
N GLU G 151 18.81 -30.41 47.45
CA GLU G 151 18.30 -29.46 48.42
C GLU G 151 16.90 -29.85 48.94
N ARG G 152 16.07 -30.47 48.10
CA ARG G 152 14.69 -30.82 48.49
C ARG G 152 14.47 -32.33 48.56
N ALA G 153 15.53 -33.10 48.71
CA ALA G 153 15.46 -34.56 48.71
C ALA G 153 14.50 -35.12 49.75
N SER G 154 14.40 -34.44 50.90
CA SER G 154 13.61 -34.93 52.05
C SER G 154 12.29 -34.19 52.27
N LEU G 155 11.99 -33.19 51.45
CA LEU G 155 10.77 -32.39 51.61
C LEU G 155 9.55 -33.18 51.12
N PRO G 156 8.72 -33.72 52.05
CA PRO G 156 7.60 -34.54 51.57
C PRO G 156 6.60 -33.69 50.79
N THR G 157 5.98 -34.31 49.78
CA THR G 157 4.95 -33.68 48.96
C THR G 157 3.97 -34.74 48.51
N LEU G 158 2.73 -34.32 48.27
CA LEU G 158 1.68 -35.26 47.88
C LEU G 158 2.03 -35.85 46.52
N GLY G 159 1.98 -37.17 46.42
CA GLY G 159 2.18 -37.86 45.15
C GLY G 159 0.91 -37.76 44.31
N PHE G 160 1.07 -37.87 43.00
CA PHE G 160 -0.05 -37.77 42.09
C PHE G 160 0.03 -38.84 41.00
N THR G 161 -0.96 -39.74 40.99
CA THR G 161 -1.18 -40.62 39.87
C THR G 161 -2.61 -40.41 39.39
N HIS G 162 -2.81 -40.37 38.06
CA HIS G 162 -4.08 -39.92 37.45
C HIS G 162 -4.43 -38.48 37.86
N PHE G 163 -3.42 -37.74 38.32
CA PHE G 163 -3.58 -36.46 39.04
C PHE G 163 -4.56 -36.53 40.21
N GLN G 164 -4.61 -37.69 40.87
CA GLN G 164 -5.33 -37.86 42.13
C GLN G 164 -4.32 -38.05 43.24
N PRO G 165 -4.66 -37.60 44.47
CA PRO G 165 -3.74 -37.77 45.61
C PRO G 165 -3.32 -39.22 45.78
N ALA G 166 -2.01 -39.43 45.95
CA ALA G 166 -1.42 -40.77 46.00
C ALA G 166 -0.23 -40.75 46.97
N GLN G 167 0.36 -41.91 47.21
CA GLN G 167 1.32 -42.05 48.33
C GLN G 167 2.42 -41.00 48.19
N LEU G 168 2.85 -40.45 49.31
CA LEU G 168 3.77 -39.32 49.31
C LEU G 168 5.09 -39.64 48.62
N THR G 169 5.62 -38.63 47.93
CA THR G 169 6.98 -38.64 47.39
C THR G 169 7.68 -37.45 48.04
N THR G 170 8.81 -37.02 47.50
CA THR G 170 9.44 -35.76 47.94
C THR G 170 9.65 -34.89 46.73
N VAL G 171 9.85 -33.60 46.96
CA VAL G 171 10.01 -32.64 45.88
C VAL G 171 11.25 -32.99 45.07
N GLY G 172 12.31 -33.39 45.76
CA GLY G 172 13.56 -33.76 45.10
C GLY G 172 13.46 -35.08 44.34
N LYS G 173 12.71 -36.04 44.88
CA LYS G 173 12.51 -37.30 44.17
C LYS G 173 11.74 -37.08 42.87
N ARG G 174 10.69 -36.26 42.92
CA ARG G 174 9.93 -35.91 41.72
C ARG G 174 10.85 -35.22 40.71
N CYS G 175 11.69 -34.32 41.20
CA CYS G 175 12.66 -33.67 40.35
C CYS G 175 13.55 -34.68 39.63
N CYS G 176 13.88 -35.79 40.30
CA CYS G 176 14.68 -36.86 39.67
C CYS G 176 14.00 -37.54 38.48
N LEU G 177 12.68 -37.63 38.48
CA LEU G 177 11.92 -38.09 37.29
C LEU G 177 12.27 -37.23 36.08
N TRP G 178 12.30 -35.91 36.27
CA TRP G 178 12.66 -34.97 35.24
C TRP G 178 14.13 -35.10 34.85
N ILE G 179 14.99 -35.17 35.86
CA ILE G 179 16.44 -35.27 35.63
C ILE G 179 16.77 -36.51 34.84
N GLN G 180 16.15 -37.64 35.19
CA GLN G 180 16.41 -38.91 34.49
C GLN G 180 16.14 -38.80 32.99
N ASP G 181 14.97 -38.31 32.62
CA ASP G 181 14.63 -38.14 31.21
C ASP G 181 15.64 -37.26 30.49
N LEU G 182 16.02 -36.15 31.11
CA LEU G 182 17.01 -35.25 30.52
C LEU G 182 18.40 -35.89 30.42
N CYS G 183 18.75 -36.74 31.37
CA CYS G 183 20.04 -37.48 31.29
C CYS G 183 20.03 -38.45 30.12
N MET G 184 18.90 -39.10 29.88
CA MET G 184 18.77 -39.97 28.71
C MET G 184 18.97 -39.18 27.42
N ASP G 185 18.48 -37.94 27.39
CA ASP G 185 18.71 -37.07 26.25
C ASP G 185 20.18 -36.70 26.08
N LEU G 186 20.86 -36.37 27.19
CA LEU G 186 22.27 -36.08 27.14
C LEU G 186 23.08 -37.27 26.60
N GLN G 187 22.75 -38.47 27.05
CA GLN G 187 23.39 -39.68 26.53
C GLN G 187 23.16 -39.82 25.03
N ASN G 188 21.94 -39.56 24.59
CA ASN G 188 21.59 -39.67 23.16
C ASN G 188 22.27 -38.62 22.30
N LEU G 189 22.27 -37.38 22.74
CA LEU G 189 22.94 -36.31 21.99
C LEU G 189 24.45 -36.55 21.89
N LYS G 190 25.08 -37.00 22.98
CA LYS G 190 26.51 -37.36 22.97
C LYS G 190 26.77 -38.46 21.95
N ARG G 191 25.97 -39.53 22.00
CA ARG G 191 26.13 -40.67 21.08
C ARG G 191 26.05 -40.26 19.61
N VAL G 192 25.03 -39.50 19.26
CA VAL G 192 24.83 -39.05 17.89
C VAL G 192 25.99 -38.13 17.45
N ARG G 193 26.40 -37.23 18.33
CA ARG G 193 27.53 -36.35 18.05
C ARG G 193 28.82 -37.14 17.76
N ASP G 194 29.10 -38.14 18.60
CA ASP G 194 30.33 -38.95 18.49
C ASP G 194 30.32 -39.91 17.29
N ASP G 195 29.15 -40.48 16.96
CA ASP G 195 29.02 -41.46 15.84
C ASP G 195 28.80 -40.81 14.48
N LEU G 196 28.65 -39.48 14.43
CA LEU G 196 28.40 -38.79 13.18
C LEU G 196 29.62 -38.89 12.24
N ARG G 197 29.38 -39.42 11.04
CA ARG G 197 30.43 -39.59 10.04
C ARG G 197 30.40 -38.54 8.96
N PHE G 198 31.56 -38.31 8.36
CA PHE G 198 31.75 -37.33 7.29
C PHE G 198 31.44 -37.96 5.93
N ARG G 199 30.89 -37.18 5.01
CA ARG G 199 30.67 -37.68 3.65
C ARG G 199 32.01 -37.82 2.96
N GLY G 200 32.83 -36.79 3.09
CA GLY G 200 34.15 -36.80 2.51
C GLY G 200 34.08 -36.55 1.03
N VAL G 201 34.97 -37.21 0.29
CA VAL G 201 35.15 -37.00 -1.14
C VAL G 201 34.68 -38.27 -1.82
N LYS G 202 33.58 -38.19 -2.55
CA LYS G 202 32.90 -39.38 -3.06
C LYS G 202 32.46 -39.34 -4.54
N GLY G 203 32.45 -38.17 -5.17
CA GLY G 203 32.05 -38.06 -6.57
C GLY G 203 30.53 -38.08 -6.79
N THR G 204 30.13 -37.88 -8.04
CA THR G 204 28.73 -37.63 -8.41
C THR G 204 27.77 -38.73 -7.95
N THR G 205 28.17 -39.99 -8.03
CA THR G 205 27.33 -41.11 -7.62
C THR G 205 27.94 -41.96 -6.52
N GLY G 206 28.96 -41.41 -5.85
CA GLY G 206 29.64 -42.11 -4.74
C GLY G 206 30.72 -43.12 -5.15
N THR G 207 31.09 -43.14 -6.43
CA THR G 207 32.09 -44.10 -6.95
C THR G 207 33.51 -43.52 -6.97
N GLN G 208 33.62 -42.22 -6.76
CA GLN G 208 34.90 -41.53 -6.83
C GLN G 208 35.56 -41.66 -8.22
N ALA G 209 34.75 -41.85 -9.25
CA ALA G 209 35.28 -42.14 -10.59
C ALA G 209 36.12 -40.99 -11.12
N SER G 210 35.66 -39.77 -10.83
CA SER G 210 36.35 -38.55 -11.23
C SER G 210 37.76 -38.47 -10.62
N PHE G 211 37.84 -38.76 -9.31
CA PHE G 211 39.09 -38.69 -8.59
C PHE G 211 40.04 -39.80 -8.98
N LEU G 212 39.48 -40.98 -9.28
CA LEU G 212 40.29 -42.08 -9.79
C LEU G 212 40.96 -41.70 -11.12
N GLN G 213 40.20 -41.06 -12.02
CA GLN G 213 40.76 -40.61 -13.29
C GLN G 213 41.81 -39.49 -13.10
N LEU G 214 41.56 -38.56 -12.19
CA LEU G 214 42.52 -37.50 -11.89
C LEU G 214 43.86 -38.02 -11.38
N PHE G 215 43.84 -39.10 -10.60
CA PHE G 215 45.06 -39.75 -10.13
C PHE G 215 45.47 -40.95 -11.02
N GLU G 216 45.07 -40.89 -12.29
CA GLU G 216 45.45 -41.90 -13.30
C GLU G 216 45.39 -43.33 -12.79
N GLY G 217 44.26 -43.70 -12.20
CA GLY G 217 44.00 -45.06 -11.76
C GLY G 217 44.54 -45.47 -10.40
N ASP G 218 45.11 -44.52 -9.65
CA ASP G 218 45.71 -44.84 -8.35
C ASP G 218 44.65 -44.84 -7.23
N ASP G 219 44.12 -46.02 -6.92
CA ASP G 219 43.11 -46.20 -5.86
C ASP G 219 43.57 -45.62 -4.54
N HIS G 220 44.82 -45.88 -4.18
CA HIS G 220 45.39 -45.46 -2.90
C HIS G 220 45.34 -43.94 -2.72
N LYS G 221 45.65 -43.21 -3.78
CA LYS G 221 45.60 -41.74 -3.73
C LYS G 221 44.17 -41.23 -3.48
N VAL G 222 43.18 -41.92 -4.04
CA VAL G 222 41.78 -41.55 -3.84
C VAL G 222 41.42 -41.74 -2.37
N GLU G 223 41.76 -42.89 -1.78
CA GLU G 223 41.48 -43.14 -0.36
C GLU G 223 42.17 -42.14 0.55
N GLN G 224 43.39 -41.75 0.18
CA GLN G 224 44.14 -40.76 0.94
C GLN G 224 43.43 -39.41 0.91
N LEU G 225 42.99 -38.99 -0.28
CA LEU G 225 42.27 -37.72 -0.43
C LEU G 225 41.07 -37.65 0.51
N ASP G 226 40.31 -38.72 0.52
CA ASP G 226 39.11 -38.85 1.34
C ASP G 226 39.49 -38.71 2.80
N LYS G 227 40.45 -39.52 3.24
CA LYS G 227 40.90 -39.50 4.62
C LYS G 227 41.51 -38.13 5.00
N MET G 228 42.21 -37.48 4.08
CA MET G 228 42.86 -36.20 4.36
C MET G 228 41.86 -35.07 4.62
N VAL G 229 40.87 -34.89 3.74
CA VAL G 229 39.88 -33.80 3.96
C VAL G 229 39.01 -34.10 5.17
N THR G 230 38.73 -35.39 5.40
CA THR G 230 38.00 -35.82 6.59
C THR G 230 38.71 -35.32 7.87
N GLU G 231 40.04 -35.50 7.94
CA GLU G 231 40.82 -35.04 9.10
C GLU G 231 40.89 -33.50 9.19
N LYS G 232 41.08 -32.83 8.05
CA LYS G 232 41.07 -31.38 8.04
C LYS G 232 39.76 -30.79 8.60
N ALA G 233 38.65 -31.49 8.35
CA ALA G 233 37.33 -31.08 8.84
C ALA G 233 37.08 -31.48 10.30
N GLY G 234 37.96 -32.33 10.84
CA GLY G 234 37.95 -32.67 12.24
C GLY G 234 37.03 -33.82 12.58
N PHE G 235 36.85 -34.75 11.64
CA PHE G 235 36.04 -35.92 11.88
C PHE G 235 36.96 -37.13 12.00
N LYS G 236 36.64 -38.01 12.94
CA LYS G 236 37.38 -39.25 13.15
C LYS G 236 37.15 -40.22 12.02
N ARG G 237 35.96 -40.17 11.41
CA ARG G 237 35.52 -41.24 10.53
C ARG G 237 34.69 -40.73 9.37
N ALA G 238 34.84 -41.38 8.22
CA ALA G 238 34.03 -41.05 7.04
C ALA G 238 33.32 -42.31 6.55
N PHE G 239 32.23 -42.13 5.84
CA PHE G 239 31.54 -43.25 5.19
C PHE G 239 32.46 -43.93 4.19
N ILE G 240 32.33 -45.23 4.07
CA ILE G 240 32.86 -45.93 2.90
C ILE G 240 31.81 -45.86 1.82
N ILE G 241 30.58 -46.18 2.19
CA ILE G 241 29.46 -46.26 1.25
C ILE G 241 28.63 -44.97 1.30
N THR G 242 28.52 -44.33 0.13
CA THR G 242 27.54 -43.28 -0.12
C THR G 242 27.01 -43.42 -1.55
N GLY G 243 25.87 -42.81 -1.78
CA GLY G 243 25.48 -42.39 -3.12
C GLY G 243 26.13 -41.04 -3.36
N GLN G 244 25.38 -40.13 -3.98
CA GLN G 244 25.80 -38.74 -4.08
C GLN G 244 25.86 -38.10 -2.69
N THR G 245 24.94 -38.49 -1.81
CA THR G 245 24.78 -37.87 -0.51
C THR G 245 25.19 -38.82 0.59
N TYR G 246 25.40 -38.30 1.78
CA TYR G 246 25.31 -39.13 2.98
C TYR G 246 23.85 -39.57 3.13
N THR G 247 23.68 -40.78 3.66
CA THR G 247 22.35 -41.35 3.82
C THR G 247 21.50 -40.46 4.71
N ARG G 248 20.29 -40.14 4.24
CA ARG G 248 19.40 -39.22 4.96
C ARG G 248 18.81 -39.85 6.21
N LYS G 249 19.05 -41.15 6.40
CA LYS G 249 18.85 -41.76 7.69
C LYS G 249 19.59 -41.03 8.82
N VAL G 250 20.74 -40.44 8.53
CA VAL G 250 21.45 -39.62 9.52
C VAL G 250 20.54 -38.51 10.07
N ASP G 251 19.83 -37.83 9.18
CA ASP G 251 18.91 -36.77 9.58
C ASP G 251 17.78 -37.31 10.49
N ILE G 252 17.32 -38.54 10.26
CA ILE G 252 16.35 -39.17 11.16
C ILE G 252 16.92 -39.34 12.57
N GLU G 253 18.14 -39.85 12.64
CA GLU G 253 18.77 -40.12 13.91
C GLU G 253 18.91 -38.81 14.73
N VAL G 254 19.32 -37.74 14.07
CA VAL G 254 19.51 -36.46 14.76
C VAL G 254 18.18 -35.86 15.23
N LEU G 255 17.19 -35.79 14.34
CA LEU G 255 15.92 -35.17 14.71
C LEU G 255 15.07 -36.06 15.64
N SER G 256 15.29 -37.37 15.62
CA SER G 256 14.60 -38.27 16.56
C SER G 256 15.01 -37.99 17.98
N VAL G 257 16.30 -37.81 18.19
CA VAL G 257 16.81 -37.52 19.53
C VAL G 257 16.31 -36.15 20.01
N LEU G 258 16.25 -35.17 19.13
CA LEU G 258 15.70 -33.87 19.50
C LEU G 258 14.21 -33.96 19.77
N ALA G 259 13.50 -34.78 19.00
CA ALA G 259 12.07 -35.01 19.24
C ALA G 259 11.83 -35.62 20.62
N SER G 260 12.67 -36.59 20.99
CA SER G 260 12.56 -37.23 22.31
C SER G 260 12.84 -36.23 23.43
N LEU G 261 13.84 -35.37 23.23
CA LEU G 261 14.10 -34.27 24.15
C LEU G 261 12.86 -33.37 24.31
N GLY G 262 12.23 -33.06 23.19
CA GLY G 262 10.98 -32.31 23.19
C GLY G 262 9.94 -32.92 24.12
N ALA G 263 9.77 -34.24 24.02
CA ALA G 263 8.79 -34.92 24.86
C ALA G 263 9.15 -34.80 26.34
N SER G 264 10.44 -34.93 26.65
CA SER G 264 10.89 -34.80 28.03
C SER G 264 10.59 -33.43 28.58
N VAL G 265 10.92 -32.40 27.79
CA VAL G 265 10.74 -31.02 28.25
C VAL G 265 9.26 -30.70 28.41
N HIS G 266 8.44 -31.22 27.50
CA HIS G 266 7.01 -30.96 27.55
C HIS G 266 6.40 -31.55 28.84
N LYS G 267 6.78 -32.79 29.17
CA LYS G 267 6.32 -33.43 30.41
C LYS G 267 6.74 -32.63 31.64
N ILE G 268 8.00 -32.20 31.67
CA ILE G 268 8.55 -31.48 32.82
C ILE G 268 7.83 -30.16 33.00
N CYS G 269 7.73 -29.39 31.93
CA CYS G 269 7.09 -28.10 32.00
C CYS G 269 5.58 -28.19 32.24
N THR G 270 4.96 -29.27 31.78
CA THR G 270 3.56 -29.55 32.15
C THR G 270 3.43 -29.79 33.67
N ASP G 271 4.33 -30.58 34.25
CA ASP G 271 4.34 -30.77 35.71
C ASP G 271 4.48 -29.44 36.45
N ILE G 272 5.39 -28.59 35.97
CA ILE G 272 5.63 -27.30 36.62
C ILE G 272 4.37 -26.41 36.56
N ARG G 273 3.69 -26.44 35.42
CA ARG G 273 2.46 -25.66 35.27
C ARG G 273 1.36 -26.14 36.22
N LEU G 274 1.28 -27.45 36.41
CA LEU G 274 0.33 -28.02 37.38
C LEU G 274 0.72 -27.65 38.82
N LEU G 275 2.02 -27.68 39.11
CA LEU G 275 2.48 -27.30 40.43
C LEU G 275 2.17 -25.82 40.74
N ALA G 276 2.17 -24.99 39.69
CA ALA G 276 1.80 -23.59 39.83
C ALA G 276 0.32 -23.43 40.20
N ASN G 277 -0.55 -24.24 39.58
CA ASN G 277 -1.97 -24.22 39.94
C ASN G 277 -2.16 -24.61 41.39
N LEU G 278 -1.42 -25.63 41.81
CA LEU G 278 -1.49 -26.10 43.21
C LEU G 278 -0.85 -25.16 44.21
N LYS G 279 -0.13 -24.15 43.72
CA LYS G 279 0.59 -23.17 44.55
C LYS G 279 1.71 -23.78 45.38
N GLU G 280 2.23 -24.94 44.95
CA GLU G 280 3.34 -25.61 45.63
C GLU G 280 4.70 -25.11 45.11
N MET G 281 4.73 -24.60 43.88
CA MET G 281 5.95 -24.19 43.22
C MET G 281 5.67 -23.19 42.11
N GLU G 282 6.57 -22.21 41.91
CA GLU G 282 6.44 -21.24 40.86
C GLU G 282 7.77 -21.01 40.16
N GLU G 283 7.68 -20.77 38.86
CA GLU G 283 8.85 -20.35 38.08
C GLU G 283 9.26 -18.94 38.46
N PRO G 284 10.50 -18.52 38.13
CA PRO G 284 10.92 -17.13 38.44
C PRO G 284 10.09 -16.05 37.73
N LYS G 298 -2.23 -12.35 40.04
CA LYS G 298 -2.17 -13.51 39.14
C LYS G 298 -0.72 -13.68 38.67
N ARG G 299 -0.22 -14.91 38.77
CA ARG G 299 1.13 -15.25 38.38
C ARG G 299 1.11 -16.49 37.51
N ASN G 300 1.47 -16.32 36.24
CA ASN G 300 1.29 -17.40 35.24
C ASN G 300 2.65 -18.02 34.91
N PRO G 301 2.67 -19.36 34.69
CA PRO G 301 3.88 -20.04 34.32
C PRO G 301 4.19 -19.94 32.79
N MET G 302 4.41 -18.72 32.33
CA MET G 302 4.53 -18.43 30.89
C MET G 302 5.80 -18.96 30.24
N ARG G 303 6.89 -19.04 31.01
CA ARG G 303 8.13 -19.61 30.52
C ARG G 303 7.98 -21.11 30.27
N SER G 304 7.37 -21.81 31.23
CA SER G 304 7.10 -23.24 31.08
C SER G 304 6.12 -23.51 29.94
N GLU G 305 5.13 -22.64 29.80
CA GLU G 305 4.15 -22.76 28.72
C GLU G 305 4.81 -22.58 27.35
N ARG G 306 5.73 -21.63 27.23
CA ARG G 306 6.49 -21.46 26.00
C ARG G 306 7.37 -22.68 25.70
N CYS G 307 7.97 -23.26 26.73
CA CYS G 307 8.78 -24.48 26.57
C CYS G 307 7.94 -25.60 25.98
N CYS G 308 6.75 -25.82 26.56
CA CYS G 308 5.83 -26.82 26.05
C CYS G 308 5.49 -26.56 24.60
N SER G 309 5.14 -25.31 24.30
CA SER G 309 4.76 -24.89 22.96
C SER G 309 5.83 -25.21 21.93
N LEU G 310 7.07 -24.86 22.25
CA LEU G 310 8.17 -25.08 21.32
C LEU G 310 8.57 -26.55 21.27
N ALA G 311 8.59 -27.21 22.43
CA ALA G 311 8.89 -28.63 22.47
C ALA G 311 7.99 -29.45 21.56
N ARG G 312 6.72 -29.03 21.45
CA ARG G 312 5.74 -29.67 20.59
C ARG G 312 6.15 -29.62 19.13
N HIS G 313 6.65 -28.46 18.70
CA HIS G 313 7.13 -28.29 17.32
C HIS G 313 8.30 -29.22 17.04
N LEU G 314 9.14 -29.40 18.05
CA LEU G 314 10.29 -30.27 17.97
C LEU G 314 9.87 -31.72 17.72
N MET G 315 8.78 -32.14 18.37
CA MET G 315 8.25 -33.49 18.18
C MET G 315 7.63 -33.63 16.81
N THR G 316 6.83 -32.64 16.42
CA THR G 316 6.23 -32.60 15.09
C THR G 316 7.28 -32.77 13.98
N LEU G 317 8.41 -32.10 14.10
CA LEU G 317 9.40 -32.08 13.03
C LEU G 317 10.01 -33.42 12.64
N VAL G 318 9.91 -34.43 13.52
CA VAL G 318 10.52 -35.73 13.22
C VAL G 318 9.96 -36.39 11.98
N MET G 319 8.71 -36.08 11.62
CA MET G 319 8.10 -36.67 10.42
C MET G 319 8.71 -36.16 9.11
N ASP G 320 9.37 -35.00 9.12
CA ASP G 320 10.07 -34.51 7.91
C ASP G 320 11.17 -35.49 7.45
N PRO G 321 12.21 -35.72 8.28
CA PRO G 321 13.27 -36.62 7.82
C PRO G 321 12.84 -38.08 7.65
N LEU G 322 11.87 -38.54 8.42
CA LEU G 322 11.35 -39.88 8.22
C LEU G 322 10.79 -40.01 6.81
N GLN G 323 9.96 -39.06 6.43
CA GLN G 323 9.39 -39.07 5.09
C GLN G 323 10.47 -38.88 4.01
N THR G 324 11.35 -37.89 4.21
CA THR G 324 12.40 -37.60 3.24
C THR G 324 13.23 -38.83 2.88
N ALA G 325 13.70 -39.54 3.90
CA ALA G 325 14.61 -40.67 3.68
C ALA G 325 13.92 -41.81 2.97
N SER G 326 12.65 -41.99 3.29
CA SER G 326 11.88 -43.09 2.77
C SER G 326 11.64 -43.04 1.27
N VAL G 327 11.73 -41.85 0.66
CA VAL G 327 11.47 -41.68 -0.79
C VAL G 327 12.64 -41.12 -1.60
N GLN G 328 13.85 -41.23 -1.04
CA GLN G 328 15.07 -40.98 -1.77
C GLN G 328 15.32 -42.11 -2.77
N TRP G 329 15.27 -41.79 -4.05
CA TRP G 329 15.46 -42.80 -5.09
C TRP G 329 16.93 -42.94 -5.46
N PHE G 330 17.41 -44.19 -5.42
CA PHE G 330 18.70 -44.56 -5.95
C PHE G 330 19.82 -43.75 -5.29
N GLU G 331 20.66 -43.09 -6.07
CA GLU G 331 21.87 -42.50 -5.54
C GLU G 331 21.59 -41.10 -5.03
N ARG G 332 20.36 -40.60 -5.22
CA ARG G 332 19.88 -39.33 -4.65
C ARG G 332 18.74 -38.75 -5.47
N THR G 333 17.74 -38.16 -4.80
CA THR G 333 16.81 -37.24 -5.44
C THR G 333 16.81 -35.95 -4.66
N LEU G 334 16.54 -34.85 -5.36
CA LEU G 334 16.69 -33.51 -4.81
C LEU G 334 15.49 -33.03 -4.00
N ASP G 335 14.46 -33.87 -3.87
CA ASP G 335 13.33 -33.56 -2.98
C ASP G 335 13.68 -33.54 -1.50
N ASP G 336 14.93 -33.84 -1.16
CA ASP G 336 15.41 -33.63 0.21
C ASP G 336 15.79 -32.17 0.52
N SER G 337 16.18 -31.43 -0.51
CA SER G 337 16.99 -30.22 -0.29
C SER G 337 16.23 -29.09 0.43
N ALA G 338 15.09 -28.68 -0.11
CA ALA G 338 14.33 -27.56 0.48
C ALA G 338 13.83 -27.89 1.88
N ASN G 339 13.34 -29.12 2.04
CA ASN G 339 12.86 -29.61 3.33
C ASN G 339 13.95 -29.51 4.39
N ARG G 340 15.16 -29.92 4.04
CA ARG G 340 16.29 -29.89 4.97
C ARG G 340 16.74 -28.47 5.32
N ARG G 341 16.61 -27.52 4.38
CA ARG G 341 16.91 -26.11 4.70
C ARG G 341 16.02 -25.60 5.83
N ILE G 342 14.79 -26.11 5.90
CA ILE G 342 13.83 -25.71 6.93
C ILE G 342 13.99 -26.52 8.23
N CYS G 343 13.86 -27.84 8.16
CA CYS G 343 13.68 -28.64 9.38
C CYS G 343 14.95 -28.83 10.23
N LEU G 344 16.13 -28.94 9.61
CA LEU G 344 17.34 -29.13 10.40
C LEU G 344 17.61 -27.92 11.29
N ALA G 345 17.72 -26.75 10.67
CA ALA G 345 17.93 -25.49 11.40
C ALA G 345 16.86 -25.27 12.46
N GLU G 346 15.60 -25.48 12.11
CA GLU G 346 14.51 -25.17 13.03
C GLU G 346 14.45 -26.10 14.21
N ALA G 347 14.81 -27.35 14.00
CA ALA G 347 14.87 -28.29 15.10
C ALA G 347 15.93 -27.83 16.12
N PHE G 348 17.12 -27.51 15.61
CA PHE G 348 18.21 -27.05 16.49
C PHE G 348 17.94 -25.70 17.17
N LEU G 349 17.38 -24.76 16.42
CA LEU G 349 17.00 -23.45 16.99
C LEU G 349 15.90 -23.57 18.02
N THR G 350 14.95 -24.48 17.78
CA THR G 350 13.89 -24.76 18.73
C THR G 350 14.47 -25.43 19.99
N ALA G 351 15.31 -26.44 19.81
CA ALA G 351 15.98 -27.10 20.95
C ALA G 351 16.81 -26.13 21.76
N ASP G 352 17.56 -25.27 21.07
CA ASP G 352 18.39 -24.25 21.73
C ASP G 352 17.57 -23.35 22.65
N THR G 353 16.43 -22.88 22.15
CA THR G 353 15.54 -22.00 22.92
C THR G 353 14.95 -22.71 24.14
N ILE G 354 14.51 -23.94 23.96
CA ILE G 354 13.90 -24.70 25.07
C ILE G 354 14.90 -24.97 26.20
N LEU G 355 16.15 -25.29 25.85
CA LEU G 355 17.14 -25.59 26.86
C LEU G 355 17.53 -24.34 27.62
N ASN G 356 17.78 -23.25 26.92
CA ASN G 356 18.06 -21.98 27.56
C ASN G 356 16.92 -21.56 28.48
N THR G 357 15.68 -21.66 27.98
CA THR G 357 14.54 -21.24 28.76
C THR G 357 14.34 -22.15 29.99
N LEU G 358 14.50 -23.46 29.81
CA LEU G 358 14.37 -24.40 30.93
C LEU G 358 15.49 -24.22 31.97
N GLN G 359 16.69 -23.86 31.52
CA GLN G 359 17.76 -23.53 32.46
C GLN G 359 17.37 -22.34 33.33
N ASN G 360 16.88 -21.29 32.69
CA ASN G 360 16.43 -20.09 33.39
C ASN G 360 15.37 -20.46 34.44
N ILE G 361 14.42 -21.32 34.06
CA ILE G 361 13.37 -21.76 34.97
C ILE G 361 13.95 -22.50 36.18
N SER G 362 14.81 -23.46 35.92
CA SER G 362 15.40 -24.29 36.97
C SER G 362 16.30 -23.50 37.95
N GLU G 363 16.95 -22.45 37.47
CA GLU G 363 17.74 -21.54 38.33
C GLU G 363 16.90 -20.72 39.32
N GLY G 364 15.62 -20.55 39.05
CA GLY G 364 14.79 -19.66 39.86
C GLY G 364 13.56 -20.26 40.49
N LEU G 365 13.50 -21.59 40.57
CA LEU G 365 12.31 -22.26 41.11
C LEU G 365 12.10 -21.84 42.57
N VAL G 366 10.87 -21.47 42.90
CA VAL G 366 10.49 -21.08 44.24
C VAL G 366 9.51 -22.11 44.76
N VAL G 367 9.74 -22.60 45.98
CA VAL G 367 8.89 -23.62 46.60
C VAL G 367 8.12 -23.03 47.77
N TYR G 368 6.89 -23.51 48.00
CA TYR G 368 6.04 -23.02 49.09
C TYR G 368 5.66 -24.17 50.02
N PRO G 369 6.55 -24.48 50.98
CA PRO G 369 6.36 -25.67 51.81
C PRO G 369 5.09 -25.66 52.65
N LYS G 370 4.62 -24.48 53.08
CA LYS G 370 3.42 -24.44 53.92
C LYS G 370 2.16 -24.84 53.15
N VAL G 371 2.16 -24.54 51.87
CA VAL G 371 1.07 -25.01 51.01
C VAL G 371 1.20 -26.51 50.80
N ILE G 372 2.43 -26.96 50.56
CA ILE G 372 2.67 -28.39 50.38
C ILE G 372 2.18 -29.17 51.62
N GLU G 373 2.55 -28.68 52.82
CA GLU G 373 2.20 -29.33 54.09
C GLU G 373 0.70 -29.34 54.35
N ARG G 374 0.02 -28.24 54.02
CA ARG G 374 -1.42 -28.16 54.17
C ARG G 374 -2.15 -29.20 53.32
N ARG G 375 -1.73 -29.34 52.07
CA ARG G 375 -2.35 -30.30 51.18
C ARG G 375 -2.16 -31.75 51.70
N ILE G 376 -0.96 -32.05 52.19
CA ILE G 376 -0.71 -33.36 52.79
C ILE G 376 -1.63 -33.60 53.98
N ARG G 377 -1.74 -32.62 54.87
CA ARG G 377 -2.63 -32.74 56.04
C ARG G 377 -4.06 -33.09 55.62
N GLN G 378 -4.53 -32.50 54.52
CA GLN G 378 -5.89 -32.75 54.04
C GLN G 378 -6.13 -34.17 53.53
N GLU G 379 -5.09 -34.84 53.07
CA GLU G 379 -5.24 -36.21 52.56
C GLU G 379 -4.55 -37.29 53.37
N LEU G 380 -4.02 -36.91 54.51
CA LEU G 380 -3.28 -37.82 55.37
C LEU G 380 -3.97 -39.12 55.72
N PRO G 381 -5.26 -39.11 55.95
CA PRO G 381 -5.96 -40.35 56.28
C PRO G 381 -5.81 -41.40 55.18
N PHE G 382 -5.85 -40.99 53.92
CA PHE G 382 -5.66 -41.90 52.81
C PHE G 382 -4.22 -42.40 52.69
N MET G 383 -3.26 -41.55 53.01
CA MET G 383 -1.84 -41.88 52.92
C MET G 383 -1.41 -42.86 53.99
N ALA G 384 -2.19 -42.96 55.10
CA ALA G 384 -1.96 -44.07 56.03
C ALA G 384 -2.51 -45.48 55.62
N THR G 385 -3.32 -45.55 54.58
CA THR G 385 -4.02 -46.81 54.30
C THR G 385 -3.08 -47.96 53.88
N GLU G 386 -2.00 -47.63 53.21
CA GLU G 386 -1.02 -48.63 52.75
C GLU G 386 -0.28 -49.24 53.95
N ASN G 387 0.10 -48.39 54.92
CA ASN G 387 0.68 -48.88 56.18
C ASN G 387 -0.26 -49.84 56.92
N ILE G 388 -1.54 -49.51 56.94
CA ILE G 388 -2.54 -50.28 57.68
C ILE G 388 -2.77 -51.64 57.03
N ILE G 389 -2.73 -51.71 55.70
CA ILE G 389 -2.81 -52.98 55.00
C ILE G 389 -1.59 -53.87 55.31
N MET G 390 -0.39 -53.30 55.20
CA MET G 390 0.84 -54.05 55.45
C MET G 390 0.85 -54.64 56.89
N ALA G 391 0.38 -53.85 57.86
CA ALA G 391 0.23 -54.30 59.23
C ALA G 391 -0.80 -55.41 59.37
N MET G 392 -1.94 -55.26 58.70
CA MET G 392 -3.01 -56.28 58.72
C MET G 392 -2.49 -57.61 58.15
N VAL G 393 -1.80 -57.55 57.01
CA VAL G 393 -1.21 -58.75 56.41
C VAL G 393 -0.19 -59.41 57.35
N LYS G 394 0.65 -58.60 57.98
CA LYS G 394 1.61 -59.10 58.96
C LYS G 394 0.95 -59.76 60.17
N ALA G 395 -0.22 -59.26 60.57
CA ALA G 395 -1.03 -59.92 61.62
C ALA G 395 -1.82 -61.13 61.10
N GLY G 396 -1.59 -61.54 59.85
CA GLY G 396 -2.23 -62.75 59.29
C GLY G 396 -3.55 -62.52 58.57
N GLY G 397 -3.88 -61.27 58.27
CA GLY G 397 -5.02 -60.96 57.44
C GLY G 397 -4.67 -61.05 55.97
N SER G 398 -5.69 -60.94 55.15
CA SER G 398 -5.59 -61.00 53.73
C SER G 398 -5.50 -59.61 53.17
N ARG G 399 -4.65 -59.41 52.19
CA ARG G 399 -4.51 -58.09 51.63
C ARG G 399 -5.62 -57.76 50.66
N GLN G 400 -6.31 -58.75 50.16
CA GLN G 400 -7.43 -58.52 49.31
C GLN G 400 -8.62 -58.08 50.18
N ASP G 401 -8.92 -58.78 51.25
CA ASP G 401 -10.03 -58.40 52.16
C ASP G 401 -9.78 -57.02 52.75
N CYS G 402 -8.54 -56.76 53.14
CA CYS G 402 -8.18 -55.48 53.75
C CYS G 402 -8.40 -54.31 52.81
N HIS G 403 -7.91 -54.48 51.60
CA HIS G 403 -8.09 -53.51 50.50
C HIS G 403 -9.57 -53.23 50.27
N GLU G 404 -10.38 -54.26 50.15
CA GLU G 404 -11.83 -54.11 49.88
C GLU G 404 -12.57 -53.40 51.04
N LYS G 405 -12.18 -53.67 52.28
CA LYS G 405 -12.79 -53.05 53.44
C LYS G 405 -12.41 -51.58 53.56
N ILE G 406 -11.17 -51.24 53.33
CA ILE G 406 -10.70 -49.85 53.31
C ILE G 406 -11.35 -49.08 52.16
N ARG G 407 -11.49 -49.72 51.01
CA ARG G 407 -12.11 -49.09 49.82
C ARG G 407 -13.49 -48.57 50.12
N VAL G 408 -14.33 -49.37 50.77
CA VAL G 408 -15.73 -48.96 51.08
C VAL G 408 -15.73 -47.80 52.08
N LEU G 409 -14.91 -47.93 53.13
CA LEU G 409 -14.79 -46.88 54.14
C LEU G 409 -14.21 -45.55 53.54
N SER G 410 -13.31 -45.69 52.57
CA SER G 410 -12.73 -44.55 51.86
C SER G 410 -13.72 -43.78 50.98
N GLN G 411 -14.60 -44.49 50.29
CA GLN G 411 -15.66 -43.84 49.48
C GLN G 411 -16.64 -43.11 50.39
N GLN G 412 -16.92 -43.69 51.56
CA GLN G 412 -17.74 -43.02 52.57
C GLN G 412 -17.08 -41.72 53.06
N ALA G 413 -15.80 -41.79 53.37
CA ALA G 413 -15.04 -40.59 53.77
C ALA G 413 -14.92 -39.55 52.62
N ALA G 414 -14.72 -40.05 51.42
CA ALA G 414 -14.62 -39.19 50.22
C ALA G 414 -15.91 -38.42 49.98
N SER G 415 -17.07 -39.08 50.11
CA SER G 415 -18.35 -38.40 49.97
C SER G 415 -18.55 -37.34 51.07
N VAL G 416 -18.08 -37.60 52.29
CA VAL G 416 -18.12 -36.55 53.32
C VAL G 416 -17.33 -35.32 52.87
N VAL G 417 -16.14 -35.53 52.29
CA VAL G 417 -15.29 -34.42 51.84
C VAL G 417 -15.95 -33.62 50.71
N LYS G 418 -16.43 -34.33 49.68
CA LYS G 418 -16.94 -33.70 48.45
C LYS G 418 -18.41 -33.30 48.53
N GLN G 419 -19.26 -34.16 49.10
CA GLN G 419 -20.71 -33.96 49.09
C GLN G 419 -21.20 -33.19 50.32
N GLU G 420 -20.52 -33.33 51.45
CA GLU G 420 -20.87 -32.59 52.68
C GLU G 420 -19.89 -31.45 53.00
N GLY G 421 -18.76 -31.41 52.29
CA GLY G 421 -17.71 -30.40 52.57
C GLY G 421 -17.00 -30.59 53.90
N GLY G 422 -17.00 -31.81 54.44
CA GLY G 422 -16.41 -32.09 55.76
C GLY G 422 -14.94 -32.48 55.72
N ASP G 423 -14.35 -32.71 56.88
CA ASP G 423 -13.01 -33.30 56.97
C ASP G 423 -13.06 -34.79 56.64
N ASN G 424 -11.91 -35.31 56.24
CA ASN G 424 -11.75 -36.74 55.99
C ASN G 424 -11.81 -37.47 57.32
N ASP G 425 -12.77 -38.37 57.45
CA ASP G 425 -12.97 -39.10 58.73
C ASP G 425 -12.65 -40.62 58.62
N LEU G 426 -11.80 -40.97 57.65
CA LEU G 426 -11.52 -42.37 57.42
C LEU G 426 -10.89 -43.09 58.62
N ILE G 427 -10.14 -42.36 59.42
CA ILE G 427 -9.46 -42.93 60.57
C ILE G 427 -10.52 -43.28 61.65
N GLU G 428 -11.46 -42.35 61.87
CA GLU G 428 -12.59 -42.60 62.77
C GLU G 428 -13.34 -43.90 62.38
N ARG G 429 -13.55 -44.10 61.07
CA ARG G 429 -14.27 -45.23 60.56
C ARG G 429 -13.50 -46.55 60.73
N ILE G 430 -12.18 -46.50 60.57
CA ILE G 430 -11.33 -47.66 60.71
C ILE G 430 -11.25 -48.11 62.18
N GLN G 431 -11.17 -47.14 63.10
CA GLN G 431 -11.21 -47.46 64.53
C GLN G 431 -12.54 -48.12 64.92
N ALA G 432 -13.65 -47.65 64.31
CA ALA G 432 -14.96 -48.16 64.64
C ALA G 432 -15.27 -49.54 64.03
N ASP G 433 -14.57 -49.92 62.97
CA ASP G 433 -14.82 -51.18 62.26
C ASP G 433 -13.99 -52.30 62.88
N ALA G 434 -14.68 -53.37 63.28
CA ALA G 434 -14.07 -54.47 64.03
C ALA G 434 -13.23 -55.40 63.14
N TYR G 435 -13.30 -55.26 61.82
CA TYR G 435 -12.38 -55.99 60.94
C TYR G 435 -10.89 -55.68 61.25
N PHE G 436 -10.63 -54.44 61.67
CA PHE G 436 -9.28 -53.96 61.96
C PHE G 436 -8.84 -54.09 63.44
N SER G 437 -9.57 -54.90 64.22
CA SER G 437 -9.17 -55.24 65.61
C SER G 437 -7.70 -55.66 65.75
N PRO G 438 -7.16 -56.48 64.82
CA PRO G 438 -5.71 -56.84 64.95
C PRO G 438 -4.74 -55.67 65.01
N ILE G 439 -5.10 -54.52 64.44
CA ILE G 439 -4.18 -53.37 64.37
C ILE G 439 -4.66 -52.13 65.14
N HIS G 440 -5.81 -52.18 65.81
CA HIS G 440 -6.33 -51.02 66.59
C HIS G 440 -5.30 -50.44 67.56
N SER G 441 -4.58 -51.30 68.27
CA SER G 441 -3.56 -50.85 69.24
C SER G 441 -2.33 -50.19 68.57
N GLN G 442 -2.06 -50.56 67.32
CA GLN G 442 -0.95 -50.01 66.55
C GLN G 442 -1.22 -48.62 65.93
N LEU G 443 -2.48 -48.16 65.93
CA LEU G 443 -2.89 -47.04 65.06
C LEU G 443 -2.15 -45.71 65.22
N ASP G 444 -1.79 -45.33 66.41
CA ASP G 444 -0.96 -44.11 66.62
C ASP G 444 0.37 -44.22 65.85
N HIS G 445 1.00 -45.40 65.94
CA HIS G 445 2.27 -45.63 65.26
C HIS G 445 2.11 -45.76 63.72
N LEU G 446 1.04 -46.40 63.27
CA LEU G 446 0.76 -46.57 61.82
C LEU G 446 0.39 -45.26 61.09
N LEU G 447 -0.08 -44.27 61.82
CA LEU G 447 -0.43 -42.97 61.24
C LEU G 447 0.66 -41.91 61.52
N ASP G 448 1.86 -42.35 61.92
CA ASP G 448 3.01 -41.47 61.98
C ASP G 448 3.48 -41.12 60.56
N PRO G 449 3.38 -39.82 60.18
CA PRO G 449 3.79 -39.37 58.86
C PRO G 449 5.19 -39.79 58.40
N SER G 450 6.15 -39.85 59.30
CA SER G 450 7.58 -40.05 58.96
C SER G 450 7.93 -41.20 58.04
N SER G 451 7.19 -42.30 58.09
CA SER G 451 7.48 -43.44 57.21
C SER G 451 6.88 -43.32 55.78
N PHE G 452 6.07 -42.30 55.51
CA PHE G 452 5.21 -42.27 54.29
C PHE G 452 5.85 -41.92 52.95
N THR G 453 7.06 -41.33 52.99
CA THR G 453 7.82 -41.11 51.76
C THR G 453 8.72 -42.28 51.34
N GLY G 454 8.60 -43.43 52.01
CA GLY G 454 9.45 -44.58 51.71
C GLY G 454 10.92 -44.23 51.62
N ARG G 455 11.57 -44.68 50.55
CA ARG G 455 12.99 -44.49 50.34
C ARG G 455 13.33 -43.28 49.46
N ALA G 456 12.41 -42.32 49.36
CA ALA G 456 12.55 -41.21 48.41
C ALA G 456 13.87 -40.48 48.51
N SER G 457 14.24 -40.02 49.71
CA SER G 457 15.49 -39.26 49.85
C SER G 457 16.73 -40.11 49.59
N GLN G 458 16.67 -41.41 49.94
CA GLN G 458 17.77 -42.34 49.66
C GLN G 458 17.92 -42.59 48.16
N GLN G 459 16.80 -42.71 47.47
CA GLN G 459 16.79 -42.84 46.02
C GLN G 459 17.46 -41.64 45.34
N VAL G 460 17.18 -40.43 45.82
CA VAL G 460 17.75 -39.22 45.23
C VAL G 460 19.27 -39.27 45.30
N GLN G 461 19.81 -39.49 46.49
CA GLN G 461 21.26 -39.49 46.68
C GLN G 461 21.93 -40.58 45.83
N ARG G 462 21.37 -41.79 45.83
CA ARG G 462 21.98 -42.88 45.05
C ARG G 462 21.97 -42.56 43.55
N PHE G 463 20.85 -42.03 43.06
CA PHE G 463 20.70 -41.65 41.64
C PHE G 463 21.66 -40.56 41.22
N LEU G 464 21.71 -39.48 41.99
CA LEU G 464 22.59 -38.36 41.67
C LEU G 464 24.07 -38.79 41.60
N GLU G 465 24.47 -39.64 42.55
CA GLU G 465 25.87 -40.07 42.64
C GLU G 465 26.22 -41.08 41.56
N GLU G 466 25.41 -42.12 41.42
CA GLU G 466 25.73 -43.19 40.48
C GLU G 466 25.50 -42.81 39.02
N GLU G 467 24.45 -42.05 38.74
CA GLU G 467 23.95 -41.87 37.34
C GLU G 467 24.08 -40.47 36.78
N VAL G 468 23.98 -39.43 37.62
CA VAL G 468 23.91 -38.05 37.15
C VAL G 468 25.27 -37.35 37.16
N TYR G 469 25.89 -37.25 38.34
CA TYR G 469 27.17 -36.54 38.46
C TYR G 469 28.25 -36.98 37.44
N PRO G 470 28.37 -38.30 37.15
CA PRO G 470 29.36 -38.73 36.14
C PRO G 470 29.13 -38.15 34.74
N LEU G 471 27.87 -38.00 34.34
CA LEU G 471 27.52 -37.40 33.05
C LEU G 471 27.81 -35.89 33.00
N LEU G 472 27.75 -35.23 34.16
CA LEU G 472 28.03 -33.80 34.25
C LEU G 472 29.51 -33.46 34.30
N LYS G 473 30.34 -34.42 34.69
CA LYS G 473 31.78 -34.18 34.95
C LYS G 473 32.50 -33.42 33.80
N PRO G 474 32.34 -33.87 32.54
CA PRO G 474 33.03 -33.19 31.41
C PRO G 474 32.63 -31.74 31.17
N TYR G 475 31.48 -31.31 31.70
CA TYR G 475 30.99 -29.94 31.51
C TYR G 475 31.21 -29.05 32.74
N GLU G 476 32.06 -29.50 33.67
CA GLU G 476 32.32 -28.77 34.92
C GLU G 476 32.78 -27.33 34.69
N SER G 477 33.66 -27.13 33.70
CA SER G 477 34.20 -25.79 33.41
C SER G 477 33.16 -24.78 32.90
N VAL G 478 32.07 -25.24 32.29
CA VAL G 478 31.06 -24.32 31.70
C VAL G 478 29.74 -24.22 32.51
N MET G 479 29.74 -24.73 33.75
CA MET G 479 28.53 -24.78 34.59
C MET G 479 28.03 -23.43 35.11
N LYS G 480 28.91 -22.43 35.16
CA LYS G 480 28.61 -21.19 35.89
C LYS G 480 27.71 -20.22 35.11
N VAL G 481 27.61 -20.42 33.80
CA VAL G 481 26.86 -19.50 32.93
C VAL G 481 25.37 -19.45 33.32
N LYS G 482 24.84 -18.25 33.52
CA LYS G 482 23.42 -18.05 33.83
C LYS G 482 22.64 -17.88 32.53
N ALA G 483 21.39 -18.37 32.52
CA ALA G 483 20.56 -18.34 31.31
C ALA G 483 19.63 -17.12 31.35
N GLU G 484 19.82 -16.20 30.40
CA GLU G 484 19.05 -14.96 30.35
C GLU G 484 17.84 -15.06 29.39
N LEU G 485 16.76 -14.38 29.75
CA LEU G 485 15.61 -14.20 28.85
C LEU G 485 15.27 -12.73 28.70
N CYS G 486 14.90 -12.33 27.50
CA CYS G 486 14.53 -10.95 27.23
C CYS G 486 13.05 -10.75 27.03
N LEU G 487 12.29 -11.81 27.08
CA LEU G 487 10.87 -11.72 26.90
C LEU G 487 10.14 -12.86 27.55
N GLY H 11 -8.68 -66.18 14.73
CA GLY H 11 -10.10 -66.01 15.21
C GLY H 11 -11.18 -66.23 14.14
N SER H 12 -12.41 -65.81 14.46
CA SER H 12 -13.58 -65.93 13.56
C SER H 12 -13.67 -64.77 12.55
N PRO H 13 -14.03 -65.08 11.29
CA PRO H 13 -14.18 -64.00 10.29
C PRO H 13 -15.45 -63.12 10.43
N ASP H 14 -16.33 -63.40 11.39
CA ASP H 14 -17.56 -62.63 11.56
C ASP H 14 -17.34 -61.30 12.31
N SER H 15 -16.17 -61.11 12.92
CA SER H 15 -15.79 -59.84 13.56
C SER H 15 -14.40 -59.37 13.08
N TYR H 16 -14.10 -58.08 13.28
CA TYR H 16 -12.82 -57.49 12.90
C TYR H 16 -11.67 -58.22 13.56
N ARG H 17 -10.67 -58.57 12.76
CA ARG H 17 -9.39 -59.08 13.24
C ARG H 17 -8.28 -58.22 12.68
N SER H 18 -7.22 -58.01 13.46
CA SER H 18 -6.05 -57.27 12.95
C SER H 18 -5.47 -58.06 11.79
N PRO H 19 -5.23 -57.40 10.66
CA PRO H 19 -4.48 -58.08 9.61
C PRO H 19 -3.07 -58.47 10.04
N LEU H 20 -2.51 -57.80 11.04
CA LEU H 20 -1.21 -58.20 11.59
C LEU H 20 -1.24 -59.61 12.22
N ALA H 21 -2.39 -59.99 12.77
CA ALA H 21 -2.61 -61.36 13.30
C ALA H 21 -3.04 -62.33 12.21
N SER H 22 -4.02 -61.90 11.41
CA SER H 22 -4.73 -62.81 10.53
C SER H 22 -4.04 -63.02 9.19
N ARG H 23 -3.00 -62.25 8.90
CA ARG H 23 -2.47 -62.14 7.54
C ARG H 23 -0.94 -62.02 7.47
N TYR H 24 -0.34 -61.23 8.34
CA TYR H 24 1.03 -60.76 8.15
C TYR H 24 2.09 -61.39 9.06
N ALA H 25 1.95 -61.22 10.36
CA ALA H 25 3.06 -61.48 11.28
C ALA H 25 3.28 -62.96 11.57
N SER H 26 4.49 -63.28 12.00
CA SER H 26 4.85 -64.67 12.34
C SER H 26 4.13 -65.17 13.59
N PRO H 27 3.87 -66.47 13.68
CA PRO H 27 3.33 -67.09 14.91
C PRO H 27 4.10 -66.71 16.19
N GLU H 28 5.42 -66.61 16.10
CA GLU H 28 6.28 -66.39 17.28
C GLU H 28 6.07 -64.99 17.83
N MET H 29 6.01 -64.00 16.94
CA MET H 29 5.77 -62.61 17.38
C MET H 29 4.34 -62.45 17.90
N CYS H 30 3.39 -63.07 17.21
CA CYS H 30 2.02 -63.08 17.66
C CYS H 30 1.89 -63.68 19.05
N PHE H 31 2.65 -64.74 19.35
CA PHE H 31 2.58 -65.36 20.69
C PHE H 31 3.13 -64.43 21.78
N VAL H 32 4.22 -63.73 21.47
CA VAL H 32 4.82 -62.77 22.41
C VAL H 32 3.84 -61.67 22.85
N PHE H 33 2.99 -61.20 21.93
CA PHE H 33 1.99 -60.17 22.27
C PHE H 33 0.59 -60.75 22.56
N SER H 34 0.52 -62.04 22.88
CA SER H 34 -0.75 -62.69 23.17
C SER H 34 -1.16 -62.47 24.60
N ASP H 35 -2.44 -62.66 24.88
CA ASP H 35 -2.95 -62.52 26.24
C ASP H 35 -2.55 -63.71 27.12
N ARG H 36 -2.37 -64.89 26.52
CA ARG H 36 -1.87 -66.02 27.29
C ARG H 36 -0.49 -65.68 27.83
N TYR H 37 0.41 -65.24 26.97
CA TYR H 37 1.74 -64.90 27.42
C TYR H 37 1.74 -63.75 28.45
N LYS H 38 0.85 -62.77 28.25
CA LYS H 38 0.76 -61.63 29.12
C LYS H 38 0.37 -62.03 30.54
N PHE H 39 -0.76 -62.72 30.65
CA PHE H 39 -1.34 -63.04 31.97
C PHE H 39 -0.62 -64.19 32.69
N ARG H 40 0.11 -65.00 31.93
CA ARG H 40 0.92 -66.02 32.55
C ARG H 40 2.18 -65.36 33.06
N THR H 41 2.62 -64.31 32.42
CA THR H 41 3.78 -63.57 32.93
C THR H 41 3.42 -62.72 34.16
N TRP H 42 2.20 -62.20 34.21
CA TRP H 42 1.69 -61.57 35.44
C TRP H 42 1.83 -62.53 36.61
N ARG H 43 1.31 -63.74 36.42
CA ARG H 43 1.38 -64.76 37.47
C ARG H 43 2.81 -65.16 37.80
N GLN H 44 3.66 -65.27 36.78
CA GLN H 44 5.09 -65.51 36.99
C GLN H 44 5.70 -64.43 37.89
N LEU H 45 5.37 -63.17 37.64
CA LEU H 45 5.89 -62.06 38.43
C LEU H 45 5.38 -62.06 39.86
N TRP H 46 4.10 -62.41 40.04
CA TRP H 46 3.54 -62.54 41.39
C TRP H 46 4.23 -63.66 42.19
N LEU H 47 4.57 -64.75 41.51
CA LEU H 47 5.32 -65.86 42.11
C LEU H 47 6.71 -65.42 42.53
N TRP H 48 7.42 -64.72 41.64
CA TRP H 48 8.77 -64.24 41.95
C TRP H 48 8.77 -63.28 43.13
N LEU H 49 7.74 -62.44 43.22
CA LEU H 49 7.60 -61.51 44.32
C LEU H 49 7.39 -62.24 45.66
N ALA H 50 6.45 -63.19 45.66
CA ALA H 50 6.22 -64.02 46.82
C ALA H 50 7.50 -64.80 47.25
N GLU H 51 8.20 -65.40 46.28
CA GLU H 51 9.45 -66.13 46.55
C GLU H 51 10.47 -65.26 47.26
N ALA H 52 10.75 -64.10 46.68
CA ALA H 52 11.75 -63.18 47.21
C ALA H 52 11.33 -62.61 48.57
N GLU H 53 10.03 -62.32 48.70
CA GLU H 53 9.48 -61.82 49.96
C GLU H 53 9.63 -62.85 51.10
N GLN H 54 9.39 -64.13 50.79
CA GLN H 54 9.59 -65.20 51.77
C GLN H 54 11.05 -65.32 52.19
N THR H 55 11.94 -65.40 51.20
CA THR H 55 13.37 -65.44 51.46
C THR H 55 13.81 -64.28 52.38
N LEU H 56 13.21 -63.10 52.22
CA LEU H 56 13.62 -61.93 52.99
C LEU H 56 12.88 -61.76 54.32
N GLY H 57 11.97 -62.71 54.64
CA GLY H 57 11.43 -62.87 55.99
C GLY H 57 9.94 -62.58 56.20
N LEU H 58 9.19 -62.34 55.13
CA LEU H 58 7.76 -62.03 55.27
C LEU H 58 6.95 -63.32 55.44
N PRO H 59 5.76 -63.24 56.05
CA PRO H 59 4.98 -64.44 56.44
C PRO H 59 4.29 -65.16 55.26
N ILE H 60 5.10 -65.84 54.45
CA ILE H 60 4.61 -66.58 53.28
C ILE H 60 5.10 -68.02 53.38
N THR H 61 4.18 -68.97 53.31
CA THR H 61 4.48 -70.40 53.51
C THR H 61 4.92 -71.07 52.21
N ASP H 62 5.71 -72.14 52.33
CA ASP H 62 6.13 -72.95 51.17
C ASP H 62 4.94 -73.50 50.38
N GLU H 63 3.83 -73.80 51.06
CA GLU H 63 2.64 -74.35 50.43
C GLU H 63 1.89 -73.27 49.59
N GLN H 64 1.91 -72.01 50.05
CA GLN H 64 1.34 -70.89 49.28
C GLN H 64 2.11 -70.69 47.97
N ILE H 65 3.44 -70.72 48.06
CA ILE H 65 4.32 -70.60 46.88
C ILE H 65 4.11 -71.74 45.88
N GLN H 66 3.99 -72.97 46.38
CA GLN H 66 3.78 -74.16 45.51
C GLN H 66 2.43 -74.09 44.78
N GLU H 67 1.42 -73.60 45.48
CA GLU H 67 0.08 -73.41 44.93
C GLU H 67 0.10 -72.44 43.72
N MET H 68 0.79 -71.30 43.90
CA MET H 68 0.99 -70.33 42.82
C MET H 68 1.76 -70.94 41.66
N LYS H 69 2.79 -71.68 41.98
CA LYS H 69 3.66 -72.30 41.00
C LYS H 69 2.99 -73.33 40.16
N SER H 70 2.05 -74.07 40.74
CA SER H 70 1.26 -75.07 40.03
C SER H 70 0.21 -74.49 39.08
N ASN H 71 -0.19 -73.23 39.29
CA ASN H 71 -1.30 -72.63 38.53
C ASN H 71 -0.88 -71.45 37.64
N LEU H 72 0.40 -71.36 37.28
CA LEU H 72 0.85 -70.28 36.42
C LEU H 72 0.13 -70.22 35.07
N GLU H 73 -0.08 -71.37 34.45
CA GLU H 73 -0.73 -71.48 33.14
C GLU H 73 -2.25 -71.65 33.23
N ASN H 74 -2.77 -71.94 34.43
CA ASN H 74 -4.16 -72.31 34.63
C ASN H 74 -5.05 -71.05 34.83
N ILE H 75 -5.31 -70.35 33.72
CA ILE H 75 -5.94 -69.03 33.75
C ILE H 75 -7.39 -69.11 33.28
N ASP H 76 -8.30 -68.83 34.20
CA ASP H 76 -9.73 -68.74 33.87
C ASP H 76 -10.11 -67.38 33.22
N PHE H 77 -10.02 -67.31 31.90
CA PHE H 77 -10.29 -66.06 31.17
C PHE H 77 -11.72 -65.58 31.30
N LYS H 78 -12.67 -66.52 31.31
CA LYS H 78 -14.08 -66.18 31.46
C LYS H 78 -14.32 -65.49 32.82
N MET H 79 -13.74 -66.05 33.89
CA MET H 79 -13.90 -65.50 35.23
C MET H 79 -13.18 -64.15 35.40
N ALA H 80 -12.04 -63.99 34.75
CA ALA H 80 -11.32 -62.71 34.78
C ALA H 80 -12.13 -61.62 34.08
N ALA H 81 -12.81 -61.95 32.98
CA ALA H 81 -13.68 -60.99 32.31
C ALA H 81 -14.86 -60.59 33.18
N GLU H 82 -15.44 -61.52 33.92
CA GLU H 82 -16.57 -61.22 34.80
C GLU H 82 -16.13 -60.33 35.95
N GLU H 83 -14.97 -60.63 36.51
CA GLU H 83 -14.39 -59.78 37.55
C GLU H 83 -14.06 -58.38 37.04
N GLU H 84 -13.57 -58.30 35.81
CA GLU H 84 -13.23 -57.00 35.22
C GLU H 84 -14.48 -56.17 34.93
N LYS H 85 -15.57 -56.81 34.51
CA LYS H 85 -16.87 -56.12 34.35
C LYS H 85 -17.40 -55.58 35.67
N ARG H 86 -17.20 -56.34 36.74
CA ARG H 86 -17.60 -55.94 38.09
C ARG H 86 -16.71 -54.79 38.65
N LEU H 87 -15.40 -54.94 38.52
CA LEU H 87 -14.44 -54.06 39.19
C LEU H 87 -13.91 -52.92 38.37
N ARG H 88 -13.81 -53.13 37.05
CA ARG H 88 -13.22 -52.14 36.12
C ARG H 88 -11.72 -51.91 36.39
N HIS H 89 -11.08 -52.98 36.85
CA HIS H 89 -9.65 -52.98 37.09
C HIS H 89 -9.08 -54.32 36.66
N ASP H 90 -8.36 -54.36 35.55
CA ASP H 90 -7.86 -55.63 35.00
C ASP H 90 -6.89 -56.36 35.94
N VAL H 91 -5.99 -55.61 36.58
CA VAL H 91 -5.02 -56.23 37.50
C VAL H 91 -5.72 -56.84 38.72
N MET H 92 -6.67 -56.12 39.30
CA MET H 92 -7.38 -56.63 40.48
C MET H 92 -8.29 -57.80 40.11
N ALA H 93 -8.86 -57.75 38.91
CA ALA H 93 -9.62 -58.88 38.39
C ALA H 93 -8.75 -60.14 38.37
N HIS H 94 -7.52 -60.00 37.89
CA HIS H 94 -6.62 -61.15 37.78
C HIS H 94 -6.06 -61.61 39.12
N VAL H 95 -5.97 -60.70 40.09
CA VAL H 95 -5.58 -61.05 41.47
C VAL H 95 -6.65 -61.93 42.11
N HIS H 96 -7.92 -61.53 41.95
CA HIS H 96 -9.04 -62.31 42.44
C HIS H 96 -9.10 -63.68 41.78
N THR H 97 -8.95 -63.70 40.45
CA THR H 97 -9.02 -64.94 39.67
C THR H 97 -7.88 -65.90 40.04
N PHE H 98 -6.68 -65.36 40.27
CA PHE H 98 -5.53 -66.14 40.69
C PHE H 98 -5.73 -66.63 42.12
N GLY H 99 -6.26 -65.76 42.98
CA GLY H 99 -6.60 -66.12 44.35
C GLY H 99 -7.70 -67.17 44.47
N HIS H 100 -8.58 -67.24 43.48
CA HIS H 100 -9.62 -68.26 43.44
C HIS H 100 -9.06 -69.68 43.21
N CYS H 101 -8.08 -69.82 42.32
CA CYS H 101 -7.44 -71.15 42.16
C CYS H 101 -6.31 -71.44 43.12
N CYS H 102 -5.86 -70.42 43.86
CA CYS H 102 -4.86 -70.58 44.90
C CYS H 102 -5.39 -70.04 46.23
N PRO H 103 -6.46 -70.66 46.77
CA PRO H 103 -7.12 -70.11 47.97
C PRO H 103 -6.19 -69.85 49.18
N LYS H 104 -5.18 -70.69 49.37
CA LYS H 104 -4.21 -70.49 50.46
C LYS H 104 -3.32 -69.26 50.24
N ALA H 105 -2.91 -69.05 48.99
CA ALA H 105 -2.05 -67.93 48.63
C ALA H 105 -2.80 -66.59 48.42
N ALA H 106 -4.10 -66.67 48.12
CA ALA H 106 -4.93 -65.47 47.83
C ALA H 106 -4.61 -64.21 48.63
N GLY H 107 -4.41 -64.37 49.94
CA GLY H 107 -4.14 -63.26 50.83
C GLY H 107 -2.76 -62.60 50.71
N ILE H 108 -1.78 -63.31 50.12
CA ILE H 108 -0.40 -62.75 49.98
C ILE H 108 -0.02 -62.34 48.54
N ILE H 109 -0.89 -62.62 47.58
CA ILE H 109 -0.66 -62.22 46.19
C ILE H 109 -0.63 -60.69 46.07
N HIS H 110 0.39 -60.15 45.38
CA HIS H 110 0.50 -58.72 45.11
C HIS H 110 0.89 -57.92 46.37
N LEU H 111 1.42 -58.61 47.39
CA LEU H 111 1.71 -58.00 48.68
C LEU H 111 2.71 -56.82 48.54
N GLY H 112 2.24 -55.61 48.76
CA GLY H 112 3.08 -54.42 48.79
C GLY H 112 3.18 -53.71 47.43
N ALA H 113 2.62 -54.33 46.39
CA ALA H 113 2.90 -53.94 45.03
C ALA H 113 1.78 -53.03 44.48
N THR H 114 2.06 -52.43 43.34
CA THR H 114 1.09 -51.69 42.55
C THR H 114 0.90 -52.39 41.22
N SER H 115 -0.15 -52.02 40.49
CA SER H 115 -0.51 -52.71 39.25
C SER H 115 0.65 -52.76 38.25
N CYS H 116 1.41 -51.70 38.18
CA CYS H 116 2.58 -51.64 37.30
C CYS H 116 3.66 -52.69 37.60
N TYR H 117 3.68 -53.26 38.79
CA TYR H 117 4.58 -54.35 39.08
C TYR H 117 4.42 -55.48 38.06
N VAL H 118 3.18 -55.88 37.79
CA VAL H 118 2.91 -56.86 36.73
C VAL H 118 2.74 -56.22 35.34
N GLY H 119 2.09 -55.06 35.27
CA GLY H 119 1.80 -54.40 33.99
C GLY H 119 3.06 -54.01 33.24
N ASP H 120 3.88 -53.18 33.87
CA ASP H 120 5.07 -52.63 33.24
C ASP H 120 6.19 -53.66 33.07
N ASN H 121 6.47 -54.45 34.11
CA ASN H 121 7.52 -55.44 34.02
C ASN H 121 7.22 -56.48 32.94
N THR H 122 5.96 -56.87 32.83
CA THR H 122 5.57 -57.76 31.74
C THR H 122 5.83 -57.10 30.37
N ASP H 123 5.45 -55.83 30.25
CA ASP H 123 5.67 -55.11 29.01
C ASP H 123 7.16 -55.03 28.68
N LEU H 124 8.01 -54.82 29.70
CA LEU H 124 9.46 -54.78 29.47
C LEU H 124 10.03 -56.18 29.07
N ILE H 125 9.49 -57.23 29.67
CA ILE H 125 9.87 -58.60 29.26
C ILE H 125 9.44 -58.87 27.81
N ILE H 126 8.21 -58.48 27.49
CA ILE H 126 7.70 -58.60 26.13
C ILE H 126 8.56 -57.82 25.12
N LEU H 127 8.88 -56.57 25.43
CA LEU H 127 9.67 -55.75 24.51
C LEU H 127 11.00 -56.41 24.24
N ARG H 128 11.66 -56.89 25.27
CA ARG H 128 12.96 -57.48 25.09
C ARG H 128 12.90 -58.78 24.28
N ASN H 129 11.91 -59.63 24.56
CA ASN H 129 11.70 -60.83 23.73
C ASN H 129 11.45 -60.47 22.26
N ALA H 130 10.67 -59.43 22.05
CA ALA H 130 10.28 -59.02 20.71
C ALA H 130 11.48 -58.51 19.93
N LEU H 131 12.34 -57.72 20.60
CA LEU H 131 13.60 -57.29 20.00
C LEU H 131 14.48 -58.49 19.64
N ASP H 132 14.51 -59.50 20.50
CA ASP H 132 15.29 -60.70 20.24
C ASP H 132 14.79 -61.50 19.06
N LEU H 133 13.50 -61.39 18.74
CA LEU H 133 12.97 -62.03 17.54
C LEU H 133 13.27 -61.24 16.28
N LEU H 134 13.28 -59.90 16.38
CA LEU H 134 13.57 -59.06 15.22
C LEU H 134 15.03 -59.14 14.77
N LEU H 135 15.95 -59.14 15.74
CA LEU H 135 17.38 -59.05 15.45
C LEU H 135 17.89 -60.08 14.42
N PRO H 136 17.60 -61.38 14.62
CA PRO H 136 18.06 -62.38 13.65
C PRO H 136 17.49 -62.19 12.26
N LYS H 137 16.23 -61.76 12.18
CA LYS H 137 15.56 -61.57 10.89
C LYS H 137 16.22 -60.44 10.13
N LEU H 138 16.51 -59.36 10.83
CA LEU H 138 17.24 -58.24 10.24
C LEU H 138 18.65 -58.68 9.80
N ALA H 139 19.34 -59.41 10.66
CA ALA H 139 20.66 -59.96 10.32
C ALA H 139 20.60 -60.83 9.05
N ARG H 140 19.62 -61.71 8.95
CA ARG H 140 19.44 -62.50 7.74
C ARG H 140 19.19 -61.66 6.49
N VAL H 141 18.40 -60.60 6.63
CA VAL H 141 18.16 -59.71 5.48
C VAL H 141 19.48 -59.11 5.02
N ILE H 142 20.25 -58.62 5.98
CA ILE H 142 21.54 -58.00 5.69
C ILE H 142 22.48 -59.01 5.05
N SER H 143 22.48 -60.24 5.56
CA SER H 143 23.34 -61.29 5.05
C SER H 143 22.99 -61.67 3.62
N ARG H 144 21.70 -61.86 3.33
CA ARG H 144 21.29 -62.20 1.96
C ARG H 144 21.68 -61.10 0.98
N LEU H 145 21.47 -59.85 1.37
CA LEU H 145 21.88 -58.71 0.54
C LEU H 145 23.38 -58.62 0.40
N ALA H 146 24.11 -58.96 1.46
CA ALA H 146 25.58 -59.00 1.41
C ALA H 146 26.10 -60.04 0.40
N ASP H 147 25.50 -61.24 0.41
CA ASP H 147 25.82 -62.26 -0.62
C ASP H 147 25.58 -61.69 -2.02
N PHE H 148 24.40 -61.12 -2.23
CA PHE H 148 24.04 -60.48 -3.50
C PHE H 148 25.02 -59.38 -3.89
N ALA H 149 25.39 -58.55 -2.94
CA ALA H 149 26.29 -57.42 -3.20
C ALA H 149 27.67 -57.86 -3.66
N LYS H 150 28.21 -58.89 -3.01
CA LYS H 150 29.50 -59.48 -3.37
C LYS H 150 29.44 -60.08 -4.77
N GLU H 151 28.42 -60.90 -5.00
CA GLU H 151 28.20 -61.56 -6.27
C GLU H 151 28.08 -60.56 -7.43
N ARG H 152 27.53 -59.37 -7.18
CA ARG H 152 27.32 -58.37 -8.24
C ARG H 152 28.17 -57.12 -8.04
N ALA H 153 29.25 -57.24 -7.30
CA ALA H 153 30.13 -56.09 -6.97
C ALA H 153 30.65 -55.39 -8.21
N SER H 154 30.91 -56.15 -9.28
CA SER H 154 31.53 -55.61 -10.51
C SER H 154 30.58 -55.41 -11.68
N LEU H 155 29.30 -55.76 -11.50
CA LEU H 155 28.31 -55.66 -12.60
C LEU H 155 27.90 -54.19 -12.81
N PRO H 156 28.42 -53.54 -13.88
CA PRO H 156 28.07 -52.13 -14.05
C PRO H 156 26.59 -51.93 -14.31
N THR H 157 26.06 -50.81 -13.80
CA THR H 157 24.66 -50.43 -14.00
C THR H 157 24.58 -48.91 -14.02
N LEU H 158 23.57 -48.39 -14.73
CA LEU H 158 23.41 -46.96 -14.86
C LEU H 158 23.12 -46.34 -13.51
N GLY H 159 23.87 -45.30 -13.16
CA GLY H 159 23.63 -44.56 -11.94
C GLY H 159 22.46 -43.61 -12.14
N PHE H 160 21.81 -43.24 -11.03
CA PHE H 160 20.66 -42.36 -11.08
C PHE H 160 20.72 -41.30 -10.00
N THR H 161 20.76 -40.04 -10.40
CA THR H 161 20.51 -38.91 -9.51
C THR H 161 19.37 -38.08 -10.11
N HIS H 162 18.45 -37.60 -9.29
CA HIS H 162 17.17 -37.03 -9.74
C HIS H 162 16.35 -38.01 -10.59
N PHE H 163 16.67 -39.30 -10.46
CA PHE H 163 16.23 -40.35 -11.37
C PHE H 163 16.53 -40.06 -12.85
N GLN H 164 17.63 -39.35 -13.09
CA GLN H 164 18.16 -39.14 -14.43
C GLN H 164 19.47 -39.91 -14.56
N PRO H 165 19.78 -40.37 -15.78
CA PRO H 165 21.03 -41.13 -16.01
C PRO H 165 22.25 -40.36 -15.51
N ALA H 166 23.11 -41.04 -14.77
CA ALA H 166 24.28 -40.44 -14.12
C ALA H 166 25.44 -41.45 -14.08
N GLN H 167 26.62 -41.00 -13.64
CA GLN H 167 27.82 -41.83 -13.65
C GLN H 167 27.57 -43.25 -13.20
N LEU H 168 28.15 -44.22 -13.89
CA LEU H 168 27.85 -45.63 -13.60
C LEU H 168 28.25 -46.01 -12.18
N THR H 169 27.43 -46.89 -11.60
CA THR H 169 27.76 -47.56 -10.33
C THR H 169 27.73 -49.06 -10.65
N THR H 170 27.69 -49.91 -9.66
CA THR H 170 27.46 -51.34 -9.89
C THR H 170 26.28 -51.80 -9.08
N VAL H 171 25.73 -52.94 -9.46
CA VAL H 171 24.55 -53.49 -8.80
C VAL H 171 24.85 -53.76 -7.35
N GLY H 172 26.03 -54.28 -7.08
CA GLY H 172 26.47 -54.58 -5.71
C GLY H 172 26.75 -53.35 -4.90
N LYS H 173 27.31 -52.33 -5.51
CA LYS H 173 27.56 -51.07 -4.80
C LYS H 173 26.23 -50.42 -4.39
N ARG H 174 25.27 -50.39 -5.29
CA ARG H 174 23.93 -49.87 -4.97
C ARG H 174 23.31 -50.68 -3.83
N CYS H 175 23.46 -51.99 -3.90
CA CYS H 175 22.99 -52.86 -2.83
C CYS H 175 23.59 -52.45 -1.48
N CYS H 176 24.84 -52.00 -1.48
CA CYS H 176 25.47 -51.52 -0.24
C CYS H 176 24.82 -50.28 0.38
N LEU H 177 24.25 -49.39 -0.44
CA LEU H 177 23.43 -48.29 0.09
C LEU H 177 22.30 -48.83 0.98
N TRP H 178 21.63 -49.87 0.50
CA TRP H 178 20.56 -50.53 1.24
C TRP H 178 21.11 -51.22 2.49
N ILE H 179 22.19 -51.98 2.32
CA ILE H 179 22.80 -52.73 3.42
C ILE H 179 23.23 -51.78 4.54
N GLN H 180 23.84 -50.65 4.17
CA GLN H 180 24.30 -49.68 5.18
C GLN H 180 23.18 -49.20 6.09
N ASP H 181 22.07 -48.76 5.49
CA ASP H 181 20.92 -48.30 6.28
C ASP H 181 20.43 -49.40 7.22
N LEU H 182 20.32 -50.63 6.71
CA LEU H 182 19.88 -51.75 7.52
C LEU H 182 20.87 -52.11 8.64
N CYS H 183 22.17 -51.92 8.39
CA CYS H 183 23.18 -52.14 9.44
C CYS H 183 23.05 -51.12 10.55
N MET H 184 22.73 -49.87 10.20
CA MET H 184 22.48 -48.84 11.20
C MET H 184 21.29 -49.24 12.08
N ASP H 185 20.28 -49.86 11.47
CA ASP H 185 19.14 -50.37 12.23
C ASP H 185 19.53 -51.50 13.17
N LEU H 186 20.34 -52.44 12.68
CA LEU H 186 20.83 -53.53 13.51
C LEU H 186 21.61 -53.01 14.73
N GLN H 187 22.47 -52.01 14.51
CA GLN H 187 23.19 -51.38 15.61
C GLN H 187 22.23 -50.77 16.62
N ASN H 188 21.18 -50.10 16.12
CA ASN H 188 20.20 -49.45 16.99
C ASN H 188 19.35 -50.44 17.79
N LEU H 189 18.87 -51.49 17.13
CA LEU H 189 18.09 -52.50 17.82
C LEU H 189 18.92 -53.22 18.90
N LYS H 190 20.17 -53.54 18.60
CA LYS H 190 21.07 -54.16 19.59
C LYS H 190 21.24 -53.24 20.80
N ARG H 191 21.52 -51.97 20.54
CA ARG H 191 21.73 -50.99 21.62
C ARG H 191 20.53 -50.88 22.56
N VAL H 192 19.34 -50.72 21.97
CA VAL H 192 18.12 -50.60 22.74
C VAL H 192 17.84 -51.88 23.54
N ARG H 193 18.04 -53.03 22.93
CA ARG H 193 17.87 -54.31 23.60
C ARG H 193 18.79 -54.44 24.82
N ASP H 194 20.06 -54.09 24.64
CA ASP H 194 21.09 -54.23 25.69
C ASP H 194 20.93 -53.20 26.82
N ASP H 195 20.49 -51.97 26.50
CA ASP H 195 20.34 -50.90 27.50
C ASP H 195 18.98 -50.90 28.22
N LEU H 196 18.07 -51.77 27.81
CA LEU H 196 16.73 -51.81 28.39
C LEU H 196 16.78 -52.24 29.87
N ARG H 197 16.25 -51.40 30.74
CA ARG H 197 16.21 -51.65 32.18
C ARG H 197 14.86 -52.12 32.67
N PHE H 198 14.86 -52.83 33.78
CA PHE H 198 13.67 -53.39 34.43
C PHE H 198 13.07 -52.34 35.39
N ARG H 199 11.75 -52.33 35.52
CA ARG H 199 11.10 -51.46 36.51
C ARG H 199 11.41 -52.00 37.90
N GLY H 200 11.22 -53.29 38.05
CA GLY H 200 11.48 -53.94 39.31
C GLY H 200 10.36 -53.68 40.30
N VAL H 201 10.72 -53.55 41.57
CA VAL H 201 9.78 -53.42 42.67
C VAL H 201 9.94 -52.01 43.22
N LYS H 202 8.91 -51.20 43.02
CA LYS H 202 9.03 -49.75 43.27
C LYS H 202 7.87 -49.12 44.07
N GLY H 203 6.74 -49.81 44.18
CA GLY H 203 5.61 -49.29 44.96
C GLY H 203 4.76 -48.32 44.14
N THR H 204 3.61 -47.95 44.65
CA THR H 204 2.68 -47.10 43.89
C THR H 204 3.23 -45.86 43.31
N THR H 205 4.02 -45.14 44.06
CA THR H 205 4.57 -43.87 43.52
C THR H 205 6.09 -43.90 43.32
N GLY H 206 6.66 -45.12 43.33
CA GLY H 206 8.10 -45.29 43.13
C GLY H 206 9.00 -45.10 44.33
N THR H 207 8.42 -44.95 45.52
CA THR H 207 9.19 -44.69 46.75
C THR H 207 9.50 -45.97 47.53
N GLN H 208 8.85 -47.06 47.15
CA GLN H 208 8.97 -48.33 47.83
C GLN H 208 8.52 -48.23 49.29
N ALA H 209 7.62 -47.28 49.60
CA ALA H 209 7.22 -47.02 50.97
C ALA H 209 6.52 -48.23 51.56
N SER H 210 5.72 -48.92 50.75
CA SER H 210 5.02 -50.12 51.17
C SER H 210 5.99 -51.22 51.62
N PHE H 211 7.02 -51.44 50.81
CA PHE H 211 8.00 -52.49 51.07
C PHE H 211 8.89 -52.11 52.25
N LEU H 212 9.20 -50.84 52.41
CA LEU H 212 9.95 -50.36 53.57
C LEU H 212 9.20 -50.66 54.86
N GLN H 213 7.88 -50.40 54.86
CA GLN H 213 7.04 -50.70 56.04
C GLN H 213 6.93 -52.21 56.30
N LEU H 214 6.80 -53.00 55.23
CA LEU H 214 6.75 -54.47 55.38
C LEU H 214 8.01 -55.05 56.02
N PHE H 215 9.17 -54.48 55.70
CA PHE H 215 10.44 -54.89 56.31
C PHE H 215 10.83 -53.99 57.49
N GLU H 216 9.82 -53.42 58.16
CA GLU H 216 10.00 -52.63 59.38
C GLU H 216 11.22 -51.69 59.33
N GLY H 217 11.31 -50.91 58.26
CA GLY H 217 12.33 -49.88 58.12
C GLY H 217 13.71 -50.32 57.61
N ASP H 218 13.83 -51.59 57.19
CA ASP H 218 15.11 -52.12 56.72
C ASP H 218 15.32 -51.79 55.22
N ASP H 219 16.03 -50.67 54.96
CA ASP H 219 16.35 -50.24 53.58
C ASP H 219 16.99 -51.34 52.75
N HIS H 220 17.95 -52.04 53.35
CA HIS H 220 18.72 -53.07 52.66
C HIS H 220 17.83 -54.18 52.13
N LYS H 221 16.84 -54.60 52.92
CA LYS H 221 15.93 -55.65 52.48
C LYS H 221 15.10 -55.21 51.26
N VAL H 222 14.73 -53.92 51.21
CA VAL H 222 13.99 -53.38 50.09
C VAL H 222 14.85 -53.44 48.82
N GLU H 223 16.10 -52.99 48.90
CA GLU H 223 17.01 -53.04 47.75
C GLU H 223 17.26 -54.45 47.28
N GLN H 224 17.35 -55.39 48.22
CA GLN H 224 17.53 -56.80 47.90
C GLN H 224 16.33 -57.33 47.12
N LEU H 225 15.12 -57.03 47.60
CA LEU H 225 13.90 -57.47 46.93
C LEU H 225 13.88 -57.04 45.45
N ASP H 226 14.23 -55.77 45.24
CA ASP H 226 14.26 -55.18 43.91
C ASP H 226 15.27 -55.93 43.06
N LYS H 227 16.49 -56.07 43.57
CA LYS H 227 17.55 -56.76 42.85
C LYS H 227 17.21 -58.24 42.60
N MET H 228 16.55 -58.88 43.56
CA MET H 228 16.20 -60.31 43.42
C MET H 228 15.21 -60.58 42.30
N VAL H 229 14.09 -59.85 42.24
CA VAL H 229 13.10 -60.08 41.18
C VAL H 229 13.66 -59.64 39.82
N THR H 230 14.49 -58.60 39.82
CA THR H 230 15.16 -58.17 38.61
C THR H 230 15.99 -59.33 38.00
N GLU H 231 16.75 -60.04 38.84
CA GLU H 231 17.53 -61.19 38.36
C GLU H 231 16.66 -62.38 37.95
N LYS H 232 15.61 -62.67 38.72
CA LYS H 232 14.68 -63.74 38.35
C LYS H 232 14.08 -63.50 36.96
N ALA H 233 13.85 -62.23 36.60
CA ALA H 233 13.29 -61.87 35.30
C ALA H 233 14.35 -61.80 34.19
N GLY H 234 15.62 -61.89 34.58
CA GLY H 234 16.71 -62.02 33.63
C GLY H 234 17.23 -60.70 33.10
N PHE H 235 17.13 -59.64 33.91
CA PHE H 235 17.65 -58.34 33.53
C PHE H 235 18.91 -58.05 34.32
N LYS H 236 19.90 -57.48 33.66
CA LYS H 236 21.15 -57.09 34.31
C LYS H 236 20.94 -55.90 35.23
N ARG H 237 19.99 -55.04 34.88
CA ARG H 237 19.89 -53.73 35.49
C ARG H 237 18.44 -53.27 35.68
N ALA H 238 18.18 -52.56 36.76
CA ALA H 238 16.89 -51.96 37.03
C ALA H 238 17.05 -50.46 37.23
N PHE H 239 15.96 -49.73 37.02
CA PHE H 239 15.94 -48.30 37.35
C PHE H 239 16.18 -48.09 38.83
N ILE H 240 16.86 -47.00 39.16
CA ILE H 240 16.84 -46.48 40.52
C ILE H 240 15.61 -45.59 40.66
N ILE H 241 15.43 -44.71 39.69
CA ILE H 241 14.36 -43.72 39.70
C ILE H 241 13.19 -44.18 38.82
N THR H 242 12.02 -44.26 39.44
CA THR H 242 10.75 -44.35 38.74
C THR H 242 9.69 -43.55 39.47
N GLY H 243 8.63 -43.22 38.77
CA GLY H 243 7.35 -42.92 39.41
C GLY H 243 6.65 -44.25 39.62
N GLN H 244 5.35 -44.29 39.36
CA GLN H 244 4.64 -45.55 39.32
C GLN H 244 5.13 -46.43 38.18
N THR H 245 5.49 -45.82 37.06
CA THR H 245 5.85 -46.55 35.84
C THR H 245 7.33 -46.38 35.55
N TYR H 246 7.86 -47.22 34.67
CA TYR H 246 9.08 -46.86 33.95
C TYR H 246 8.77 -45.67 33.04
N THR H 247 9.75 -44.80 32.87
CA THR H 247 9.57 -43.60 32.08
C THR H 247 9.16 -43.95 30.65
N ARG H 248 8.09 -43.31 30.17
CA ARG H 248 7.56 -43.63 28.84
C ARG H 248 8.44 -43.11 27.72
N LYS H 249 9.46 -42.36 28.06
CA LYS H 249 10.56 -42.11 27.16
C LYS H 249 11.17 -43.39 26.58
N VAL H 250 11.18 -44.48 27.36
CA VAL H 250 11.67 -45.77 26.86
C VAL H 250 10.88 -46.18 25.62
N ASP H 251 9.56 -46.03 25.66
CA ASP H 251 8.72 -46.36 24.51
C ASP H 251 9.05 -45.50 23.27
N ILE H 252 9.45 -44.25 23.47
CA ILE H 252 9.93 -43.41 22.35
C ILE H 252 11.18 -44.00 21.72
N GLU H 253 12.12 -44.39 22.55
CA GLU H 253 13.40 -44.92 22.08
C GLU H 253 13.17 -46.17 21.24
N VAL H 254 12.30 -47.07 21.69
CA VAL H 254 12.05 -48.31 20.99
C VAL H 254 11.32 -48.05 19.65
N LEU H 255 10.24 -47.28 19.67
CA LEU H 255 9.49 -47.04 18.45
C LEU H 255 10.19 -46.10 17.46
N SER H 256 11.09 -45.25 17.96
CA SER H 256 11.90 -44.40 17.05
C SER H 256 12.83 -45.23 16.19
N VAL H 257 13.46 -46.23 16.81
CA VAL H 257 14.35 -47.11 16.05
C VAL H 257 13.57 -47.93 15.04
N LEU H 258 12.39 -48.39 15.40
CA LEU H 258 11.55 -49.13 14.44
C LEU H 258 11.05 -48.21 13.34
N ALA H 259 10.74 -46.95 13.68
CA ALA H 259 10.35 -45.96 12.67
C ALA H 259 11.46 -45.72 11.67
N SER H 260 12.70 -45.62 12.16
CA SER H 260 13.86 -45.42 11.28
C SER H 260 14.07 -46.64 10.37
N LEU H 261 13.89 -47.83 10.93
CA LEU H 261 13.92 -49.05 10.13
C LEU H 261 12.88 -49.00 9.02
N GLY H 262 11.66 -48.56 9.36
CA GLY H 262 10.62 -48.37 8.37
C GLY H 262 11.07 -47.51 7.21
N ALA H 263 11.72 -46.40 7.51
CA ALA H 263 12.20 -45.51 6.45
C ALA H 263 13.22 -46.21 5.56
N SER H 264 14.12 -46.97 6.17
CA SER H 264 15.12 -47.71 5.42
C SER H 264 14.49 -48.72 4.48
N VAL H 265 13.53 -49.48 5.00
CA VAL H 265 12.88 -50.52 4.19
C VAL H 265 12.06 -49.89 3.06
N HIS H 266 11.41 -48.77 3.35
CA HIS H 266 10.60 -48.09 2.35
C HIS H 266 11.47 -47.61 1.18
N LYS H 267 12.61 -47.01 1.49
CA LYS H 267 13.55 -46.56 0.44
C LYS H 267 14.03 -47.73 -0.40
N ILE H 268 14.40 -48.83 0.25
CA ILE H 268 14.94 -50.00 -0.44
C ILE H 268 13.89 -50.60 -1.35
N CYS H 269 12.71 -50.83 -0.82
CA CYS H 269 11.65 -51.44 -1.60
C CYS H 269 11.12 -50.51 -2.70
N THR H 270 11.19 -49.19 -2.47
CA THR H 270 10.91 -48.22 -3.54
C THR H 270 11.94 -48.37 -4.69
N ASP H 271 13.23 -48.47 -4.36
CA ASP H 271 14.27 -48.73 -5.38
C ASP H 271 13.97 -50.00 -6.16
N ILE H 272 13.59 -51.06 -5.47
CA ILE H 272 13.31 -52.34 -6.13
C ILE H 272 12.12 -52.22 -7.10
N ARG H 273 11.10 -51.47 -6.68
CA ARG H 273 9.92 -51.27 -7.53
C ARG H 273 10.29 -50.47 -8.80
N LEU H 274 11.18 -49.48 -8.65
CA LEU H 274 11.68 -48.74 -9.80
C LEU H 274 12.55 -49.64 -10.71
N LEU H 275 13.38 -50.49 -10.11
CA LEU H 275 14.19 -51.41 -10.89
C LEU H 275 13.32 -52.39 -11.68
N ALA H 276 12.14 -52.72 -11.15
CA ALA H 276 11.19 -53.57 -11.86
C ALA H 276 10.63 -52.84 -13.09
N ASN H 277 10.33 -51.56 -12.97
CA ASN H 277 9.89 -50.78 -14.12
C ASN H 277 10.95 -50.76 -15.19
N LEU H 278 12.19 -50.58 -14.78
CA LEU H 278 13.34 -50.55 -15.69
C LEU H 278 13.67 -51.92 -16.29
N LYS H 279 13.06 -52.98 -15.76
CA LYS H 279 13.31 -54.37 -16.15
C LYS H 279 14.73 -54.85 -15.90
N GLU H 280 15.44 -54.20 -14.97
CA GLU H 280 16.80 -54.56 -14.60
C GLU H 280 16.83 -55.61 -13.48
N MET H 281 15.76 -55.68 -12.69
CA MET H 281 15.67 -56.60 -11.58
C MET H 281 14.22 -56.84 -11.17
N GLU H 282 13.93 -58.06 -10.72
CA GLU H 282 12.59 -58.42 -10.25
C GLU H 282 12.65 -59.24 -9.00
N GLU H 283 11.67 -59.01 -8.12
CA GLU H 283 11.47 -59.87 -6.96
C GLU H 283 10.99 -61.26 -7.35
N PRO H 284 11.12 -62.25 -6.43
CA PRO H 284 10.64 -63.61 -6.77
C PRO H 284 9.14 -63.71 -7.06
N PHE H 285 8.79 -64.68 -7.90
CA PHE H 285 7.44 -64.85 -8.44
C PHE H 285 7.19 -66.36 -8.47
N GLU H 286 6.15 -66.84 -7.82
CA GLU H 286 5.96 -68.29 -7.60
C GLU H 286 5.44 -68.95 -8.86
N LYS H 287 5.72 -70.25 -9.05
CA LYS H 287 5.24 -70.99 -10.23
C LYS H 287 3.78 -70.66 -10.58
N GLN H 288 2.89 -70.72 -9.56
CA GLN H 288 1.45 -70.54 -9.76
C GLN H 288 0.93 -69.11 -9.55
N GLN H 289 1.82 -68.16 -9.29
CA GLN H 289 1.42 -66.77 -8.98
C GLN H 289 0.73 -66.02 -10.15
N ILE H 290 -0.34 -65.31 -9.80
CA ILE H 290 -1.06 -64.48 -10.74
C ILE H 290 -0.82 -63.04 -10.34
N GLY H 291 -0.35 -62.24 -11.30
CA GLY H 291 -0.04 -60.84 -11.02
C GLY H 291 -1.25 -59.94 -10.95
N SER H 292 -2.24 -60.25 -11.79
CA SER H 292 -3.36 -59.37 -12.07
C SER H 292 -4.60 -60.20 -12.41
N SER H 293 -5.76 -59.78 -11.93
CA SER H 293 -7.05 -60.43 -12.30
C SER H 293 -7.45 -60.15 -13.75
N ALA H 294 -7.02 -59.03 -14.30
CA ALA H 294 -7.45 -58.58 -15.64
C ALA H 294 -6.37 -58.66 -16.74
N MET H 295 -5.11 -58.47 -16.36
CA MET H 295 -3.99 -58.40 -17.32
C MET H 295 -3.03 -59.58 -17.14
N PRO H 296 -3.28 -60.71 -17.79
CA PRO H 296 -2.46 -61.93 -17.58
C PRO H 296 -0.94 -61.78 -17.84
N TYR H 297 -0.54 -60.74 -18.56
CA TYR H 297 0.89 -60.52 -18.91
C TYR H 297 1.76 -59.98 -17.79
N LYS H 298 1.14 -59.72 -16.69
CA LYS H 298 1.63 -58.70 -15.80
C LYS H 298 2.37 -59.31 -14.62
N ARG H 299 3.54 -58.78 -14.30
CA ARG H 299 4.30 -59.18 -13.14
C ARG H 299 4.64 -57.96 -12.30
N ASN H 300 4.07 -57.92 -11.11
CA ASN H 300 4.14 -56.78 -10.20
C ASN H 300 5.09 -57.04 -9.06
N PRO H 301 5.76 -55.98 -8.56
CA PRO H 301 6.56 -56.11 -7.34
C PRO H 301 5.72 -55.99 -6.07
N MET H 302 4.78 -56.93 -5.88
CA MET H 302 3.78 -56.83 -4.82
C MET H 302 4.32 -57.05 -3.41
N ARG H 303 5.36 -57.86 -3.29
CA ARG H 303 6.03 -58.05 -1.99
C ARG H 303 6.72 -56.77 -1.53
N SER H 304 7.44 -56.13 -2.44
CA SER H 304 8.11 -54.85 -2.15
C SER H 304 7.10 -53.76 -1.85
N GLU H 305 5.97 -53.78 -2.58
CA GLU H 305 4.91 -52.80 -2.36
C GLU H 305 4.28 -52.99 -0.98
N ARG H 306 4.05 -54.23 -0.58
CA ARG H 306 3.57 -54.49 0.77
C ARG H 306 4.55 -54.04 1.85
N CYS H 307 5.85 -54.24 1.60
CA CYS H 307 6.88 -53.78 2.55
C CYS H 307 6.79 -52.28 2.73
N CYS H 308 6.71 -51.55 1.62
CA CYS H 308 6.57 -50.10 1.68
C CYS H 308 5.33 -49.72 2.47
N SER H 309 4.22 -50.35 2.14
CA SER H 309 2.94 -50.07 2.79
C SER H 309 3.00 -50.23 4.29
N LEU H 310 3.59 -51.34 4.74
CA LEU H 310 3.68 -51.59 6.18
C LEU H 310 4.74 -50.72 6.85
N ALA H 311 5.87 -50.55 6.18
CA ALA H 311 6.94 -49.69 6.68
C ALA H 311 6.42 -48.28 7.00
N ARG H 312 5.49 -47.80 6.17
CA ARG H 312 4.89 -46.49 6.35
C ARG H 312 4.14 -46.39 7.66
N HIS H 313 3.40 -47.45 7.99
CA HIS H 313 2.65 -47.52 9.26
C HIS H 313 3.62 -47.45 10.44
N LEU H 314 4.75 -48.10 10.28
CA LEU H 314 5.80 -48.13 11.29
C LEU H 314 6.34 -46.73 11.57
N MET H 315 6.47 -45.92 10.53
CA MET H 315 6.91 -44.53 10.66
C MET H 315 5.85 -43.70 11.31
N THR H 316 4.62 -43.85 10.85
CA THR H 316 3.47 -43.15 11.44
C THR H 316 3.39 -43.36 12.96
N LEU H 317 3.60 -44.60 13.39
CA LEU H 317 3.40 -44.95 14.81
C LEU H 317 4.29 -44.20 15.80
N VAL H 318 5.40 -43.61 15.35
CA VAL H 318 6.31 -42.94 16.28
C VAL H 318 5.67 -41.78 17.01
N MET H 319 4.65 -41.16 16.41
CA MET H 319 3.98 -40.03 17.07
C MET H 319 3.13 -40.43 18.27
N ASP H 320 2.73 -41.71 18.37
CA ASP H 320 2.02 -42.19 19.56
C ASP H 320 2.85 -42.01 20.85
N PRO H 321 4.01 -42.68 20.97
CA PRO H 321 4.77 -42.54 22.20
C PRO H 321 5.36 -41.14 22.44
N LEU H 322 5.67 -40.41 21.38
CA LEU H 322 6.11 -39.03 21.56
C LEU H 322 5.04 -38.22 22.25
N GLN H 323 3.82 -38.32 21.76
CA GLN H 323 2.70 -37.62 22.38
C GLN H 323 2.42 -38.14 23.81
N THR H 324 2.37 -39.46 23.96
CA THR H 324 2.08 -40.08 25.25
C THR H 324 3.01 -39.56 26.35
N ALA H 325 4.32 -39.57 26.09
CA ALA H 325 5.30 -39.24 27.11
C ALA H 325 5.22 -37.78 27.49
N SER H 326 4.93 -36.95 26.49
CA SER H 326 4.90 -35.51 26.67
C SER H 326 3.80 -35.01 27.62
N VAL H 327 2.74 -35.80 27.82
CA VAL H 327 1.60 -35.38 28.66
C VAL H 327 1.33 -36.32 29.88
N GLN H 328 2.34 -37.12 30.23
CA GLN H 328 2.32 -37.87 31.47
C GLN H 328 2.51 -36.94 32.66
N TRP H 329 1.48 -36.80 33.49
CA TRP H 329 1.56 -35.90 34.64
C TRP H 329 2.12 -36.62 35.87
N PHE H 330 3.13 -35.98 36.46
CA PHE H 330 3.67 -36.36 37.76
C PHE H 330 4.12 -37.82 37.78
N GLU H 331 3.62 -38.63 38.71
CA GLU H 331 4.16 -39.96 38.90
C GLU H 331 3.52 -40.96 37.98
N ARG H 332 2.50 -40.53 37.22
CA ARG H 332 1.89 -41.31 36.11
C ARG H 332 0.42 -40.84 35.87
N THR H 333 0.01 -40.83 34.61
CA THR H 333 -1.41 -40.78 34.26
C THR H 333 -1.74 -41.95 33.36
N LEU H 334 -2.98 -42.43 33.41
CA LEU H 334 -3.37 -43.67 32.76
C LEU H 334 -3.74 -43.49 31.29
N ASP H 335 -3.63 -42.27 30.77
CA ASP H 335 -3.81 -42.03 29.33
C ASP H 335 -2.71 -42.65 28.45
N ASP H 336 -1.72 -43.29 29.06
CA ASP H 336 -0.77 -44.08 28.31
C ASP H 336 -1.29 -45.48 27.94
N SER H 337 -2.20 -46.02 28.75
CA SER H 337 -2.42 -47.47 28.79
C SER H 337 -3.04 -48.03 27.50
N ALA H 338 -4.18 -47.47 27.07
CA ALA H 338 -4.87 -48.02 25.89
C ALA H 338 -4.02 -47.84 24.62
N ASN H 339 -3.41 -46.67 24.50
CA ASN H 339 -2.53 -46.36 23.39
C ASN H 339 -1.40 -47.38 23.27
N ARG H 340 -0.79 -47.72 24.40
CA ARG H 340 0.32 -48.67 24.41
C ARG H 340 -0.12 -50.10 24.09
N ARG H 341 -1.34 -50.47 24.45
CA ARG H 341 -1.88 -51.79 24.05
C ARG H 341 -1.90 -51.95 22.53
N ILE H 342 -2.15 -50.83 21.83
CA ILE H 342 -2.20 -50.81 20.36
C ILE H 342 -0.81 -50.65 19.73
N CYS H 343 -0.11 -49.56 20.03
CA CYS H 343 1.06 -49.19 19.24
C CYS H 343 2.32 -50.04 19.46
N LEU H 344 2.56 -50.52 20.68
CA LEU H 344 3.76 -51.33 20.93
C LEU H 344 3.70 -52.64 20.15
N ALA H 345 2.66 -53.41 20.37
CA ALA H 345 2.44 -54.68 19.64
C ALA H 345 2.45 -54.48 18.14
N GLU H 346 1.76 -53.44 17.66
CA GLU H 346 1.62 -53.26 16.21
C GLU H 346 2.91 -52.84 15.56
N ALA H 347 3.72 -52.07 16.26
CA ALA H 347 5.02 -51.70 15.73
C ALA H 347 5.87 -52.96 15.54
N PHE H 348 5.92 -53.80 16.57
CA PHE H 348 6.72 -55.03 16.49
C PHE H 348 6.19 -56.04 15.47
N LEU H 349 4.87 -56.21 15.43
CA LEU H 349 4.23 -57.11 14.44
C LEU H 349 4.42 -56.62 13.03
N THR H 350 4.38 -55.30 12.84
CA THR H 350 4.65 -54.69 11.54
C THR H 350 6.11 -54.88 11.16
N ALA H 351 7.02 -54.58 12.08
CA ALA H 351 8.46 -54.78 11.84
C ALA H 351 8.78 -56.24 11.52
N ASP H 352 8.18 -57.17 12.27
CA ASP H 352 8.36 -58.60 12.04
C ASP H 352 8.00 -59.01 10.62
N THR H 353 6.83 -58.55 10.15
CA THR H 353 6.35 -58.87 8.81
C THR H 353 7.26 -58.31 7.72
N ILE H 354 7.69 -57.05 7.88
CA ILE H 354 8.53 -56.41 6.87
C ILE H 354 9.90 -57.08 6.74
N LEU H 355 10.48 -57.50 7.86
CA LEU H 355 11.79 -58.15 7.83
C LEU H 355 11.70 -59.52 7.17
N ASN H 356 10.72 -60.31 7.57
CA ASN H 356 10.48 -61.61 6.95
C ASN H 356 10.22 -61.45 5.46
N THR H 357 9.37 -60.50 5.08
CA THR H 357 9.03 -60.31 3.68
C THR H 357 10.25 -59.82 2.88
N LEU H 358 11.03 -58.90 3.44
CA LEU H 358 12.23 -58.40 2.76
C LEU H 358 13.32 -59.48 2.64
N GLN H 359 13.41 -60.37 3.63
CA GLN H 359 14.32 -61.51 3.51
C GLN H 359 13.93 -62.39 2.34
N ASN H 360 12.65 -62.72 2.25
CA ASN H 360 12.13 -63.52 1.13
C ASN H 360 12.47 -62.87 -0.21
N ILE H 361 12.30 -61.55 -0.30
CA ILE H 361 12.62 -60.81 -1.52
C ILE H 361 14.09 -60.92 -1.87
N SER H 362 14.95 -60.64 -0.89
CA SER H 362 16.40 -60.66 -1.11
C SER H 362 16.96 -62.05 -1.48
N GLU H 363 16.34 -63.12 -0.97
CA GLU H 363 16.71 -64.49 -1.35
C GLU H 363 16.39 -64.85 -2.81
N GLY H 364 15.48 -64.13 -3.45
CA GLY H 364 14.97 -64.52 -4.76
C GLY H 364 15.13 -63.48 -5.85
N LEU H 365 15.96 -62.46 -5.61
CA LEU H 365 16.16 -61.40 -6.58
C LEU H 365 16.69 -61.97 -7.87
N VAL H 366 16.09 -61.56 -8.98
CA VAL H 366 16.51 -61.99 -10.30
C VAL H 366 17.01 -60.75 -11.01
N VAL H 367 18.20 -60.84 -11.60
CA VAL H 367 18.82 -59.71 -12.31
C VAL H 367 18.83 -59.99 -13.80
N TYR H 368 18.68 -58.94 -14.62
CA TYR H 368 18.62 -59.09 -16.08
C TYR H 368 19.74 -58.26 -16.71
N PRO H 369 20.95 -58.83 -16.80
CA PRO H 369 22.10 -58.07 -17.25
C PRO H 369 22.00 -57.52 -18.67
N LYS H 370 21.30 -58.22 -19.55
CA LYS H 370 21.18 -57.78 -20.94
C LYS H 370 20.39 -56.48 -21.05
N VAL H 371 19.40 -56.31 -20.18
CA VAL H 371 18.66 -55.08 -20.10
C VAL H 371 19.54 -54.00 -19.49
N ILE H 372 20.26 -54.35 -18.43
CA ILE H 372 21.16 -53.40 -17.79
C ILE H 372 22.17 -52.86 -18.82
N GLU H 373 22.78 -53.78 -19.60
CA GLU H 373 23.79 -53.42 -20.62
C GLU H 373 23.22 -52.55 -21.73
N ARG H 374 22.01 -52.87 -22.18
CA ARG H 374 21.35 -52.10 -23.23
C ARG H 374 21.11 -50.65 -22.79
N ARG H 375 20.64 -50.47 -21.56
CA ARG H 375 20.40 -49.11 -21.05
C ARG H 375 21.71 -48.32 -20.95
N ILE H 376 22.78 -48.97 -20.51
CA ILE H 376 24.11 -48.32 -20.48
C ILE H 376 24.52 -47.90 -21.89
N ARG H 377 24.38 -48.79 -22.86
CA ARG H 377 24.73 -48.45 -24.25
C ARG H 377 23.97 -47.22 -24.75
N GLN H 378 22.72 -47.07 -24.35
CA GLN H 378 21.89 -45.91 -24.75
C GLN H 378 22.38 -44.58 -24.17
N GLU H 379 22.96 -44.60 -22.96
CA GLU H 379 23.31 -43.36 -22.26
C GLU H 379 24.79 -43.07 -22.16
N LEU H 380 25.59 -44.12 -22.01
CA LEU H 380 27.06 -44.00 -21.87
C LEU H 380 27.74 -43.09 -22.91
N PRO H 381 27.32 -43.16 -24.19
CA PRO H 381 27.91 -42.24 -25.18
C PRO H 381 27.96 -40.79 -24.74
N PHE H 382 26.88 -40.30 -24.14
CA PHE H 382 26.82 -38.93 -23.64
C PHE H 382 27.76 -38.70 -22.47
N MET H 383 27.89 -39.71 -21.60
CA MET H 383 28.85 -39.61 -20.47
C MET H 383 30.33 -39.63 -20.89
N ALA H 384 30.59 -40.20 -22.03
CA ALA H 384 31.94 -40.63 -22.46
C ALA H 384 32.71 -39.61 -23.23
N THR H 385 32.15 -38.44 -23.47
CA THR H 385 32.75 -37.44 -24.39
C THR H 385 34.17 -37.01 -24.01
N GLU H 386 34.47 -36.96 -22.71
CA GLU H 386 35.80 -36.57 -22.25
C GLU H 386 36.84 -37.62 -22.59
N ASN H 387 36.50 -38.90 -22.45
CA ASN H 387 37.38 -40.00 -22.88
C ASN H 387 37.72 -39.90 -24.38
N ILE H 388 36.71 -39.57 -25.20
CA ILE H 388 36.87 -39.53 -26.64
C ILE H 388 37.78 -38.36 -27.06
N ILE H 389 37.65 -37.22 -26.38
CA ILE H 389 38.53 -36.08 -26.60
C ILE H 389 39.98 -36.40 -26.23
N MET H 390 40.18 -36.99 -25.04
CA MET H 390 41.54 -37.34 -24.56
C MET H 390 42.25 -38.28 -25.54
N ALA H 391 41.49 -39.25 -26.09
CA ALA H 391 42.01 -40.13 -27.13
C ALA H 391 42.39 -39.37 -28.41
N MET H 392 41.49 -38.47 -28.83
CA MET H 392 41.72 -37.65 -30.03
C MET H 392 42.97 -36.77 -29.87
N VAL H 393 43.10 -36.12 -28.71
CA VAL H 393 44.27 -35.29 -28.40
C VAL H 393 45.54 -36.11 -28.41
N LYS H 394 45.50 -37.31 -27.83
CA LYS H 394 46.65 -38.20 -27.83
C LYS H 394 47.04 -38.63 -29.25
N ALA H 395 46.07 -38.78 -30.14
CA ALA H 395 46.35 -39.03 -31.56
C ALA H 395 46.76 -37.75 -32.33
N GLY H 396 46.94 -36.62 -31.64
CA GLY H 396 47.39 -35.38 -32.29
C GLY H 396 46.32 -34.43 -32.79
N GLY H 397 45.09 -34.65 -32.38
CA GLY H 397 44.00 -33.69 -32.61
C GLY H 397 43.99 -32.58 -31.58
N SER H 398 43.12 -31.59 -31.84
CA SER H 398 43.02 -30.40 -30.99
C SER H 398 41.81 -30.58 -30.04
N ARG H 399 42.03 -30.31 -28.75
CA ARG H 399 40.98 -30.39 -27.75
C ARG H 399 39.76 -29.50 -28.07
N GLN H 400 40.04 -28.33 -28.61
CA GLN H 400 38.99 -27.36 -28.94
C GLN H 400 38.12 -27.88 -30.06
N ASP H 401 38.73 -28.28 -31.18
CA ASP H 401 37.97 -28.77 -32.33
C ASP H 401 37.16 -30.01 -31.97
N CYS H 402 37.80 -30.91 -31.21
CA CYS H 402 37.17 -32.17 -30.84
C CYS H 402 35.91 -31.96 -30.00
N HIS H 403 36.07 -31.11 -28.99
CA HIS H 403 34.97 -30.73 -28.08
C HIS H 403 33.78 -30.18 -28.88
N GLU H 404 34.07 -29.22 -29.76
CA GLU H 404 33.03 -28.58 -30.54
C GLU H 404 32.31 -29.53 -31.51
N LYS H 405 33.04 -30.46 -32.12
CA LYS H 405 32.42 -31.41 -33.05
C LYS H 405 31.58 -32.47 -32.33
N ILE H 406 32.05 -32.95 -31.18
CA ILE H 406 31.27 -33.88 -30.37
C ILE H 406 29.98 -33.20 -29.86
N ARG H 407 30.11 -31.93 -29.47
CA ARG H 407 28.95 -31.18 -28.97
C ARG H 407 27.79 -31.17 -29.98
N VAL H 408 28.10 -30.88 -31.24
CA VAL H 408 27.07 -30.79 -32.29
C VAL H 408 26.46 -32.16 -32.58
N LEU H 409 27.31 -33.18 -32.68
CA LEU H 409 26.84 -34.56 -32.89
C LEU H 409 26.01 -35.09 -31.71
N SER H 410 26.33 -34.65 -30.49
CA SER H 410 25.57 -35.03 -29.29
C SER H 410 24.14 -34.43 -29.28
N GLN H 411 24.00 -33.15 -29.68
CA GLN H 411 22.68 -32.52 -29.77
C GLN H 411 21.83 -33.17 -30.88
N GLN H 412 22.49 -33.57 -31.96
CA GLN H 412 21.82 -34.34 -33.02
C GLN H 412 21.30 -35.68 -32.51
N ALA H 413 22.14 -36.40 -31.76
CA ALA H 413 21.73 -37.69 -31.17
C ALA H 413 20.63 -37.50 -30.12
N ALA H 414 20.74 -36.43 -29.32
CA ALA H 414 19.74 -36.12 -28.31
C ALA H 414 18.34 -35.87 -28.94
N SER H 415 18.33 -35.08 -30.03
CA SER H 415 17.09 -34.83 -30.73
C SER H 415 16.49 -36.10 -31.36
N VAL H 416 17.34 -37.01 -31.83
CA VAL H 416 16.82 -38.31 -32.31
C VAL H 416 16.10 -39.05 -31.17
N VAL H 417 16.67 -39.02 -29.98
CA VAL H 417 16.05 -39.73 -28.84
C VAL H 417 14.71 -39.10 -28.45
N LYS H 418 14.71 -37.77 -28.29
CA LYS H 418 13.54 -37.05 -27.78
C LYS H 418 12.49 -36.67 -28.85
N GLN H 419 12.95 -36.21 -30.01
CA GLN H 419 12.07 -35.70 -31.05
C GLN H 419 11.63 -36.75 -32.05
N GLU H 420 12.46 -37.76 -32.28
CA GLU H 420 12.09 -38.87 -33.18
C GLU H 420 11.77 -40.17 -32.42
N GLY H 421 12.06 -40.21 -31.12
CA GLY H 421 11.85 -41.42 -30.32
C GLY H 421 12.79 -42.57 -30.66
N GLY H 422 13.96 -42.26 -31.23
CA GLY H 422 14.89 -43.30 -31.70
C GLY H 422 15.89 -43.74 -30.61
N ASP H 423 16.80 -44.62 -31.00
CA ASP H 423 17.94 -44.97 -30.17
C ASP H 423 18.97 -43.87 -30.22
N ASN H 424 19.85 -43.83 -29.21
CA ASN H 424 21.00 -42.93 -29.21
C ASN H 424 21.96 -43.43 -30.28
N ASP H 425 22.21 -42.61 -31.29
CA ASP H 425 23.06 -42.98 -32.42
C ASP H 425 24.36 -42.16 -32.44
N LEU H 426 24.79 -41.65 -31.31
CA LEU H 426 25.98 -40.80 -31.26
C LEU H 426 27.24 -41.55 -31.69
N ILE H 427 27.30 -42.84 -31.37
CA ILE H 427 28.45 -43.65 -31.73
C ILE H 427 28.43 -43.89 -33.24
N GLU H 428 27.27 -44.21 -33.77
CA GLU H 428 27.06 -44.33 -35.24
C GLU H 428 27.52 -43.06 -35.99
N ARG H 429 27.22 -41.89 -35.43
CA ARG H 429 27.57 -40.59 -36.03
C ARG H 429 29.06 -40.33 -35.97
N ILE H 430 29.70 -40.74 -34.87
CA ILE H 430 31.15 -40.58 -34.71
C ILE H 430 31.90 -41.49 -35.67
N GLN H 431 31.43 -42.73 -35.84
CA GLN H 431 31.99 -43.64 -36.84
C GLN H 431 31.85 -43.10 -38.26
N ALA H 432 30.74 -42.44 -38.55
CA ALA H 432 30.48 -41.92 -39.89
C ALA H 432 31.26 -40.63 -40.21
N ASP H 433 31.70 -39.90 -39.17
CA ASP H 433 32.41 -38.63 -39.35
C ASP H 433 33.91 -38.90 -39.44
N ALA H 434 34.53 -38.44 -40.52
CA ALA H 434 35.93 -38.77 -40.81
C ALA H 434 36.92 -37.96 -39.96
N TYR H 435 36.45 -36.93 -39.24
CA TYR H 435 37.30 -36.25 -38.27
C TYR H 435 37.84 -37.19 -37.19
N PHE H 436 37.05 -38.21 -36.84
CA PHE H 436 37.42 -39.18 -35.78
C PHE H 436 38.04 -40.48 -36.30
N SER H 437 38.54 -40.47 -37.55
CA SER H 437 39.33 -41.61 -38.09
C SER H 437 40.42 -42.12 -37.15
N PRO H 438 41.20 -41.19 -36.54
CA PRO H 438 42.24 -41.64 -35.61
C PRO H 438 41.78 -42.57 -34.46
N ILE H 439 40.51 -42.45 -34.03
CA ILE H 439 40.02 -43.18 -32.86
C ILE H 439 38.89 -44.17 -33.17
N HIS H 440 38.50 -44.35 -34.44
CA HIS H 440 37.41 -45.31 -34.82
C HIS H 440 37.68 -46.71 -34.25
N SER H 441 38.92 -47.18 -34.37
CA SER H 441 39.30 -48.52 -33.91
C SER H 441 39.30 -48.64 -32.37
N GLN H 442 39.48 -47.52 -31.67
CA GLN H 442 39.45 -47.49 -30.21
C GLN H 442 38.02 -47.53 -29.59
N LEU H 443 36.98 -47.31 -30.38
CA LEU H 443 35.66 -46.96 -29.81
C LEU H 443 35.02 -48.00 -28.90
N ASP H 444 35.16 -49.28 -29.24
CA ASP H 444 34.67 -50.36 -28.35
C ASP H 444 35.34 -50.27 -26.98
N HIS H 445 36.64 -50.04 -26.95
CA HIS H 445 37.40 -49.94 -25.70
C HIS H 445 37.08 -48.65 -24.92
N LEU H 446 36.90 -47.52 -25.63
CA LEU H 446 36.59 -46.23 -24.99
C LEU H 446 35.18 -46.17 -24.35
N LEU H 447 34.26 -46.99 -24.85
CA LEU H 447 32.90 -47.06 -24.31
C LEU H 447 32.70 -48.30 -23.44
N ASP H 448 33.79 -48.88 -22.93
CA ASP H 448 33.68 -50.10 -22.10
C ASP H 448 33.13 -49.74 -20.73
N PRO H 449 31.91 -50.23 -20.40
CA PRO H 449 31.29 -49.87 -19.13
C PRO H 449 32.12 -50.13 -17.87
N SER H 450 32.93 -51.21 -17.87
CA SER H 450 33.74 -51.55 -16.69
C SER H 450 34.67 -50.43 -16.19
N SER H 451 35.18 -49.60 -17.12
CA SER H 451 36.10 -48.55 -16.77
C SER H 451 35.44 -47.26 -16.25
N PHE H 452 34.10 -47.16 -16.33
CA PHE H 452 33.35 -45.98 -15.87
C PHE H 452 32.83 -46.10 -14.45
N THR H 453 33.02 -47.25 -13.80
CA THR H 453 32.42 -47.49 -12.47
C THR H 453 33.28 -47.03 -11.29
N GLY H 454 34.33 -46.27 -11.54
CA GLY H 454 35.21 -45.79 -10.47
C GLY H 454 35.64 -46.89 -9.54
N ARG H 455 35.52 -46.63 -8.23
CA ARG H 455 36.01 -47.55 -7.20
C ARG H 455 34.91 -48.50 -6.67
N ALA H 456 33.80 -48.65 -7.41
CA ALA H 456 32.61 -49.30 -6.90
C ALA H 456 32.88 -50.68 -6.30
N SER H 457 33.52 -51.57 -7.05
CA SER H 457 33.73 -52.94 -6.55
C SER H 457 34.72 -52.97 -5.35
N GLN H 458 35.68 -52.05 -5.34
CA GLN H 458 36.61 -51.95 -4.20
C GLN H 458 35.91 -51.44 -2.94
N GLN H 459 34.99 -50.48 -3.12
CA GLN H 459 34.17 -50.00 -2.03
C GLN H 459 33.33 -51.13 -1.40
N VAL H 460 32.76 -51.99 -2.24
CA VAL H 460 31.93 -53.08 -1.75
C VAL H 460 32.73 -53.98 -0.83
N GLN H 461 33.86 -54.46 -1.30
CA GLN H 461 34.68 -55.39 -0.51
C GLN H 461 35.12 -54.76 0.82
N ARG H 462 35.60 -53.51 0.78
CA ARG H 462 36.04 -52.86 2.02
C ARG H 462 34.88 -52.70 3.02
N PHE H 463 33.71 -52.28 2.53
CA PHE H 463 32.52 -52.09 3.35
C PHE H 463 32.04 -53.39 4.00
N LEU H 464 31.89 -54.44 3.19
CA LEU H 464 31.44 -55.72 3.70
C LEU H 464 32.35 -56.27 4.80
N GLU H 465 33.66 -56.13 4.61
CA GLU H 465 34.64 -56.67 5.55
C GLU H 465 34.74 -55.83 6.80
N GLU H 466 34.88 -54.52 6.66
CA GLU H 466 35.07 -53.66 7.83
C GLU H 466 33.80 -53.44 8.65
N GLU H 467 32.64 -53.31 7.98
CA GLU H 467 31.43 -52.79 8.61
C GLU H 467 30.28 -53.78 8.74
N VAL H 468 30.16 -54.72 7.80
CA VAL H 468 28.98 -55.60 7.75
C VAL H 468 29.23 -56.96 8.42
N TYR H 469 30.22 -57.70 7.93
CA TYR H 469 30.47 -59.06 8.46
C TYR H 469 30.62 -59.13 10.00
N PRO H 470 31.29 -58.14 10.64
CA PRO H 470 31.38 -58.17 12.11
C PRO H 470 30.03 -58.10 12.83
N LEU H 471 29.08 -57.34 12.29
CA LEU H 471 27.72 -57.28 12.86
C LEU H 471 26.92 -58.57 12.67
N LEU H 472 27.24 -59.32 11.62
CA LEU H 472 26.56 -60.59 11.35
C LEU H 472 27.10 -61.77 12.16
N LYS H 473 28.35 -61.64 12.65
CA LYS H 473 29.06 -62.76 13.31
C LYS H 473 28.21 -63.48 14.39
N PRO H 474 27.58 -62.73 15.33
CA PRO H 474 26.80 -63.38 16.39
C PRO H 474 25.59 -64.21 15.93
N TYR H 475 25.12 -63.96 14.70
CA TYR H 475 23.94 -64.64 14.17
C TYR H 475 24.29 -65.75 13.18
N GLU H 476 25.58 -66.15 13.14
CA GLU H 476 26.06 -67.17 12.19
C GLU H 476 25.26 -68.48 12.25
N SER H 477 24.93 -68.94 13.44
CA SER H 477 24.21 -70.22 13.60
C SER H 477 22.76 -70.21 13.06
N VAL H 478 22.12 -69.03 12.98
CA VAL H 478 20.71 -68.96 12.52
C VAL H 478 20.54 -68.40 11.10
N MET H 479 21.62 -68.30 10.34
CA MET H 479 21.61 -67.72 8.97
C MET H 479 20.90 -68.55 7.92
N LYS H 480 20.75 -69.85 8.14
CA LYS H 480 20.34 -70.78 7.08
C LYS H 480 18.82 -70.76 6.87
N VAL H 481 18.05 -70.24 7.83
CA VAL H 481 16.60 -70.24 7.76
C VAL H 481 16.08 -69.45 6.54
N LYS H 482 15.21 -70.08 5.76
CA LYS H 482 14.59 -69.42 4.60
C LYS H 482 13.31 -68.74 5.05
N ALA H 483 12.99 -67.61 4.42
CA ALA H 483 11.82 -66.80 4.80
C ALA H 483 10.64 -67.16 3.91
N GLU H 484 9.58 -67.73 4.51
CA GLU H 484 8.41 -68.19 3.77
C GLU H 484 7.29 -67.13 3.74
N LEU H 485 6.58 -67.09 2.62
CA LEU H 485 5.34 -66.31 2.51
C LEU H 485 4.20 -67.20 2.05
N CYS H 486 3.07 -67.03 2.69
CA CYS H 486 1.87 -67.76 2.36
C CYS H 486 0.86 -66.92 1.61
N LEU H 487 1.20 -65.68 1.35
CA LEU H 487 0.39 -64.75 0.61
C LEU H 487 1.33 -63.66 0.23
PA SSS I . -15.34 29.75 0.84
O1A SSS I . -15.85 30.93 0.09
O2A SSS I . -14.65 30.14 2.10
O3A SSS I . -14.60 28.66 0.07
O5' SSS I . -16.70 29.13 1.37
C5' SSS I . -17.25 28.07 0.62
C4' SSS I . -18.55 27.69 1.24
O4' SSS I . -19.26 27.08 0.18
C1' SSS I . -19.84 25.88 0.64
N9 SSS I . -19.99 24.82 -0.40
C4 SSS I . -20.93 24.83 -1.34
O6 SSS I . -22.16 24.17 -4.01
N3 SSS I . -21.84 25.82 -1.54
C6 SSS I . -21.76 23.33 -3.22
N6 SSS I . -22.24 22.10 -2.94
C61 SSS I . -23.48 21.51 -3.42
C62 SSS I . -24.59 21.57 -2.39
C63 SSS I . -23.20 20.06 -3.83
C64 SSS I . -21.85 19.94 -4.51
O65 SSS I . -24.43 21.08 -1.23
O66 SSS I . -25.67 22.11 -2.71
O67 SSS I . -21.14 18.95 -4.30
O68 SSS I . -21.49 20.84 -5.26
C5 SSS I . -20.79 23.66 -2.18
N7 SSS I . -19.81 22.93 -1.65
C8 SSS I . -19.31 23.65 -0.59
C2' SSS I . -19.16 25.45 1.96
O2' SSS I . -18.28 24.31 1.96
C3' SSS I . -18.41 26.68 2.41
O3' SSS I . -18.96 27.10 3.69
CL CL J . -31.25 25.19 -8.01
CL CL K . -6.33 65.37 -38.71
PA SSS L . 7.28 55.06 -30.81
O1A SSS L . 7.50 56.13 -29.73
O2A SSS L . 8.43 54.07 -30.90
O3A SSS L . 5.90 54.48 -30.90
O5' SSS L . 7.27 55.81 -32.24
C5' SSS L . 7.32 57.23 -32.34
C4' SSS L . 6.68 57.70 -33.63
O4' SSS L . 5.75 58.71 -33.28
C1' SSS L . 6.10 59.93 -33.96
N9 SSS L . 5.50 61.18 -33.31
C4 SSS L . 4.23 61.60 -33.55
O6 SSS L . 1.58 62.76 -33.39
N3 SSS L . 3.32 60.96 -34.36
C6 SSS L . 2.51 63.46 -32.97
N6 SSS L . 2.22 64.77 -32.81
C61 SSS L . 3.15 65.90 -32.87
C62 SSS L . 2.91 66.87 -31.75
C63 SSS L . 2.95 66.66 -34.20
C64 SSS L . 2.85 65.77 -35.42
O65 SSS L . 1.72 67.17 -31.43
O66 SSS L . 3.93 67.33 -31.18
O67 SSS L . 3.64 64.79 -35.56
O68 SSS L . 1.96 66.05 -36.25
C5 SSS L . 3.89 62.84 -32.83
N7 SSS L . 5.06 63.12 -32.18
C8 SSS L . 6.02 62.14 -32.47
C2' SSS L . 7.60 59.84 -34.26
O2' SSS L . 8.44 60.21 -33.16
C3' SSS L . 7.70 58.34 -34.60
O3' SSS L . 7.34 58.01 -35.99
OXT FUM M . 8.50 14.80 -25.33
C FUM M . 8.79 14.38 -24.21
O FUM M . 9.95 13.94 -24.02
C4 FUM M . 7.78 14.27 -23.11
C5 FUM M . 6.47 14.31 -23.38
C6 FUM M . 5.47 14.05 -22.31
O7 FUM M . 4.31 13.72 -22.63
O8 FUM M . 5.82 14.10 -21.11
CL CL N . 16.48 14.69 -19.00
O5 AMZ O . 6.43 17.11 -22.69
C6 AMZ O . 7.09 17.77 -23.44
N2 AMZ O . 8.27 18.23 -23.07
C3A AMZ O . 6.48 18.01 -24.76
C7A AMZ O . 6.91 18.88 -25.83
N3 AMZ O . 8.03 19.65 -25.87
N1 AMZ O . 5.34 17.48 -25.21
C5 AMZ O . 5.09 17.95 -26.46
N AMZ O . 6.05 18.82 -26.84
C1 AMZ O . 6.15 19.52 -28.12
C2 AMZ O . 4.84 19.58 -28.86
C3 AMZ O . 5.05 20.74 -29.79
O2 AMZ O . 5.75 20.30 -30.98
O1 AMZ O . 4.59 18.34 -29.50
O AMZ O . 6.59 20.88 -27.97
C AMZ O . 5.91 21.68 -28.94
C4 AMZ O . 5.09 22.71 -28.17
O3 AMZ O . 4.64 23.80 -28.99
P AMZ O . 3.74 24.91 -28.28
OP1 AMZ O . 4.74 25.64 -27.43
O4 AMZ O . 3.23 25.73 -29.42
OP2 AMZ O . 2.62 24.14 -27.59
CL CL P . 9.85 63.50 8.68
PA SSS Q . -6.77 58.88 1.39
O1A SSS Q . -8.29 58.75 1.56
O2A SSS Q . -6.29 59.43 0.06
O3A SSS Q . -5.90 57.71 1.88
O5' SSS Q . -6.51 60.04 2.43
C5' SSS Q . -5.30 60.73 2.46
C4' SSS Q . -5.18 61.54 3.74
O4' SSS Q . -3.89 62.04 3.64
C1' SSS Q . -3.84 63.35 4.14
N9 SSS Q . -2.72 64.09 3.52
C4 SSS Q . -1.43 63.86 3.75
O6 SSS Q . 1.60 63.93 3.14
N3 SSS Q . -0.95 62.86 4.55
C6 SSS Q . 0.85 64.90 3.02
N6 SSS Q . 1.12 66.22 3.14
C61 SSS Q . 2.28 66.86 3.72
C62 SSS Q . 2.09 67.05 5.21
C63 SSS Q . 2.47 68.24 3.06
C64 SSS Q . 2.43 68.14 1.54
O65 SSS Q . 0.94 67.26 5.64
O66 SSS Q . 3.08 67.01 5.99
O67 SSS Q . 3.10 67.25 0.98
O68 SSS Q . 1.72 68.96 0.93
C5 SSS Q . -0.61 64.75 2.96
N7 SSS Q . -1.47 65.56 2.36
C8 SSS Q . -2.73 65.15 2.68
C2' SSS Q . -5.23 63.90 3.98
O2' SSS Q . -5.40 64.68 2.84
C3' SSS Q . -6.13 62.71 3.87
O3' SSS Q . -6.99 62.70 5.03
CL CL R . -13.76 -52.01 -12.80
OXT FUM S . -2.16 -45.04 41.19
C FUM S . -3.30 -45.55 41.00
O FUM S . -4.34 -44.85 41.13
C4 FUM S . -3.48 -46.99 40.74
C5 FUM S . -2.50 -47.89 40.96
C6 FUM S . -2.78 -49.36 40.86
O7 FUM S . -2.06 -50.20 41.48
O8 FUM S . -3.80 -49.77 40.25
CL CL T . -12.07 -9.18 24.32
PA SSS U . 5.12 -16.58 23.32
O1A SSS U . 6.53 -16.34 22.89
O2A SSS U . 4.08 -16.53 22.21
O3A SSS U . 4.95 -17.65 24.35
O5' SSS U . 4.80 -15.23 24.06
C5' SSS U . 3.72 -15.10 24.94
C4' SSS U . 3.40 -13.63 24.93
O4' SSS U . 2.02 -13.59 25.21
C1' SSS U . 1.80 -12.72 26.28
N9 SSS U . 0.75 -13.23 27.15
C4 SSS U . -0.53 -13.13 26.87
O6 SSS U . -3.57 -13.85 27.01
N3 SSS U . -1.03 -12.61 25.73
C6 SSS U . -2.84 -13.69 28.01
N6 SSS U . -3.22 -13.22 29.24
C61 SSS U . -4.44 -12.46 29.49
C62 SSS U . -4.21 -11.01 29.12
C63 SSS U . -4.94 -12.54 30.93
C64 SSS U . -4.68 -13.90 31.53
O65 SSS U . -5.18 -10.28 28.81
O66 SSS U . -3.03 -10.57 29.10
O67 SSS U . -5.32 -14.91 31.08
O68 SSS U . -3.82 -13.94 32.46
C5 SSS U . -1.35 -13.72 27.93
N7 SSS U . -0.44 -14.07 28.86
C8 SSS U . 0.80 -13.80 28.38
C2' SSS U . 3.13 -12.42 26.96
O2' SSS U . 3.39 -13.04 28.20
C3' SSS U . 4.17 -12.82 25.97
O3' SSS U . 4.78 -11.63 25.46
CL CL V . 32.54 -35.28 -3.99
PA SSS W . 16.19 -26.16 -3.30
O1A SSS W . 15.66 -24.72 -3.25
O2A SSS W . 16.77 -26.60 -1.99
O3A SSS W . 15.34 -27.19 -4.02
O5' SSS W . 17.43 -25.92 -4.24
C5' SSS W . 18.16 -27.02 -4.68
C4' SSS W . 19.39 -26.46 -5.31
O4' SSS W . 20.31 -27.51 -5.51
C1' SSS W . 20.94 -27.33 -6.75
N9 SSS W . 21.17 -28.64 -7.38
C4 SSS W . 22.10 -29.48 -6.98
O6 SSS W . 23.63 -31.92 -6.56
N3 SSS W . 22.94 -29.31 -5.96
C6 SSS W . 23.03 -31.76 -7.63
N6 SSS W . 23.37 -32.28 -8.82
C61 SSS W . 24.74 -32.70 -9.14
C62 SSS W . 25.64 -31.47 -9.23
C63 SSS W . 24.82 -33.47 -10.47
C64 SSS W . 23.61 -34.35 -10.69
O65 SSS W . 26.85 -31.60 -8.99
O66 SSS W . 25.13 -30.36 -9.53
O67 SSS W . 23.42 -35.35 -9.97
O68 SSS W . 22.81 -34.03 -11.60
C5 SSS W . 22.06 -30.67 -7.77
N7 SSS W . 21.11 -30.44 -8.70
C8 SSS W . 20.56 -29.22 -8.44
C2' SSS W . 20.14 -26.29 -7.58
O2' SSS W . 19.53 -26.64 -8.82
C3' SSS W . 19.10 -25.80 -6.65
O3' SSS W . 19.30 -24.40 -6.65
PA SSS X . -1.49 -56.52 0.65
O1A SSS X . -2.64 -55.59 1.05
O2A SSS X . -0.31 -55.90 -0.03
O3A SSS X . -1.17 -57.50 1.75
O5' SSS X . -2.14 -57.47 -0.46
C5' SSS X . -2.27 -57.05 -1.81
C4' SSS X . -3.12 -58.04 -2.58
O4' SSS X . -3.65 -57.38 -3.71
C1' SSS X . -3.52 -58.18 -4.86
N9 SSS X . -3.23 -57.36 -6.06
C4 SSS X . -4.10 -56.50 -6.51
O6 SSS X . -5.29 -54.32 -7.87
N3 SSS X . -5.31 -56.26 -5.92
C6 SSS X . -4.36 -54.84 -8.47
N6 SSS X . -4.15 -54.54 -9.77
C61 SSS X . -3.62 -55.35 -10.87
C62 SSS X . -2.66 -54.64 -11.81
C63 SSS X . -4.83 -55.71 -11.74
C64 SSS X . -5.88 -56.64 -11.13
O65 SSS X . -1.80 -55.35 -12.40
O66 SSS X . -2.78 -53.37 -11.99
O67 SSS X . -5.67 -57.25 -10.05
O68 SSS X . -6.94 -56.80 -11.76
C5 SSS X . -3.61 -55.88 -7.74
N7 SSS X . -2.40 -56.42 -7.91
C8 SSS X . -2.19 -57.32 -6.92
C2' SSS X . -2.59 -59.34 -4.56
O2' SSS X . -1.40 -59.49 -5.29
C3' SSS X . -2.38 -59.25 -3.10
O3' SSS X . -2.97 -60.45 -2.67
CL CL Y . 5.76 -52.32 42.61
O5 AMZ Z . -2.56 -46.81 38.04
C6 AMZ Z . -2.59 -47.94 37.60
N2 AMZ Z . -1.52 -48.73 37.57
C3A AMZ Z . -3.94 -48.27 37.09
C7A AMZ Z . -4.41 -49.44 36.38
N3 AMZ Z . -3.68 -50.55 36.05
N1 AMZ Z . -5.03 -47.48 37.19
C5 AMZ Z . -6.08 -48.11 36.60
N AMZ Z . -5.70 -49.31 36.10
C1 AMZ Z . -6.56 -50.27 35.39
C2 AMZ Z . -7.91 -49.72 34.98
C3 AMZ Z . -8.27 -50.55 33.78
O2 AMZ Z . -8.84 -51.84 34.10
O1 AMZ Z . -8.88 -49.82 36.02
O AMZ Z . -5.92 -50.56 34.16
C AMZ Z . -6.91 -50.68 33.14
C4 AMZ Z . -6.68 -49.60 32.09
O3 AMZ Z . -7.30 -50.01 30.88
P AMZ Z . -7.09 -49.16 29.52
OP1 AMZ Z . -7.20 -47.73 29.97
O4 AMZ Z . -5.72 -49.61 29.04
OP2 AMZ Z . -8.26 -49.68 28.75
#